data_2N4X
#
_entry.id   2N4X
#
_entity_poly.entity_id   1
_entity_poly.type   'polypeptide(L)'
_entity_poly.pdbx_seq_one_letter_code
;GSTSQEQPTAQLMAFALGILSVFSPAVLPVVPLIFAGSRGRALDAFLIVAGLTISMLILGYTASLFFGFFRVVAMLFLLI
FALILLSDELDEKVSIFASRMTSGLSWKIQTLPSFFFGMLLAFLWLPAILPFAGIAISQTLLSENPLVMLSYGLGMAVTI
AAVFKMGEKFVKANFQLIRKVTGAIVLLYLAYFALTEVLLLEHHHHHH
;
_entity_poly.pdbx_strand_id   A
#
# COMPACT_ATOMS: atom_id res chain seq x y z
N GLN A 11 -6.38 9.62 -2.89
CA GLN A 11 -7.16 10.85 -3.18
C GLN A 11 -6.56 11.58 -4.37
N LEU A 12 -7.19 12.69 -4.76
CA LEU A 12 -6.70 13.48 -5.88
C LEU A 12 -5.60 14.41 -5.38
N MET A 13 -4.94 13.99 -4.29
CA MET A 13 -3.86 14.79 -3.70
C MET A 13 -2.98 13.91 -2.83
N ALA A 14 -3.41 12.67 -2.60
CA ALA A 14 -2.63 11.75 -1.78
C ALA A 14 -1.24 11.57 -2.37
N PHE A 15 -1.16 11.53 -3.69
CA PHE A 15 0.13 11.37 -4.37
C PHE A 15 1.03 12.52 -3.93
N ALA A 16 0.45 13.70 -3.89
CA ALA A 16 1.17 14.90 -3.48
C ALA A 16 1.68 14.73 -2.06
N LEU A 17 0.86 14.11 -1.21
CA LEU A 17 1.23 13.93 0.19
C LEU A 17 2.56 13.17 0.30
N GLY A 18 2.75 12.13 -0.50
CA GLY A 18 4.02 11.39 -0.46
C GLY A 18 5.21 12.26 -0.85
N ILE A 19 5.04 13.14 -1.82
CA ILE A 19 6.15 13.99 -2.24
C ILE A 19 6.65 14.80 -1.05
N LEU A 20 5.73 15.25 -0.22
CA LEU A 20 6.11 16.02 0.96
C LEU A 20 6.98 15.14 1.87
N SER A 21 6.62 13.87 1.95
CA SER A 21 7.33 12.90 2.77
C SER A 21 8.75 12.75 2.28
N VAL A 22 8.89 12.76 0.97
CA VAL A 22 10.19 12.64 0.36
C VAL A 22 11.08 13.75 0.87
N PHE A 23 10.49 14.93 1.03
CA PHE A 23 11.26 16.08 1.54
C PHE A 23 12.11 15.63 2.71
N SER A 24 11.45 15.33 3.83
CA SER A 24 12.14 14.87 5.03
C SER A 24 13.29 13.91 4.67
N PRO A 25 14.53 14.37 4.66
CA PRO A 25 15.70 13.51 4.29
C PRO A 25 15.76 12.19 5.08
N ALA A 26 16.20 12.25 6.34
CA ALA A 26 16.33 11.05 7.17
C ALA A 26 17.66 10.35 6.90
N VAL A 27 17.68 9.05 7.15
CA VAL A 27 18.89 8.25 6.92
C VAL A 27 19.40 8.54 5.51
N LEU A 28 20.66 9.00 5.40
CA LEU A 28 21.21 9.31 4.08
C LEU A 28 20.95 8.15 3.12
N PRO A 29 21.19 6.94 3.54
CA PRO A 29 20.94 5.74 2.68
C PRO A 29 19.45 5.54 2.44
N VAL A 30 18.63 6.17 3.28
CA VAL A 30 17.19 6.07 3.17
C VAL A 30 16.77 4.64 2.82
N VAL A 31 17.61 3.68 3.21
CA VAL A 31 17.31 2.28 2.94
C VAL A 31 15.85 1.99 3.30
N PRO A 32 15.10 1.29 2.49
CA PRO A 32 13.66 0.98 2.77
C PRO A 32 13.42 0.78 4.26
N LEU A 33 13.12 1.89 4.95
CA LEU A 33 12.88 1.86 6.39
C LEU A 33 11.70 2.75 6.75
N ILE A 34 11.76 4.03 6.35
CA ILE A 34 10.66 4.97 6.65
C ILE A 34 9.67 4.97 5.48
N PHE A 35 9.73 3.95 4.64
CA PHE A 35 8.83 3.86 3.48
C PHE A 35 8.82 5.19 2.73
N ALA A 36 9.81 6.04 3.04
CA ALA A 36 9.91 7.35 2.41
C ALA A 36 10.85 7.30 1.20
N GLY A 37 11.73 8.28 1.08
CA GLY A 37 12.66 8.34 -0.03
C GLY A 37 13.49 9.62 0.00
N SER A 38 14.50 9.69 -0.86
CA SER A 38 15.36 10.88 -0.92
C SER A 38 16.23 10.85 -2.16
N ARG A 39 15.60 10.80 -3.33
CA ARG A 39 16.32 10.78 -4.59
C ARG A 39 15.37 11.12 -5.75
N GLY A 40 15.91 11.23 -6.96
CA GLY A 40 15.10 11.54 -8.12
C GLY A 40 14.33 10.31 -8.59
N ARG A 41 15.03 9.18 -8.63
CA ARG A 41 14.42 7.92 -9.03
C ARG A 41 13.25 7.59 -8.12
N ALA A 42 13.42 7.90 -6.84
CA ALA A 42 12.39 7.64 -5.85
C ALA A 42 11.08 8.34 -6.21
N LEU A 43 11.17 9.55 -6.76
CA LEU A 43 9.98 10.29 -7.13
C LEU A 43 9.15 9.49 -8.12
N ASP A 44 9.82 8.84 -9.06
CA ASP A 44 9.11 8.02 -10.05
C ASP A 44 8.36 6.89 -9.35
N ALA A 45 9.03 6.29 -8.36
CA ALA A 45 8.43 5.19 -7.61
C ALA A 45 7.17 5.65 -6.87
N PHE A 46 7.22 6.88 -6.34
CA PHE A 46 6.09 7.43 -5.61
C PHE A 46 4.83 7.44 -6.47
N LEU A 47 4.99 7.73 -7.76
CA LEU A 47 3.84 7.76 -8.65
C LEU A 47 3.14 6.40 -8.63
N ILE A 48 3.93 5.34 -8.56
CA ILE A 48 3.39 3.98 -8.56
C ILE A 48 2.42 3.76 -7.39
N VAL A 49 2.75 4.25 -6.19
CA VAL A 49 1.84 4.02 -5.06
C VAL A 49 0.45 4.58 -5.36
N ALA A 50 0.41 5.77 -5.94
CA ALA A 50 -0.83 6.41 -6.34
C ALA A 50 -1.56 5.57 -7.39
N GLY A 51 -0.78 4.98 -8.28
CA GLY A 51 -1.29 4.22 -9.42
C GLY A 51 -2.19 3.06 -9.05
N LEU A 52 -1.89 2.36 -7.98
CA LEU A 52 -2.67 1.17 -7.64
C LEU A 52 -4.17 1.46 -7.45
N THR A 53 -4.53 2.55 -6.78
CA THR A 53 -5.93 2.84 -6.50
C THR A 53 -6.84 3.05 -7.72
N ILE A 54 -6.38 3.79 -8.74
CA ILE A 54 -7.28 4.08 -9.86
C ILE A 54 -7.76 2.86 -10.66
N SER A 55 -6.88 1.90 -10.95
CA SER A 55 -7.29 0.73 -11.72
C SER A 55 -8.34 -0.10 -10.97
N MET A 56 -8.07 -0.22 -9.70
CA MET A 56 -8.87 -0.98 -8.72
C MET A 56 -10.29 -0.45 -8.54
N LEU A 57 -10.45 0.86 -8.56
CA LEU A 57 -11.74 1.48 -8.32
C LEU A 57 -12.78 0.95 -9.30
N ILE A 58 -12.37 0.71 -10.52
CA ILE A 58 -13.29 0.19 -11.52
C ILE A 58 -13.88 -1.14 -11.03
N LEU A 59 -13.07 -1.96 -10.37
CA LEU A 59 -13.53 -3.24 -9.87
C LEU A 59 -14.72 -3.07 -8.92
N GLY A 60 -14.66 -2.00 -8.12
CA GLY A 60 -15.70 -1.68 -7.13
C GLY A 60 -17.00 -2.45 -7.33
N TYR A 61 -17.53 -2.45 -8.56
CA TYR A 61 -18.80 -3.15 -8.85
C TYR A 61 -18.57 -4.31 -9.82
N THR A 62 -18.49 -4.02 -11.11
CA THR A 62 -18.28 -5.09 -12.10
C THR A 62 -18.00 -4.50 -13.48
N ALA A 63 -16.76 -4.07 -13.70
CA ALA A 63 -16.36 -3.49 -14.96
C ALA A 63 -16.94 -4.29 -16.14
N SER A 64 -16.11 -5.16 -16.72
CA SER A 64 -16.53 -5.97 -17.86
C SER A 64 -16.48 -5.15 -19.15
N LEU A 65 -15.88 -3.96 -19.07
CA LEU A 65 -15.77 -3.09 -20.23
C LEU A 65 -14.91 -1.87 -19.91
N PHE A 66 -13.68 -2.12 -19.42
CA PHE A 66 -12.77 -1.06 -19.07
C PHE A 66 -11.34 -1.51 -19.37
N PHE A 67 -10.66 -1.94 -18.32
CA PHE A 67 -9.28 -2.39 -18.43
C PHE A 67 -8.98 -3.36 -17.29
N GLY A 68 -9.84 -4.36 -17.11
CA GLY A 68 -9.65 -5.35 -16.05
C GLY A 68 -8.28 -6.00 -16.14
N PHE A 69 -7.82 -6.24 -17.37
CA PHE A 69 -6.53 -6.87 -17.60
C PHE A 69 -5.39 -5.99 -17.10
N PHE A 70 -5.55 -4.67 -17.22
CA PHE A 70 -4.50 -3.75 -16.81
C PHE A 70 -4.09 -3.98 -15.36
N ARG A 71 -5.04 -4.35 -14.52
CA ARG A 71 -4.74 -4.52 -13.12
C ARG A 71 -3.70 -5.62 -12.89
N VAL A 72 -3.85 -6.78 -13.53
CA VAL A 72 -2.88 -7.86 -13.33
C VAL A 72 -1.47 -7.50 -13.86
N VAL A 73 -1.38 -6.95 -15.06
CA VAL A 73 -0.05 -6.63 -15.61
C VAL A 73 0.63 -5.54 -14.79
N ALA A 74 -0.12 -4.52 -14.41
CA ALA A 74 0.43 -3.41 -13.63
C ALA A 74 1.11 -3.93 -12.37
N MET A 75 0.46 -4.85 -11.69
CA MET A 75 1.01 -5.43 -10.47
C MET A 75 2.29 -6.22 -10.79
N LEU A 76 2.32 -6.87 -11.94
CA LEU A 76 3.48 -7.67 -12.31
C LEU A 76 4.77 -6.82 -12.30
N PHE A 77 4.69 -5.63 -12.88
CA PHE A 77 5.87 -4.76 -12.92
C PHE A 77 6.32 -4.39 -11.51
N LEU A 78 5.35 -4.25 -10.62
CA LEU A 78 5.60 -3.90 -9.24
C LEU A 78 6.42 -4.98 -8.51
N LEU A 79 6.20 -6.24 -8.85
CA LEU A 79 6.91 -7.32 -8.17
C LEU A 79 8.42 -7.10 -8.25
N ILE A 80 8.88 -6.53 -9.36
CA ILE A 80 10.32 -6.28 -9.52
C ILE A 80 10.83 -5.45 -8.33
N PHE A 81 10.09 -4.41 -7.97
CA PHE A 81 10.50 -3.56 -6.85
C PHE A 81 10.47 -4.34 -5.54
N ALA A 82 9.51 -5.26 -5.42
CA ALA A 82 9.37 -6.06 -4.22
C ALA A 82 10.56 -6.99 -4.01
N LEU A 83 11.12 -7.49 -5.10
CA LEU A 83 12.25 -8.41 -5.04
C LEU A 83 13.41 -7.84 -4.23
N ILE A 84 13.62 -6.52 -4.31
CA ILE A 84 14.72 -5.89 -3.59
C ILE A 84 14.57 -6.06 -2.07
N LEU A 85 13.33 -6.01 -1.59
CA LEU A 85 13.08 -6.16 -0.16
C LEU A 85 13.52 -7.54 0.33
N LEU A 86 13.17 -8.57 -0.42
CA LEU A 86 13.54 -9.93 -0.06
C LEU A 86 15.06 -10.11 -0.11
N SER A 87 15.69 -9.42 -1.05
CA SER A 87 17.14 -9.50 -1.22
C SER A 87 17.86 -9.16 0.08
N ASP A 88 17.29 -8.22 0.85
CA ASP A 88 17.89 -7.78 2.13
C ASP A 88 18.67 -8.91 2.80
N GLU A 89 19.70 -8.53 3.57
CA GLU A 89 20.53 -9.51 4.27
C GLU A 89 19.80 -10.10 5.47
N LEU A 90 18.63 -10.67 5.22
CA LEU A 90 17.84 -11.27 6.30
C LEU A 90 17.52 -10.24 7.39
N ASP A 91 16.35 -10.40 8.01
CA ASP A 91 15.92 -9.49 9.07
C ASP A 91 14.59 -9.96 9.65
N GLU A 92 14.00 -9.14 10.52
CA GLU A 92 12.73 -9.50 11.15
C GLU A 92 11.54 -9.26 10.22
N LYS A 93 10.88 -8.11 10.40
CA LYS A 93 9.70 -7.75 9.61
C LYS A 93 9.78 -8.29 8.18
N VAL A 94 10.97 -8.38 7.62
CA VAL A 94 11.13 -8.89 6.27
C VAL A 94 10.62 -10.33 6.21
N SER A 95 10.99 -11.13 7.20
CA SER A 95 10.55 -12.52 7.22
C SER A 95 9.04 -12.57 7.41
N ILE A 96 8.53 -11.76 8.34
CA ILE A 96 7.11 -11.68 8.59
C ILE A 96 6.37 -11.12 7.39
N PHE A 97 7.02 -10.18 6.70
CA PHE A 97 6.43 -9.56 5.53
C PHE A 97 6.02 -10.63 4.54
N ALA A 98 6.89 -11.61 4.35
CA ALA A 98 6.60 -12.73 3.46
C ALA A 98 5.33 -13.42 3.93
N SER A 99 5.16 -13.46 5.24
CA SER A 99 3.99 -14.09 5.87
C SER A 99 2.70 -13.51 5.31
N ARG A 100 2.69 -12.22 4.99
CA ARG A 100 1.48 -11.60 4.46
C ARG A 100 1.01 -12.39 3.24
N MET A 101 1.97 -12.93 2.48
CA MET A 101 1.62 -13.71 1.29
C MET A 101 0.68 -14.85 1.65
N THR A 102 0.94 -15.54 2.75
CA THR A 102 0.06 -16.65 3.14
C THR A 102 -1.33 -16.14 3.48
N SER A 103 -1.41 -15.07 4.26
CA SER A 103 -2.72 -14.52 4.60
C SER A 103 -3.43 -13.95 3.37
N GLY A 104 -2.67 -13.19 2.57
CA GLY A 104 -3.18 -12.51 1.38
C GLY A 104 -3.67 -13.42 0.25
N LEU A 105 -2.89 -14.46 -0.09
CA LEU A 105 -3.28 -15.33 -1.19
C LEU A 105 -4.53 -16.13 -0.82
N SER A 106 -5.24 -16.64 -1.82
CA SER A 106 -6.46 -17.41 -1.58
C SER A 106 -6.62 -18.53 -2.60
N TRP A 107 -6.85 -18.15 -3.86
CA TRP A 107 -7.02 -19.14 -4.92
C TRP A 107 -5.94 -20.20 -4.85
N LYS A 108 -6.34 -21.46 -4.77
CA LYS A 108 -5.39 -22.57 -4.71
C LYS A 108 -6.04 -23.85 -5.21
N ILE A 109 -6.97 -24.39 -4.43
CA ILE A 109 -7.67 -25.62 -4.80
C ILE A 109 -8.82 -25.30 -5.76
N GLN A 110 -8.75 -24.12 -6.36
CA GLN A 110 -9.77 -23.69 -7.31
C GLN A 110 -9.36 -22.37 -7.96
N THR A 111 -8.26 -22.44 -8.72
CA THR A 111 -7.74 -21.25 -9.40
C THR A 111 -8.23 -21.19 -10.85
N LEU A 112 -8.26 -19.98 -11.40
CA LEU A 112 -8.70 -19.78 -12.78
C LEU A 112 -7.47 -19.61 -13.68
N PRO A 113 -7.10 -20.62 -14.46
CA PRO A 113 -5.91 -20.53 -15.35
C PRO A 113 -5.78 -19.16 -16.02
N SER A 114 -4.73 -18.44 -15.66
CA SER A 114 -4.49 -17.11 -16.22
C SER A 114 -3.12 -16.60 -15.81
N PHE A 115 -3.07 -15.38 -15.26
CA PHE A 115 -1.81 -14.79 -14.82
C PHE A 115 -1.60 -15.05 -13.33
N PHE A 116 -1.85 -16.29 -12.90
CA PHE A 116 -1.68 -16.64 -11.48
C PHE A 116 -2.24 -15.53 -10.59
N PHE A 117 -3.53 -15.28 -10.75
CA PHE A 117 -4.21 -14.23 -10.00
C PHE A 117 -3.69 -14.11 -8.57
N GLY A 118 -3.62 -15.22 -7.85
CA GLY A 118 -3.17 -15.16 -6.46
C GLY A 118 -1.76 -14.60 -6.30
N MET A 119 -0.84 -14.98 -7.19
CA MET A 119 0.52 -14.47 -7.12
C MET A 119 0.54 -12.94 -7.27
N LEU A 120 -0.30 -12.47 -8.17
CA LEU A 120 -0.44 -11.05 -8.47
C LEU A 120 -0.87 -10.25 -7.23
N LEU A 121 -1.79 -10.82 -6.47
CA LEU A 121 -2.32 -10.15 -5.29
C LEU A 121 -1.21 -9.81 -4.27
N ALA A 122 -0.28 -10.73 -4.09
CA ALA A 122 0.80 -10.50 -3.13
C ALA A 122 1.60 -9.25 -3.50
N PHE A 123 1.83 -9.09 -4.79
CA PHE A 123 2.54 -7.94 -5.36
C PHE A 123 1.83 -6.62 -5.03
N LEU A 124 0.51 -6.67 -5.07
CA LEU A 124 -0.37 -5.51 -4.94
C LEU A 124 -0.22 -4.72 -3.62
N TRP A 125 -0.05 -5.37 -2.48
CA TRP A 125 0.06 -4.65 -1.20
C TRP A 125 1.23 -3.63 -1.06
N LEU A 126 2.42 -3.93 -1.58
CA LEU A 126 3.59 -3.05 -1.37
C LEU A 126 3.45 -1.60 -1.88
N PRO A 127 2.86 -1.33 -3.03
CA PRO A 127 2.72 0.09 -3.52
C PRO A 127 1.93 1.01 -2.58
N ALA A 128 0.86 0.55 -1.98
CA ALA A 128 0.05 1.42 -1.17
C ALA A 128 0.73 2.04 0.07
N ILE A 129 -0.11 2.12 1.08
CA ILE A 129 0.16 2.69 2.40
C ILE A 129 -0.16 4.20 2.48
N LEU A 130 0.71 5.11 2.03
CA LEU A 130 0.34 6.52 2.19
C LEU A 130 -0.96 6.83 1.45
N PRO A 131 -1.18 6.31 0.26
CA PRO A 131 -2.49 6.43 -0.43
C PRO A 131 -3.57 5.81 0.43
N PHE A 132 -3.23 4.67 1.04
CA PHE A 132 -4.18 4.04 1.91
C PHE A 132 -4.50 5.04 2.99
N ALA A 133 -3.47 5.72 3.42
CA ALA A 133 -3.68 6.80 4.37
C ALA A 133 -4.60 7.84 3.72
N GLY A 134 -4.40 8.11 2.42
CA GLY A 134 -5.20 9.14 1.75
C GLY A 134 -6.72 8.86 1.75
N ILE A 135 -7.13 7.60 1.53
CA ILE A 135 -8.57 7.29 1.54
C ILE A 135 -9.20 7.63 2.88
N ALA A 136 -8.48 7.35 3.96
CA ALA A 136 -9.00 7.59 5.30
C ALA A 136 -9.34 9.07 5.51
N ILE A 137 -8.50 9.96 5.00
CA ILE A 137 -8.80 11.38 5.17
C ILE A 137 -10.13 11.67 4.50
N SER A 138 -10.35 11.05 3.34
CA SER A 138 -11.61 11.21 2.61
C SER A 138 -12.80 10.75 3.43
N GLN A 139 -12.61 9.64 4.15
CA GLN A 139 -13.67 9.03 4.96
C GLN A 139 -14.22 9.97 6.03
N THR A 140 -13.35 10.74 6.68
CA THR A 140 -13.83 11.62 7.74
C THR A 140 -14.85 12.61 7.17
N LEU A 141 -14.58 13.11 5.96
CA LEU A 141 -15.49 14.05 5.29
C LEU A 141 -16.16 13.36 4.10
N LEU A 142 -16.77 12.19 4.35
CA LEU A 142 -17.43 11.45 3.29
C LEU A 142 -18.19 10.25 3.86
N SER A 143 -19.51 10.22 3.64
CA SER A 143 -20.34 9.12 4.13
C SER A 143 -19.89 8.64 5.49
N GLU A 144 -20.27 7.40 5.84
CA GLU A 144 -19.90 6.82 7.14
C GLU A 144 -19.60 5.33 6.99
N ASN A 145 -18.63 4.86 7.77
CA ASN A 145 -18.24 3.45 7.75
C ASN A 145 -17.16 3.19 8.80
N PRO A 146 -17.51 3.22 10.05
CA PRO A 146 -16.56 3.01 11.18
C PRO A 146 -15.87 1.64 11.16
N LEU A 147 -16.42 0.68 10.40
CA LEU A 147 -15.83 -0.65 10.36
C LEU A 147 -14.41 -0.60 9.81
N VAL A 148 -14.21 0.14 8.72
CA VAL A 148 -12.88 0.28 8.14
C VAL A 148 -11.98 1.00 9.12
N MET A 149 -12.53 2.08 9.68
CA MET A 149 -11.81 2.90 10.62
C MET A 149 -11.40 2.11 11.85
N LEU A 150 -12.32 1.32 12.38
CA LEU A 150 -12.00 0.54 13.55
C LEU A 150 -10.93 -0.50 13.21
N SER A 151 -11.08 -1.20 12.08
CA SER A 151 -10.06 -2.17 11.70
C SER A 151 -8.75 -1.45 11.40
N TYR A 152 -8.89 -0.39 10.64
CA TYR A 152 -7.78 0.47 10.21
C TYR A 152 -7.10 1.23 11.35
N GLY A 153 -7.89 1.60 12.36
CA GLY A 153 -7.42 2.45 13.45
C GLY A 153 -6.18 1.94 14.20
N LEU A 154 -6.12 0.66 14.56
CA LEU A 154 -4.94 0.22 15.30
C LEU A 154 -3.67 0.33 14.46
N GLY A 155 -3.73 -0.11 13.21
CA GLY A 155 -2.59 0.00 12.30
C GLY A 155 -2.26 1.45 12.00
N MET A 156 -3.32 2.22 11.80
CA MET A 156 -3.22 3.65 11.44
C MET A 156 -2.60 4.53 12.50
N ALA A 157 -2.99 4.37 13.75
CA ALA A 157 -2.50 5.27 14.77
C ALA A 157 -0.98 5.21 14.93
N VAL A 158 -0.41 4.02 14.97
CA VAL A 158 1.05 3.94 15.13
C VAL A 158 1.82 4.50 13.93
N THR A 159 1.39 4.12 12.73
CA THR A 159 2.06 4.57 11.50
C THR A 159 1.97 6.07 11.23
N ILE A 160 0.78 6.59 11.41
CA ILE A 160 0.50 8.00 11.12
C ILE A 160 1.33 8.93 12.03
N ALA A 161 1.43 8.56 13.30
CA ALA A 161 2.17 9.40 14.23
C ALA A 161 3.65 9.47 13.91
N ALA A 162 4.25 8.33 13.59
CA ALA A 162 5.67 8.30 13.29
C ALA A 162 6.01 9.09 12.02
N VAL A 163 5.23 8.89 10.97
CA VAL A 163 5.47 9.59 9.71
C VAL A 163 5.28 11.10 9.85
N PHE A 164 4.33 11.51 10.67
CA PHE A 164 4.04 12.94 10.84
C PHE A 164 5.31 13.69 11.25
N LYS A 165 6.14 13.03 12.03
CA LYS A 165 7.39 13.63 12.49
C LYS A 165 8.23 14.11 11.30
N MET A 166 8.17 13.38 10.20
CA MET A 166 8.96 13.73 9.01
C MET A 166 8.74 15.17 8.55
N GLY A 167 7.49 15.62 8.53
CA GLY A 167 7.19 16.98 8.08
C GLY A 167 8.24 17.96 8.59
N GLU A 168 8.62 17.81 9.85
CA GLU A 168 9.65 18.65 10.44
C GLU A 168 11.02 18.04 10.18
N LYS A 169 11.08 16.71 10.34
CA LYS A 169 12.31 15.95 10.12
C LYS A 169 12.13 14.51 10.61
N PHE A 170 12.35 13.55 9.72
CA PHE A 170 12.22 12.14 10.08
C PHE A 170 13.09 11.85 11.30
N VAL A 171 13.27 10.57 11.61
CA VAL A 171 14.10 10.16 12.76
C VAL A 171 15.30 9.38 12.26
N LYS A 172 16.32 9.23 13.11
CA LYS A 172 17.55 8.53 12.75
C LYS A 172 17.23 7.31 11.89
N ALA A 173 16.43 6.41 12.44
CA ALA A 173 16.03 5.20 11.73
C ALA A 173 15.36 4.24 12.73
N ASN A 174 14.48 4.83 13.53
CA ASN A 174 13.75 4.14 14.55
C ASN A 174 13.38 2.74 14.11
N PHE A 175 13.99 1.83 14.79
CA PHE A 175 13.77 0.40 14.57
C PHE A 175 12.29 0.07 14.77
N GLN A 176 11.66 0.71 15.75
CA GLN A 176 10.25 0.50 16.04
C GLN A 176 9.36 0.86 14.83
N LEU A 177 9.76 1.93 14.14
CA LEU A 177 9.01 2.49 13.00
C LEU A 177 8.76 1.48 11.87
N ILE A 178 9.71 0.62 11.58
CA ILE A 178 9.53 -0.35 10.50
C ILE A 178 8.28 -1.20 10.74
N ARG A 179 8.01 -1.55 12.00
CA ARG A 179 6.87 -2.38 12.37
C ARG A 179 5.56 -1.78 11.89
N LYS A 180 5.43 -0.47 11.97
CA LYS A 180 4.19 0.19 11.56
C LYS A 180 3.86 -0.13 10.10
N VAL A 181 4.86 -0.23 9.24
CA VAL A 181 4.61 -0.48 7.81
C VAL A 181 3.83 -1.77 7.57
N THR A 182 4.16 -2.84 8.30
CA THR A 182 3.48 -4.11 8.09
C THR A 182 1.98 -4.04 8.37
N GLY A 183 1.58 -3.37 9.45
CA GLY A 183 0.16 -3.32 9.77
C GLY A 183 -0.67 -2.63 8.70
N ALA A 184 -0.18 -1.52 8.16
CA ALA A 184 -0.95 -0.85 7.13
C ALA A 184 -1.13 -1.76 5.93
N ILE A 185 -0.07 -2.46 5.55
CA ILE A 185 -0.12 -3.36 4.42
C ILE A 185 -1.13 -4.50 4.63
N VAL A 186 -1.15 -5.09 5.84
CA VAL A 186 -2.10 -6.19 6.06
C VAL A 186 -3.55 -5.74 5.93
N LEU A 187 -3.83 -4.57 6.50
CA LEU A 187 -5.17 -3.98 6.51
C LEU A 187 -5.76 -3.66 5.13
N LEU A 188 -4.93 -3.14 4.23
CA LEU A 188 -5.45 -2.70 2.93
C LEU A 188 -6.15 -3.80 2.15
N TYR A 189 -5.60 -5.00 2.13
CA TYR A 189 -6.26 -6.05 1.37
C TYR A 189 -7.64 -6.35 1.93
N LEU A 190 -7.75 -6.40 3.24
CA LEU A 190 -9.03 -6.69 3.87
C LEU A 190 -10.08 -5.63 3.54
N ALA A 191 -9.68 -4.36 3.59
CA ALA A 191 -10.60 -3.27 3.31
C ALA A 191 -11.15 -3.34 1.88
N TYR A 192 -10.27 -3.63 0.91
CA TYR A 192 -10.72 -3.71 -0.48
C TYR A 192 -11.75 -4.83 -0.65
N PHE A 193 -11.54 -5.93 0.06
CA PHE A 193 -12.43 -7.07 -0.03
C PHE A 193 -13.86 -6.65 0.33
N ALA A 194 -13.98 -5.76 1.33
CA ALA A 194 -15.29 -5.27 1.77
C ALA A 194 -16.25 -5.14 0.60
N LEU A 195 -17.17 -6.09 0.49
CA LEU A 195 -18.15 -6.10 -0.59
C LEU A 195 -19.14 -4.94 -0.46
N THR A 196 -18.64 -3.78 -0.03
CA THR A 196 -19.49 -2.60 0.12
C THR A 196 -18.67 -1.32 0.00
N GLU A 197 -19.36 -0.21 -0.27
CA GLU A 197 -18.71 1.09 -0.41
C GLU A 197 -17.81 1.12 -1.65
N VAL A 198 -16.69 1.82 -1.53
CA VAL A 198 -15.72 1.96 -2.63
C VAL A 198 -16.42 2.38 -3.93
N LEU A 199 -17.72 2.66 -3.85
CA LEU A 199 -18.49 3.10 -5.03
C LEU A 199 -18.65 4.62 -4.99
N LEU A 200 -19.57 5.09 -4.15
CA LEU A 200 -19.82 6.52 -4.01
C LEU A 200 -20.15 7.14 -5.36
N LEU A 201 -19.12 7.40 -6.16
CA LEU A 201 -19.32 8.00 -7.48
C LEU A 201 -20.32 7.19 -8.28
N GLU A 202 -21.46 7.80 -8.58
CA GLU A 202 -22.51 7.13 -9.34
C GLU A 202 -22.08 6.95 -10.79
N GLN A 11 -10.65 9.47 -7.62
CA GLN A 11 -10.68 10.05 -6.24
C GLN A 11 -9.50 10.98 -6.05
N LEU A 12 -8.35 10.59 -6.61
CA LEU A 12 -7.15 11.41 -6.49
C LEU A 12 -6.95 11.87 -5.05
N MET A 13 -6.34 13.04 -4.90
CA MET A 13 -6.07 13.60 -3.56
C MET A 13 -4.98 12.79 -2.84
N ALA A 14 -5.09 11.48 -2.90
CA ALA A 14 -4.11 10.62 -2.25
C ALA A 14 -2.72 10.85 -2.84
N PHE A 15 -2.66 11.00 -4.16
CA PHE A 15 -1.39 11.23 -4.84
C PHE A 15 -0.73 12.49 -4.29
N ALA A 16 -1.54 13.53 -4.06
CA ALA A 16 -1.03 14.78 -3.54
C ALA A 16 -0.43 14.59 -2.15
N LEU A 17 -1.05 13.75 -1.34
CA LEU A 17 -0.54 13.52 0.00
C LEU A 17 0.87 12.91 -0.02
N GLY A 18 1.10 11.95 -0.92
CA GLY A 18 2.41 11.30 -0.99
C GLY A 18 3.55 12.26 -1.34
N ILE A 19 3.34 13.16 -2.29
CA ILE A 19 4.41 14.09 -2.65
C ILE A 19 4.79 14.95 -1.46
N LEU A 20 3.80 15.34 -0.68
CA LEU A 20 4.03 16.18 0.50
C LEU A 20 4.98 15.48 1.48
N SER A 21 4.77 14.17 1.64
CA SER A 21 5.59 13.38 2.55
C SER A 21 7.04 13.41 2.10
N VAL A 22 7.21 13.28 0.80
CA VAL A 22 8.53 13.31 0.19
C VAL A 22 9.21 14.61 0.54
N PHE A 23 8.43 15.68 0.57
CA PHE A 23 8.97 17.00 0.88
C PHE A 23 9.89 16.93 2.11
N SER A 24 9.35 16.43 3.22
CA SER A 24 10.11 16.34 4.46
C SER A 24 11.15 15.20 4.43
N PRO A 25 12.44 15.49 4.50
CA PRO A 25 13.50 14.44 4.53
C PRO A 25 13.78 13.97 5.95
N ALA A 26 14.61 12.93 6.09
CA ALA A 26 14.98 12.39 7.41
C ALA A 26 16.46 12.04 7.44
N VAL A 27 16.77 10.76 7.63
CA VAL A 27 18.15 10.31 7.67
C VAL A 27 18.84 10.70 6.36
N LEU A 28 20.02 10.13 6.11
CA LEU A 28 20.75 10.43 4.88
C LEU A 28 20.26 9.50 3.76
N PRO A 29 20.42 8.20 3.88
CA PRO A 29 19.95 7.24 2.84
C PRO A 29 18.44 7.38 2.52
N VAL A 30 17.59 7.48 3.55
CA VAL A 30 16.13 7.62 3.38
C VAL A 30 15.57 6.64 2.33
N VAL A 31 14.63 5.81 2.80
CA VAL A 31 13.91 4.80 1.98
C VAL A 31 14.18 3.38 2.49
N PRO A 32 15.39 3.04 2.89
CA PRO A 32 15.69 1.67 3.37
C PRO A 32 15.24 1.42 4.81
N LEU A 33 14.43 2.32 5.37
CA LEU A 33 13.96 2.11 6.74
C LEU A 33 12.74 3.01 7.10
N ILE A 34 12.32 3.91 6.20
CA ILE A 34 11.11 4.73 6.43
C ILE A 34 10.45 5.01 5.09
N PHE A 35 9.12 4.91 5.03
CA PHE A 35 8.43 5.20 3.78
C PHE A 35 8.59 6.70 3.51
N ALA A 36 9.81 7.09 3.15
CA ALA A 36 10.12 8.51 2.93
C ALA A 36 11.26 8.69 1.93
N GLY A 37 11.90 9.87 1.96
CA GLY A 37 13.01 10.16 1.08
C GLY A 37 12.56 10.82 -0.23
N SER A 38 13.49 11.54 -0.86
CA SER A 38 13.20 12.23 -2.13
C SER A 38 14.36 12.07 -3.10
N ARG A 39 14.84 10.83 -3.26
CA ARG A 39 15.93 10.56 -4.17
C ARG A 39 15.41 10.38 -5.59
N GLY A 40 16.31 10.18 -6.55
CA GLY A 40 15.92 10.00 -7.94
C GLY A 40 15.19 8.66 -8.13
N ARG A 41 15.93 7.57 -7.97
CA ARG A 41 15.35 6.24 -8.11
C ARG A 41 14.20 6.06 -7.12
N ALA A 42 14.37 6.61 -5.92
CA ALA A 42 13.35 6.51 -4.88
C ALA A 42 12.05 7.19 -5.33
N LEU A 43 12.20 8.32 -6.02
CA LEU A 43 11.03 9.08 -6.47
C LEU A 43 10.10 8.24 -7.35
N ASP A 44 10.67 7.45 -8.26
CA ASP A 44 9.84 6.63 -9.14
C ASP A 44 9.03 5.63 -8.31
N ALA A 45 9.67 5.06 -7.30
CA ALA A 45 8.99 4.10 -6.43
C ALA A 45 7.83 4.77 -5.72
N PHE A 46 8.05 6.03 -5.33
CA PHE A 46 7.04 6.81 -4.63
C PHE A 46 5.80 6.98 -5.51
N LEU A 47 6.04 7.26 -6.78
CA LEU A 47 4.96 7.42 -7.75
C LEU A 47 4.16 6.13 -7.87
N ILE A 48 4.87 5.02 -7.81
CA ILE A 48 4.27 3.71 -7.98
C ILE A 48 3.14 3.43 -6.97
N VAL A 49 3.26 3.87 -5.71
CA VAL A 49 2.16 3.61 -4.77
C VAL A 49 0.86 4.20 -5.32
N ALA A 50 0.96 5.40 -5.88
CA ALA A 50 -0.18 6.07 -6.46
C ALA A 50 -0.81 5.21 -7.55
N GLY A 51 0.05 4.53 -8.30
CA GLY A 51 -0.40 3.71 -9.43
C GLY A 51 -1.41 2.64 -9.04
N LEU A 52 -1.24 2.01 -7.88
CA LEU A 52 -2.17 0.94 -7.51
C LEU A 52 -3.61 1.47 -7.38
N THR A 53 -3.77 2.63 -6.77
CA THR A 53 -5.11 3.18 -6.57
C THR A 53 -5.88 3.50 -7.85
N ILE A 54 -5.22 4.09 -8.86
CA ILE A 54 -5.95 4.45 -10.08
C ILE A 54 -6.54 3.25 -10.83
N SER A 55 -5.78 2.17 -10.94
CA SER A 55 -6.27 0.98 -11.61
C SER A 55 -7.46 0.39 -10.87
N MET A 56 -7.26 0.40 -9.57
CA MET A 56 -8.18 -0.11 -8.56
C MET A 56 -9.55 0.60 -8.53
N LEU A 57 -9.55 1.91 -8.72
CA LEU A 57 -10.80 2.67 -8.62
C LEU A 57 -11.86 2.13 -9.57
N ILE A 58 -11.46 1.72 -10.76
CA ILE A 58 -12.41 1.19 -11.72
C ILE A 58 -13.16 -0.02 -11.13
N LEU A 59 -12.46 -0.87 -10.37
CA LEU A 59 -13.08 -2.05 -9.79
C LEU A 59 -14.27 -1.67 -8.91
N GLY A 60 -14.13 -0.57 -8.19
CA GLY A 60 -15.18 -0.09 -7.31
C GLY A 60 -16.57 -0.22 -7.96
N TYR A 61 -16.58 -0.38 -9.28
CA TYR A 61 -17.85 -0.53 -10.01
C TYR A 61 -17.81 -1.76 -10.92
N THR A 62 -18.07 -2.93 -10.34
CA THR A 62 -18.06 -4.17 -11.10
C THR A 62 -16.84 -4.23 -12.02
N ALA A 63 -17.09 -4.40 -13.32
CA ALA A 63 -16.00 -4.47 -14.28
C ALA A 63 -16.56 -4.61 -15.70
N SER A 64 -17.51 -5.53 -15.87
CA SER A 64 -18.12 -5.76 -17.17
C SER A 64 -17.05 -5.91 -18.25
N LEU A 65 -16.62 -4.79 -18.80
CA LEU A 65 -15.59 -4.78 -19.83
C LEU A 65 -14.92 -3.41 -19.90
N PHE A 66 -14.52 -2.89 -18.74
CA PHE A 66 -13.88 -1.60 -18.66
C PHE A 66 -12.38 -1.75 -18.81
N PHE A 67 -11.72 -1.87 -17.67
CA PHE A 67 -10.28 -2.00 -17.62
C PHE A 67 -9.85 -2.88 -16.44
N GLY A 68 -10.60 -3.95 -16.20
CA GLY A 68 -10.29 -4.85 -15.10
C GLY A 68 -8.96 -5.55 -15.32
N PHE A 69 -8.72 -5.92 -16.57
CA PHE A 69 -7.48 -6.60 -16.93
C PHE A 69 -6.27 -5.70 -16.74
N PHE A 70 -6.44 -4.42 -16.99
CA PHE A 70 -5.34 -3.45 -16.90
C PHE A 70 -4.66 -3.51 -15.54
N ARG A 71 -5.42 -3.56 -14.48
CA ARG A 71 -4.79 -3.54 -13.18
C ARG A 71 -3.92 -4.76 -12.92
N VAL A 72 -4.41 -5.95 -13.24
CA VAL A 72 -3.63 -7.13 -12.94
C VAL A 72 -2.32 -7.26 -13.73
N VAL A 73 -2.33 -7.05 -15.06
CA VAL A 73 -1.08 -7.17 -15.82
C VAL A 73 -0.05 -6.10 -15.47
N ALA A 74 -0.53 -4.85 -15.37
CA ALA A 74 0.34 -3.71 -15.09
C ALA A 74 1.06 -3.89 -13.78
N MET A 75 0.34 -4.45 -12.82
CA MET A 75 0.90 -4.68 -11.50
C MET A 75 2.06 -5.68 -11.59
N LEU A 76 1.96 -6.66 -12.50
CA LEU A 76 3.01 -7.67 -12.61
C LEU A 76 4.37 -7.01 -12.79
N PHE A 77 4.40 -5.89 -13.50
CA PHE A 77 5.67 -5.19 -13.66
C PHE A 77 6.18 -4.82 -12.27
N LEU A 78 5.24 -4.52 -11.39
CA LEU A 78 5.52 -4.15 -9.99
C LEU A 78 6.27 -5.27 -9.26
N LEU A 79 5.94 -6.52 -9.59
CA LEU A 79 6.54 -7.67 -8.91
C LEU A 79 8.07 -7.64 -8.94
N ILE A 80 8.67 -7.15 -10.02
CA ILE A 80 10.12 -7.12 -10.10
C ILE A 80 10.74 -6.40 -8.89
N PHE A 81 10.06 -5.36 -8.41
CA PHE A 81 10.54 -4.60 -7.27
C PHE A 81 10.68 -5.51 -6.04
N ALA A 82 9.75 -6.44 -5.91
CA ALA A 82 9.71 -7.36 -4.78
C ALA A 82 10.91 -8.32 -4.75
N LEU A 83 11.38 -8.76 -5.90
CA LEU A 83 12.48 -9.73 -5.96
C LEU A 83 13.71 -9.23 -5.19
N ILE A 84 14.08 -7.97 -5.38
CA ILE A 84 15.24 -7.44 -4.69
C ILE A 84 15.03 -7.39 -3.18
N LEU A 85 13.79 -7.13 -2.77
CA LEU A 85 13.47 -7.03 -1.35
C LEU A 85 13.71 -8.35 -0.62
N LEU A 86 13.46 -9.47 -1.30
CA LEU A 86 13.66 -10.77 -0.67
C LEU A 86 15.09 -10.90 -0.13
N SER A 87 16.07 -10.49 -0.94
CA SER A 87 17.47 -10.57 -0.54
C SER A 87 17.78 -9.68 0.65
N ASP A 88 17.29 -8.44 0.62
CA ASP A 88 17.53 -7.47 1.69
C ASP A 88 18.91 -7.66 2.33
N GLU A 89 18.98 -7.40 3.64
CA GLU A 89 20.22 -7.55 4.38
C GLU A 89 19.94 -7.81 5.86
N LEU A 90 19.39 -8.99 6.15
CA LEU A 90 19.07 -9.35 7.52
C LEU A 90 18.08 -8.37 8.12
N ASP A 91 16.87 -8.86 8.42
CA ASP A 91 15.83 -8.01 9.00
C ASP A 91 14.62 -8.86 9.41
N GLU A 92 13.73 -8.26 10.20
CA GLU A 92 12.54 -8.97 10.68
C GLU A 92 11.36 -8.85 9.71
N LYS A 93 10.93 -7.62 9.47
CA LYS A 93 9.79 -7.37 8.59
C LYS A 93 9.94 -8.11 7.26
N VAL A 94 11.16 -8.17 6.73
CA VAL A 94 11.39 -8.84 5.46
C VAL A 94 10.88 -10.28 5.50
N SER A 95 11.16 -10.99 6.59
CA SER A 95 10.70 -12.37 6.72
C SER A 95 9.17 -12.41 6.78
N ILE A 96 8.61 -11.52 7.57
CA ILE A 96 7.16 -11.43 7.73
C ILE A 96 6.52 -11.00 6.41
N PHE A 97 7.21 -10.16 5.66
CA PHE A 97 6.67 -9.67 4.41
C PHE A 97 6.28 -10.85 3.51
N ALA A 98 7.06 -11.92 3.57
CA ALA A 98 6.72 -13.10 2.79
C ALA A 98 5.42 -13.68 3.32
N SER A 99 5.25 -13.57 4.64
CA SER A 99 4.05 -14.08 5.30
C SER A 99 2.77 -13.40 4.79
N ARG A 100 2.84 -12.11 4.46
CA ARG A 100 1.65 -11.42 3.99
C ARG A 100 1.12 -12.09 2.74
N MET A 101 2.03 -12.45 1.84
CA MET A 101 1.65 -13.12 0.61
C MET A 101 1.03 -14.47 0.89
N THR A 102 1.60 -15.21 1.83
CA THR A 102 1.08 -16.53 2.15
C THR A 102 -0.32 -16.42 2.73
N SER A 103 -0.53 -15.49 3.66
CA SER A 103 -1.85 -15.32 4.24
C SER A 103 -2.84 -14.82 3.18
N GLY A 104 -2.40 -13.83 2.41
CA GLY A 104 -3.22 -13.25 1.35
C GLY A 104 -3.51 -14.26 0.23
N LEU A 105 -2.52 -15.12 -0.03
CA LEU A 105 -2.60 -16.12 -1.11
C LEU A 105 -4.04 -16.39 -1.59
N SER A 106 -4.96 -16.56 -0.65
CA SER A 106 -6.38 -16.78 -0.99
C SER A 106 -6.56 -17.86 -2.07
N TRP A 107 -7.80 -18.33 -2.21
CA TRP A 107 -8.12 -19.35 -3.21
C TRP A 107 -7.02 -20.40 -3.31
N LYS A 108 -7.18 -21.49 -2.55
CA LYS A 108 -6.20 -22.58 -2.58
C LYS A 108 -6.66 -23.67 -3.54
N ILE A 109 -7.89 -24.14 -3.34
CA ILE A 109 -8.44 -25.20 -4.19
C ILE A 109 -8.90 -24.61 -5.53
N GLN A 110 -9.27 -25.48 -6.46
CA GLN A 110 -9.71 -25.05 -7.80
C GLN A 110 -8.91 -23.83 -8.28
N THR A 111 -7.70 -23.69 -7.78
CA THR A 111 -6.84 -22.57 -8.17
C THR A 111 -6.99 -22.25 -9.66
N LEU A 112 -7.07 -20.96 -9.97
CA LEU A 112 -7.23 -20.53 -11.35
C LEU A 112 -5.87 -20.61 -12.08
N PRO A 113 -5.79 -21.29 -13.21
CA PRO A 113 -4.50 -21.41 -13.97
C PRO A 113 -4.15 -20.12 -14.72
N SER A 114 -4.45 -20.07 -16.02
CA SER A 114 -4.15 -18.89 -16.82
C SER A 114 -2.77 -18.35 -16.47
N PHE A 115 -2.71 -17.05 -16.17
CA PHE A 115 -1.46 -16.41 -15.82
C PHE A 115 -0.91 -17.07 -14.54
N PHE A 116 -1.15 -16.40 -13.43
CA PHE A 116 -0.74 -16.85 -12.12
C PHE A 116 -1.53 -16.05 -11.09
N PHE A 117 -2.84 -16.28 -11.11
CA PHE A 117 -3.77 -15.57 -10.25
C PHE A 117 -3.21 -15.34 -8.84
N GLY A 118 -2.89 -16.41 -8.14
CA GLY A 118 -2.38 -16.22 -6.78
C GLY A 118 -1.09 -15.39 -6.74
N MET A 119 -0.19 -15.62 -7.70
CA MET A 119 1.03 -14.83 -7.76
C MET A 119 0.70 -13.35 -7.96
N LEU A 120 -0.29 -13.12 -8.81
CA LEU A 120 -0.73 -11.77 -9.14
C LEU A 120 -1.21 -11.02 -7.88
N LEU A 121 -1.91 -11.71 -7.01
CA LEU A 121 -2.44 -11.12 -5.78
C LEU A 121 -1.32 -10.58 -4.90
N ALA A 122 -0.22 -11.31 -4.85
CA ALA A 122 0.92 -10.98 -3.99
C ALA A 122 1.52 -9.60 -4.31
N PHE A 123 1.63 -9.21 -5.57
CA PHE A 123 2.23 -7.92 -5.90
C PHE A 123 1.52 -6.66 -5.32
N LEU A 124 0.20 -6.65 -5.28
CA LEU A 124 -0.57 -5.45 -4.93
C LEU A 124 -0.34 -4.83 -3.54
N TRP A 125 -0.16 -5.61 -2.49
CA TRP A 125 0.01 -5.02 -1.14
C TRP A 125 1.24 -4.07 -0.92
N LEU A 126 2.41 -4.37 -1.48
CA LEU A 126 3.64 -3.56 -1.19
C LEU A 126 3.59 -2.05 -1.54
N PRO A 127 3.03 -1.66 -2.65
CA PRO A 127 2.96 -0.22 -3.07
C PRO A 127 2.20 0.73 -2.10
N ALA A 128 1.10 0.29 -1.51
CA ALA A 128 0.31 1.15 -0.67
C ALA A 128 1.05 1.87 0.47
N ILE A 129 0.21 2.19 1.44
CA ILE A 129 0.53 2.90 2.70
C ILE A 129 0.33 4.43 2.65
N LEU A 130 1.21 5.17 1.99
CA LEU A 130 1.01 6.62 2.00
C LEU A 130 -0.35 6.99 1.38
N PRO A 131 -0.77 6.35 0.31
CA PRO A 131 -2.14 6.54 -0.27
C PRO A 131 -3.18 6.14 0.76
N PHE A 132 -2.86 5.05 1.46
CA PHE A 132 -3.74 4.52 2.48
C PHE A 132 -3.93 5.61 3.50
N ALA A 133 -2.85 6.29 3.77
CA ALA A 133 -2.89 7.42 4.66
C ALA A 133 -3.87 8.41 4.02
N GLY A 134 -3.79 8.50 2.69
CA GLY A 134 -4.70 9.38 1.94
C GLY A 134 -6.15 8.96 2.16
N ILE A 135 -6.39 7.65 2.19
CA ILE A 135 -7.73 7.10 2.37
C ILE A 135 -8.36 7.55 3.69
N ALA A 136 -7.58 7.61 4.75
CA ALA A 136 -8.12 7.96 6.05
C ALA A 136 -8.79 9.34 6.03
N ILE A 137 -8.20 10.32 5.35
CA ILE A 137 -8.84 11.62 5.29
C ILE A 137 -10.22 11.47 4.64
N SER A 138 -10.28 10.63 3.60
CA SER A 138 -11.53 10.32 2.91
C SER A 138 -12.52 9.70 3.89
N GLN A 139 -12.00 8.84 4.74
CA GLN A 139 -12.81 8.12 5.72
C GLN A 139 -13.55 9.07 6.65
N THR A 140 -12.86 10.14 7.07
CA THR A 140 -13.47 11.10 7.98
C THR A 140 -14.72 11.72 7.36
N LEU A 141 -14.67 12.00 6.06
CA LEU A 141 -15.82 12.60 5.36
C LEU A 141 -16.49 11.59 4.43
N LEU A 142 -17.64 11.99 3.90
CA LEU A 142 -18.40 11.14 2.97
C LEU A 142 -19.11 10.00 3.70
N SER A 143 -18.37 8.95 4.07
CA SER A 143 -18.95 7.79 4.75
C SER A 143 -18.42 7.67 6.18
N GLU A 144 -18.60 6.50 6.79
CA GLU A 144 -18.13 6.25 8.17
C GLU A 144 -17.49 4.87 8.28
N ASN A 145 -18.22 3.84 7.85
CA ASN A 145 -17.71 2.46 7.89
C ASN A 145 -16.86 2.22 9.15
N PRO A 146 -17.50 2.11 10.30
CA PRO A 146 -16.82 1.90 11.61
C PRO A 146 -15.79 0.76 11.63
N LEU A 147 -16.08 -0.35 10.96
CA LEU A 147 -15.16 -1.49 10.98
C LEU A 147 -13.83 -1.12 10.33
N VAL A 148 -13.90 -0.46 9.18
CA VAL A 148 -12.70 -0.03 8.47
C VAL A 148 -11.99 1.00 9.33
N MET A 149 -12.76 1.94 9.87
CA MET A 149 -12.21 2.99 10.70
C MET A 149 -11.55 2.42 11.95
N LEU A 150 -12.22 1.48 12.59
CA LEU A 150 -11.67 0.88 13.79
C LEU A 150 -10.40 0.13 13.44
N SER A 151 -10.47 -0.64 12.35
CA SER A 151 -9.30 -1.39 11.90
C SER A 151 -8.17 -0.45 11.46
N TYR A 152 -8.56 0.57 10.69
CA TYR A 152 -7.63 1.54 10.16
C TYR A 152 -6.98 2.38 11.25
N GLY A 153 -7.79 2.83 12.19
CA GLY A 153 -7.31 3.69 13.26
C GLY A 153 -6.16 3.11 14.07
N LEU A 154 -6.24 1.85 14.46
CA LEU A 154 -5.18 1.31 15.31
C LEU A 154 -3.81 1.24 14.62
N GLY A 155 -3.72 0.75 13.38
CA GLY A 155 -2.41 0.74 12.72
C GLY A 155 -1.91 2.16 12.48
N MET A 156 -2.82 2.96 11.97
CA MET A 156 -2.57 4.36 11.63
C MET A 156 -2.26 5.28 12.79
N ALA A 157 -3.04 5.17 13.87
CA ALA A 157 -2.92 6.10 14.98
C ALA A 157 -1.60 6.05 15.75
N VAL A 158 -1.10 4.87 16.08
CA VAL A 158 0.16 4.88 16.84
C VAL A 158 1.32 5.43 16.00
N THR A 159 1.40 4.94 14.77
CA THR A 159 2.44 5.34 13.82
C THR A 159 2.41 6.79 13.37
N ILE A 160 1.21 7.25 13.03
CA ILE A 160 1.04 8.60 12.49
C ILE A 160 1.63 9.65 13.40
N ALA A 161 1.56 9.48 14.70
CA ALA A 161 2.16 10.50 15.55
C ALA A 161 3.61 10.69 15.11
N ALA A 162 4.27 9.58 14.78
CA ALA A 162 5.64 9.61 14.32
C ALA A 162 5.80 10.34 12.97
N VAL A 163 4.91 10.03 12.01
CA VAL A 163 4.99 10.65 10.67
C VAL A 163 4.76 12.15 10.70
N PHE A 164 3.88 12.61 11.57
CA PHE A 164 3.57 14.03 11.63
C PHE A 164 4.85 14.85 11.81
N LYS A 165 5.79 14.30 12.55
CA LYS A 165 7.07 14.98 12.79
C LYS A 165 7.74 15.39 11.47
N MET A 166 7.60 14.57 10.44
CA MET A 166 8.26 14.86 9.16
C MET A 166 7.91 16.25 8.64
N GLY A 167 6.65 16.62 8.74
CA GLY A 167 6.25 17.93 8.26
C GLY A 167 7.19 19.04 8.77
N GLU A 168 8.11 18.69 9.68
CA GLU A 168 9.05 19.69 10.21
C GLU A 168 10.45 19.11 10.47
N LYS A 169 10.53 17.93 11.11
CA LYS A 169 11.83 17.33 11.40
C LYS A 169 11.84 15.80 11.20
N PHE A 170 10.69 15.18 11.42
CA PHE A 170 10.57 13.72 11.28
C PHE A 170 11.10 13.02 12.53
N VAL A 171 11.38 11.73 12.42
CA VAL A 171 11.88 10.95 13.55
C VAL A 171 13.41 10.87 13.51
N LYS A 172 13.92 9.88 12.79
CA LYS A 172 15.36 9.68 12.68
C LYS A 172 15.64 8.35 11.98
N ALA A 173 15.31 7.25 12.68
CA ALA A 173 15.51 5.93 12.14
C ALA A 173 15.17 4.94 13.24
N ASN A 174 14.03 5.21 13.87
CA ASN A 174 13.55 4.42 14.94
C ASN A 174 12.90 3.16 14.41
N PHE A 175 13.23 2.15 15.11
CA PHE A 175 12.77 0.79 14.84
C PHE A 175 11.24 0.71 14.86
N GLN A 176 10.63 1.47 15.77
CA GLN A 176 9.17 1.46 15.92
C GLN A 176 8.48 1.86 14.61
N LEU A 177 9.06 2.81 13.89
CA LEU A 177 8.49 3.27 12.63
C LEU A 177 8.35 2.09 11.66
N ILE A 178 9.31 1.19 11.68
CA ILE A 178 9.29 0.02 10.81
C ILE A 178 8.02 -0.81 11.03
N ARG A 179 7.59 -0.90 12.28
CA ARG A 179 6.41 -1.68 12.63
C ARG A 179 5.17 -1.18 11.88
N LYS A 180 5.07 0.12 11.70
CA LYS A 180 3.91 0.70 11.03
C LYS A 180 3.72 0.12 9.64
N VAL A 181 4.81 -0.13 8.92
CA VAL A 181 4.64 -0.58 7.56
C VAL A 181 3.82 -1.87 7.49
N THR A 182 4.06 -2.83 8.39
CA THR A 182 3.27 -4.05 8.33
C THR A 182 1.78 -3.80 8.58
N GLY A 183 1.45 -2.97 9.57
CA GLY A 183 0.05 -2.72 9.87
C GLY A 183 -0.71 -2.08 8.73
N ALA A 184 -0.12 -1.08 8.08
CA ALA A 184 -0.83 -0.45 7.01
C ALA A 184 -1.12 -1.44 5.91
N ILE A 185 -0.12 -2.25 5.60
CA ILE A 185 -0.24 -3.24 4.54
C ILE A 185 -1.31 -4.35 4.76
N VAL A 186 -1.40 -4.93 5.97
CA VAL A 186 -2.34 -6.07 6.15
C VAL A 186 -3.81 -5.76 5.92
N LEU A 187 -4.27 -4.64 6.44
CA LEU A 187 -5.68 -4.25 6.32
C LEU A 187 -6.17 -4.03 4.88
N LEU A 188 -5.33 -3.46 4.03
CA LEU A 188 -5.78 -3.08 2.71
C LEU A 188 -6.32 -4.23 1.87
N TYR A 189 -5.70 -5.39 1.88
CA TYR A 189 -6.28 -6.45 1.08
C TYR A 189 -7.67 -6.81 1.59
N LEU A 190 -7.81 -6.88 2.91
CA LEU A 190 -9.11 -7.19 3.50
C LEU A 190 -10.16 -6.12 3.19
N ALA A 191 -9.74 -4.86 3.28
CA ALA A 191 -10.66 -3.75 3.04
C ALA A 191 -11.21 -3.74 1.62
N TYR A 192 -10.36 -4.01 0.63
CA TYR A 192 -10.83 -4.00 -0.75
C TYR A 192 -11.88 -5.09 -0.95
N PHE A 193 -11.68 -6.24 -0.30
CA PHE A 193 -12.65 -7.33 -0.41
C PHE A 193 -14.02 -6.84 0.04
N ALA A 194 -14.03 -6.02 1.09
CA ALA A 194 -15.28 -5.49 1.63
C ALA A 194 -16.34 -6.58 1.70
N LEU A 195 -17.21 -6.62 0.67
CA LEU A 195 -18.30 -7.59 0.54
C LEU A 195 -19.58 -6.85 0.12
N THR A 196 -20.32 -7.47 -0.81
CA THR A 196 -21.57 -6.92 -1.33
C THR A 196 -21.45 -5.46 -1.81
N GLU A 197 -20.33 -4.80 -1.53
CA GLU A 197 -20.16 -3.41 -1.96
C GLU A 197 -18.74 -2.91 -1.64
N VAL A 198 -18.26 -1.98 -2.47
CA VAL A 198 -16.93 -1.39 -2.28
C VAL A 198 -17.08 0.08 -1.88
N LEU A 199 -17.19 0.97 -2.87
CA LEU A 199 -17.39 2.40 -2.58
C LEU A 199 -18.85 2.76 -2.80
N LEU A 200 -19.14 4.05 -2.87
CA LEU A 200 -20.51 4.51 -3.07
C LEU A 200 -20.90 4.36 -4.54
N LEU A 201 -20.59 5.38 -5.34
CA LEU A 201 -20.91 5.35 -6.75
C LEU A 201 -22.39 5.10 -6.97
N GLU A 202 -22.74 3.91 -7.47
CA GLU A 202 -24.13 3.54 -7.71
C GLU A 202 -24.72 2.84 -6.49
N GLN A 11 -8.70 9.69 -6.00
CA GLN A 11 -8.25 10.67 -4.97
C GLN A 11 -6.96 11.34 -5.45
N LEU A 12 -7.08 12.58 -5.92
CA LEU A 12 -5.91 13.32 -6.38
C LEU A 12 -5.23 14.00 -5.21
N MET A 13 -5.85 13.91 -4.05
CA MET A 13 -5.31 14.52 -2.83
C MET A 13 -4.37 13.54 -2.13
N ALA A 14 -4.68 12.25 -2.22
CA ALA A 14 -3.85 11.23 -1.59
C ALA A 14 -2.42 11.31 -2.11
N PHE A 15 -2.28 11.51 -3.42
CA PHE A 15 -0.96 11.59 -4.02
C PHE A 15 -0.19 12.77 -3.40
N ALA A 16 -0.90 13.88 -3.22
CA ALA A 16 -0.28 15.06 -2.64
C ALA A 16 0.20 14.80 -1.20
N LEU A 17 -0.59 14.06 -0.44
CA LEU A 17 -0.21 13.78 0.94
C LEU A 17 1.09 12.99 1.02
N GLY A 18 1.25 11.98 0.15
CA GLY A 18 2.45 11.15 0.18
C GLY A 18 3.74 11.93 -0.10
N ILE A 19 3.72 12.82 -1.08
CA ILE A 19 4.92 13.59 -1.44
C ILE A 19 5.37 14.46 -0.26
N LEU A 20 4.39 15.01 0.45
CA LEU A 20 4.69 15.89 1.58
C LEU A 20 5.49 15.16 2.65
N SER A 21 5.16 13.89 2.88
CA SER A 21 5.88 13.11 3.89
C SER A 21 7.34 12.99 3.49
N VAL A 22 7.55 12.76 2.22
CA VAL A 22 8.88 12.65 1.66
C VAL A 22 9.63 13.96 1.83
N PHE A 23 8.90 15.07 1.68
CA PHE A 23 9.51 16.40 1.80
C PHE A 23 10.52 16.44 2.94
N SER A 24 10.00 16.45 4.16
CA SER A 24 10.85 16.49 5.34
C SER A 24 11.98 15.44 5.24
N PRO A 25 13.22 15.84 5.04
CA PRO A 25 14.35 14.86 4.96
C PRO A 25 14.37 13.92 6.16
N ALA A 26 15.44 13.14 6.29
CA ALA A 26 15.57 12.21 7.41
C ALA A 26 16.99 11.67 7.52
N VAL A 27 17.10 10.50 8.14
CA VAL A 27 18.38 9.84 8.31
C VAL A 27 19.18 9.91 6.99
N LEU A 28 20.46 9.55 7.01
CA LEU A 28 21.26 9.62 5.79
C LEU A 28 20.91 8.46 4.84
N PRO A 29 21.26 7.24 5.16
CA PRO A 29 20.95 6.07 4.29
C PRO A 29 19.44 5.87 4.02
N VAL A 30 18.59 6.08 5.03
CA VAL A 30 17.15 5.89 4.88
C VAL A 30 16.82 4.75 3.92
N VAL A 31 17.72 3.77 3.85
CA VAL A 31 17.48 2.62 2.95
C VAL A 31 16.06 2.11 3.19
N PRO A 32 15.34 1.72 2.16
CA PRO A 32 13.94 1.25 2.29
C PRO A 32 13.65 0.55 3.62
N LEU A 33 13.34 1.33 4.67
CA LEU A 33 13.02 0.76 5.99
C LEU A 33 12.02 1.62 6.75
N ILE A 34 11.56 2.72 6.12
CA ILE A 34 10.56 3.61 6.72
C ILE A 34 9.63 4.12 5.63
N PHE A 35 9.56 3.41 4.50
CA PHE A 35 8.72 3.83 3.38
C PHE A 35 8.91 5.34 3.17
N ALA A 36 10.17 5.75 3.10
CA ALA A 36 10.51 7.15 2.93
C ALA A 36 11.89 7.30 2.31
N GLY A 37 12.49 8.48 2.46
CA GLY A 37 13.83 8.72 1.92
C GLY A 37 13.76 9.16 0.46
N SER A 38 14.91 9.57 -0.09
CA SER A 38 14.98 10.01 -1.47
C SER A 38 16.40 9.83 -2.01
N ARG A 39 16.51 9.68 -3.32
CA ARG A 39 17.82 9.49 -3.94
C ARG A 39 17.69 9.53 -5.46
N GLY A 40 16.74 8.75 -6.00
CA GLY A 40 16.52 8.70 -7.43
C GLY A 40 15.54 7.58 -7.77
N ARG A 41 15.97 6.34 -7.55
CA ARG A 41 15.13 5.19 -7.82
C ARG A 41 13.88 5.25 -6.95
N ALA A 42 14.05 5.70 -5.72
CA ALA A 42 12.94 5.80 -4.78
C ALA A 42 11.84 6.70 -5.34
N LEU A 43 12.24 7.77 -6.03
CA LEU A 43 11.26 8.69 -6.59
C LEU A 43 10.32 7.94 -7.55
N ASP A 44 10.90 7.05 -8.35
CA ASP A 44 10.09 6.27 -9.29
C ASP A 44 9.10 5.41 -8.52
N ALA A 45 9.56 4.83 -7.43
CA ALA A 45 8.70 3.98 -6.60
C ALA A 45 7.53 4.78 -6.03
N PHE A 46 7.78 6.04 -5.66
CA PHE A 46 6.73 6.86 -5.06
C PHE A 46 5.50 7.01 -5.95
N LEU A 47 5.70 7.23 -7.25
CA LEU A 47 4.54 7.36 -8.16
C LEU A 47 3.71 6.06 -8.18
N ILE A 48 4.41 4.93 -8.11
CA ILE A 48 3.75 3.62 -8.16
C ILE A 48 2.72 3.45 -7.04
N VAL A 49 2.97 3.97 -5.84
CA VAL A 49 1.98 3.78 -4.77
C VAL A 49 0.64 4.35 -5.21
N ALA A 50 0.66 5.50 -5.84
CA ALA A 50 -0.54 6.12 -6.36
C ALA A 50 -1.17 5.23 -7.43
N GLY A 51 -0.29 4.60 -8.22
CA GLY A 51 -0.70 3.79 -9.36
C GLY A 51 -1.64 2.62 -9.08
N LEU A 52 -1.44 1.86 -8.01
CA LEU A 52 -2.32 0.71 -7.82
C LEU A 52 -3.78 1.11 -7.64
N THR A 53 -4.05 2.17 -6.88
CA THR A 53 -5.43 2.55 -6.62
C THR A 53 -6.24 2.95 -7.86
N ILE A 54 -5.68 3.73 -8.79
CA ILE A 54 -6.51 4.14 -9.92
C ILE A 54 -7.00 2.98 -10.79
N SER A 55 -6.12 2.03 -11.10
CA SER A 55 -6.53 0.88 -11.90
C SER A 55 -7.60 0.06 -11.17
N MET A 56 -7.32 -0.08 -9.90
CA MET A 56 -8.10 -0.85 -8.92
C MET A 56 -9.52 -0.34 -8.69
N LEU A 57 -9.74 0.96 -8.68
CA LEU A 57 -11.07 1.47 -8.38
C LEU A 57 -12.08 0.89 -9.37
N ILE A 58 -11.67 0.75 -10.61
CA ILE A 58 -12.54 0.18 -11.63
C ILE A 58 -12.94 -1.25 -11.22
N LEU A 59 -12.02 -2.00 -10.62
CA LEU A 59 -12.33 -3.37 -10.22
C LEU A 59 -13.51 -3.38 -9.26
N GLY A 60 -13.55 -2.37 -8.40
CA GLY A 60 -14.63 -2.23 -7.44
C GLY A 60 -15.95 -1.99 -8.15
N TYR A 61 -16.40 -3.04 -8.84
CA TYR A 61 -17.64 -3.03 -9.63
C TYR A 61 -17.30 -2.87 -11.10
N THR A 62 -16.57 -3.84 -11.65
CA THR A 62 -16.15 -3.81 -13.05
C THR A 62 -17.25 -3.23 -13.93
N ALA A 63 -16.85 -2.37 -14.87
CA ALA A 63 -17.80 -1.74 -15.79
C ALA A 63 -17.94 -2.60 -17.04
N SER A 64 -17.21 -3.72 -17.08
CA SER A 64 -17.26 -4.63 -18.20
C SER A 64 -17.23 -3.89 -19.53
N LEU A 65 -16.40 -2.86 -19.63
CA LEU A 65 -16.28 -2.09 -20.87
C LEU A 65 -15.16 -1.05 -20.73
N PHE A 66 -14.22 -1.31 -19.81
CA PHE A 66 -13.12 -0.41 -19.57
C PHE A 66 -11.80 -1.14 -19.69
N PHE A 67 -11.23 -1.48 -18.56
CA PHE A 67 -9.96 -2.18 -18.51
C PHE A 67 -9.83 -3.00 -17.23
N GLY A 68 -10.87 -3.75 -16.89
CA GLY A 68 -10.84 -4.56 -15.67
C GLY A 68 -9.62 -5.49 -15.66
N PHE A 69 -9.32 -6.06 -16.82
CA PHE A 69 -8.19 -6.99 -16.98
C PHE A 69 -6.86 -6.30 -16.75
N PHE A 70 -6.75 -5.04 -17.15
CA PHE A 70 -5.48 -4.33 -17.00
C PHE A 70 -4.98 -4.34 -15.56
N ARG A 71 -5.90 -4.30 -14.61
CA ARG A 71 -5.48 -4.23 -13.22
C ARG A 71 -4.62 -5.42 -12.79
N VAL A 72 -5.01 -6.65 -13.13
CA VAL A 72 -4.21 -7.78 -12.70
C VAL A 72 -2.80 -7.82 -13.34
N VAL A 73 -2.73 -7.60 -14.65
CA VAL A 73 -1.44 -7.64 -15.33
C VAL A 73 -0.51 -6.52 -14.88
N ALA A 74 -1.09 -5.37 -14.57
CA ALA A 74 -0.33 -4.22 -14.14
C ALA A 74 0.52 -4.61 -12.94
N MET A 75 -0.02 -5.47 -12.10
CA MET A 75 0.68 -5.92 -10.93
C MET A 75 2.01 -6.60 -11.28
N LEU A 76 2.02 -7.32 -12.42
CA LEU A 76 3.23 -8.06 -12.82
C LEU A 76 4.47 -7.15 -12.97
N PHE A 77 4.33 -5.99 -13.60
CA PHE A 77 5.48 -5.11 -13.75
C PHE A 77 5.94 -4.61 -12.38
N LEU A 78 4.98 -4.39 -11.49
CA LEU A 78 5.25 -3.90 -10.15
C LEU A 78 6.16 -4.87 -9.39
N LEU A 79 6.00 -6.16 -9.65
CA LEU A 79 6.78 -7.21 -8.99
C LEU A 79 8.29 -6.96 -9.16
N ILE A 80 8.69 -6.43 -10.31
CA ILE A 80 10.11 -6.22 -10.58
C ILE A 80 10.78 -5.39 -9.47
N PHE A 81 10.12 -4.33 -9.03
CA PHE A 81 10.68 -3.51 -7.95
C PHE A 81 10.75 -4.31 -6.65
N ALA A 82 9.78 -5.17 -6.45
CA ALA A 82 9.73 -5.99 -5.24
C ALA A 82 10.89 -6.98 -5.12
N LEU A 83 11.30 -7.59 -6.23
CA LEU A 83 12.37 -8.58 -6.19
C LEU A 83 13.67 -8.06 -5.57
N ILE A 84 14.04 -6.82 -5.87
CA ILE A 84 15.29 -6.27 -5.33
C ILE A 84 15.21 -6.14 -3.81
N LEU A 85 14.02 -5.82 -3.30
CA LEU A 85 13.85 -5.65 -1.86
C LEU A 85 14.32 -6.89 -1.10
N LEU A 86 14.00 -8.08 -1.62
CA LEU A 86 14.41 -9.32 -0.96
C LEU A 86 15.93 -9.47 -0.93
N SER A 87 16.59 -9.03 -2.01
CA SER A 87 18.04 -9.14 -2.12
C SER A 87 18.79 -8.33 -1.06
N ASP A 88 18.38 -7.09 -0.84
CA ASP A 88 19.05 -6.22 0.13
C ASP A 88 19.57 -6.99 1.35
N GLU A 89 20.78 -7.56 1.22
CA GLU A 89 21.39 -8.33 2.31
C GLU A 89 20.34 -9.03 3.16
N LEU A 90 20.64 -9.25 4.44
CA LEU A 90 19.70 -9.91 5.35
C LEU A 90 18.97 -8.85 6.18
N ASP A 91 17.74 -9.17 6.56
CA ASP A 91 16.92 -8.24 7.34
C ASP A 91 15.89 -9.02 8.17
N GLU A 92 15.28 -8.33 9.13
CA GLU A 92 14.29 -8.97 10.01
C GLU A 92 12.86 -8.62 9.60
N LYS A 93 12.67 -7.55 8.82
CA LYS A 93 11.32 -7.15 8.41
C LYS A 93 10.98 -7.68 7.02
N VAL A 94 11.99 -7.79 6.15
CA VAL A 94 11.77 -8.31 4.81
C VAL A 94 11.08 -9.68 4.89
N SER A 95 11.45 -10.43 5.92
CA SER A 95 10.85 -11.75 6.10
C SER A 95 9.34 -11.63 6.24
N ILE A 96 8.90 -10.63 7.02
CA ILE A 96 7.48 -10.39 7.22
C ILE A 96 6.80 -9.98 5.93
N PHE A 97 7.51 -9.23 5.08
CA PHE A 97 6.95 -8.81 3.81
C PHE A 97 6.48 -10.07 3.09
N ALA A 98 7.34 -11.08 3.11
CA ALA A 98 7.03 -12.36 2.51
C ALA A 98 5.87 -13.02 3.23
N SER A 99 5.82 -12.82 4.56
CA SER A 99 4.76 -13.42 5.38
C SER A 99 3.37 -12.97 4.95
N ARG A 100 3.24 -11.71 4.51
CA ARG A 100 1.96 -11.21 4.08
C ARG A 100 1.45 -12.06 2.92
N MET A 101 2.38 -12.53 2.11
CA MET A 101 2.01 -13.35 0.95
C MET A 101 1.18 -14.55 1.41
N THR A 102 1.63 -15.21 2.48
CA THR A 102 0.92 -16.36 3.00
C THR A 102 -0.46 -15.97 3.54
N SER A 103 -0.50 -14.88 4.30
CA SER A 103 -1.76 -14.42 4.88
C SER A 103 -2.75 -13.98 3.79
N GLY A 104 -2.24 -13.21 2.83
CA GLY A 104 -3.07 -12.72 1.75
C GLY A 104 -3.58 -13.87 0.88
N LEU A 105 -2.70 -14.84 0.62
CA LEU A 105 -3.05 -16.00 -0.20
C LEU A 105 -4.49 -16.43 0.07
N SER A 106 -5.09 -17.16 -0.89
CA SER A 106 -6.48 -17.62 -0.74
C SER A 106 -6.67 -19.00 -1.37
N TRP A 107 -6.87 -19.03 -2.68
CA TRP A 107 -7.08 -20.28 -3.39
C TRP A 107 -6.12 -21.37 -2.90
N LYS A 108 -5.01 -21.52 -3.61
CA LYS A 108 -4.03 -22.55 -3.25
C LYS A 108 -4.56 -23.91 -3.69
N ILE A 109 -5.87 -24.12 -3.48
CA ILE A 109 -6.51 -25.38 -3.85
C ILE A 109 -7.05 -25.31 -5.28
N GLN A 110 -8.24 -24.73 -5.46
CA GLN A 110 -8.87 -24.64 -6.78
C GLN A 110 -8.58 -23.29 -7.47
N THR A 111 -7.66 -23.33 -8.43
CA THR A 111 -7.28 -22.16 -9.21
C THR A 111 -6.22 -22.55 -10.21
N LEU A 112 -5.28 -23.38 -9.73
CA LEU A 112 -4.17 -23.86 -10.56
C LEU A 112 -3.26 -22.69 -10.94
N PRO A 113 -1.97 -22.92 -11.07
CA PRO A 113 -1.00 -21.84 -11.43
C PRO A 113 -1.16 -21.39 -12.89
N SER A 114 -1.23 -20.08 -13.08
CA SER A 114 -1.38 -19.51 -14.42
C SER A 114 -1.13 -18.01 -14.37
N PHE A 115 -0.24 -17.53 -15.23
CA PHE A 115 0.09 -16.12 -15.29
C PHE A 115 0.18 -15.51 -13.87
N PHE A 116 0.34 -16.38 -12.86
CA PHE A 116 0.45 -15.94 -11.48
C PHE A 116 -0.87 -15.32 -11.04
N PHE A 117 -1.63 -16.11 -10.28
CA PHE A 117 -2.94 -15.67 -9.78
C PHE A 117 -2.85 -15.25 -8.30
N GLY A 118 -2.72 -16.22 -7.40
CA GLY A 118 -2.63 -15.94 -5.97
C GLY A 118 -1.43 -15.06 -5.65
N MET A 119 -0.32 -15.32 -6.32
CA MET A 119 0.90 -14.56 -6.12
C MET A 119 0.65 -13.08 -6.46
N LEU A 120 -0.12 -12.88 -7.52
CA LEU A 120 -0.44 -11.54 -8.02
C LEU A 120 -1.15 -10.71 -6.95
N LEU A 121 -2.06 -11.33 -6.20
CA LEU A 121 -2.81 -10.65 -5.15
C LEU A 121 -1.85 -10.09 -4.09
N ALA A 122 -0.83 -10.87 -3.77
CA ALA A 122 0.18 -10.48 -2.78
C ALA A 122 0.92 -9.19 -3.17
N PHE A 123 1.23 -9.07 -4.44
CA PHE A 123 1.99 -7.93 -4.97
C PHE A 123 1.34 -6.57 -4.72
N LEU A 124 0.02 -6.50 -4.84
CA LEU A 124 -0.69 -5.24 -4.74
C LEU A 124 -0.53 -4.49 -3.40
N TRP A 125 -0.52 -5.16 -2.25
CA TRP A 125 -0.39 -4.43 -0.97
C TRP A 125 0.89 -3.58 -0.78
N LEU A 126 2.07 -4.06 -1.21
CA LEU A 126 3.33 -3.31 -0.95
C LEU A 126 3.42 -1.87 -1.54
N PRO A 127 2.94 -1.59 -2.73
CA PRO A 127 3.01 -0.20 -3.30
C PRO A 127 2.27 0.87 -2.47
N ALA A 128 1.11 0.55 -1.92
CA ALA A 128 0.33 1.53 -1.21
C ALA A 128 0.94 2.11 0.08
N ILE A 129 0.07 2.14 1.09
CA ILE A 129 0.29 2.66 2.45
C ILE A 129 -0.02 4.16 2.55
N LEU A 130 0.93 5.05 2.23
CA LEU A 130 0.65 6.47 2.40
C LEU A 130 -0.56 6.94 1.57
N PRO A 131 -0.74 6.52 0.33
CA PRO A 131 -1.96 6.88 -0.45
C PRO A 131 -3.20 6.37 0.26
N PHE A 132 -3.06 5.15 0.80
CA PHE A 132 -4.16 4.52 1.52
C PHE A 132 -4.50 5.40 2.68
N ALA A 133 -3.48 5.92 3.28
CA ALA A 133 -3.68 6.84 4.37
C ALA A 133 -4.47 8.01 3.83
N GLY A 134 -4.14 8.42 2.59
CA GLY A 134 -4.84 9.54 1.97
C GLY A 134 -6.35 9.29 1.82
N ILE A 135 -6.74 8.08 1.45
CA ILE A 135 -8.16 7.77 1.28
C ILE A 135 -8.95 7.97 2.58
N ALA A 136 -8.37 7.58 3.71
CA ALA A 136 -9.09 7.63 4.97
C ALA A 136 -9.58 9.03 5.34
N ILE A 137 -8.78 10.07 5.12
CA ILE A 137 -9.27 11.40 5.49
C ILE A 137 -10.55 11.72 4.68
N SER A 138 -10.55 11.34 3.40
CA SER A 138 -11.72 11.56 2.54
C SER A 138 -12.95 10.84 3.09
N GLN A 139 -12.70 9.63 3.56
CA GLN A 139 -13.75 8.75 4.09
C GLN A 139 -14.48 9.38 5.28
N THR A 140 -13.75 10.06 6.17
CA THR A 140 -14.37 10.63 7.35
C THR A 140 -15.47 11.62 6.98
N LEU A 141 -15.24 12.44 5.95
CA LEU A 141 -16.27 13.40 5.51
C LEU A 141 -17.02 12.85 4.31
N LEU A 142 -17.38 11.57 4.37
CA LEU A 142 -18.10 10.93 3.28
C LEU A 142 -18.55 9.53 3.69
N SER A 143 -19.78 9.17 3.31
CA SER A 143 -20.32 7.85 3.64
C SER A 143 -20.31 7.62 5.14
N GLU A 144 -20.67 6.40 5.56
CA GLU A 144 -20.69 6.05 6.98
C GLU A 144 -20.18 4.64 7.21
N ASN A 145 -18.92 4.39 6.86
CA ASN A 145 -18.30 3.08 7.03
C ASN A 145 -17.37 3.11 8.26
N PRO A 146 -17.75 2.53 9.37
CA PRO A 146 -16.92 2.53 10.61
C PRO A 146 -15.90 1.39 10.64
N LEU A 147 -16.27 0.23 10.12
CA LEU A 147 -15.37 -0.93 10.13
C LEU A 147 -14.02 -0.59 9.49
N VAL A 148 -14.07 0.06 8.34
CA VAL A 148 -12.85 0.46 7.64
C VAL A 148 -12.06 1.46 8.47
N MET A 149 -12.78 2.45 9.01
CA MET A 149 -12.16 3.48 9.83
C MET A 149 -11.58 2.87 11.09
N LEU A 150 -12.33 1.98 11.71
CA LEU A 150 -11.88 1.31 12.93
C LEU A 150 -10.63 0.48 12.63
N SER A 151 -10.64 -0.23 11.51
CA SER A 151 -9.49 -1.06 11.16
C SER A 151 -8.27 -0.18 10.88
N TYR A 152 -8.49 0.89 10.11
CA TYR A 152 -7.44 1.82 9.77
C TYR A 152 -6.91 2.57 10.97
N GLY A 153 -7.79 2.87 11.92
CA GLY A 153 -7.38 3.64 13.09
C GLY A 153 -6.20 3.02 13.84
N LEU A 154 -6.21 1.72 14.08
CA LEU A 154 -5.09 1.11 14.80
C LEU A 154 -3.80 1.20 14.01
N GLY A 155 -3.87 0.89 12.71
CA GLY A 155 -2.71 0.97 11.83
C GLY A 155 -2.23 2.40 11.67
N MET A 156 -3.21 3.28 11.44
CA MET A 156 -2.94 4.69 11.19
C MET A 156 -2.33 5.41 12.39
N ALA A 157 -2.88 5.18 13.58
CA ALA A 157 -2.40 5.90 14.76
C ALA A 157 -0.92 5.61 15.04
N VAL A 158 -0.52 4.36 14.97
CA VAL A 158 0.89 4.07 15.20
C VAL A 158 1.76 4.67 14.09
N THR A 159 1.31 4.47 12.85
CA THR A 159 2.02 4.95 11.66
C THR A 159 2.11 6.46 11.53
N ILE A 160 1.00 7.12 11.75
CA ILE A 160 0.94 8.57 11.61
C ILE A 160 1.82 9.27 12.63
N ALA A 161 1.79 8.77 13.87
CA ALA A 161 2.58 9.37 14.93
C ALA A 161 4.06 9.43 14.56
N ALA A 162 4.58 8.33 14.02
CA ALA A 162 5.99 8.32 13.65
C ALA A 162 6.27 9.31 12.53
N VAL A 163 5.38 9.34 11.54
CA VAL A 163 5.55 10.24 10.40
C VAL A 163 5.47 11.71 10.80
N PHE A 164 4.64 12.04 11.78
CA PHE A 164 4.51 13.43 12.21
C PHE A 164 5.88 13.97 12.57
N LYS A 165 6.71 13.11 13.13
CA LYS A 165 8.06 13.50 13.52
C LYS A 165 8.81 14.10 12.33
N MET A 166 8.55 13.58 11.13
CA MET A 166 9.24 14.06 9.93
C MET A 166 9.13 15.57 9.74
N GLY A 167 7.93 16.11 9.91
CA GLY A 167 7.70 17.56 9.73
C GLY A 167 8.93 18.38 10.10
N GLU A 168 9.70 17.88 11.07
CA GLU A 168 10.94 18.56 11.50
C GLU A 168 12.12 17.61 11.33
N LYS A 169 11.91 16.35 11.70
CA LYS A 169 12.94 15.31 11.59
C LYS A 169 12.33 13.98 12.01
N PHE A 170 12.56 12.93 11.22
CA PHE A 170 11.99 11.62 11.56
C PHE A 170 12.42 11.20 12.96
N VAL A 171 12.33 9.91 13.23
CA VAL A 171 12.72 9.35 14.54
C VAL A 171 14.04 8.59 14.36
N LYS A 172 14.48 7.87 15.39
CA LYS A 172 15.72 7.12 15.32
C LYS A 172 15.82 6.42 13.97
N ALA A 173 14.94 5.44 13.75
CA ALA A 173 14.87 4.64 12.50
C ALA A 173 15.18 3.19 12.81
N ASN A 174 14.40 2.58 13.71
CA ASN A 174 14.65 1.20 14.08
C ASN A 174 13.37 0.40 14.30
N PHE A 175 13.23 -0.10 15.52
CA PHE A 175 12.11 -0.97 15.92
C PHE A 175 10.70 -0.37 15.82
N GLN A 176 10.52 0.86 16.25
CA GLN A 176 9.18 1.46 16.22
C GLN A 176 8.65 1.54 14.80
N LEU A 177 9.54 1.87 13.89
CA LEU A 177 9.21 2.00 12.48
C LEU A 177 8.73 0.67 11.93
N ILE A 178 9.36 -0.39 12.40
CA ILE A 178 9.02 -1.71 11.93
C ILE A 178 7.56 -2.04 12.26
N ARG A 179 7.10 -1.71 13.45
CA ARG A 179 5.72 -2.04 13.77
C ARG A 179 4.71 -1.34 12.86
N LYS A 180 4.93 -0.06 12.57
CA LYS A 180 4.00 0.67 11.72
C LYS A 180 3.90 0.10 10.30
N VAL A 181 5.01 -0.36 9.70
CA VAL A 181 4.91 -0.82 8.32
C VAL A 181 3.98 -2.02 8.18
N THR A 182 4.03 -2.97 9.10
CA THR A 182 3.18 -4.16 8.97
C THR A 182 1.70 -3.82 9.03
N GLY A 183 1.32 -2.93 9.94
CA GLY A 183 -0.09 -2.61 10.07
C GLY A 183 -0.69 -1.98 8.83
N ALA A 184 0.02 -1.04 8.20
CA ALA A 184 -0.54 -0.44 7.02
C ALA A 184 -0.76 -1.48 5.95
N ILE A 185 0.23 -2.36 5.79
CA ILE A 185 0.13 -3.40 4.78
C ILE A 185 -1.03 -4.40 5.00
N VAL A 186 -1.25 -4.86 6.24
CA VAL A 186 -2.30 -5.86 6.47
C VAL A 186 -3.73 -5.39 6.16
N LEU A 187 -4.05 -4.16 6.56
CA LEU A 187 -5.40 -3.61 6.37
C LEU A 187 -5.84 -3.47 4.92
N LEU A 188 -4.93 -2.99 4.08
CA LEU A 188 -5.29 -2.71 2.71
C LEU A 188 -5.86 -3.90 1.95
N TYR A 189 -5.28 -5.08 2.10
CA TYR A 189 -5.84 -6.21 1.38
C TYR A 189 -7.27 -6.52 1.83
N LEU A 190 -7.50 -6.45 3.14
CA LEU A 190 -8.84 -6.73 3.66
C LEU A 190 -9.86 -5.72 3.16
N ALA A 191 -9.48 -4.45 3.15
CA ALA A 191 -10.40 -3.40 2.72
C ALA A 191 -10.85 -3.56 1.28
N TYR A 192 -9.92 -3.89 0.37
CA TYR A 192 -10.29 -4.06 -1.02
C TYR A 192 -11.30 -5.19 -1.19
N PHE A 193 -11.12 -6.26 -0.40
CA PHE A 193 -12.03 -7.40 -0.49
C PHE A 193 -13.46 -6.96 -0.19
N ALA A 194 -13.60 -6.10 0.83
CA ALA A 194 -14.92 -5.59 1.23
C ALA A 194 -16.01 -6.64 1.04
N LEU A 195 -17.10 -6.26 0.39
CA LEU A 195 -18.21 -7.17 0.14
C LEU A 195 -19.00 -6.72 -1.08
N THR A 196 -19.60 -5.53 -0.98
CA THR A 196 -20.39 -4.97 -2.07
C THR A 196 -19.53 -4.06 -2.93
N GLU A 197 -20.17 -3.12 -3.62
CA GLU A 197 -19.44 -2.18 -4.48
C GLU A 197 -18.67 -1.17 -3.62
N VAL A 198 -18.12 -0.14 -4.27
CA VAL A 198 -17.36 0.89 -3.56
C VAL A 198 -17.45 2.22 -4.29
N LEU A 199 -18.17 2.24 -5.42
CA LEU A 199 -18.33 3.46 -6.22
C LEU A 199 -19.78 3.93 -6.19
N LEU A 200 -20.70 2.99 -6.06
CA LEU A 200 -22.12 3.33 -6.04
C LEU A 200 -22.52 4.05 -7.32
N LEU A 201 -23.54 4.89 -7.24
CA LEU A 201 -24.01 5.63 -8.40
C LEU A 201 -24.39 4.67 -9.51
N GLU A 202 -25.69 4.64 -9.84
CA GLU A 202 -26.18 3.76 -10.89
C GLU A 202 -27.49 4.29 -11.46
N GLN A 11 -10.23 10.28 -7.37
CA GLN A 11 -9.36 11.08 -6.47
C GLN A 11 -7.93 11.10 -7.01
N LEU A 12 -7.25 12.23 -6.83
CA LEU A 12 -5.88 12.37 -7.30
C LEU A 12 -5.05 13.17 -6.29
N MET A 13 -5.45 13.08 -5.02
CA MET A 13 -4.75 13.81 -3.94
C MET A 13 -3.88 12.85 -3.14
N ALA A 14 -4.18 11.56 -3.20
CA ALA A 14 -3.41 10.57 -2.47
C ALA A 14 -1.96 10.58 -2.91
N PHE A 15 -1.73 10.68 -4.22
CA PHE A 15 -0.38 10.72 -4.76
C PHE A 15 0.36 11.93 -4.21
N ALA A 16 -0.33 13.05 -4.16
CA ALA A 16 0.25 14.29 -3.65
C ALA A 16 0.64 14.13 -2.18
N LEU A 17 -0.16 13.42 -1.42
CA LEU A 17 0.11 13.22 0.00
C LEU A 17 1.46 12.54 0.22
N GLY A 18 1.76 11.54 -0.59
CA GLY A 18 3.01 10.81 -0.44
C GLY A 18 4.25 11.68 -0.64
N ILE A 19 4.22 12.55 -1.65
CA ILE A 19 5.37 13.41 -1.92
C ILE A 19 5.68 14.33 -0.73
N LEU A 20 4.64 14.83 -0.08
CA LEU A 20 4.84 15.74 1.04
C LEU A 20 5.60 15.07 2.20
N SER A 21 5.27 13.82 2.51
CA SER A 21 5.92 13.14 3.63
C SER A 21 7.41 12.96 3.41
N VAL A 22 7.77 12.59 2.20
CA VAL A 22 9.18 12.45 1.86
C VAL A 22 9.89 13.78 1.99
N PHE A 23 9.16 14.84 1.60
CA PHE A 23 9.70 16.21 1.62
C PHE A 23 10.81 16.39 2.64
N SER A 24 10.60 15.85 3.85
CA SER A 24 11.60 15.96 4.92
C SER A 24 12.45 14.67 5.02
N PRO A 25 13.70 14.69 4.61
CA PRO A 25 14.59 13.47 4.68
C PRO A 25 14.60 12.83 6.07
N ALA A 26 15.61 12.00 6.31
CA ALA A 26 15.77 11.30 7.59
C ALA A 26 17.16 10.71 7.70
N VAL A 27 17.32 9.60 6.99
CA VAL A 27 18.57 8.86 6.95
C VAL A 27 19.08 8.84 5.51
N LEU A 28 20.39 8.66 5.31
CA LEU A 28 20.91 8.66 3.95
C LEU A 28 20.12 7.65 3.11
N PRO A 29 20.31 6.36 3.30
CA PRO A 29 19.54 5.35 2.53
C PRO A 29 18.01 5.54 2.67
N VAL A 30 17.51 5.56 3.91
CA VAL A 30 16.08 5.74 4.16
C VAL A 30 15.20 4.87 3.24
N VAL A 31 15.73 3.71 2.79
CA VAL A 31 14.93 2.78 1.94
C VAL A 31 14.67 1.45 2.68
N PRO A 32 15.60 0.96 3.48
CA PRO A 32 15.42 -0.33 4.19
C PRO A 32 14.81 -0.17 5.59
N LEU A 33 14.04 0.90 5.78
CA LEU A 33 13.42 1.15 7.08
C LEU A 33 12.05 1.80 6.92
N ILE A 34 12.04 3.12 6.89
CA ILE A 34 10.81 3.90 6.76
C ILE A 34 10.42 4.06 5.29
N PHE A 35 9.11 4.06 5.02
CA PHE A 35 8.63 4.22 3.64
C PHE A 35 8.87 5.67 3.20
N ALA A 36 10.01 6.22 3.63
CA ALA A 36 10.38 7.60 3.31
C ALA A 36 11.41 7.64 2.19
N GLY A 37 12.03 8.81 1.99
CA GLY A 37 13.05 8.97 0.96
C GLY A 37 12.45 9.40 -0.37
N SER A 38 13.25 10.14 -1.15
CA SER A 38 12.83 10.61 -2.46
C SER A 38 13.98 11.34 -3.15
N ARG A 39 15.20 10.91 -2.86
CA ARG A 39 16.39 11.53 -3.45
C ARG A 39 16.25 11.60 -4.98
N GLY A 40 16.30 10.43 -5.61
CA GLY A 40 16.18 10.34 -7.06
C GLY A 40 15.48 9.05 -7.46
N ARG A 41 16.20 7.95 -7.38
CA ARG A 41 15.61 6.65 -7.71
C ARG A 41 14.46 6.35 -6.77
N ALA A 42 14.62 6.73 -5.51
CA ALA A 42 13.59 6.51 -4.51
C ALA A 42 12.29 7.20 -4.93
N LEU A 43 12.43 8.38 -5.53
CA LEU A 43 11.26 9.13 -5.99
C LEU A 43 10.46 8.29 -6.96
N ASP A 44 11.15 7.54 -7.82
CA ASP A 44 10.48 6.69 -8.78
C ASP A 44 9.61 5.67 -8.06
N ALA A 45 10.12 5.16 -6.93
CA ALA A 45 9.39 4.18 -6.14
C ALA A 45 8.08 4.76 -5.63
N PHE A 46 8.12 6.03 -5.25
CA PHE A 46 6.93 6.72 -4.73
C PHE A 46 5.79 6.66 -5.75
N LEU A 47 6.12 6.80 -7.02
CA LEU A 47 5.12 6.78 -8.08
C LEU A 47 4.31 5.49 -8.06
N ILE A 48 4.97 4.38 -7.77
CA ILE A 48 4.30 3.08 -7.79
C ILE A 48 3.09 3.02 -6.85
N VAL A 49 3.17 3.65 -5.67
CA VAL A 49 2.02 3.61 -4.77
C VAL A 49 0.77 4.17 -5.46
N ALA A 50 0.96 5.25 -6.19
CA ALA A 50 -0.14 5.89 -6.91
C ALA A 50 -0.75 4.96 -7.95
N GLY A 51 0.09 4.19 -8.62
CA GLY A 51 -0.35 3.30 -9.68
C GLY A 51 -1.43 2.30 -9.26
N LEU A 52 -1.32 1.77 -8.05
CA LEU A 52 -2.30 0.78 -7.61
C LEU A 52 -3.72 1.37 -7.54
N THR A 53 -3.84 2.63 -7.13
CA THR A 53 -5.14 3.26 -6.98
C THR A 53 -5.96 3.38 -8.28
N ILE A 54 -5.33 3.75 -9.40
CA ILE A 54 -6.11 3.92 -10.63
C ILE A 54 -6.75 2.61 -11.11
N SER A 55 -6.00 1.51 -11.04
CA SER A 55 -6.52 0.20 -11.44
C SER A 55 -7.68 -0.18 -10.55
N MET A 56 -7.47 0.10 -9.29
CA MET A 56 -8.41 -0.18 -8.20
C MET A 56 -9.73 0.56 -8.38
N LEU A 57 -9.64 1.78 -8.88
CA LEU A 57 -10.82 2.62 -9.08
C LEU A 57 -11.81 1.88 -9.98
N ILE A 58 -11.29 1.17 -10.96
CA ILE A 58 -12.13 0.45 -11.91
C ILE A 58 -13.05 -0.55 -11.18
N LEU A 59 -12.56 -1.21 -10.12
CA LEU A 59 -13.40 -2.15 -9.38
C LEU A 59 -14.59 -1.39 -8.80
N GLY A 60 -14.31 -0.16 -8.34
CA GLY A 60 -15.30 0.71 -7.74
C GLY A 60 -16.73 0.40 -8.20
N TYR A 61 -16.91 0.25 -9.51
CA TYR A 61 -18.24 -0.04 -10.05
C TYR A 61 -18.14 -0.57 -11.48
N THR A 62 -19.27 -1.03 -12.01
CA THR A 62 -19.31 -1.55 -13.37
C THR A 62 -18.62 -0.59 -14.34
N ALA A 63 -17.57 -1.08 -15.00
CA ALA A 63 -16.82 -0.29 -15.94
C ALA A 63 -17.22 -0.66 -17.38
N SER A 64 -17.69 0.34 -18.12
CA SER A 64 -18.10 0.13 -19.51
C SER A 64 -16.99 0.54 -20.46
N LEU A 65 -16.10 -0.40 -20.75
CA LEU A 65 -14.97 -0.14 -21.65
C LEU A 65 -13.98 0.83 -20.99
N PHE A 66 -13.30 0.35 -19.96
CA PHE A 66 -12.33 1.16 -19.23
C PHE A 66 -11.04 0.36 -19.06
N PHE A 67 -10.92 -0.70 -19.84
CA PHE A 67 -9.76 -1.55 -19.82
C PHE A 67 -9.59 -2.29 -18.50
N GLY A 68 -10.55 -3.16 -18.19
CA GLY A 68 -10.49 -3.96 -16.96
C GLY A 68 -9.18 -4.74 -16.93
N PHE A 69 -8.75 -5.14 -18.11
CA PHE A 69 -7.51 -5.89 -18.29
C PHE A 69 -6.30 -5.18 -17.69
N PHE A 70 -6.31 -3.85 -17.75
CA PHE A 70 -5.17 -3.07 -17.28
C PHE A 70 -4.77 -3.42 -15.86
N ARG A 71 -5.72 -3.57 -14.97
CA ARG A 71 -5.33 -3.85 -13.60
C ARG A 71 -4.63 -5.20 -13.47
N VAL A 72 -5.15 -6.25 -14.08
CA VAL A 72 -4.48 -7.54 -13.92
C VAL A 72 -3.09 -7.59 -14.58
N VAL A 73 -2.96 -7.09 -15.81
CA VAL A 73 -1.64 -7.10 -16.46
C VAL A 73 -0.64 -6.18 -15.77
N ALA A 74 -1.09 -4.97 -15.44
CA ALA A 74 -0.24 -3.97 -14.79
C ALA A 74 0.36 -4.56 -13.53
N MET A 75 -0.43 -5.40 -12.88
CA MET A 75 -0.03 -6.03 -11.64
C MET A 75 1.29 -6.80 -11.82
N LEU A 76 1.51 -7.38 -13.00
CA LEU A 76 2.76 -8.13 -13.26
C LEU A 76 3.99 -7.21 -13.23
N PHE A 77 3.87 -6.04 -13.86
CA PHE A 77 4.98 -5.10 -13.91
C PHE A 77 5.47 -4.80 -12.50
N LEU A 78 4.53 -4.76 -11.57
CA LEU A 78 4.84 -4.48 -10.18
C LEU A 78 5.83 -5.50 -9.60
N LEU A 79 5.75 -6.74 -10.05
CA LEU A 79 6.60 -7.82 -9.53
C LEU A 79 8.10 -7.48 -9.61
N ILE A 80 8.57 -6.97 -10.73
CA ILE A 80 10.00 -6.65 -10.83
C ILE A 80 10.39 -5.64 -9.75
N PHE A 81 9.53 -4.67 -9.51
CA PHE A 81 9.80 -3.66 -8.48
C PHE A 81 9.83 -4.30 -7.10
N ALA A 82 8.85 -5.17 -6.84
CA ALA A 82 8.76 -5.85 -5.54
C ALA A 82 9.93 -6.79 -5.30
N LEU A 83 10.42 -7.42 -6.37
CA LEU A 83 11.51 -8.37 -6.25
C LEU A 83 12.73 -7.77 -5.56
N ILE A 84 12.98 -6.49 -5.78
CA ILE A 84 14.13 -5.83 -5.15
C ILE A 84 14.07 -5.93 -3.63
N LEU A 85 12.87 -5.81 -3.07
CA LEU A 85 12.72 -5.87 -1.62
C LEU A 85 13.11 -7.25 -1.07
N LEU A 86 12.65 -8.30 -1.75
CA LEU A 86 12.97 -9.66 -1.32
C LEU A 86 14.48 -9.91 -1.42
N SER A 87 15.09 -9.43 -2.49
CA SER A 87 16.51 -9.61 -2.69
C SER A 87 17.30 -8.88 -1.60
N ASP A 88 16.78 -7.73 -1.19
CA ASP A 88 17.43 -6.94 -0.15
C ASP A 88 17.78 -7.81 1.05
N GLU A 89 18.55 -7.24 1.98
CA GLU A 89 18.95 -7.97 3.18
C GLU A 89 17.76 -8.11 4.13
N LEU A 90 17.78 -9.17 4.94
CA LEU A 90 16.71 -9.41 5.90
C LEU A 90 16.64 -8.28 6.91
N ASP A 91 15.74 -7.31 6.68
CA ASP A 91 15.59 -6.18 7.59
C ASP A 91 14.48 -6.44 8.62
N GLU A 92 14.77 -7.33 9.55
CA GLU A 92 13.81 -7.67 10.61
C GLU A 92 12.37 -7.69 10.08
N LYS A 93 11.65 -6.58 10.24
CA LYS A 93 10.26 -6.52 9.79
C LYS A 93 10.13 -7.02 8.36
N VAL A 94 11.25 -7.03 7.64
CA VAL A 94 11.26 -7.49 6.25
C VAL A 94 10.91 -8.99 6.21
N SER A 95 11.36 -9.74 7.21
CA SER A 95 11.06 -11.16 7.26
C SER A 95 9.55 -11.34 7.44
N ILE A 96 9.00 -10.55 8.35
CA ILE A 96 7.56 -10.59 8.64
C ILE A 96 6.77 -10.12 7.42
N PHE A 97 7.32 -9.16 6.68
CA PHE A 97 6.63 -8.64 5.51
C PHE A 97 6.27 -9.79 4.57
N ALA A 98 7.20 -10.71 4.40
CA ALA A 98 6.97 -11.88 3.56
C ALA A 98 5.80 -12.70 4.09
N SER A 99 5.65 -12.72 5.41
CA SER A 99 4.59 -13.50 6.05
C SER A 99 3.20 -13.17 5.52
N ARG A 100 2.93 -11.91 5.17
CA ARG A 100 1.60 -11.57 4.67
C ARG A 100 1.26 -12.41 3.45
N MET A 101 2.27 -12.70 2.65
CA MET A 101 2.06 -13.46 1.43
C MET A 101 1.36 -14.79 1.70
N THR A 102 1.79 -15.53 2.72
CA THR A 102 1.14 -16.80 3.00
C THR A 102 -0.31 -16.60 3.46
N SER A 103 -0.53 -15.65 4.36
CA SER A 103 -1.87 -15.35 4.87
C SER A 103 -2.80 -14.80 3.80
N GLY A 104 -2.28 -13.85 3.03
CA GLY A 104 -3.07 -13.18 2.00
C GLY A 104 -3.52 -14.11 0.86
N LEU A 105 -2.63 -15.00 0.41
CA LEU A 105 -2.97 -15.90 -0.71
C LEU A 105 -4.44 -16.33 -0.63
N SER A 106 -5.02 -16.73 -1.76
CA SER A 106 -6.43 -17.15 -1.79
C SER A 106 -6.62 -18.39 -2.67
N TRP A 107 -7.86 -18.84 -2.75
CA TRP A 107 -8.21 -20.02 -3.54
C TRP A 107 -7.42 -21.23 -3.10
N LYS A 108 -6.17 -21.33 -3.55
CA LYS A 108 -5.30 -22.46 -3.21
C LYS A 108 -5.81 -23.75 -3.85
N ILE A 109 -7.12 -23.97 -3.80
CA ILE A 109 -7.71 -25.16 -4.39
C ILE A 109 -7.80 -24.98 -5.92
N GLN A 110 -8.82 -24.26 -6.37
CA GLN A 110 -8.99 -24.02 -7.80
C GLN A 110 -8.09 -22.88 -8.25
N THR A 111 -8.41 -21.66 -7.82
CA THR A 111 -7.63 -20.48 -8.19
C THR A 111 -7.70 -20.24 -9.68
N LEU A 112 -7.09 -21.15 -10.43
CA LEU A 112 -7.03 -21.08 -11.89
C LEU A 112 -5.79 -20.30 -12.32
N PRO A 113 -4.63 -20.95 -12.35
CA PRO A 113 -3.34 -20.32 -12.74
C PRO A 113 -3.41 -19.51 -14.04
N SER A 114 -2.46 -19.77 -14.94
CA SER A 114 -2.41 -19.05 -16.21
C SER A 114 -2.06 -17.58 -15.95
N PHE A 115 -1.17 -17.04 -16.76
CA PHE A 115 -0.76 -15.65 -16.62
C PHE A 115 -0.27 -15.39 -15.18
N PHE A 116 -0.27 -16.43 -14.33
CA PHE A 116 0.18 -16.34 -12.93
C PHE A 116 -0.82 -15.50 -12.14
N PHE A 117 -1.76 -16.20 -11.49
CA PHE A 117 -2.82 -15.54 -10.73
C PHE A 117 -2.52 -15.41 -9.22
N GLY A 118 -2.24 -16.53 -8.54
CA GLY A 118 -1.99 -16.48 -7.09
C GLY A 118 -0.80 -15.59 -6.76
N MET A 119 0.23 -15.69 -7.58
CA MET A 119 1.42 -14.89 -7.43
C MET A 119 1.07 -13.41 -7.52
N LEU A 120 0.16 -13.12 -8.44
CA LEU A 120 -0.28 -11.76 -8.73
C LEU A 120 -0.89 -11.05 -7.52
N LEU A 121 -1.67 -11.77 -6.73
CA LEU A 121 -2.32 -11.18 -5.56
C LEU A 121 -1.28 -10.62 -4.56
N ALA A 122 -0.19 -11.35 -4.38
CA ALA A 122 0.86 -10.96 -3.45
C ALA A 122 1.49 -9.60 -3.78
N PHE A 123 1.69 -9.34 -5.07
CA PHE A 123 2.32 -8.12 -5.57
C PHE A 123 1.58 -6.81 -5.19
N LEU A 124 0.26 -6.82 -5.22
CA LEU A 124 -0.54 -5.60 -5.00
C LEU A 124 -0.31 -4.89 -3.66
N TRP A 125 -0.17 -5.62 -2.57
CA TRP A 125 0.01 -4.98 -1.25
C TRP A 125 1.24 -4.07 -1.10
N LEU A 126 2.41 -4.43 -1.66
CA LEU A 126 3.65 -3.65 -1.45
C LEU A 126 3.62 -2.18 -1.92
N PRO A 127 3.04 -1.83 -3.03
CA PRO A 127 2.97 -0.40 -3.50
C PRO A 127 2.27 0.60 -2.55
N ALA A 128 1.16 0.21 -1.93
CA ALA A 128 0.39 1.13 -1.12
C ALA A 128 1.11 1.76 0.09
N ILE A 129 0.28 1.87 1.13
CA ILE A 129 0.60 2.46 2.45
C ILE A 129 0.50 4.00 2.44
N LEU A 130 1.37 4.75 1.76
CA LEU A 130 1.25 6.20 1.85
C LEU A 130 -0.13 6.66 1.34
N PRO A 131 -0.65 6.10 0.27
CA PRO A 131 -2.06 6.37 -0.20
C PRO A 131 -3.06 5.95 0.88
N PHE A 132 -2.74 4.82 1.51
CA PHE A 132 -3.58 4.24 2.55
C PHE A 132 -3.71 5.25 3.63
N ALA A 133 -2.62 5.91 3.92
CA ALA A 133 -2.65 6.99 4.86
C ALA A 133 -3.62 8.03 4.32
N GLY A 134 -3.56 8.21 2.99
CA GLY A 134 -4.42 9.18 2.31
C GLY A 134 -5.91 8.87 2.49
N ILE A 135 -6.27 7.60 2.43
CA ILE A 135 -7.67 7.22 2.56
C ILE A 135 -8.29 7.66 3.89
N ALA A 136 -7.54 7.54 4.98
CA ALA A 136 -8.10 7.87 6.29
C ALA A 136 -8.60 9.31 6.39
N ILE A 137 -7.87 10.28 5.85
CA ILE A 137 -8.36 11.65 5.92
C ILE A 137 -9.72 11.74 5.21
N SER A 138 -9.81 11.05 4.07
CA SER A 138 -11.03 11.01 3.28
C SER A 138 -12.20 10.44 4.08
N GLN A 139 -11.90 9.41 4.86
CA GLN A 139 -12.93 8.71 5.63
C GLN A 139 -13.64 9.63 6.62
N THR A 140 -12.90 10.53 7.26
CA THR A 140 -13.52 11.45 8.22
C THR A 140 -14.57 12.30 7.52
N LEU A 141 -14.27 12.74 6.30
CA LEU A 141 -15.19 13.56 5.52
C LEU A 141 -16.18 12.68 4.76
N LEU A 142 -17.34 12.43 5.37
CA LEU A 142 -18.36 11.59 4.74
C LEU A 142 -17.92 10.12 4.73
N SER A 143 -18.89 9.21 4.70
CA SER A 143 -18.59 7.78 4.68
C SER A 143 -18.01 7.35 6.04
N GLU A 144 -18.57 6.27 6.59
CA GLU A 144 -18.09 5.77 7.88
C GLU A 144 -18.73 4.42 8.21
N ASN A 145 -17.92 3.51 8.76
CA ASN A 145 -18.41 2.18 9.14
C ASN A 145 -17.58 1.61 10.31
N PRO A 146 -18.20 1.00 11.30
CA PRO A 146 -17.46 0.43 12.48
C PRO A 146 -16.18 -0.35 12.16
N LEU A 147 -16.33 -1.46 11.44
CA LEU A 147 -15.20 -2.35 11.15
C LEU A 147 -14.08 -1.71 10.31
N VAL A 148 -14.41 -0.99 9.25
CA VAL A 148 -13.38 -0.38 8.43
C VAL A 148 -12.64 0.66 9.23
N MET A 149 -13.40 1.49 9.94
CA MET A 149 -12.82 2.54 10.78
C MET A 149 -12.01 1.93 11.91
N LEU A 150 -12.57 0.92 12.56
CA LEU A 150 -11.87 0.27 13.64
C LEU A 150 -10.56 -0.30 13.13
N SER A 151 -10.63 -0.96 11.97
CA SER A 151 -9.44 -1.54 11.37
C SER A 151 -8.43 -0.46 10.98
N TYR A 152 -8.93 0.61 10.35
CA TYR A 152 -8.09 1.70 9.91
C TYR A 152 -7.45 2.44 11.08
N GLY A 153 -8.24 2.72 12.10
CA GLY A 153 -7.76 3.49 13.24
C GLY A 153 -6.54 2.89 13.93
N LEU A 154 -6.53 1.59 14.19
CA LEU A 154 -5.37 1.02 14.87
C LEU A 154 -4.11 1.12 14.01
N GLY A 155 -4.24 0.76 12.74
CA GLY A 155 -3.10 0.86 11.83
C GLY A 155 -2.68 2.30 11.61
N MET A 156 -3.70 3.13 11.38
CA MET A 156 -3.53 4.55 11.11
C MET A 156 -2.95 5.36 12.26
N ALA A 157 -3.41 5.09 13.47
CA ALA A 157 -2.95 5.90 14.61
C ALA A 157 -1.47 5.75 14.91
N VAL A 158 -0.95 4.54 14.92
CA VAL A 158 0.48 4.40 15.21
C VAL A 158 1.36 5.01 14.12
N THR A 159 1.02 4.72 12.86
CA THR A 159 1.79 5.21 11.72
C THR A 159 1.76 6.72 11.51
N ILE A 160 0.58 7.28 11.61
CA ILE A 160 0.37 8.71 11.36
C ILE A 160 1.17 9.58 12.31
N ALA A 161 1.29 9.17 13.56
CA ALA A 161 2.01 9.98 14.54
C ALA A 161 3.49 10.09 14.19
N ALA A 162 4.11 8.98 13.82
CA ALA A 162 5.53 8.98 13.49
C ALA A 162 5.85 9.82 12.25
N VAL A 163 5.06 9.66 11.20
CA VAL A 163 5.31 10.39 9.96
C VAL A 163 5.13 11.89 10.16
N PHE A 164 4.19 12.28 11.00
CA PHE A 164 3.94 13.72 11.21
C PHE A 164 5.25 14.39 11.62
N LYS A 165 6.06 13.66 12.36
CA LYS A 165 7.36 14.17 12.82
C LYS A 165 8.21 14.64 11.64
N MET A 166 8.08 13.97 10.50
CA MET A 166 8.90 14.30 9.33
C MET A 166 8.78 15.77 8.93
N GLY A 167 7.59 16.35 9.02
CA GLY A 167 7.43 17.75 8.67
C GLY A 167 8.50 18.61 9.33
N GLU A 168 9.23 18.02 10.28
CA GLU A 168 10.30 18.72 10.99
C GLU A 168 11.66 18.20 10.57
N LYS A 169 11.95 16.94 10.91
CA LYS A 169 13.23 16.34 10.54
C LYS A 169 13.18 14.82 10.77
N PHE A 170 11.97 14.26 10.74
CA PHE A 170 11.79 12.83 10.93
C PHE A 170 12.63 12.35 12.13
N VAL A 171 12.94 11.05 12.17
CA VAL A 171 13.72 10.48 13.26
C VAL A 171 15.06 9.95 12.76
N LYS A 172 15.83 9.32 13.64
CA LYS A 172 17.13 8.77 13.27
C LYS A 172 16.95 7.43 12.54
N ALA A 173 16.08 6.60 13.09
CA ALA A 173 15.80 5.29 12.50
C ALA A 173 15.13 4.42 13.57
N ASN A 174 14.15 5.01 14.22
CA ASN A 174 13.41 4.38 15.27
C ASN A 174 12.86 3.05 14.81
N PHE A 175 13.37 2.06 15.44
CA PHE A 175 12.99 0.68 15.18
C PHE A 175 11.49 0.48 15.37
N GLN A 176 10.91 1.14 16.37
CA GLN A 176 9.48 1.02 16.67
C GLN A 176 8.64 1.41 15.44
N LEU A 177 9.09 2.43 14.72
CA LEU A 177 8.37 2.92 13.54
C LEU A 177 8.17 1.81 12.51
N ILE A 178 9.15 0.94 12.35
CA ILE A 178 9.02 -0.12 11.36
C ILE A 178 7.76 -0.94 11.66
N ARG A 179 7.49 -1.15 12.94
CA ARG A 179 6.31 -1.91 13.33
C ARG A 179 5.04 -1.26 12.76
N LYS A 180 4.99 0.07 12.75
CA LYS A 180 3.82 0.79 12.23
C LYS A 180 3.59 0.41 10.75
N VAL A 181 4.67 0.24 10.02
CA VAL A 181 4.59 -0.10 8.61
C VAL A 181 3.85 -1.40 8.37
N THR A 182 4.07 -2.38 9.22
CA THR A 182 3.42 -3.65 9.02
C THR A 182 1.90 -3.55 9.10
N GLY A 183 1.38 -2.80 10.06
CA GLY A 183 -0.06 -2.70 10.17
C GLY A 183 -0.77 -2.07 8.97
N ALA A 184 -0.22 -0.98 8.42
CA ALA A 184 -0.90 -0.36 7.30
C ALA A 184 -1.02 -1.26 6.08
N ILE A 185 0.06 -1.98 5.77
CA ILE A 185 0.05 -2.85 4.61
C ILE A 185 -0.96 -4.01 4.70
N VAL A 186 -1.06 -4.68 5.87
CA VAL A 186 -1.99 -5.82 6.02
C VAL A 186 -3.46 -5.44 5.83
N LEU A 187 -3.84 -4.29 6.39
CA LEU A 187 -5.24 -3.84 6.36
C LEU A 187 -5.79 -3.60 4.95
N LEU A 188 -4.99 -3.08 4.04
CA LEU A 188 -5.53 -2.74 2.72
C LEU A 188 -6.15 -3.94 2.01
N TYR A 189 -5.52 -5.11 2.06
CA TYR A 189 -6.13 -6.24 1.37
C TYR A 189 -7.48 -6.59 1.97
N LEU A 190 -7.57 -6.58 3.29
CA LEU A 190 -8.82 -6.91 3.95
C LEU A 190 -9.92 -5.91 3.60
N ALA A 191 -9.58 -4.63 3.58
CA ALA A 191 -10.57 -3.59 3.27
C ALA A 191 -11.14 -3.75 1.86
N TYR A 192 -10.26 -4.04 0.89
CA TYR A 192 -10.72 -4.20 -0.49
C TYR A 192 -11.69 -5.38 -0.59
N PHE A 193 -11.36 -6.47 0.10
CA PHE A 193 -12.21 -7.67 0.09
C PHE A 193 -13.58 -7.35 0.67
N ALA A 194 -13.60 -6.58 1.75
CA ALA A 194 -14.85 -6.22 2.43
C ALA A 194 -15.97 -5.99 1.41
N LEU A 195 -16.90 -6.94 1.35
CA LEU A 195 -18.02 -6.83 0.42
C LEU A 195 -18.83 -5.58 0.73
N THR A 196 -19.85 -5.31 -0.08
CA THR A 196 -20.69 -4.14 0.11
C THR A 196 -19.84 -2.87 0.01
N GLU A 197 -20.34 -1.79 0.65
CA GLU A 197 -19.66 -0.48 0.66
C GLU A 197 -18.54 -0.37 -0.38
N VAL A 198 -18.80 0.39 -1.43
CA VAL A 198 -17.82 0.58 -2.50
C VAL A 198 -18.28 1.68 -3.45
N LEU A 199 -17.32 2.44 -3.98
CA LEU A 199 -17.62 3.53 -4.91
C LEU A 199 -18.77 3.17 -5.83
N LEU A 200 -19.99 3.46 -5.41
CA LEU A 200 -21.19 3.17 -6.21
C LEU A 200 -21.55 4.37 -7.08
N LEU A 201 -21.41 4.21 -8.39
CA LEU A 201 -21.72 5.29 -9.32
C LEU A 201 -21.91 4.74 -10.73
N GLU A 202 -23.16 4.40 -11.07
CA GLU A 202 -23.47 3.87 -12.40
C GLU A 202 -24.43 4.80 -13.13
N GLN A 11 -11.81 14.31 -2.20
CA GLN A 11 -10.35 14.27 -2.45
C GLN A 11 -10.09 13.53 -3.77
N LEU A 12 -9.01 13.91 -4.45
CA LEU A 12 -8.65 13.29 -5.72
C LEU A 12 -7.20 13.63 -6.07
N MET A 13 -6.37 13.76 -5.03
CA MET A 13 -4.95 14.08 -5.22
C MET A 13 -4.10 13.27 -4.24
N ALA A 14 -4.40 11.99 -4.13
CA ALA A 14 -3.67 11.11 -3.21
C ALA A 14 -2.19 11.08 -3.57
N PHE A 15 -1.89 11.05 -4.86
CA PHE A 15 -0.53 11.02 -5.32
C PHE A 15 0.25 12.23 -4.79
N ALA A 16 -0.40 13.39 -4.82
CA ALA A 16 0.21 14.63 -4.35
C ALA A 16 0.54 14.53 -2.86
N LEU A 17 -0.35 13.90 -2.10
CA LEU A 17 -0.16 13.76 -0.66
C LEU A 17 1.15 13.03 -0.37
N GLY A 18 1.44 11.98 -1.13
CA GLY A 18 2.68 11.23 -0.91
C GLY A 18 3.90 12.14 -1.04
N ILE A 19 3.84 13.06 -1.99
CA ILE A 19 4.94 13.99 -2.21
C ILE A 19 5.23 14.78 -0.94
N LEU A 20 4.17 15.12 -0.23
CA LEU A 20 4.28 15.89 1.01
C LEU A 20 5.17 15.17 2.02
N SER A 21 5.06 13.84 2.07
CA SER A 21 5.85 13.04 2.98
C SER A 21 7.33 13.22 2.67
N VAL A 22 7.60 13.21 1.38
CA VAL A 22 8.96 13.38 0.88
C VAL A 22 9.51 14.74 1.28
N PHE A 23 8.62 15.76 1.25
CA PHE A 23 8.97 17.15 1.57
C PHE A 23 10.33 17.28 2.24
N SER A 24 10.52 16.57 3.34
CA SER A 24 11.82 16.61 4.07
C SER A 24 12.57 15.28 3.91
N PRO A 25 13.88 15.29 3.95
CA PRO A 25 14.72 14.05 3.81
C PRO A 25 14.85 13.27 5.13
N ALA A 26 15.87 12.42 5.19
CA ALA A 26 16.15 11.62 6.38
C ALA A 26 17.49 10.90 6.23
N VAL A 27 17.45 9.58 6.26
CA VAL A 27 18.67 8.78 6.12
C VAL A 27 19.10 8.75 4.64
N LEU A 28 20.25 8.16 4.34
CA LEU A 28 20.71 8.11 2.95
C LEU A 28 19.71 7.31 2.10
N PRO A 29 19.62 6.01 2.28
CA PRO A 29 18.67 5.18 1.49
C PRO A 29 17.22 5.72 1.54
N VAL A 30 16.77 6.10 2.74
CA VAL A 30 15.41 6.64 2.94
C VAL A 30 14.40 6.13 1.89
N VAL A 31 14.14 4.82 1.93
CA VAL A 31 13.16 4.21 1.03
C VAL A 31 12.91 2.73 1.35
N PRO A 32 13.88 1.99 1.86
CA PRO A 32 13.70 0.55 2.18
C PRO A 32 13.42 0.31 3.67
N LEU A 33 13.66 1.32 4.49
CA LEU A 33 13.46 1.20 5.94
C LEU A 33 12.20 1.94 6.39
N ILE A 34 11.99 3.15 5.88
CA ILE A 34 10.82 3.95 6.26
C ILE A 34 10.21 4.63 5.04
N PHE A 35 8.91 4.41 4.83
CA PHE A 35 8.21 5.01 3.70
C PHE A 35 8.55 6.50 3.62
N ALA A 36 9.63 6.79 2.91
CA ALA A 36 10.09 8.17 2.76
C ALA A 36 10.95 8.28 1.51
N GLY A 37 11.34 9.51 1.16
CA GLY A 37 12.14 9.71 -0.06
C GLY A 37 12.95 11.00 0.00
N SER A 38 13.95 11.08 -0.88
CA SER A 38 14.81 12.24 -0.97
C SER A 38 15.58 12.22 -2.29
N ARG A 39 16.78 12.83 -2.29
CA ARG A 39 17.61 12.86 -3.49
C ARG A 39 16.76 13.12 -4.74
N GLY A 40 16.43 12.05 -5.47
CA GLY A 40 15.63 12.18 -6.69
C GLY A 40 15.08 10.85 -7.15
N ARG A 41 15.91 9.81 -7.12
CA ARG A 41 15.48 8.49 -7.55
C ARG A 41 14.35 7.99 -6.65
N ALA A 42 14.46 8.29 -5.37
CA ALA A 42 13.45 7.89 -4.39
C ALA A 42 12.07 8.42 -4.76
N LEU A 43 12.01 9.63 -5.28
CA LEU A 43 10.72 10.23 -5.64
C LEU A 43 10.02 9.32 -6.66
N ASP A 44 10.78 8.73 -7.57
CA ASP A 44 10.21 7.82 -8.55
C ASP A 44 9.51 6.68 -7.84
N ALA A 45 10.11 6.22 -6.74
CA ALA A 45 9.54 5.13 -5.95
C ALA A 45 8.15 5.50 -5.43
N PHE A 46 7.99 6.75 -5.05
CA PHE A 46 6.71 7.23 -4.53
C PHE A 46 5.58 7.01 -5.54
N LEU A 47 5.89 7.19 -6.81
CA LEU A 47 4.89 7.04 -7.86
C LEU A 47 4.27 5.65 -7.84
N ILE A 48 5.08 4.62 -7.55
CA ILE A 48 4.54 3.25 -7.54
C ILE A 48 3.38 3.12 -6.55
N VAL A 49 3.49 3.80 -5.40
CA VAL A 49 2.40 3.75 -4.40
C VAL A 49 1.10 4.23 -5.06
N ALA A 50 1.23 5.29 -5.84
CA ALA A 50 0.15 5.86 -6.61
C ALA A 50 -0.39 4.86 -7.64
N GLY A 51 0.52 4.10 -8.24
CA GLY A 51 0.19 3.19 -9.33
C GLY A 51 -0.87 2.14 -9.02
N LEU A 52 -0.84 1.52 -7.85
CA LEU A 52 -1.83 0.49 -7.57
C LEU A 52 -3.26 1.02 -7.58
N THR A 53 -3.44 2.23 -7.06
CA THR A 53 -4.77 2.82 -6.94
C THR A 53 -5.51 3.03 -8.27
N ILE A 54 -4.84 3.51 -9.31
CA ILE A 54 -5.58 3.78 -10.55
C ILE A 54 -6.22 2.53 -11.17
N SER A 55 -5.48 1.41 -11.23
CA SER A 55 -6.08 0.18 -11.77
C SER A 55 -7.26 -0.26 -10.92
N MET A 56 -6.99 -0.14 -9.64
CA MET A 56 -7.90 -0.53 -8.57
C MET A 56 -9.23 0.24 -8.53
N LEU A 57 -9.20 1.55 -8.75
CA LEU A 57 -10.43 2.34 -8.68
C LEU A 57 -11.44 1.79 -9.69
N ILE A 58 -10.90 1.39 -10.83
CA ILE A 58 -11.69 0.82 -11.92
C ILE A 58 -12.48 -0.42 -11.46
N LEU A 59 -11.88 -1.24 -10.60
CA LEU A 59 -12.55 -2.45 -10.14
C LEU A 59 -13.88 -2.07 -9.50
N GLY A 60 -13.88 -0.97 -8.78
CA GLY A 60 -15.12 -0.50 -8.16
C GLY A 60 -16.26 -0.56 -9.18
N TYR A 61 -15.88 -0.54 -10.46
CA TYR A 61 -16.85 -0.60 -11.54
C TYR A 61 -16.14 -0.92 -12.86
N THR A 62 -15.59 -2.12 -12.95
CA THR A 62 -14.87 -2.55 -14.15
C THR A 62 -15.66 -2.20 -15.41
N ALA A 63 -14.93 -1.83 -16.47
CA ALA A 63 -15.57 -1.48 -17.75
C ALA A 63 -15.19 -2.50 -18.82
N SER A 64 -16.17 -2.86 -19.65
CA SER A 64 -15.92 -3.83 -20.72
C SER A 64 -15.29 -3.14 -21.92
N LEU A 65 -14.50 -2.11 -21.65
CA LEU A 65 -13.83 -1.36 -22.71
C LEU A 65 -12.77 -0.44 -22.12
N PHE A 66 -12.06 -0.93 -21.10
CA PHE A 66 -11.01 -0.15 -20.44
C PHE A 66 -9.78 -1.03 -20.22
N PHE A 67 -9.83 -2.22 -20.78
CA PHE A 67 -8.76 -3.16 -20.65
C PHE A 67 -8.64 -3.62 -19.20
N GLY A 68 -9.57 -4.48 -18.80
CA GLY A 68 -9.60 -5.04 -17.44
C GLY A 68 -8.27 -5.69 -17.12
N PHE A 69 -7.67 -6.29 -18.14
CA PHE A 69 -6.40 -6.99 -18.01
C PHE A 69 -5.32 -6.10 -17.40
N PHE A 70 -5.35 -4.80 -17.70
CA PHE A 70 -4.32 -3.90 -17.20
C PHE A 70 -4.21 -3.98 -15.69
N ARG A 71 -5.33 -4.10 -15.01
CA ARG A 71 -5.27 -4.16 -13.57
C ARG A 71 -4.53 -5.39 -13.08
N VAL A 72 -4.87 -6.54 -13.66
CA VAL A 72 -4.23 -7.80 -13.25
C VAL A 72 -2.73 -7.86 -13.56
N VAL A 73 -2.35 -7.46 -14.77
CA VAL A 73 -0.93 -7.50 -15.13
C VAL A 73 -0.09 -6.52 -14.31
N ALA A 74 -0.67 -5.38 -13.98
CA ALA A 74 0.05 -4.35 -13.24
C ALA A 74 0.64 -4.94 -11.97
N MET A 75 -0.06 -5.87 -11.36
CA MET A 75 0.46 -6.48 -10.15
C MET A 75 1.84 -7.10 -10.43
N LEU A 76 2.01 -7.64 -11.63
CA LEU A 76 3.29 -8.27 -12.01
C LEU A 76 4.46 -7.28 -11.90
N PHE A 77 4.26 -6.07 -12.41
CA PHE A 77 5.32 -5.05 -12.38
C PHE A 77 5.77 -4.76 -10.96
N LEU A 78 4.80 -4.64 -10.06
CA LEU A 78 5.07 -4.33 -8.66
C LEU A 78 6.00 -5.36 -8.02
N LEU A 79 5.88 -6.63 -8.42
CA LEU A 79 6.72 -7.68 -7.85
C LEU A 79 8.20 -7.34 -7.97
N ILE A 80 8.58 -6.72 -9.07
CA ILE A 80 9.99 -6.37 -9.29
C ILE A 80 10.53 -5.49 -8.16
N PHE A 81 9.75 -4.48 -7.76
CA PHE A 81 10.20 -3.58 -6.70
C PHE A 81 10.34 -4.31 -5.36
N ALA A 82 9.35 -5.12 -5.02
CA ALA A 82 9.38 -5.86 -3.75
C ALA A 82 10.51 -6.88 -3.69
N LEU A 83 10.80 -7.49 -4.83
CA LEU A 83 11.85 -8.51 -4.91
C LEU A 83 13.20 -7.98 -4.39
N ILE A 84 13.48 -6.71 -4.63
CA ILE A 84 14.74 -6.13 -4.19
C ILE A 84 14.92 -6.19 -2.68
N LEU A 85 13.84 -5.99 -1.93
CA LEU A 85 13.93 -6.01 -0.47
C LEU A 85 14.31 -7.40 0.05
N LEU A 86 13.67 -8.42 -0.49
CA LEU A 86 13.95 -9.80 -0.05
C LEU A 86 15.39 -10.20 -0.40
N SER A 87 15.87 -9.72 -1.54
CA SER A 87 17.23 -10.06 -1.98
C SER A 87 18.26 -9.73 -0.90
N ASP A 88 18.00 -8.64 -0.17
CA ASP A 88 18.91 -8.17 0.91
C ASP A 88 19.81 -9.27 1.45
N GLU A 89 19.50 -9.72 2.66
CA GLU A 89 20.29 -10.78 3.31
C GLU A 89 19.39 -11.64 4.18
N LEU A 90 18.97 -11.09 5.29
CA LEU A 90 18.09 -11.80 6.22
C LEU A 90 17.61 -10.85 7.31
N ASP A 91 16.61 -10.04 6.98
CA ASP A 91 16.04 -9.07 7.92
C ASP A 91 14.71 -9.57 8.48
N GLU A 92 14.19 -8.83 9.46
CA GLU A 92 12.90 -9.16 10.07
C GLU A 92 11.86 -8.20 9.53
N LYS A 93 10.59 -8.46 9.82
CA LYS A 93 9.52 -7.61 9.29
C LYS A 93 9.39 -7.89 7.80
N VAL A 94 10.52 -8.10 7.13
CA VAL A 94 10.51 -8.42 5.70
C VAL A 94 9.84 -9.78 5.50
N SER A 95 10.10 -10.70 6.43
CA SER A 95 9.56 -12.07 6.35
C SER A 95 8.02 -12.11 6.34
N ILE A 96 7.38 -11.35 7.22
CA ILE A 96 5.91 -11.34 7.27
C ILE A 96 5.31 -11.00 5.91
N PHE A 97 5.99 -10.14 5.14
CA PHE A 97 5.47 -9.75 3.84
C PHE A 97 5.21 -11.03 3.03
N ALA A 98 6.14 -11.97 3.11
CA ALA A 98 5.96 -13.22 2.41
C ALA A 98 4.77 -13.96 3.03
N SER A 99 4.65 -13.83 4.35
CA SER A 99 3.56 -14.47 5.10
C SER A 99 2.20 -13.90 4.70
N ARG A 100 2.15 -12.59 4.41
CA ARG A 100 0.89 -11.97 4.02
C ARG A 100 0.35 -12.64 2.77
N MET A 101 1.28 -13.04 1.89
CA MET A 101 0.89 -13.71 0.65
C MET A 101 0.00 -14.91 0.94
N THR A 102 0.41 -15.72 1.92
CA THR A 102 -0.34 -16.91 2.27
C THR A 102 -1.71 -16.57 2.85
N SER A 103 -1.75 -15.59 3.76
CA SER A 103 -3.02 -15.20 4.37
C SER A 103 -3.97 -14.59 3.33
N GLY A 104 -3.41 -13.71 2.51
CA GLY A 104 -4.18 -13.04 1.47
C GLY A 104 -4.69 -14.00 0.41
N LEU A 105 -3.85 -15.00 0.07
CA LEU A 105 -4.19 -15.96 -0.98
C LEU A 105 -5.68 -16.31 -0.93
N SER A 106 -6.22 -16.75 -2.07
CA SER A 106 -7.64 -17.11 -2.16
C SER A 106 -7.83 -18.36 -3.00
N TRP A 107 -8.93 -19.07 -2.76
CA TRP A 107 -9.22 -20.29 -3.51
C TRP A 107 -8.10 -21.31 -3.32
N LYS A 108 -8.47 -22.58 -3.27
CA LYS A 108 -7.51 -23.67 -3.09
C LYS A 108 -7.99 -24.93 -3.78
N ILE A 109 -9.30 -25.17 -3.72
CA ILE A 109 -9.88 -26.34 -4.35
C ILE A 109 -9.56 -26.37 -5.84
N GLN A 110 -10.14 -25.41 -6.57
CA GLN A 110 -9.90 -25.32 -8.00
C GLN A 110 -8.61 -24.57 -8.29
N THR A 111 -8.51 -23.99 -9.48
CA THR A 111 -7.30 -23.24 -9.85
C THR A 111 -7.67 -22.08 -10.78
N LEU A 112 -7.48 -20.86 -10.28
CA LEU A 112 -7.79 -19.67 -11.08
C LEU A 112 -6.87 -19.63 -12.30
N PRO A 113 -7.31 -19.03 -13.39
CA PRO A 113 -6.48 -18.93 -14.62
C PRO A 113 -5.00 -18.74 -14.33
N SER A 114 -4.15 -19.16 -15.27
CA SER A 114 -2.71 -19.04 -15.11
C SER A 114 -2.30 -17.59 -14.87
N PHE A 115 -1.44 -17.07 -15.75
CA PHE A 115 -0.97 -15.71 -15.66
C PHE A 115 -0.67 -15.33 -14.19
N PHE A 116 -0.52 -16.35 -13.34
CA PHE A 116 -0.25 -16.13 -11.94
C PHE A 116 -1.22 -15.09 -11.38
N PHE A 117 -2.47 -15.53 -11.20
CA PHE A 117 -3.51 -14.63 -10.71
C PHE A 117 -3.39 -14.39 -9.20
N GLY A 118 -3.42 -15.45 -8.41
CA GLY A 118 -3.34 -15.32 -6.95
C GLY A 118 -2.05 -14.62 -6.51
N MET A 119 -0.95 -14.96 -7.17
CA MET A 119 0.33 -14.37 -6.84
C MET A 119 0.29 -12.85 -7.04
N LEU A 120 -0.37 -12.44 -8.11
CA LEU A 120 -0.47 -11.02 -8.45
C LEU A 120 -1.17 -10.23 -7.33
N LEU A 121 -2.20 -10.80 -6.73
CA LEU A 121 -2.95 -10.11 -5.66
C LEU A 121 -2.06 -9.77 -4.47
N ALA A 122 -1.16 -10.69 -4.12
CA ALA A 122 -0.25 -10.49 -3.00
C ALA A 122 0.65 -9.26 -3.24
N PHE A 123 1.07 -9.11 -4.47
CA PHE A 123 1.95 -8.03 -4.90
C PHE A 123 1.34 -6.64 -4.66
N LEU A 124 0.04 -6.51 -4.88
CA LEU A 124 -0.62 -5.19 -4.81
C LEU A 124 -0.50 -4.49 -3.44
N TRP A 125 -0.62 -5.18 -2.32
CA TRP A 125 -0.54 -4.49 -1.02
C TRP A 125 0.80 -3.74 -0.70
N LEU A 126 1.96 -4.30 -1.04
CA LEU A 126 3.27 -3.67 -0.63
C LEU A 126 3.50 -2.24 -1.16
N PRO A 127 3.16 -1.93 -2.37
CA PRO A 127 3.36 -0.58 -2.95
C PRO A 127 2.65 0.55 -2.21
N ALA A 128 1.40 0.34 -1.73
CA ALA A 128 0.66 1.41 -1.11
C ALA A 128 1.18 1.87 0.27
N ILE A 129 0.18 2.32 1.02
CA ILE A 129 0.25 2.85 2.40
C ILE A 129 -0.32 4.29 2.48
N LEU A 130 0.46 5.30 2.07
CA LEU A 130 0.01 6.69 2.22
C LEU A 130 -1.30 7.02 1.47
N PRO A 131 -1.53 6.57 0.25
CA PRO A 131 -2.84 6.85 -0.43
C PRO A 131 -3.98 6.27 0.39
N PHE A 132 -3.71 5.07 0.91
CA PHE A 132 -4.69 4.37 1.72
C PHE A 132 -4.99 5.25 2.92
N ALA A 133 -3.93 5.83 3.41
CA ALA A 133 -4.05 6.75 4.50
C ALA A 133 -4.96 7.89 4.05
N GLY A 134 -4.78 8.29 2.79
CA GLY A 134 -5.59 9.39 2.25
C GLY A 134 -7.09 9.06 2.29
N ILE A 135 -7.46 7.82 1.96
CA ILE A 135 -8.87 7.44 1.98
C ILE A 135 -9.50 7.59 3.38
N ALA A 136 -8.73 7.24 4.42
CA ALA A 136 -9.26 7.26 5.79
C ALA A 136 -9.73 8.65 6.24
N ILE A 137 -9.01 9.71 5.90
CA ILE A 137 -9.47 11.03 6.31
C ILE A 137 -10.85 11.29 5.73
N SER A 138 -11.05 10.87 4.49
CA SER A 138 -12.34 11.02 3.79
C SER A 138 -13.46 10.29 4.54
N GLN A 139 -13.12 9.12 5.05
CA GLN A 139 -14.07 8.27 5.77
C GLN A 139 -14.65 8.97 7.02
N THR A 140 -13.82 9.72 7.74
CA THR A 140 -14.28 10.35 8.98
C THR A 140 -15.45 11.31 8.74
N LEU A 141 -15.43 12.09 7.66
CA LEU A 141 -16.55 13.00 7.37
C LEU A 141 -17.51 12.31 6.39
N LEU A 142 -18.80 12.31 6.71
CA LEU A 142 -19.80 11.66 5.88
C LEU A 142 -19.48 10.17 5.73
N SER A 143 -20.52 9.35 5.67
CA SER A 143 -20.34 7.91 5.56
C SER A 143 -19.93 7.32 6.91
N GLU A 144 -20.06 6.01 7.05
CA GLU A 144 -19.70 5.33 8.31
C GLU A 144 -19.30 3.89 8.06
N ASN A 145 -18.21 3.47 8.71
CA ASN A 145 -17.71 2.11 8.57
C ASN A 145 -16.81 1.76 9.75
N PRO A 146 -17.39 1.59 10.92
CA PRO A 146 -16.63 1.27 12.17
C PRO A 146 -15.53 0.23 11.98
N LEU A 147 -15.86 -0.89 11.33
CA LEU A 147 -14.87 -1.95 11.13
C LEU A 147 -13.64 -1.45 10.38
N VAL A 148 -13.85 -0.68 9.33
CA VAL A 148 -12.74 -0.14 8.54
C VAL A 148 -11.95 0.84 9.40
N MET A 149 -12.67 1.70 10.12
CA MET A 149 -12.04 2.70 10.99
C MET A 149 -11.29 2.02 12.13
N LEU A 150 -11.93 1.04 12.75
CA LEU A 150 -11.30 0.33 13.85
C LEU A 150 -10.06 -0.39 13.35
N SER A 151 -10.16 -1.05 12.21
CA SER A 151 -9.03 -1.77 11.65
C SER A 151 -7.93 -0.78 11.25
N TYR A 152 -8.34 0.31 10.60
CA TYR A 152 -7.44 1.34 10.16
C TYR A 152 -6.78 2.06 11.33
N GLY A 153 -7.57 2.34 12.35
CA GLY A 153 -7.09 3.10 13.50
C GLY A 153 -5.83 2.52 14.14
N LEU A 154 -5.78 1.21 14.38
CA LEU A 154 -4.58 0.68 15.02
C LEU A 154 -3.34 0.86 14.14
N GLY A 155 -3.47 0.53 12.86
CA GLY A 155 -2.37 0.72 11.92
C GLY A 155 -2.04 2.20 11.73
N MET A 156 -3.12 2.97 11.55
CA MET A 156 -3.05 4.41 11.28
C MET A 156 -2.48 5.26 12.41
N ALA A 157 -2.92 5.02 13.63
CA ALA A 157 -2.46 5.87 14.72
C ALA A 157 -0.97 5.76 14.98
N VAL A 158 -0.44 4.54 15.03
CA VAL A 158 0.99 4.39 15.27
C VAL A 158 1.87 4.94 14.13
N THR A 159 1.49 4.60 12.90
CA THR A 159 2.26 5.00 11.71
C THR A 159 2.29 6.49 11.42
N ILE A 160 1.13 7.10 11.53
CA ILE A 160 0.97 8.51 11.22
C ILE A 160 1.81 9.40 12.12
N ALA A 161 1.96 9.00 13.38
CA ALA A 161 2.72 9.81 14.33
C ALA A 161 4.18 9.94 13.92
N ALA A 162 4.78 8.87 13.41
CA ALA A 162 6.18 8.92 13.04
C ALA A 162 6.45 9.88 11.88
N VAL A 163 5.62 9.81 10.85
CA VAL A 163 5.79 10.69 9.70
C VAL A 163 5.58 12.15 10.05
N PHE A 164 4.67 12.44 10.97
CA PHE A 164 4.41 13.82 11.33
C PHE A 164 5.72 14.50 11.74
N LYS A 165 6.59 13.75 12.39
CA LYS A 165 7.88 14.27 12.82
C LYS A 165 8.68 14.75 11.61
N MET A 166 8.53 14.05 10.48
CA MET A 166 9.25 14.38 9.26
C MET A 166 9.04 15.82 8.83
N GLY A 167 7.79 16.28 8.88
CA GLY A 167 7.46 17.65 8.46
C GLY A 167 8.58 18.63 8.79
N GLU A 168 9.19 18.47 9.95
CA GLU A 168 10.30 19.32 10.36
C GLU A 168 11.62 18.66 10.01
N LYS A 169 11.76 17.40 10.41
CA LYS A 169 12.97 16.63 10.13
C LYS A 169 12.81 15.21 10.65
N PHE A 170 12.78 14.24 9.74
CA PHE A 170 12.63 12.84 10.15
C PHE A 170 13.72 12.49 11.16
N VAL A 171 13.74 11.23 11.59
CA VAL A 171 14.75 10.77 12.56
C VAL A 171 15.81 9.94 11.82
N LYS A 172 16.94 9.70 12.48
CA LYS A 172 18.04 8.92 11.87
C LYS A 172 17.49 7.83 10.97
N ALA A 173 16.56 7.06 11.51
CA ALA A 173 15.92 5.99 10.77
C ALA A 173 14.90 5.34 11.68
N ASN A 174 15.32 5.15 12.93
CA ASN A 174 14.48 4.58 13.94
C ASN A 174 13.88 3.27 13.46
N PHE A 175 14.40 2.23 14.06
CA PHE A 175 14.03 0.84 13.77
C PHE A 175 12.53 0.57 13.98
N GLN A 176 11.93 1.17 14.97
CA GLN A 176 10.52 0.93 15.26
C GLN A 176 9.68 1.28 14.02
N LEU A 177 10.07 2.32 13.32
CA LEU A 177 9.36 2.80 12.13
C LEU A 177 9.22 1.74 11.05
N ILE A 178 10.20 0.89 10.81
CA ILE A 178 10.03 -0.10 9.75
C ILE A 178 8.79 -0.92 10.06
N ARG A 179 8.56 -1.18 11.33
CA ARG A 179 7.40 -1.95 11.80
C ARG A 179 6.08 -1.31 11.35
N LYS A 180 6.00 0.02 11.35
CA LYS A 180 4.76 0.70 10.97
C LYS A 180 4.31 0.29 9.56
N VAL A 181 5.24 0.09 8.63
CA VAL A 181 4.86 -0.23 7.26
C VAL A 181 4.01 -1.52 7.17
N THR A 182 4.37 -2.56 7.90
CA THR A 182 3.63 -3.82 7.82
C THR A 182 2.17 -3.69 8.25
N GLY A 183 1.87 -2.91 9.28
CA GLY A 183 0.49 -2.80 9.71
C GLY A 183 -0.40 -2.20 8.63
N ALA A 184 0.09 -1.18 7.93
CA ALA A 184 -0.71 -0.59 6.89
C ALA A 184 -1.00 -1.61 5.81
N ILE A 185 0.02 -2.39 5.45
CA ILE A 185 -0.15 -3.37 4.40
C ILE A 185 -1.20 -4.47 4.72
N VAL A 186 -1.21 -5.00 5.96
CA VAL A 186 -2.18 -6.07 6.24
C VAL A 186 -3.64 -5.63 6.12
N LEU A 187 -3.95 -4.45 6.63
CA LEU A 187 -5.32 -3.92 6.58
C LEU A 187 -5.83 -3.67 5.17
N LEU A 188 -4.95 -3.20 4.29
CA LEU A 188 -5.36 -2.83 2.95
C LEU A 188 -6.03 -3.95 2.16
N TYR A 189 -5.51 -5.16 2.21
CA TYR A 189 -6.16 -6.21 1.44
C TYR A 189 -7.59 -6.45 1.92
N LEU A 190 -7.80 -6.48 3.23
CA LEU A 190 -9.13 -6.72 3.76
C LEU A 190 -10.14 -5.66 3.34
N ALA A 191 -9.73 -4.40 3.39
CA ALA A 191 -10.63 -3.32 3.05
C ALA A 191 -11.10 -3.37 1.59
N TYR A 192 -10.18 -3.67 0.67
CA TYR A 192 -10.57 -3.74 -0.74
C TYR A 192 -11.58 -4.85 -0.97
N PHE A 193 -11.41 -5.97 -0.27
CA PHE A 193 -12.31 -7.10 -0.43
C PHE A 193 -13.76 -6.71 -0.15
N ALA A 194 -13.96 -5.89 0.87
CA ALA A 194 -15.31 -5.44 1.22
C ALA A 194 -16.03 -4.97 -0.03
N LEU A 195 -16.75 -5.88 -0.68
CA LEU A 195 -17.48 -5.53 -1.90
C LEU A 195 -18.75 -4.74 -1.57
N THR A 196 -18.58 -3.49 -1.16
CA THR A 196 -19.72 -2.65 -0.82
C THR A 196 -19.29 -1.22 -0.52
N GLU A 197 -20.21 -0.29 -0.71
CA GLU A 197 -19.94 1.12 -0.43
C GLU A 197 -18.93 1.68 -1.43
N VAL A 198 -18.80 1.02 -2.58
CA VAL A 198 -17.86 1.49 -3.61
C VAL A 198 -18.22 2.92 -4.02
N LEU A 199 -19.48 3.13 -4.35
CA LEU A 199 -19.94 4.45 -4.77
C LEU A 199 -21.46 4.44 -4.97
N LEU A 200 -22.14 5.44 -4.40
CA LEU A 200 -23.59 5.54 -4.53
C LEU A 200 -23.99 5.82 -5.98
N LEU A 201 -23.79 7.06 -6.41
CA LEU A 201 -24.15 7.46 -7.77
C LEU A 201 -25.67 7.47 -7.93
N GLU A 202 -26.28 6.28 -7.91
CA GLU A 202 -27.73 6.17 -8.05
C GLU A 202 -28.21 7.01 -9.23
N GLN A 11 -7.52 9.07 -3.95
CA GLN A 11 -8.14 10.08 -4.86
C GLN A 11 -7.09 10.56 -5.88
N LEU A 12 -7.43 11.61 -6.61
CA LEU A 12 -6.53 12.17 -7.60
C LEU A 12 -5.45 13.01 -6.90
N MET A 13 -5.76 13.48 -5.69
CA MET A 13 -4.82 14.29 -4.91
C MET A 13 -4.09 13.43 -3.88
N ALA A 14 -4.45 12.16 -3.81
CA ALA A 14 -3.82 11.24 -2.87
C ALA A 14 -2.32 11.19 -3.11
N PHE A 15 -1.93 11.25 -4.39
CA PHE A 15 -0.52 11.22 -4.76
C PHE A 15 0.21 12.38 -4.09
N ALA A 16 -0.46 13.52 -4.01
CA ALA A 16 0.14 14.70 -3.41
C ALA A 16 0.55 14.45 -1.96
N LEU A 17 -0.28 13.71 -1.22
CA LEU A 17 0.03 13.43 0.18
C LEU A 17 1.37 12.70 0.31
N GLY A 18 1.62 11.74 -0.57
CA GLY A 18 2.85 10.98 -0.52
C GLY A 18 4.09 11.89 -0.62
N ILE A 19 4.04 12.88 -1.50
CA ILE A 19 5.18 13.78 -1.70
C ILE A 19 5.57 14.48 -0.40
N LEU A 20 4.58 14.86 0.39
CA LEU A 20 4.84 15.57 1.64
C LEU A 20 5.75 14.77 2.58
N SER A 21 5.56 13.46 2.64
CA SER A 21 6.35 12.63 3.54
C SER A 21 7.83 12.70 3.19
N VAL A 22 8.11 12.66 1.91
CA VAL A 22 9.48 12.73 1.42
C VAL A 22 10.08 14.09 1.81
N PHE A 23 9.23 15.13 1.75
CA PHE A 23 9.63 16.53 2.04
C PHE A 23 10.98 16.62 2.74
N SER A 24 11.14 15.83 3.80
CA SER A 24 12.40 15.83 4.58
C SER A 24 13.13 14.50 4.41
N PRO A 25 14.44 14.48 4.58
CA PRO A 25 15.24 13.23 4.45
C PRO A 25 15.09 12.35 5.69
N ALA A 26 15.89 11.28 5.78
CA ALA A 26 15.83 10.38 6.92
C ALA A 26 17.16 9.68 7.15
N VAL A 27 17.10 8.41 7.56
CA VAL A 27 18.30 7.63 7.83
C VAL A 27 19.17 7.60 6.58
N LEU A 28 20.20 8.47 6.57
CA LEU A 28 21.14 8.58 5.42
C LEU A 28 20.83 7.59 4.29
N PRO A 29 21.02 6.30 4.49
CA PRO A 29 20.72 5.28 3.44
C PRO A 29 19.23 5.24 3.03
N VAL A 30 18.30 5.25 4.00
CA VAL A 30 16.86 5.17 3.66
C VAL A 30 16.64 4.18 2.52
N VAL A 31 15.47 4.31 1.87
CA VAL A 31 15.03 3.50 0.72
C VAL A 31 14.25 2.22 1.15
N PRO A 32 14.84 1.18 1.76
CA PRO A 32 14.05 -0.01 2.16
C PRO A 32 13.54 0.10 3.60
N LEU A 33 13.69 1.29 4.20
CA LEU A 33 13.26 1.53 5.58
C LEU A 33 12.19 2.63 5.62
N ILE A 34 11.52 2.72 6.77
CA ILE A 34 10.45 3.71 7.01
C ILE A 34 9.69 4.05 5.72
N PHE A 35 9.64 3.10 4.76
CA PHE A 35 8.95 3.35 3.49
C PHE A 35 9.26 4.79 3.05
N ALA A 36 10.41 5.26 3.52
CA ALA A 36 10.88 6.62 3.28
C ALA A 36 11.87 6.67 2.11
N GLY A 37 12.54 7.81 1.96
CA GLY A 37 13.51 8.00 0.89
C GLY A 37 13.33 9.36 0.23
N SER A 38 14.10 9.63 -0.82
CA SER A 38 14.00 10.90 -1.52
C SER A 38 14.88 10.92 -2.77
N ARG A 39 14.54 11.80 -3.71
CA ARG A 39 15.31 11.95 -4.94
C ARG A 39 15.40 10.65 -5.75
N GLY A 40 15.52 10.83 -7.06
CA GLY A 40 15.65 9.71 -8.00
C GLY A 40 14.69 8.56 -7.72
N ARG A 41 15.16 7.61 -6.91
CA ARG A 41 14.37 6.41 -6.61
C ARG A 41 13.00 6.74 -5.99
N ALA A 42 12.98 7.71 -5.10
CA ALA A 42 11.75 8.09 -4.42
C ALA A 42 10.64 8.58 -5.36
N LEU A 43 11.00 9.41 -6.34
CA LEU A 43 9.99 9.96 -7.23
C LEU A 43 9.25 8.88 -8.03
N ASP A 44 9.98 7.90 -8.53
CA ASP A 44 9.36 6.81 -9.29
C ASP A 44 8.38 6.03 -8.41
N ALA A 45 8.77 5.84 -7.16
CA ALA A 45 7.97 5.07 -6.20
C ALA A 45 6.57 5.65 -6.02
N PHE A 46 6.44 6.97 -6.01
CA PHE A 46 5.12 7.56 -5.81
C PHE A 46 4.14 7.09 -6.87
N LEU A 47 4.58 7.01 -8.12
CA LEU A 47 3.69 6.58 -9.17
C LEU A 47 3.21 5.15 -8.93
N ILE A 48 4.11 4.27 -8.50
CA ILE A 48 3.72 2.87 -8.29
C ILE A 48 2.64 2.72 -7.21
N VAL A 49 2.74 3.43 -6.08
CA VAL A 49 1.70 3.31 -5.05
C VAL A 49 0.35 3.77 -5.59
N ALA A 50 0.38 4.87 -6.34
CA ALA A 50 -0.80 5.46 -6.95
C ALA A 50 -1.47 4.52 -7.93
N GLY A 51 -0.68 3.76 -8.67
CA GLY A 51 -1.21 2.88 -9.71
C GLY A 51 -2.22 1.87 -9.16
N LEU A 52 -1.99 1.34 -7.97
CA LEU A 52 -2.92 0.36 -7.42
C LEU A 52 -4.35 0.94 -7.32
N THR A 53 -4.46 2.20 -6.91
CA THR A 53 -5.77 2.80 -6.76
C THR A 53 -6.53 2.87 -8.09
N ILE A 54 -5.85 3.23 -9.17
CA ILE A 54 -6.53 3.29 -10.47
C ILE A 54 -7.03 1.90 -10.86
N SER A 55 -6.19 0.89 -10.62
CA SER A 55 -6.56 -0.49 -10.93
C SER A 55 -7.76 -0.91 -10.08
N MET A 56 -7.71 -0.52 -8.83
CA MET A 56 -8.77 -0.84 -7.86
C MET A 56 -10.11 -0.30 -8.33
N LEU A 57 -10.10 0.91 -8.85
CA LEU A 57 -11.32 1.53 -9.32
C LEU A 57 -11.97 0.66 -10.40
N ILE A 58 -11.13 0.07 -11.25
CA ILE A 58 -11.65 -0.74 -12.34
C ILE A 58 -12.44 -1.96 -11.85
N LEU A 59 -11.96 -2.65 -10.82
CA LEU A 59 -12.70 -3.80 -10.32
C LEU A 59 -14.05 -3.33 -9.80
N GLY A 60 -14.03 -2.20 -9.09
CA GLY A 60 -15.27 -1.63 -8.54
C GLY A 60 -16.43 -1.81 -9.52
N TYR A 61 -16.38 -1.06 -10.62
CA TYR A 61 -17.43 -1.14 -11.64
C TYR A 61 -16.96 -2.01 -12.81
N THR A 62 -16.99 -3.33 -12.63
CA THR A 62 -16.56 -4.25 -13.67
C THR A 62 -17.39 -4.06 -14.93
N ALA A 63 -16.89 -3.25 -15.86
CA ALA A 63 -17.60 -3.02 -17.11
C ALA A 63 -17.19 -4.07 -18.15
N SER A 64 -17.91 -4.10 -19.27
CA SER A 64 -17.59 -5.06 -20.33
C SER A 64 -16.16 -4.85 -20.81
N LEU A 65 -15.93 -4.97 -22.11
CA LEU A 65 -14.60 -4.77 -22.65
C LEU A 65 -14.10 -3.39 -22.22
N PHE A 66 -13.53 -3.32 -21.01
CA PHE A 66 -13.03 -2.06 -20.47
C PHE A 66 -11.51 -2.11 -20.33
N PHE A 67 -11.02 -2.33 -19.14
CA PHE A 67 -9.59 -2.39 -18.90
C PHE A 67 -9.26 -3.25 -17.68
N GLY A 68 -10.08 -4.27 -17.43
CA GLY A 68 -9.83 -5.16 -16.29
C GLY A 68 -8.41 -5.71 -16.36
N PHE A 69 -7.98 -5.94 -17.59
CA PHE A 69 -6.65 -6.47 -17.88
C PHE A 69 -5.54 -5.62 -17.26
N PHE A 70 -5.74 -4.32 -17.19
CA PHE A 70 -4.68 -3.43 -16.70
C PHE A 70 -4.14 -3.83 -15.33
N ARG A 71 -5.00 -4.21 -14.42
CA ARG A 71 -4.48 -4.54 -13.09
C ARG A 71 -3.57 -5.77 -13.10
N VAL A 72 -3.94 -6.85 -13.77
CA VAL A 72 -3.09 -8.03 -13.74
C VAL A 72 -1.72 -7.84 -14.42
N VAL A 73 -1.66 -7.24 -15.61
CA VAL A 73 -0.34 -7.05 -16.25
C VAL A 73 0.57 -6.09 -15.47
N ALA A 74 -0.03 -4.96 -15.06
CA ALA A 74 0.70 -3.89 -14.37
C ALA A 74 1.45 -4.34 -13.11
N MET A 75 0.84 -5.21 -12.33
CA MET A 75 1.47 -5.66 -11.09
C MET A 75 2.87 -6.23 -11.32
N LEU A 76 3.10 -6.89 -12.44
CA LEU A 76 4.40 -7.51 -12.70
C LEU A 76 5.54 -6.48 -12.57
N PHE A 77 5.26 -5.24 -12.96
CA PHE A 77 6.27 -4.19 -12.85
C PHE A 77 6.77 -4.07 -11.41
N LEU A 78 5.86 -4.31 -10.48
CA LEU A 78 6.16 -4.26 -9.05
C LEU A 78 7.29 -5.20 -8.67
N LEU A 79 7.34 -6.35 -9.34
CA LEU A 79 8.35 -7.37 -9.03
C LEU A 79 9.77 -6.79 -9.08
N ILE A 80 10.04 -5.89 -10.01
CA ILE A 80 11.38 -5.33 -10.10
C ILE A 80 11.71 -4.59 -8.80
N PHE A 81 10.76 -3.79 -8.32
CA PHE A 81 10.93 -3.04 -7.09
C PHE A 81 11.05 -3.99 -5.89
N ALA A 82 10.18 -4.99 -5.85
CA ALA A 82 10.15 -5.96 -4.76
C ALA A 82 11.45 -6.76 -4.67
N LEU A 83 12.05 -7.04 -5.82
CA LEU A 83 13.28 -7.83 -5.86
C LEU A 83 14.37 -7.24 -4.97
N ILE A 84 14.53 -5.92 -5.00
CA ILE A 84 15.58 -5.28 -4.21
C ILE A 84 15.36 -5.43 -2.70
N LEU A 85 14.12 -5.25 -2.24
CA LEU A 85 13.83 -5.37 -0.82
C LEU A 85 14.06 -6.78 -0.30
N LEU A 86 13.59 -7.77 -1.04
CA LEU A 86 13.75 -9.16 -0.63
C LEU A 86 15.23 -9.56 -0.64
N SER A 87 15.97 -9.03 -1.59
CA SER A 87 17.40 -9.34 -1.70
C SER A 87 18.11 -9.04 -0.39
N ASP A 88 17.68 -7.99 0.31
CA ASP A 88 18.29 -7.60 1.57
C ASP A 88 18.62 -8.83 2.42
N GLU A 89 19.45 -8.64 3.44
CA GLU A 89 19.84 -9.73 4.32
C GLU A 89 18.71 -10.09 5.28
N LEU A 90 18.94 -11.13 6.09
CA LEU A 90 17.93 -11.57 7.07
C LEU A 90 17.60 -10.42 8.01
N ASP A 91 16.34 -10.00 8.00
CA ASP A 91 15.88 -8.91 8.87
C ASP A 91 14.46 -9.16 9.37
N GLU A 92 13.95 -8.22 10.14
CA GLU A 92 12.59 -8.31 10.70
C GLU A 92 11.62 -7.56 9.81
N LYS A 93 10.34 -7.88 9.94
CA LYS A 93 9.30 -7.24 9.13
C LYS A 93 9.47 -7.64 7.66
N VAL A 94 10.70 -7.83 7.21
CA VAL A 94 10.92 -8.25 5.83
C VAL A 94 10.36 -9.66 5.59
N SER A 95 10.62 -10.57 6.54
CA SER A 95 10.17 -11.96 6.40
C SER A 95 8.64 -12.11 6.38
N ILE A 96 7.96 -11.42 7.29
CA ILE A 96 6.50 -11.49 7.35
C ILE A 96 5.87 -10.94 6.07
N PHE A 97 6.50 -9.95 5.49
CA PHE A 97 5.96 -9.33 4.28
C PHE A 97 5.72 -10.43 3.26
N ALA A 98 6.65 -11.36 3.14
CA ALA A 98 6.46 -12.48 2.23
C ALA A 98 5.28 -13.32 2.70
N SER A 99 5.13 -13.42 4.01
CA SER A 99 4.04 -14.19 4.60
C SER A 99 2.67 -13.65 4.21
N ARG A 100 2.54 -12.34 4.06
CA ARG A 100 1.25 -11.76 3.72
C ARG A 100 0.69 -12.39 2.46
N MET A 101 1.57 -12.73 1.52
CA MET A 101 1.10 -13.36 0.28
C MET A 101 0.27 -14.62 0.60
N THR A 102 0.70 -15.37 1.59
CA THR A 102 0.01 -16.60 1.98
C THR A 102 -1.40 -16.32 2.52
N SER A 103 -1.51 -15.31 3.39
CA SER A 103 -2.81 -14.99 3.97
C SER A 103 -3.78 -14.52 2.91
N GLY A 104 -3.30 -13.66 2.02
CA GLY A 104 -4.13 -13.14 0.95
C GLY A 104 -4.54 -14.24 -0.03
N LEU A 105 -3.63 -15.20 -0.25
CA LEU A 105 -3.88 -16.31 -1.19
C LEU A 105 -5.37 -16.66 -1.27
N SER A 106 -5.79 -17.14 -2.44
CA SER A 106 -7.18 -17.53 -2.64
C SER A 106 -7.32 -18.46 -3.84
N TRP A 107 -8.55 -18.74 -4.24
CA TRP A 107 -8.81 -19.61 -5.37
C TRP A 107 -8.12 -20.96 -5.16
N LYS A 108 -8.92 -21.99 -4.90
CA LYS A 108 -8.38 -23.34 -4.68
C LYS A 108 -9.27 -24.38 -5.34
N ILE A 109 -10.58 -24.19 -5.22
CA ILE A 109 -11.54 -25.12 -5.82
C ILE A 109 -11.56 -24.94 -7.33
N GLN A 110 -11.49 -26.05 -8.06
CA GLN A 110 -11.49 -26.00 -9.52
C GLN A 110 -10.56 -24.91 -10.02
N THR A 111 -9.30 -24.98 -9.60
CA THR A 111 -8.30 -23.99 -10.01
C THR A 111 -8.44 -23.66 -11.49
N LEU A 112 -8.26 -22.38 -11.83
CA LEU A 112 -8.36 -21.92 -13.21
C LEU A 112 -7.01 -21.37 -13.69
N PRO A 113 -6.12 -22.23 -14.14
CA PRO A 113 -4.77 -21.80 -14.62
C PRO A 113 -4.82 -20.61 -15.58
N SER A 114 -3.95 -19.64 -15.32
CA SER A 114 -3.87 -18.44 -16.16
C SER A 114 -2.61 -17.66 -15.80
N PHE A 115 -2.73 -16.34 -15.67
CA PHE A 115 -1.58 -15.52 -15.31
C PHE A 115 -1.34 -15.66 -13.80
N PHE A 116 -1.16 -16.90 -13.34
CA PHE A 116 -0.94 -17.16 -11.91
C PHE A 116 -1.86 -16.29 -11.08
N PHE A 117 -3.16 -16.53 -11.25
CA PHE A 117 -4.20 -15.76 -10.57
C PHE A 117 -3.92 -15.53 -9.09
N GLY A 118 -3.72 -16.60 -8.34
CA GLY A 118 -3.51 -16.45 -6.89
C GLY A 118 -2.27 -15.60 -6.57
N MET A 119 -1.21 -15.80 -7.31
CA MET A 119 0.01 -15.05 -7.11
C MET A 119 -0.19 -13.54 -7.29
N LEU A 120 -0.98 -13.18 -8.28
CA LEU A 120 -1.18 -11.78 -8.65
C LEU A 120 -1.78 -10.93 -7.51
N LEU A 121 -2.73 -11.46 -6.75
CA LEU A 121 -3.35 -10.70 -5.69
C LEU A 121 -2.35 -10.23 -4.63
N ALA A 122 -1.39 -11.09 -4.30
CA ALA A 122 -0.38 -10.75 -3.29
C ALA A 122 0.44 -9.51 -3.69
N PHE A 123 0.76 -9.42 -4.97
CA PHE A 123 1.56 -8.33 -5.51
C PHE A 123 0.90 -6.95 -5.28
N LEU A 124 -0.41 -6.89 -5.43
CA LEU A 124 -1.14 -5.64 -5.36
C LEU A 124 -1.01 -4.90 -4.00
N TRP A 125 -0.99 -5.59 -2.88
CA TRP A 125 -0.91 -4.91 -1.57
C TRP A 125 0.35 -4.04 -1.30
N LEU A 126 1.54 -4.49 -1.74
CA LEU A 126 2.80 -3.76 -1.40
C LEU A 126 2.89 -2.29 -1.87
N PRO A 127 2.43 -1.93 -3.04
CA PRO A 127 2.53 -0.51 -3.53
C PRO A 127 1.81 0.51 -2.63
N ALA A 128 0.64 0.16 -2.12
CA ALA A 128 -0.14 1.06 -1.30
C ALA A 128 0.63 1.80 -0.21
N ILE A 129 -0.12 1.97 0.86
CA ILE A 129 0.27 2.61 2.11
C ILE A 129 0.11 4.16 2.10
N LEU A 130 0.93 4.95 1.39
CA LEU A 130 0.71 6.39 1.50
C LEU A 130 -0.72 6.70 1.00
N PRO A 131 -1.14 6.05 -0.05
CA PRO A 131 -2.55 6.10 -0.55
C PRO A 131 -3.50 5.57 0.52
N PHE A 132 -3.06 4.53 1.22
CA PHE A 132 -3.88 3.97 2.27
C PHE A 132 -4.11 5.09 3.25
N ALA A 133 -3.05 5.83 3.45
CA ALA A 133 -3.15 7.02 4.27
C ALA A 133 -4.15 7.98 3.62
N GLY A 134 -4.11 8.09 2.27
CA GLY A 134 -5.00 9.02 1.57
C GLY A 134 -6.49 8.74 1.77
N ILE A 135 -6.90 7.48 1.78
CA ILE A 135 -8.31 7.15 1.97
C ILE A 135 -8.84 7.64 3.32
N ALA A 136 -8.03 7.53 4.37
CA ALA A 136 -8.53 7.87 5.70
C ALA A 136 -8.98 9.33 5.83
N ILE A 137 -8.29 10.29 5.23
CA ILE A 137 -8.77 11.66 5.34
C ILE A 137 -10.17 11.75 4.72
N SER A 138 -10.35 11.07 3.60
CA SER A 138 -11.64 11.03 2.90
C SER A 138 -12.72 10.44 3.81
N GLN A 139 -12.36 9.41 4.55
CA GLN A 139 -13.31 8.72 5.43
C GLN A 139 -13.88 9.69 6.47
N THR A 140 -13.04 10.56 7.00
CA THR A 140 -13.49 11.52 8.00
C THR A 140 -14.59 12.43 7.43
N LEU A 141 -14.43 12.83 6.17
CA LEU A 141 -15.39 13.72 5.51
C LEU A 141 -16.83 13.17 5.60
N LEU A 142 -17.49 13.05 4.45
CA LEU A 142 -18.89 12.56 4.44
C LEU A 142 -18.97 11.04 4.52
N SER A 143 -17.88 10.36 4.20
CA SER A 143 -17.88 8.89 4.25
C SER A 143 -17.94 8.43 5.70
N GLU A 144 -18.47 7.23 5.93
CA GLU A 144 -18.61 6.67 7.28
C GLU A 144 -17.90 5.32 7.41
N ASN A 145 -18.68 4.27 7.65
CA ASN A 145 -18.11 2.93 7.82
C ASN A 145 -16.97 2.97 8.83
N PRO A 146 -17.28 3.26 10.07
CA PRO A 146 -16.25 3.35 11.16
C PRO A 146 -15.34 2.12 11.25
N LEU A 147 -15.72 1.03 10.61
CA LEU A 147 -14.91 -0.19 10.69
C LEU A 147 -13.53 0.00 10.05
N VAL A 148 -13.50 0.61 8.87
CA VAL A 148 -12.24 0.85 8.19
C VAL A 148 -11.40 1.83 9.00
N MET A 149 -12.06 2.89 9.46
CA MET A 149 -11.39 3.92 10.25
C MET A 149 -10.90 3.35 11.57
N LEU A 150 -11.76 2.58 12.22
CA LEU A 150 -11.40 1.99 13.50
C LEU A 150 -10.23 1.02 13.32
N SER A 151 -10.30 0.17 12.29
CA SER A 151 -9.22 -0.78 12.05
C SER A 151 -7.92 -0.05 11.69
N TYR A 152 -8.04 0.93 10.80
CA TYR A 152 -6.91 1.70 10.35
C TYR A 152 -6.32 2.54 11.48
N GLY A 153 -7.19 3.05 12.32
CA GLY A 153 -6.78 3.93 13.39
C GLY A 153 -5.72 3.36 14.33
N LEU A 154 -5.85 2.11 14.75
CA LEU A 154 -4.86 1.60 15.69
C LEU A 154 -3.46 1.50 15.08
N GLY A 155 -3.33 0.95 13.87
CA GLY A 155 -2.00 0.89 13.26
C GLY A 155 -1.47 2.29 12.96
N MET A 156 -2.35 3.08 12.37
CA MET A 156 -2.06 4.43 11.95
C MET A 156 -1.75 5.45 13.04
N ALA A 157 -2.54 5.47 14.10
CA ALA A 157 -2.37 6.50 15.11
C ALA A 157 -1.06 6.48 15.90
N VAL A 158 -0.64 5.32 16.38
CA VAL A 158 0.60 5.28 17.17
C VAL A 158 1.84 5.65 16.35
N THR A 159 1.90 5.04 15.18
CA THR A 159 3.02 5.21 14.27
C THR A 159 3.17 6.61 13.70
N ILE A 160 2.06 7.17 13.27
CA ILE A 160 2.05 8.49 12.64
C ILE A 160 2.71 9.53 13.54
N ALA A 161 2.55 9.41 14.85
CA ALA A 161 3.18 10.40 15.72
C ALA A 161 4.67 10.47 15.39
N ALA A 162 5.30 9.31 15.21
CA ALA A 162 6.71 9.26 14.87
C ALA A 162 6.97 9.87 13.49
N VAL A 163 6.10 9.56 12.51
CA VAL A 163 6.29 10.07 11.14
C VAL A 163 6.14 11.60 11.08
N PHE A 164 5.26 12.16 11.90
CA PHE A 164 5.06 13.60 11.90
C PHE A 164 6.39 14.31 12.10
N LYS A 165 7.26 13.71 12.90
CA LYS A 165 8.58 14.28 13.17
C LYS A 165 9.31 14.53 11.84
N MET A 166 9.09 13.65 10.86
CA MET A 166 9.75 13.79 9.56
C MET A 166 9.50 15.16 8.95
N GLY A 167 8.32 15.71 9.17
CA GLY A 167 7.99 17.03 8.64
C GLY A 167 9.18 17.98 8.83
N GLU A 168 10.03 17.65 9.80
CA GLU A 168 11.21 18.44 10.10
C GLU A 168 12.37 17.50 10.47
N LYS A 169 13.05 16.97 9.45
CA LYS A 169 14.16 16.06 9.67
C LYS A 169 13.71 14.85 10.48
N PHE A 170 13.83 13.66 9.88
CA PHE A 170 13.41 12.43 10.55
C PHE A 170 14.36 12.14 11.72
N VAL A 171 14.52 10.86 12.04
CA VAL A 171 15.38 10.44 13.15
C VAL A 171 16.21 9.22 12.71
N LYS A 172 17.04 8.70 13.61
CA LYS A 172 17.89 7.53 13.29
C LYS A 172 17.19 6.61 12.30
N ALA A 173 15.94 6.30 12.60
CA ALA A 173 15.14 5.44 11.75
C ALA A 173 13.89 5.01 12.50
N ASN A 174 14.05 4.85 13.81
CA ASN A 174 12.96 4.44 14.67
C ASN A 174 12.46 3.07 14.24
N PHE A 175 12.89 2.10 15.00
CA PHE A 175 12.53 0.70 14.77
C PHE A 175 11.01 0.53 14.78
N GLN A 176 10.35 1.26 15.66
CA GLN A 176 8.89 1.16 15.80
C GLN A 176 8.20 1.47 14.46
N LEU A 177 8.73 2.43 13.72
CA LEU A 177 8.15 2.83 12.45
C LEU A 177 8.06 1.66 11.46
N ILE A 178 9.07 0.78 11.46
CA ILE A 178 9.03 -0.34 10.52
C ILE A 178 7.76 -1.17 10.74
N ARG A 179 7.37 -1.30 12.00
CA ARG A 179 6.18 -2.06 12.35
C ARG A 179 4.94 -1.47 11.65
N LYS A 180 4.89 -0.15 11.54
CA LYS A 180 3.73 0.51 10.94
C LYS A 180 3.48 0.03 9.52
N VAL A 181 4.54 -0.22 8.76
CA VAL A 181 4.33 -0.64 7.39
C VAL A 181 3.50 -1.93 7.32
N THR A 182 3.79 -2.88 8.20
CA THR A 182 3.06 -4.14 8.18
C THR A 182 1.57 -3.97 8.45
N GLY A 183 1.19 -3.14 9.43
CA GLY A 183 -0.22 -2.99 9.73
C GLY A 183 -1.03 -2.43 8.58
N ALA A 184 -0.50 -1.41 7.90
CA ALA A 184 -1.25 -0.85 6.80
C ALA A 184 -1.46 -1.88 5.71
N ILE A 185 -0.40 -2.64 5.42
CA ILE A 185 -0.47 -3.66 4.39
C ILE A 185 -1.47 -4.79 4.68
N VAL A 186 -1.52 -5.29 5.93
CA VAL A 186 -2.45 -6.38 6.24
C VAL A 186 -3.91 -5.96 6.04
N LEU A 187 -4.21 -4.76 6.49
CA LEU A 187 -5.56 -4.20 6.44
C LEU A 187 -6.12 -4.02 5.03
N LEU A 188 -5.30 -3.57 4.10
CA LEU A 188 -5.80 -3.28 2.77
C LEU A 188 -6.43 -4.48 2.09
N TYR A 189 -5.83 -5.65 2.17
CA TYR A 189 -6.47 -6.78 1.51
C TYR A 189 -7.84 -7.06 2.10
N LEU A 190 -7.92 -7.01 3.43
CA LEU A 190 -9.20 -7.25 4.10
C LEU A 190 -10.25 -6.20 3.71
N ALA A 191 -9.82 -4.95 3.66
CA ALA A 191 -10.73 -3.86 3.31
C ALA A 191 -11.28 -4.03 1.89
N TYR A 192 -10.41 -4.42 0.97
CA TYR A 192 -10.82 -4.60 -0.41
C TYR A 192 -11.87 -5.71 -0.50
N PHE A 193 -11.64 -6.78 0.24
CA PHE A 193 -12.58 -7.91 0.24
C PHE A 193 -13.94 -7.45 0.78
N ALA A 194 -13.91 -6.65 1.83
CA ALA A 194 -15.14 -6.13 2.44
C ALA A 194 -16.27 -7.14 2.39
N LEU A 195 -17.10 -7.04 1.37
CA LEU A 195 -18.23 -7.94 1.19
C LEU A 195 -18.61 -8.02 -0.29
N THR A 196 -19.56 -8.88 -0.63
CA THR A 196 -19.98 -9.02 -2.02
C THR A 196 -20.73 -7.77 -2.46
N GLU A 197 -20.04 -6.64 -2.47
CA GLU A 197 -20.63 -5.37 -2.87
C GLU A 197 -19.57 -4.28 -2.95
N VAL A 198 -19.21 -3.90 -4.17
CA VAL A 198 -18.20 -2.86 -4.36
C VAL A 198 -18.70 -1.53 -3.81
N LEU A 199 -17.95 -0.46 -4.07
CA LEU A 199 -18.33 0.86 -3.59
C LEU A 199 -19.49 1.41 -4.43
N LEU A 200 -20.68 1.39 -3.85
CA LEU A 200 -21.86 1.88 -4.54
C LEU A 200 -21.76 3.39 -4.74
N LEU A 201 -21.69 3.81 -6.01
CA LEU A 201 -21.58 5.24 -6.35
C LEU A 201 -22.60 5.59 -7.42
N GLU A 202 -23.45 6.57 -7.11
CA GLU A 202 -24.48 7.00 -8.06
C GLU A 202 -24.95 8.42 -7.73
N GLN A 11 -8.79 8.95 -7.61
CA GLN A 11 -9.20 10.00 -6.63
C GLN A 11 -8.65 11.35 -7.07
N LEU A 12 -8.28 12.18 -6.10
CA LEU A 12 -7.73 13.50 -6.41
C LEU A 12 -7.26 14.18 -5.12
N MET A 13 -6.50 13.45 -4.30
CA MET A 13 -6.00 14.00 -3.05
C MET A 13 -4.98 13.06 -2.41
N ALA A 14 -5.17 11.76 -2.60
CA ALA A 14 -4.26 10.77 -2.02
C ALA A 14 -2.84 11.01 -2.52
N PHE A 15 -2.73 11.39 -3.79
CA PHE A 15 -1.44 11.65 -4.40
C PHE A 15 -0.70 12.74 -3.62
N ALA A 16 -1.44 13.74 -3.17
CA ALA A 16 -0.87 14.85 -2.42
C ALA A 16 -0.15 14.37 -1.17
N LEU A 17 -0.69 13.37 -0.49
CA LEU A 17 -0.07 12.88 0.74
C LEU A 17 1.33 12.33 0.48
N GLY A 18 1.49 11.58 -0.62
CA GLY A 18 2.78 10.99 -0.94
C GLY A 18 3.90 12.01 -1.17
N ILE A 19 3.61 13.08 -1.90
CA ILE A 19 4.65 14.09 -2.18
C ILE A 19 5.18 14.74 -0.90
N LEU A 20 4.29 14.97 0.06
CA LEU A 20 4.69 15.61 1.31
C LEU A 20 5.77 14.76 2.00
N SER A 21 5.64 13.44 1.91
CA SER A 21 6.60 12.54 2.52
C SER A 21 7.97 12.75 1.89
N VAL A 22 7.95 12.91 0.59
CA VAL A 22 9.17 13.15 -0.16
C VAL A 22 9.80 14.46 0.29
N PHE A 23 8.93 15.44 0.58
CA PHE A 23 9.40 16.75 1.00
C PHE A 23 10.41 16.62 2.13
N SER A 24 9.92 16.28 3.32
CA SER A 24 10.78 16.13 4.48
C SER A 24 11.83 15.03 4.27
N PRO A 25 13.12 15.34 4.32
CA PRO A 25 14.18 14.31 4.15
C PRO A 25 14.48 13.56 5.45
N ALA A 26 15.45 12.65 5.40
CA ALA A 26 15.83 11.88 6.59
C ALA A 26 17.31 11.54 6.53
N VAL A 27 17.66 10.35 7.00
CA VAL A 27 19.05 9.91 6.98
C VAL A 27 19.52 9.74 5.54
N LEU A 28 20.83 9.60 5.32
CA LEU A 28 21.35 9.44 3.97
C LEU A 28 20.85 8.12 3.38
N PRO A 29 21.27 6.99 3.90
CA PRO A 29 20.83 5.66 3.38
C PRO A 29 19.31 5.51 3.29
N VAL A 30 18.56 6.26 4.14
CA VAL A 30 17.08 6.21 4.16
C VAL A 30 16.50 5.04 3.35
N VAL A 31 16.35 5.23 2.04
CA VAL A 31 15.79 4.19 1.17
C VAL A 31 14.60 3.50 1.95
N PRO A 32 14.26 2.19 1.99
CA PRO A 32 13.05 1.78 2.80
C PRO A 32 13.20 2.14 4.29
N LEU A 33 12.93 1.17 5.17
CA LEU A 33 13.03 1.39 6.61
C LEU A 33 11.92 2.33 7.07
N ILE A 34 11.86 3.54 6.49
CA ILE A 34 10.83 4.52 6.86
C ILE A 34 10.08 4.92 5.59
N PHE A 35 10.21 4.13 4.53
CA PHE A 35 9.56 4.45 3.27
C PHE A 35 9.95 5.86 2.89
N ALA A 36 9.16 6.83 3.34
CA ALA A 36 9.47 8.23 3.09
C ALA A 36 10.00 8.42 1.65
N GLY A 37 10.65 9.56 1.40
CA GLY A 37 11.20 9.81 0.07
C GLY A 37 12.27 10.91 0.11
N SER A 38 13.38 10.68 -0.57
CA SER A 38 14.46 11.65 -0.60
C SER A 38 15.60 11.18 -1.49
N ARG A 39 15.34 11.07 -2.79
CA ARG A 39 16.35 10.63 -3.74
C ARG A 39 15.81 10.71 -5.17
N GLY A 40 16.57 10.17 -6.12
CA GLY A 40 16.17 10.18 -7.53
C GLY A 40 15.41 8.90 -7.88
N ARG A 41 16.12 7.79 -7.93
CA ARG A 41 15.49 6.52 -8.25
C ARG A 41 14.44 6.15 -7.20
N ALA A 42 14.75 6.43 -5.94
CA ALA A 42 13.81 6.14 -4.86
C ALA A 42 12.52 6.94 -5.03
N LEU A 43 12.65 8.17 -5.48
CA LEU A 43 11.49 9.04 -5.68
C LEU A 43 10.52 8.40 -6.67
N ASP A 44 11.05 7.76 -7.70
CA ASP A 44 10.22 7.10 -8.71
C ASP A 44 9.31 6.06 -8.06
N ALA A 45 9.85 5.36 -7.06
CA ALA A 45 9.09 4.32 -6.36
C ALA A 45 7.81 4.90 -5.74
N PHE A 46 7.89 6.12 -5.22
CA PHE A 46 6.74 6.74 -4.58
C PHE A 46 5.55 6.83 -5.56
N LEU A 47 5.83 7.11 -6.82
CA LEU A 47 4.77 7.21 -7.82
C LEU A 47 3.98 5.89 -7.91
N ILE A 48 4.68 4.79 -7.77
CA ILE A 48 4.06 3.46 -7.87
C ILE A 48 2.94 3.29 -6.84
N VAL A 49 3.10 3.82 -5.63
CA VAL A 49 2.04 3.63 -4.64
C VAL A 49 0.73 4.19 -5.16
N ALA A 50 0.80 5.35 -5.80
CA ALA A 50 -0.37 5.96 -6.39
C ALA A 50 -0.92 5.05 -7.48
N GLY A 51 0.00 4.42 -8.20
CA GLY A 51 -0.35 3.55 -9.31
C GLY A 51 -1.24 2.37 -8.91
N LEU A 52 -0.98 1.76 -7.76
CA LEU A 52 -1.78 0.61 -7.38
C LEU A 52 -3.26 0.97 -7.20
N THR A 53 -3.54 2.11 -6.57
CA THR A 53 -4.92 2.50 -6.32
C THR A 53 -5.77 2.73 -7.57
N ILE A 54 -5.22 3.39 -8.59
CA ILE A 54 -6.05 3.67 -9.76
C ILE A 54 -6.55 2.42 -10.49
N SER A 55 -5.68 1.42 -10.67
CA SER A 55 -6.13 0.20 -11.34
C SER A 55 -7.23 -0.48 -10.52
N MET A 56 -6.95 -0.48 -9.25
CA MET A 56 -7.81 -1.12 -8.24
C MET A 56 -9.21 -0.50 -8.14
N LEU A 57 -9.30 0.83 -8.19
CA LEU A 57 -10.60 1.49 -8.04
C LEU A 57 -11.58 1.02 -9.11
N ILE A 58 -11.09 0.85 -10.32
CA ILE A 58 -11.91 0.39 -11.42
C ILE A 58 -12.56 -0.96 -11.12
N LEU A 59 -11.81 -1.83 -10.44
CA LEU A 59 -12.31 -3.16 -10.14
C LEU A 59 -13.60 -3.07 -9.34
N GLY A 60 -13.64 -2.16 -8.38
CA GLY A 60 -14.84 -1.97 -7.58
C GLY A 60 -16.08 -1.96 -8.47
N TYR A 61 -15.95 -1.35 -9.64
CA TYR A 61 -17.06 -1.28 -10.60
C TYR A 61 -17.07 -2.52 -11.49
N THR A 62 -16.24 -2.49 -12.54
CA THR A 62 -16.14 -3.61 -13.48
C THR A 62 -17.24 -3.50 -14.54
N ALA A 63 -16.87 -3.04 -15.74
CA ALA A 63 -17.83 -2.89 -16.84
C ALA A 63 -17.69 -4.05 -17.81
N SER A 64 -17.44 -3.73 -19.08
CA SER A 64 -17.29 -4.75 -20.13
C SER A 64 -16.16 -4.34 -21.07
N LEU A 65 -15.99 -3.03 -21.22
CA LEU A 65 -14.95 -2.47 -22.07
C LEU A 65 -14.20 -1.39 -21.30
N PHE A 66 -13.78 -1.73 -20.09
CA PHE A 66 -13.04 -0.82 -19.22
C PHE A 66 -11.63 -1.34 -19.07
N PHE A 67 -11.34 -2.36 -19.87
CA PHE A 67 -10.05 -2.99 -19.88
C PHE A 67 -9.69 -3.54 -18.51
N GLY A 68 -10.51 -4.44 -18.00
CA GLY A 68 -10.29 -5.06 -16.70
C GLY A 68 -8.90 -5.69 -16.64
N PHE A 69 -8.46 -6.23 -17.77
CA PHE A 69 -7.16 -6.88 -17.84
C PHE A 69 -6.02 -5.96 -17.36
N PHE A 70 -6.11 -4.67 -17.62
CA PHE A 70 -5.02 -3.75 -17.25
C PHE A 70 -4.69 -3.84 -15.77
N ARG A 71 -5.69 -4.02 -14.93
CA ARG A 71 -5.42 -4.03 -13.52
C ARG A 71 -4.54 -5.22 -13.12
N VAL A 72 -4.86 -6.42 -13.62
CA VAL A 72 -4.05 -7.59 -13.25
C VAL A 72 -2.60 -7.55 -13.76
N VAL A 73 -2.38 -7.19 -15.02
CA VAL A 73 -1.01 -7.16 -15.55
C VAL A 73 -0.16 -6.08 -14.88
N ALA A 74 -0.80 -4.97 -14.55
CA ALA A 74 -0.11 -3.85 -13.92
C ALA A 74 0.63 -4.28 -12.66
N MET A 75 0.04 -5.22 -11.94
CA MET A 75 0.64 -5.70 -10.70
C MET A 75 2.09 -6.19 -10.92
N LEU A 76 2.35 -6.77 -12.08
CA LEU A 76 3.69 -7.30 -12.40
C LEU A 76 4.77 -6.21 -12.48
N PHE A 77 4.45 -5.08 -13.12
CA PHE A 77 5.46 -4.03 -13.30
C PHE A 77 6.08 -3.60 -11.97
N LEU A 78 5.23 -3.41 -10.98
CA LEU A 78 5.69 -3.01 -9.64
C LEU A 78 6.55 -4.10 -9.00
N LEU A 79 6.22 -5.36 -9.25
CA LEU A 79 6.93 -6.48 -8.64
C LEU A 79 8.44 -6.39 -8.89
N ILE A 80 8.86 -5.89 -10.06
CA ILE A 80 10.29 -5.81 -10.32
C ILE A 80 10.98 -5.02 -9.21
N PHE A 81 10.37 -3.89 -8.82
CA PHE A 81 10.92 -3.07 -7.75
C PHE A 81 10.89 -3.81 -6.42
N ALA A 82 9.80 -4.52 -6.17
CA ALA A 82 9.62 -5.27 -4.92
C ALA A 82 10.62 -6.42 -4.76
N LEU A 83 10.98 -7.05 -5.88
CA LEU A 83 11.87 -8.21 -5.83
C LEU A 83 13.20 -7.93 -5.11
N ILE A 84 13.73 -6.72 -5.22
CA ILE A 84 15.00 -6.43 -4.55
C ILE A 84 14.86 -6.52 -3.02
N LEU A 85 13.70 -6.14 -2.49
CA LEU A 85 13.49 -6.16 -1.05
C LEU A 85 13.57 -7.60 -0.51
N LEU A 86 12.92 -8.54 -1.20
CA LEU A 86 12.94 -9.93 -0.75
C LEU A 86 14.37 -10.49 -0.84
N SER A 87 15.04 -10.22 -1.95
CA SER A 87 16.41 -10.69 -2.15
C SER A 87 17.36 -10.06 -1.14
N ASP A 88 17.13 -8.78 -0.84
CA ASP A 88 17.98 -8.04 0.11
C ASP A 88 18.38 -8.93 1.28
N GLU A 89 19.48 -8.56 1.94
CA GLU A 89 19.99 -9.34 3.07
C GLU A 89 18.83 -9.78 3.97
N LEU A 90 19.10 -10.75 4.84
CA LEU A 90 18.08 -11.25 5.74
C LEU A 90 17.78 -10.24 6.84
N ASP A 91 16.50 -10.12 7.21
CA ASP A 91 16.08 -9.19 8.25
C ASP A 91 14.77 -9.67 8.88
N GLU A 92 14.15 -8.81 9.69
CA GLU A 92 12.91 -9.16 10.35
C GLU A 92 11.69 -8.94 9.44
N LYS A 93 11.24 -7.69 9.37
CA LYS A 93 10.06 -7.33 8.56
C LYS A 93 10.03 -8.08 7.24
N VAL A 94 11.19 -8.36 6.65
CA VAL A 94 11.22 -9.08 5.38
C VAL A 94 10.45 -10.40 5.52
N SER A 95 10.65 -11.06 6.65
CA SER A 95 9.96 -12.32 6.91
C SER A 95 8.45 -12.09 7.02
N ILE A 96 8.07 -11.02 7.73
CA ILE A 96 6.66 -10.69 7.90
C ILE A 96 6.04 -10.35 6.55
N PHE A 97 6.80 -9.68 5.69
CA PHE A 97 6.30 -9.32 4.38
C PHE A 97 5.80 -10.58 3.67
N ALA A 98 6.61 -11.63 3.76
CA ALA A 98 6.24 -12.90 3.16
C ALA A 98 5.01 -13.50 3.84
N SER A 99 4.88 -13.28 5.15
CA SER A 99 3.74 -13.81 5.89
C SER A 99 2.41 -13.37 5.27
N ARG A 100 2.38 -12.15 4.74
CA ARG A 100 1.17 -11.65 4.09
C ARG A 100 0.73 -12.63 3.00
N MET A 101 1.70 -13.26 2.33
CA MET A 101 1.40 -14.18 1.25
C MET A 101 0.43 -15.26 1.68
N THR A 102 0.64 -15.86 2.84
CA THR A 102 -0.27 -16.92 3.27
C THR A 102 -1.67 -16.36 3.53
N SER A 103 -1.76 -15.24 4.22
CA SER A 103 -3.07 -14.64 4.47
C SER A 103 -3.75 -14.15 3.19
N GLY A 104 -2.95 -13.47 2.34
CA GLY A 104 -3.45 -12.88 1.10
C GLY A 104 -3.92 -13.88 0.04
N LEU A 105 -3.17 -14.94 -0.20
CA LEU A 105 -3.53 -15.89 -1.26
C LEU A 105 -5.01 -16.25 -1.20
N SER A 106 -5.46 -17.02 -2.19
CA SER A 106 -6.85 -17.45 -2.26
C SER A 106 -7.00 -18.60 -3.26
N TRP A 107 -7.57 -18.30 -4.42
CA TRP A 107 -7.75 -19.31 -5.45
C TRP A 107 -6.40 -19.79 -5.97
N LYS A 108 -6.15 -21.09 -5.86
CA LYS A 108 -4.88 -21.67 -6.31
C LYS A 108 -5.06 -23.13 -6.68
N ILE A 109 -6.09 -23.76 -6.12
CA ILE A 109 -6.37 -25.16 -6.40
C ILE A 109 -6.48 -25.41 -7.90
N GLN A 110 -7.54 -24.89 -8.50
CA GLN A 110 -7.78 -25.05 -9.92
C GLN A 110 -8.94 -24.19 -10.38
N THR A 111 -8.83 -22.88 -10.16
CA THR A 111 -9.89 -21.95 -10.54
C THR A 111 -9.79 -21.63 -12.04
N LEU A 112 -9.21 -20.46 -12.36
CA LEU A 112 -9.06 -20.05 -13.77
C LEU A 112 -7.61 -20.32 -14.23
N PRO A 113 -7.37 -21.32 -15.05
CA PRO A 113 -6.00 -21.64 -15.54
C PRO A 113 -5.24 -20.40 -16.00
N SER A 114 -5.98 -19.36 -16.38
CA SER A 114 -5.36 -18.12 -16.84
C SER A 114 -4.40 -17.58 -15.79
N PHE A 115 -4.05 -16.29 -15.90
CA PHE A 115 -3.14 -15.69 -14.93
C PHE A 115 -3.67 -15.96 -13.53
N PHE A 116 -3.16 -17.04 -12.93
CA PHE A 116 -3.55 -17.50 -11.58
C PHE A 116 -4.27 -16.43 -10.78
N PHE A 117 -3.69 -15.24 -10.77
CA PHE A 117 -4.25 -14.07 -10.05
C PHE A 117 -3.83 -14.03 -8.59
N GLY A 118 -3.81 -15.17 -7.93
CA GLY A 118 -3.46 -15.15 -6.51
C GLY A 118 -2.05 -14.59 -6.28
N MET A 119 -1.11 -14.98 -7.14
CA MET A 119 0.24 -14.47 -7.03
C MET A 119 0.27 -12.95 -7.20
N LEU A 120 -0.55 -12.49 -8.14
CA LEU A 120 -0.68 -11.08 -8.49
C LEU A 120 -1.13 -10.23 -7.31
N LEU A 121 -2.06 -10.76 -6.54
CA LEU A 121 -2.62 -10.03 -5.40
C LEU A 121 -1.53 -9.68 -4.39
N ALA A 122 -0.61 -10.61 -4.17
CA ALA A 122 0.45 -10.40 -3.21
C ALA A 122 1.32 -9.18 -3.55
N PHE A 123 1.59 -9.02 -4.84
CA PHE A 123 2.40 -7.95 -5.37
C PHE A 123 1.82 -6.56 -5.05
N LEU A 124 0.51 -6.45 -5.13
CA LEU A 124 -0.20 -5.18 -4.94
C LEU A 124 0.02 -4.49 -3.59
N TRP A 125 0.08 -5.22 -2.47
CA TRP A 125 0.20 -4.58 -1.16
C TRP A 125 1.45 -3.69 -0.90
N LEU A 126 2.65 -4.07 -1.36
CA LEU A 126 3.88 -3.30 -0.98
C LEU A 126 3.91 -1.80 -1.38
N PRO A 127 3.46 -1.40 -2.53
CA PRO A 127 3.48 0.05 -2.92
C PRO A 127 2.68 0.97 -1.98
N ALA A 128 1.52 0.50 -1.52
CA ALA A 128 0.61 1.26 -0.68
C ALA A 128 1.23 2.15 0.42
N ILE A 129 0.62 2.01 1.59
CA ILE A 129 0.94 2.74 2.83
C ILE A 129 0.34 4.18 2.81
N LEU A 130 1.11 5.18 2.39
CA LEU A 130 0.61 6.56 2.43
C LEU A 130 -0.67 6.78 1.60
N PRO A 131 -0.82 6.23 0.42
CA PRO A 131 -2.09 6.40 -0.35
C PRO A 131 -3.23 5.81 0.44
N PHE A 132 -2.96 4.66 1.07
CA PHE A 132 -3.95 4.02 1.88
C PHE A 132 -4.33 4.98 2.97
N ALA A 133 -3.32 5.64 3.48
CA ALA A 133 -3.57 6.67 4.44
C ALA A 133 -4.42 7.75 3.79
N GLY A 134 -4.10 8.04 2.51
CA GLY A 134 -4.80 9.11 1.79
C GLY A 134 -6.31 8.89 1.64
N ILE A 135 -6.75 7.66 1.36
CA ILE A 135 -8.18 7.41 1.23
C ILE A 135 -8.92 7.74 2.53
N ALA A 136 -8.31 7.40 3.66
CA ALA A 136 -8.98 7.60 4.94
C ALA A 136 -9.34 9.05 5.21
N ILE A 137 -8.46 10.00 4.87
CA ILE A 137 -8.81 11.39 5.13
C ILE A 137 -10.08 11.75 4.35
N SER A 138 -10.17 11.26 3.12
CA SER A 138 -11.34 11.49 2.28
C SER A 138 -12.60 10.93 2.93
N GLN A 139 -12.42 9.76 3.52
CA GLN A 139 -13.51 9.02 4.16
C GLN A 139 -14.17 9.80 5.32
N THR A 140 -13.36 10.49 6.12
CA THR A 140 -13.90 11.20 7.30
C THR A 140 -14.95 12.26 6.99
N LEU A 141 -14.79 13.05 5.91
CA LEU A 141 -15.77 14.10 5.60
C LEU A 141 -16.79 13.63 4.56
N LEU A 142 -16.56 12.44 3.99
CA LEU A 142 -17.48 11.90 2.98
C LEU A 142 -18.52 11.00 3.66
N SER A 143 -18.07 9.85 4.16
CA SER A 143 -18.96 8.89 4.83
C SER A 143 -18.28 8.32 6.06
N GLU A 144 -18.74 7.15 6.50
CA GLU A 144 -18.16 6.51 7.68
C GLU A 144 -18.47 5.02 7.70
N ASN A 145 -17.61 4.26 8.38
CA ASN A 145 -17.78 2.81 8.49
C ASN A 145 -17.17 2.33 9.82
N PRO A 146 -17.79 1.39 10.51
CA PRO A 146 -17.25 0.89 11.82
C PRO A 146 -16.00 0.00 11.71
N LEU A 147 -16.13 -1.12 11.01
CA LEU A 147 -15.00 -2.05 10.88
C LEU A 147 -13.77 -1.37 10.29
N VAL A 148 -13.97 -0.59 9.23
CA VAL A 148 -12.86 0.11 8.61
C VAL A 148 -12.28 1.13 9.58
N MET A 149 -13.13 1.90 10.25
CA MET A 149 -12.65 2.89 11.19
C MET A 149 -11.94 2.21 12.36
N LEU A 150 -12.54 1.14 12.88
CA LEU A 150 -11.95 0.41 13.98
C LEU A 150 -10.64 -0.25 13.53
N SER A 151 -10.69 -0.87 12.35
CA SER A 151 -9.50 -1.54 11.81
C SER A 151 -8.38 -0.56 11.49
N TYR A 152 -8.73 0.57 10.88
CA TYR A 152 -7.76 1.56 10.50
C TYR A 152 -7.09 2.21 11.70
N GLY A 153 -7.82 2.38 12.79
CA GLY A 153 -7.27 3.06 13.95
C GLY A 153 -6.02 2.41 14.52
N LEU A 154 -6.00 1.08 14.69
CA LEU A 154 -4.81 0.46 15.25
C LEU A 154 -3.59 0.61 14.32
N GLY A 155 -3.80 0.35 13.03
CA GLY A 155 -2.73 0.49 12.04
C GLY A 155 -2.31 1.94 11.89
N MET A 156 -3.32 2.79 11.79
CA MET A 156 -3.15 4.23 11.57
C MET A 156 -2.45 4.97 12.70
N ALA A 157 -2.85 4.70 13.93
CA ALA A 157 -2.28 5.45 15.05
C ALA A 157 -0.77 5.31 15.16
N VAL A 158 -0.24 4.11 15.04
CA VAL A 158 1.21 3.98 15.11
C VAL A 158 1.87 4.67 13.91
N THR A 159 1.31 4.42 12.73
CA THR A 159 1.83 4.96 11.48
C THR A 159 1.72 6.48 11.34
N ILE A 160 0.59 6.99 11.69
CA ILE A 160 0.33 8.42 11.53
C ILE A 160 1.23 9.27 12.41
N ALA A 161 1.49 8.82 13.62
CA ALA A 161 2.30 9.60 14.54
C ALA A 161 3.74 9.75 14.07
N ALA A 162 4.37 8.66 13.60
CA ALA A 162 5.76 8.79 13.16
C ALA A 162 5.90 9.69 11.93
N VAL A 163 5.03 9.50 10.95
CA VAL A 163 5.10 10.28 9.73
C VAL A 163 4.81 11.74 9.98
N PHE A 164 3.91 12.05 10.92
CA PHE A 164 3.58 13.44 11.18
C PHE A 164 4.85 14.22 11.48
N LYS A 165 5.78 13.56 12.14
CA LYS A 165 7.07 14.17 12.47
C LYS A 165 7.76 14.70 11.22
N MET A 166 7.58 13.99 10.10
CA MET A 166 8.25 14.37 8.85
C MET A 166 7.94 15.82 8.46
N GLY A 167 6.70 16.24 8.59
CA GLY A 167 6.35 17.62 8.24
C GLY A 167 7.38 18.58 8.80
N GLU A 168 8.11 18.11 9.81
CA GLU A 168 9.16 18.90 10.46
C GLU A 168 10.30 17.96 10.87
N LYS A 169 11.39 17.98 10.11
CA LYS A 169 12.55 17.13 10.38
C LYS A 169 12.11 15.77 10.94
N PHE A 170 12.04 14.77 10.05
CA PHE A 170 11.62 13.43 10.44
C PHE A 170 12.49 12.92 11.62
N VAL A 171 13.35 11.92 11.39
CA VAL A 171 14.17 11.40 12.47
C VAL A 171 15.24 10.46 11.92
N LYS A 172 16.15 10.00 12.79
CA LYS A 172 17.20 9.09 12.36
C LYS A 172 16.61 7.98 11.51
N ALA A 173 15.84 7.12 12.15
CA ALA A 173 15.20 6.02 11.46
C ALA A 173 14.15 5.39 12.36
N ASN A 174 14.54 5.21 13.61
CA ASN A 174 13.67 4.64 14.60
C ASN A 174 13.26 3.25 14.22
N PHE A 175 13.79 2.32 14.95
CA PHE A 175 13.50 0.90 14.73
C PHE A 175 12.00 0.64 14.83
N GLN A 176 11.35 1.33 15.76
CA GLN A 176 9.90 1.17 15.96
C GLN A 176 9.12 1.46 14.67
N LEU A 177 9.58 2.45 13.92
CA LEU A 177 8.92 2.86 12.68
C LEU A 177 8.85 1.68 11.71
N ILE A 178 9.85 0.85 11.65
CA ILE A 178 9.80 -0.26 10.72
C ILE A 178 8.54 -1.11 10.99
N ARG A 179 8.19 -1.28 12.26
CA ARG A 179 6.99 -2.06 12.61
C ARG A 179 5.71 -1.47 12.04
N LYS A 180 5.59 -0.15 12.01
CA LYS A 180 4.39 0.52 11.51
C LYS A 180 4.06 0.12 10.07
N VAL A 181 5.09 -0.05 9.24
CA VAL A 181 4.84 -0.36 7.84
C VAL A 181 4.01 -1.62 7.64
N THR A 182 4.23 -2.65 8.44
CA THR A 182 3.48 -3.89 8.27
C THR A 182 1.99 -3.71 8.48
N GLY A 183 1.60 -2.94 9.49
CA GLY A 183 0.19 -2.80 9.77
C GLY A 183 -0.62 -2.16 8.64
N ALA A 184 -0.13 -1.11 7.99
CA ALA A 184 -0.98 -0.55 6.95
C ALA A 184 -1.20 -1.58 5.84
N ILE A 185 -0.11 -2.26 5.49
CA ILE A 185 -0.14 -3.26 4.42
C ILE A 185 -1.04 -4.48 4.66
N VAL A 186 -1.05 -5.07 5.87
CA VAL A 186 -1.94 -6.22 6.09
C VAL A 186 -3.39 -5.81 5.91
N LEU A 187 -3.67 -4.64 6.48
CA LEU A 187 -4.99 -4.04 6.49
C LEU A 187 -5.55 -3.71 5.11
N LEU A 188 -4.73 -3.17 4.23
CA LEU A 188 -5.24 -2.72 2.93
C LEU A 188 -5.93 -3.82 2.15
N TYR A 189 -5.38 -5.03 2.11
CA TYR A 189 -6.06 -6.05 1.34
C TYR A 189 -7.45 -6.34 1.93
N LEU A 190 -7.53 -6.42 3.25
CA LEU A 190 -8.80 -6.68 3.89
C LEU A 190 -9.82 -5.58 3.63
N ALA A 191 -9.35 -4.33 3.71
CA ALA A 191 -10.22 -3.18 3.48
C ALA A 191 -10.80 -3.16 2.07
N TYR A 192 -9.96 -3.46 1.08
CA TYR A 192 -10.44 -3.45 -0.31
C TYR A 192 -11.55 -4.49 -0.49
N PHE A 193 -11.41 -5.63 0.17
CA PHE A 193 -12.41 -6.68 0.07
C PHE A 193 -13.74 -6.18 0.61
N ALA A 194 -13.68 -5.46 1.74
CA ALA A 194 -14.88 -4.90 2.37
C ALA A 194 -16.07 -5.84 2.23
N LEU A 195 -17.27 -5.25 2.20
CA LEU A 195 -18.50 -6.02 2.05
C LEU A 195 -19.45 -5.28 1.10
N THR A 196 -19.36 -5.63 -0.18
CA THR A 196 -20.20 -5.01 -1.22
C THR A 196 -20.47 -3.54 -0.91
N GLU A 197 -19.66 -2.66 -1.51
CA GLU A 197 -19.81 -1.21 -1.30
C GLU A 197 -19.47 -0.46 -2.58
N VAL A 198 -18.30 0.18 -2.61
CA VAL A 198 -17.88 0.94 -3.78
C VAL A 198 -18.95 1.95 -4.17
N LEU A 199 -18.67 3.23 -3.91
CA LEU A 199 -19.62 4.29 -4.24
C LEU A 199 -20.19 4.09 -5.64
N LEU A 200 -21.51 3.83 -5.70
CA LEU A 200 -22.18 3.61 -6.98
C LEU A 200 -22.71 4.93 -7.53
N LEU A 201 -22.20 6.04 -7.00
CA LEU A 201 -22.63 7.36 -7.44
C LEU A 201 -24.10 7.57 -7.12
N GLU A 202 -24.84 8.12 -8.07
CA GLU A 202 -26.27 8.36 -7.88
C GLU A 202 -26.99 7.06 -7.56
N GLN A 11 -10.19 9.16 -7.79
CA GLN A 11 -10.17 10.61 -7.43
C GLN A 11 -8.76 11.15 -7.62
N LEU A 12 -8.32 12.01 -6.69
CA LEU A 12 -6.98 12.60 -6.77
C LEU A 12 -6.50 12.99 -5.38
N MET A 13 -5.49 13.85 -5.33
CA MET A 13 -4.92 14.31 -4.06
C MET A 13 -3.95 13.28 -3.50
N ALA A 14 -4.18 12.01 -3.82
CA ALA A 14 -3.30 10.95 -3.33
C ALA A 14 -1.88 11.19 -3.83
N PHE A 15 -1.74 11.60 -5.08
CA PHE A 15 -0.44 11.87 -5.65
C PHE A 15 0.27 12.93 -4.82
N ALA A 16 -0.50 13.95 -4.43
CA ALA A 16 0.04 15.05 -3.64
C ALA A 16 0.56 14.57 -2.29
N LEU A 17 -0.13 13.61 -1.70
CA LEU A 17 0.28 13.11 -0.40
C LEU A 17 1.68 12.48 -0.47
N GLY A 18 1.94 11.70 -1.51
CA GLY A 18 3.25 11.07 -1.64
C GLY A 18 4.44 12.04 -1.78
N ILE A 19 4.29 13.12 -2.57
CA ILE A 19 5.42 14.03 -2.79
C ILE A 19 5.94 14.74 -1.52
N LEU A 20 5.04 15.17 -0.65
CA LEU A 20 5.48 15.89 0.56
C LEU A 20 6.36 15.03 1.45
N SER A 21 6.06 13.74 1.54
CA SER A 21 6.83 12.85 2.40
C SER A 21 8.27 12.80 1.90
N VAL A 22 8.40 12.72 0.60
CA VAL A 22 9.70 12.68 -0.02
C VAL A 22 10.47 13.93 0.38
N PHE A 23 9.75 15.04 0.46
CA PHE A 23 10.37 16.32 0.82
C PHE A 23 11.21 16.16 2.10
N SER A 24 10.63 15.55 3.12
CA SER A 24 11.31 15.36 4.39
C SER A 24 12.48 14.37 4.24
N PRO A 25 13.72 14.79 4.45
CA PRO A 25 14.90 13.88 4.34
C PRO A 25 15.17 13.07 5.60
N ALA A 26 15.86 11.94 5.44
CA ALA A 26 16.21 11.07 6.55
C ALA A 26 17.40 10.20 6.14
N VAL A 27 17.37 8.93 6.53
CA VAL A 27 18.41 8.00 6.16
C VAL A 27 18.60 8.08 4.64
N LEU A 28 19.59 7.40 4.08
CA LEU A 28 19.78 7.45 2.63
C LEU A 28 18.83 6.44 1.96
N PRO A 29 19.05 5.15 2.08
CA PRO A 29 18.13 4.13 1.49
C PRO A 29 16.63 4.51 1.59
N VAL A 30 16.19 4.89 2.80
CA VAL A 30 14.78 5.24 3.04
C VAL A 30 13.83 4.22 2.43
N VAL A 31 14.36 3.09 1.94
CA VAL A 31 13.52 2.05 1.33
C VAL A 31 13.43 0.78 2.20
N PRO A 32 14.44 0.43 2.97
CA PRO A 32 14.38 -0.77 3.85
C PRO A 32 13.93 -0.43 5.26
N LEU A 33 13.97 0.86 5.61
CA LEU A 33 13.56 1.32 6.94
C LEU A 33 12.14 1.87 6.88
N ILE A 34 12.02 3.20 6.77
CA ILE A 34 10.71 3.84 6.71
C ILE A 34 10.21 3.88 5.27
N PHE A 35 8.91 4.06 5.10
CA PHE A 35 8.32 4.16 3.77
C PHE A 35 8.56 5.57 3.24
N ALA A 36 9.61 6.21 3.76
CA ALA A 36 9.94 7.58 3.38
C ALA A 36 10.45 7.61 1.93
N GLY A 37 11.01 8.75 1.52
CA GLY A 37 11.51 8.88 0.16
C GLY A 37 12.55 9.98 0.04
N SER A 38 13.49 9.78 -0.89
CA SER A 38 14.55 10.76 -1.13
C SER A 38 15.10 10.60 -2.55
N ARG A 39 16.09 11.42 -2.89
CA ARG A 39 16.69 11.34 -4.23
C ARG A 39 15.59 11.32 -5.30
N GLY A 40 15.90 10.71 -6.44
CA GLY A 40 14.94 10.63 -7.56
C GLY A 40 14.35 9.23 -7.68
N ARG A 41 15.16 8.23 -7.42
CA ARG A 41 14.72 6.84 -7.51
C ARG A 41 13.52 6.60 -6.59
N ALA A 42 13.58 7.15 -5.38
CA ALA A 42 12.49 6.98 -4.44
C ALA A 42 11.19 7.58 -4.98
N LEU A 43 11.31 8.71 -5.67
CA LEU A 43 10.13 9.36 -6.22
C LEU A 43 9.39 8.42 -7.16
N ASP A 44 10.13 7.69 -7.98
CA ASP A 44 9.51 6.76 -8.91
C ASP A 44 8.75 5.67 -8.14
N ALA A 45 9.36 5.19 -7.06
CA ALA A 45 8.74 4.18 -6.22
C ALA A 45 7.45 4.72 -5.61
N PHE A 46 7.52 5.97 -5.16
CA PHE A 46 6.38 6.62 -4.52
C PHE A 46 5.19 6.70 -5.49
N LEU A 47 5.47 6.94 -6.76
CA LEU A 47 4.42 7.02 -7.77
C LEU A 47 3.61 5.74 -7.81
N ILE A 48 4.29 4.62 -7.64
CA ILE A 48 3.66 3.31 -7.72
C ILE A 48 2.51 3.16 -6.71
N VAL A 49 2.65 3.71 -5.50
CA VAL A 49 1.55 3.57 -4.53
C VAL A 49 0.26 4.14 -5.10
N ALA A 50 0.37 5.28 -5.77
CA ALA A 50 -0.77 5.93 -6.39
C ALA A 50 -1.35 5.02 -7.47
N GLY A 51 -0.45 4.34 -8.18
CA GLY A 51 -0.85 3.48 -9.28
C GLY A 51 -1.83 2.39 -8.89
N LEU A 52 -1.64 1.79 -7.71
CA LEU A 52 -2.54 0.71 -7.32
C LEU A 52 -3.99 1.17 -7.19
N THR A 53 -4.21 2.34 -6.61
CA THR A 53 -5.58 2.82 -6.41
C THR A 53 -6.34 3.05 -7.72
N ILE A 54 -5.70 3.64 -8.73
CA ILE A 54 -6.43 3.90 -9.97
C ILE A 54 -6.92 2.62 -10.67
N SER A 55 -6.07 1.60 -10.72
CA SER A 55 -6.46 0.33 -11.33
C SER A 55 -7.62 -0.29 -10.57
N MET A 56 -7.47 -0.20 -9.28
CA MET A 56 -8.42 -0.73 -8.30
C MET A 56 -9.81 -0.09 -8.39
N LEU A 57 -9.87 1.20 -8.65
CA LEU A 57 -11.16 1.89 -8.71
C LEU A 57 -12.03 1.22 -9.76
N ILE A 58 -11.40 0.81 -10.85
CA ILE A 58 -12.10 0.13 -11.93
C ILE A 58 -12.80 -1.13 -11.39
N LEU A 59 -12.14 -1.83 -10.46
CA LEU A 59 -12.69 -3.05 -9.88
C LEU A 59 -14.03 -2.78 -9.20
N GLY A 60 -14.13 -1.63 -8.51
CA GLY A 60 -15.34 -1.27 -7.80
C GLY A 60 -16.60 -1.73 -8.53
N TYR A 61 -16.57 -1.63 -9.85
CA TYR A 61 -17.71 -2.05 -10.69
C TYR A 61 -17.28 -3.18 -11.61
N THR A 62 -18.20 -3.67 -12.42
CA THR A 62 -17.89 -4.74 -13.37
C THR A 62 -16.68 -4.33 -14.21
N ALA A 63 -16.39 -5.10 -15.25
CA ALA A 63 -15.26 -4.77 -16.11
C ALA A 63 -15.21 -5.66 -17.34
N SER A 64 -15.45 -5.05 -18.49
CA SER A 64 -15.41 -5.74 -19.78
C SER A 64 -14.54 -4.92 -20.71
N LEU A 65 -14.87 -3.63 -20.82
CA LEU A 65 -14.11 -2.70 -21.65
C LEU A 65 -13.59 -1.56 -20.75
N PHE A 66 -13.82 -1.70 -19.44
CA PHE A 66 -13.42 -0.69 -18.49
C PHE A 66 -11.95 -0.87 -18.12
N PHE A 67 -11.23 -1.56 -18.98
CA PHE A 67 -9.81 -1.76 -18.79
C PHE A 67 -9.51 -2.49 -17.47
N GLY A 68 -10.36 -3.44 -17.10
CA GLY A 68 -10.14 -4.19 -15.85
C GLY A 68 -8.85 -5.00 -15.93
N PHE A 69 -8.56 -5.52 -17.13
CA PHE A 69 -7.37 -6.33 -17.37
C PHE A 69 -6.09 -5.58 -16.95
N PHE A 70 -6.10 -4.26 -17.13
CA PHE A 70 -4.93 -3.45 -16.82
C PHE A 70 -4.46 -3.67 -15.39
N ARG A 71 -5.38 -3.88 -14.48
CA ARG A 71 -4.99 -4.02 -13.09
C ARG A 71 -4.10 -5.25 -12.87
N VAL A 72 -4.46 -6.39 -13.44
CA VAL A 72 -3.65 -7.58 -13.20
C VAL A 72 -2.23 -7.49 -13.80
N VAL A 73 -2.12 -7.04 -15.05
CA VAL A 73 -0.80 -6.94 -15.68
C VAL A 73 0.12 -5.93 -15.01
N ALA A 74 -0.46 -4.84 -14.53
CA ALA A 74 0.32 -3.77 -13.91
C ALA A 74 1.19 -4.33 -12.79
N MET A 75 0.67 -5.32 -12.09
CA MET A 75 1.40 -5.94 -10.99
C MET A 75 2.77 -6.49 -11.44
N LEU A 76 2.85 -7.00 -12.67
CA LEU A 76 4.09 -7.62 -13.16
C LEU A 76 5.31 -6.67 -13.11
N PHE A 77 5.16 -5.42 -13.55
CA PHE A 77 6.30 -4.51 -13.52
C PHE A 77 6.74 -4.24 -12.09
N LEU A 78 5.75 -4.19 -11.21
CA LEU A 78 5.99 -3.94 -9.79
C LEU A 78 6.99 -4.94 -9.21
N LEU A 79 6.96 -6.16 -9.70
CA LEU A 79 7.85 -7.20 -9.19
C LEU A 79 9.31 -6.78 -9.26
N ILE A 80 9.68 -6.03 -10.28
CA ILE A 80 11.07 -5.59 -10.39
C ILE A 80 11.48 -4.87 -9.10
N PHE A 81 10.62 -3.98 -8.62
CA PHE A 81 10.89 -3.25 -7.38
C PHE A 81 10.95 -4.21 -6.18
N ALA A 82 9.98 -5.12 -6.12
CA ALA A 82 9.90 -6.08 -5.03
C ALA A 82 11.08 -7.04 -5.02
N LEU A 83 11.55 -7.41 -6.20
CA LEU A 83 12.65 -8.35 -6.33
C LEU A 83 13.89 -7.91 -5.53
N ILE A 84 14.24 -6.64 -5.62
CA ILE A 84 15.41 -6.14 -4.91
C ILE A 84 15.23 -6.22 -3.38
N LEU A 85 13.99 -6.01 -2.93
CA LEU A 85 13.73 -6.04 -1.49
C LEU A 85 14.10 -7.39 -0.87
N LEU A 86 13.73 -8.47 -1.54
CA LEU A 86 14.06 -9.80 -1.02
C LEU A 86 15.57 -10.02 -1.03
N SER A 87 16.20 -9.64 -2.13
CA SER A 87 17.65 -9.79 -2.27
C SER A 87 18.40 -8.91 -1.28
N ASP A 88 17.86 -7.72 -1.02
CA ASP A 88 18.49 -6.76 -0.10
C ASP A 88 19.24 -7.43 1.04
N GLU A 89 18.64 -7.38 2.23
CA GLU A 89 19.25 -7.97 3.41
C GLU A 89 18.21 -8.05 4.54
N LEU A 90 18.42 -8.95 5.50
CA LEU A 90 17.47 -9.07 6.60
C LEU A 90 17.43 -7.79 7.42
N ASP A 91 16.28 -7.50 8.02
CA ASP A 91 16.14 -6.28 8.82
C ASP A 91 14.89 -6.33 9.69
N GLU A 92 14.57 -7.54 10.17
CA GLU A 92 13.40 -7.77 11.04
C GLU A 92 12.11 -7.13 10.52
N LYS A 93 10.99 -7.79 10.80
CA LYS A 93 9.68 -7.30 10.36
C LYS A 93 9.56 -7.41 8.83
N VAL A 94 10.66 -7.19 8.13
CA VAL A 94 10.65 -7.28 6.68
C VAL A 94 10.29 -8.69 6.25
N SER A 95 10.73 -9.67 7.03
CA SER A 95 10.44 -11.06 6.72
C SER A 95 8.95 -11.33 6.82
N ILE A 96 8.29 -10.65 7.75
CA ILE A 96 6.85 -10.81 7.95
C ILE A 96 6.08 -10.47 6.67
N PHE A 97 6.58 -9.50 5.92
CA PHE A 97 5.90 -9.12 4.68
C PHE A 97 5.74 -10.36 3.79
N ALA A 98 6.77 -11.20 3.73
CA ALA A 98 6.70 -12.42 2.94
C ALA A 98 5.65 -13.35 3.54
N SER A 99 5.57 -13.36 4.87
CA SER A 99 4.58 -14.18 5.57
C SER A 99 3.17 -13.87 5.10
N ARG A 100 2.94 -12.60 4.77
CA ARG A 100 1.62 -12.16 4.32
C ARG A 100 1.17 -13.03 3.13
N MET A 101 2.12 -13.43 2.29
CA MET A 101 1.79 -14.25 1.11
C MET A 101 1.01 -15.50 1.49
N THR A 102 1.41 -16.19 2.55
CA THR A 102 0.69 -17.40 2.91
C THR A 102 -0.75 -17.09 3.34
N SER A 103 -0.93 -16.06 4.18
CA SER A 103 -2.27 -15.68 4.62
C SER A 103 -3.13 -15.18 3.46
N GLY A 104 -2.54 -14.31 2.64
CA GLY A 104 -3.24 -13.73 1.50
C GLY A 104 -3.62 -14.76 0.46
N LEU A 105 -2.74 -15.76 0.28
CA LEU A 105 -2.96 -16.81 -0.71
C LEU A 105 -4.44 -17.17 -0.83
N SER A 106 -4.82 -17.76 -1.96
CA SER A 106 -6.21 -18.15 -2.19
C SER A 106 -6.29 -19.44 -3.00
N TRP A 107 -7.00 -19.40 -4.12
CA TRP A 107 -7.14 -20.58 -4.97
C TRP A 107 -5.80 -21.03 -5.52
N LYS A 108 -5.05 -21.77 -4.69
CA LYS A 108 -3.74 -22.27 -5.11
C LYS A 108 -3.89 -23.54 -5.95
N ILE A 109 -4.57 -24.52 -5.37
CA ILE A 109 -4.78 -25.79 -6.07
C ILE A 109 -5.38 -25.55 -7.46
N GLN A 110 -5.78 -26.63 -8.12
CA GLN A 110 -6.37 -26.54 -9.44
C GLN A 110 -7.76 -25.91 -9.37
N THR A 111 -7.91 -24.76 -10.01
CA THR A 111 -9.19 -24.06 -10.01
C THR A 111 -9.26 -23.05 -11.15
N LEU A 112 -8.55 -21.93 -10.99
CA LEU A 112 -8.52 -20.88 -12.01
C LEU A 112 -7.08 -20.60 -12.44
N PRO A 113 -6.53 -21.43 -13.29
CA PRO A 113 -5.13 -21.26 -13.79
C PRO A 113 -5.07 -20.31 -14.98
N SER A 114 -4.35 -19.21 -14.82
CA SER A 114 -4.22 -18.22 -15.89
C SER A 114 -2.93 -17.42 -15.75
N PHE A 115 -3.06 -16.10 -15.79
CA PHE A 115 -1.90 -15.21 -15.69
C PHE A 115 -1.46 -15.07 -14.23
N PHE A 116 -1.19 -16.21 -13.58
CA PHE A 116 -0.77 -16.21 -12.18
C PHE A 116 -1.60 -15.22 -11.37
N PHE A 117 -2.91 -15.40 -11.41
CA PHE A 117 -3.81 -14.51 -10.69
C PHE A 117 -3.47 -14.39 -9.20
N GLY A 118 -3.40 -15.52 -8.50
CA GLY A 118 -3.12 -15.48 -7.07
C GLY A 118 -1.76 -14.85 -6.77
N MET A 119 -0.75 -15.17 -7.56
CA MET A 119 0.57 -14.60 -7.36
C MET A 119 0.51 -13.07 -7.47
N LEU A 120 -0.29 -12.62 -8.42
CA LEU A 120 -0.48 -11.21 -8.70
C LEU A 120 -1.08 -10.48 -7.49
N LEU A 121 -2.01 -11.13 -6.80
CA LEU A 121 -2.68 -10.53 -5.65
C LEU A 121 -1.71 -10.16 -4.54
N ALA A 122 -0.73 -11.02 -4.30
CA ALA A 122 0.25 -10.79 -3.24
C ALA A 122 1.03 -9.48 -3.45
N PHE A 123 1.35 -9.24 -4.70
CA PHE A 123 2.10 -8.07 -5.16
C PHE A 123 1.40 -6.74 -4.83
N LEU A 124 0.08 -6.72 -4.94
CA LEU A 124 -0.73 -5.49 -4.79
C LEU A 124 -0.58 -4.79 -3.42
N TRP A 125 -0.49 -5.49 -2.30
CA TRP A 125 -0.41 -4.80 -1.00
C TRP A 125 0.81 -3.84 -0.78
N LEU A 126 2.02 -4.20 -1.25
CA LEU A 126 3.24 -3.40 -0.93
C LEU A 126 3.22 -1.92 -1.38
N PRO A 127 2.71 -1.59 -2.53
CA PRO A 127 2.67 -0.17 -3.00
C PRO A 127 1.88 0.77 -2.08
N ALA A 128 0.75 0.31 -1.55
CA ALA A 128 -0.11 1.14 -0.74
C ALA A 128 0.56 1.82 0.45
N ILE A 129 -0.26 1.88 1.48
CA ILE A 129 0.03 2.46 2.81
C ILE A 129 -0.03 4.00 2.86
N LEU A 130 0.95 4.74 2.34
CA LEU A 130 0.88 6.19 2.52
C LEU A 130 -0.39 6.78 1.89
N PRO A 131 -0.81 6.36 0.72
CA PRO A 131 -2.13 6.78 0.14
C PRO A 131 -3.25 6.35 1.07
N PHE A 132 -3.08 5.13 1.62
CA PHE A 132 -4.06 4.57 2.53
C PHE A 132 -4.17 5.50 3.71
N ALA A 133 -3.04 6.00 4.13
CA ALA A 133 -3.05 6.98 5.20
C ALA A 133 -3.88 8.14 4.69
N GLY A 134 -3.69 8.44 3.40
CA GLY A 134 -4.44 9.51 2.75
C GLY A 134 -5.94 9.24 2.80
N ILE A 135 -6.32 7.98 2.61
CA ILE A 135 -7.74 7.61 2.60
C ILE A 135 -8.42 7.95 3.94
N ALA A 136 -7.73 7.73 5.04
CA ALA A 136 -8.35 7.94 6.35
C ALA A 136 -8.83 9.38 6.58
N ILE A 137 -8.07 10.38 6.16
CA ILE A 137 -8.54 11.76 6.36
C ILE A 137 -9.88 11.94 5.64
N SER A 138 -10.00 11.38 4.44
CA SER A 138 -11.23 11.47 3.66
C SER A 138 -12.39 10.84 4.43
N GLN A 139 -12.11 9.71 5.08
CA GLN A 139 -13.12 8.97 5.83
C GLN A 139 -13.75 9.82 6.93
N THR A 140 -12.94 10.62 7.63
CA THR A 140 -13.46 11.45 8.70
C THR A 140 -14.52 12.42 8.17
N LEU A 141 -14.27 12.96 6.98
CA LEU A 141 -15.20 13.90 6.37
C LEU A 141 -16.60 13.28 6.30
N LEU A 142 -16.71 12.12 5.65
CA LEU A 142 -17.98 11.43 5.51
C LEU A 142 -17.77 9.95 5.19
N SER A 143 -18.33 9.08 6.03
CA SER A 143 -18.20 7.64 5.83
C SER A 143 -18.81 6.90 7.03
N GLU A 144 -18.15 7.00 8.17
CA GLU A 144 -18.63 6.35 9.38
C GLU A 144 -18.77 4.84 9.18
N ASN A 145 -17.70 4.11 9.48
CA ASN A 145 -17.69 2.65 9.36
C ASN A 145 -17.11 2.03 10.63
N PRO A 146 -17.59 0.89 11.08
CA PRO A 146 -17.07 0.27 12.35
C PRO A 146 -15.70 -0.41 12.17
N LEU A 147 -15.67 -1.52 11.46
CA LEU A 147 -14.45 -2.30 11.27
C LEU A 147 -13.41 -1.53 10.44
N VAL A 148 -13.83 -0.90 9.36
CA VAL A 148 -12.88 -0.18 8.52
C VAL A 148 -12.25 1.00 9.27
N MET A 149 -13.05 1.78 9.96
CA MET A 149 -12.49 2.91 10.70
C MET A 149 -11.59 2.39 11.82
N LEU A 150 -12.08 1.40 12.53
CA LEU A 150 -11.31 0.82 13.63
C LEU A 150 -10.04 0.15 13.11
N SER A 151 -10.18 -0.62 12.04
CA SER A 151 -9.03 -1.31 11.46
C SER A 151 -8.01 -0.33 10.89
N TYR A 152 -8.50 0.66 10.15
CA TYR A 152 -7.66 1.66 9.53
C TYR A 152 -6.94 2.51 10.56
N GLY A 153 -7.69 2.95 11.57
CA GLY A 153 -7.15 3.84 12.60
C GLY A 153 -5.95 3.28 13.34
N LEU A 154 -5.99 2.03 13.77
CA LEU A 154 -4.88 1.50 14.55
C LEU A 154 -3.57 1.43 13.76
N GLY A 155 -3.58 0.94 12.53
CA GLY A 155 -2.33 0.89 11.78
C GLY A 155 -1.81 2.30 11.49
N MET A 156 -2.74 3.14 11.05
CA MET A 156 -2.46 4.53 10.69
C MET A 156 -2.05 5.41 11.87
N ALA A 157 -2.78 5.29 12.97
CA ALA A 157 -2.59 6.16 14.14
C ALA A 157 -1.19 6.17 14.74
N VAL A 158 -0.58 5.01 14.91
CA VAL A 158 0.75 5.01 15.53
C VAL A 158 1.79 5.69 14.65
N THR A 159 1.77 5.37 13.37
CA THR A 159 2.74 5.93 12.42
C THR A 159 2.62 7.42 12.21
N ILE A 160 1.41 7.88 12.05
CA ILE A 160 1.25 9.29 11.73
C ILE A 160 1.91 10.21 12.73
N ALA A 161 1.91 9.87 14.01
CA ALA A 161 2.58 10.76 14.94
C ALA A 161 4.06 10.84 14.59
N ALA A 162 4.67 9.69 14.33
CA ALA A 162 6.07 9.64 13.94
C ALA A 162 6.27 10.31 12.57
N VAL A 163 5.38 9.98 11.64
CA VAL A 163 5.45 10.48 10.27
C VAL A 163 5.25 12.00 10.18
N PHE A 164 4.26 12.53 10.88
CA PHE A 164 3.99 13.96 10.79
C PHE A 164 5.25 14.77 11.14
N LYS A 165 6.05 14.27 12.06
CA LYS A 165 7.28 14.95 12.47
C LYS A 165 8.21 15.18 11.26
N MET A 166 8.22 14.23 10.34
CA MET A 166 9.09 14.33 9.15
C MET A 166 8.86 15.63 8.38
N GLY A 167 7.61 16.10 8.34
CA GLY A 167 7.28 17.32 7.61
C GLY A 167 8.39 18.37 7.74
N GLU A 168 9.17 18.27 8.81
CA GLU A 168 10.29 19.18 9.05
C GLU A 168 11.60 18.40 9.11
N LYS A 169 11.55 17.25 9.77
CA LYS A 169 12.72 16.39 9.91
C LYS A 169 12.33 15.10 10.62
N PHE A 170 12.49 13.97 9.95
CA PHE A 170 12.13 12.69 10.55
C PHE A 170 12.93 12.48 11.85
N VAL A 171 13.85 11.53 11.90
CA VAL A 171 14.63 11.32 13.12
C VAL A 171 15.81 10.38 12.86
N LYS A 172 15.51 9.17 12.40
CA LYS A 172 16.57 8.21 12.12
C LYS A 172 16.00 7.04 11.32
N ALA A 173 15.44 6.06 12.03
CA ALA A 173 14.85 4.90 11.38
C ALA A 173 14.00 4.10 12.34
N ASN A 174 13.43 4.81 13.34
CA ASN A 174 12.57 4.24 14.35
C ASN A 174 12.05 2.88 13.98
N PHE A 175 12.62 1.91 14.63
CA PHE A 175 12.28 0.52 14.41
C PHE A 175 10.79 0.28 14.66
N GLN A 176 10.23 0.95 15.66
CA GLN A 176 8.80 0.76 15.99
C GLN A 176 7.94 1.10 14.78
N LEU A 177 8.35 2.11 14.05
CA LEU A 177 7.66 2.56 12.85
C LEU A 177 7.55 1.41 11.85
N ILE A 178 8.59 0.59 11.76
CA ILE A 178 8.58 -0.52 10.81
C ILE A 178 7.38 -1.45 11.08
N ARG A 179 7.06 -1.64 12.35
CA ARG A 179 5.94 -2.50 12.75
C ARG A 179 4.62 -2.04 12.13
N LYS A 180 4.43 -0.74 12.02
CA LYS A 180 3.19 -0.21 11.46
C LYS A 180 2.97 -0.75 10.05
N VAL A 181 4.04 -0.88 9.27
CA VAL A 181 3.89 -1.29 7.90
C VAL A 181 3.19 -2.64 7.77
N THR A 182 3.53 -3.60 8.59
CA THR A 182 2.85 -4.90 8.48
C THR A 182 1.35 -4.79 8.73
N GLY A 183 0.96 -4.04 9.76
CA GLY A 183 -0.46 -3.91 10.07
C GLY A 183 -1.26 -3.26 8.96
N ALA A 184 -0.72 -2.19 8.38
CA ALA A 184 -1.44 -1.53 7.33
C ALA A 184 -1.65 -2.46 6.16
N ILE A 185 -0.60 -3.19 5.81
CA ILE A 185 -0.68 -4.10 4.69
C ILE A 185 -1.71 -5.23 4.85
N VAL A 186 -1.79 -5.87 6.02
CA VAL A 186 -2.75 -6.97 6.12
C VAL A 186 -4.20 -6.53 5.92
N LEU A 187 -4.56 -5.40 6.53
CA LEU A 187 -5.92 -4.86 6.46
C LEU A 187 -6.41 -4.46 5.06
N LEU A 188 -5.55 -3.81 4.27
CA LEU A 188 -6.02 -3.27 2.99
C LEU A 188 -6.62 -4.33 2.07
N TYR A 189 -6.01 -5.50 1.93
CA TYR A 189 -6.61 -6.50 1.06
C TYR A 189 -8.00 -6.89 1.55
N LEU A 190 -8.14 -7.08 2.85
CA LEU A 190 -9.43 -7.45 3.42
C LEU A 190 -10.46 -6.36 3.21
N ALA A 191 -10.05 -5.11 3.40
CA ALA A 191 -10.95 -3.98 3.25
C ALA A 191 -11.50 -3.86 1.85
N TYR A 192 -10.66 -4.06 0.84
CA TYR A 192 -11.13 -3.95 -0.54
C TYR A 192 -12.21 -5.00 -0.81
N PHE A 193 -12.03 -6.19 -0.26
CA PHE A 193 -13.01 -7.26 -0.44
C PHE A 193 -14.37 -6.80 0.11
N ALA A 194 -14.33 -6.16 1.28
CA ALA A 194 -15.54 -5.64 1.92
C ALA A 194 -16.73 -6.59 1.70
N LEU A 195 -17.91 -6.02 1.54
CA LEU A 195 -19.13 -6.80 1.33
C LEU A 195 -19.73 -6.42 -0.03
N THR A 196 -20.29 -5.20 -0.11
CA THR A 196 -20.88 -4.71 -1.35
C THR A 196 -20.81 -3.18 -1.38
N GLU A 197 -20.17 -2.59 -0.38
CA GLU A 197 -20.04 -1.14 -0.30
C GLU A 197 -18.69 -0.67 -0.83
N VAL A 198 -18.16 -1.38 -1.82
CA VAL A 198 -16.88 -1.02 -2.40
C VAL A 198 -16.97 0.35 -3.07
N LEU A 199 -18.09 0.59 -3.75
CA LEU A 199 -18.29 1.86 -4.43
C LEU A 199 -19.79 2.09 -4.69
N LEU A 200 -20.23 3.34 -4.59
CA LEU A 200 -21.64 3.66 -4.81
C LEU A 200 -21.79 5.12 -5.22
N LEU A 201 -21.13 6.01 -4.51
CA LEU A 201 -21.20 7.44 -4.82
C LEU A 201 -20.43 7.73 -6.10
N GLU A 202 -21.17 8.05 -7.17
CA GLU A 202 -20.55 8.34 -8.45
C GLU A 202 -19.72 9.63 -8.35
N GLN A 11 -5.48 9.32 -6.77
CA GLN A 11 -6.56 9.53 -7.79
C GLN A 11 -6.65 11.01 -8.13
N LEU A 12 -6.48 11.86 -7.12
CA LEU A 12 -6.55 13.30 -7.33
C LEU A 12 -6.02 14.05 -6.10
N MET A 13 -5.60 13.30 -5.09
CA MET A 13 -5.08 13.92 -3.87
C MET A 13 -4.15 12.94 -3.13
N ALA A 14 -4.40 11.65 -3.30
CA ALA A 14 -3.58 10.63 -2.65
C ALA A 14 -2.13 10.72 -3.11
N PHE A 15 -1.95 11.01 -4.40
CA PHE A 15 -0.62 11.13 -4.98
C PHE A 15 0.14 12.28 -4.30
N ALA A 16 -0.59 13.36 -4.01
CA ALA A 16 0.01 14.54 -3.39
C ALA A 16 0.59 14.23 -2.00
N LEU A 17 -0.09 13.38 -1.24
CA LEU A 17 0.39 13.07 0.10
C LEU A 17 1.77 12.42 0.08
N GLY A 18 2.00 11.49 -0.84
CA GLY A 18 3.28 10.81 -0.89
C GLY A 18 4.46 11.75 -1.16
N ILE A 19 4.30 12.70 -2.09
CA ILE A 19 5.39 13.63 -2.38
C ILE A 19 5.75 14.47 -1.15
N LEU A 20 4.73 14.91 -0.45
CA LEU A 20 4.96 15.74 0.75
C LEU A 20 5.74 14.97 1.82
N SER A 21 5.39 13.71 2.02
CA SER A 21 6.02 12.90 3.06
C SER A 21 7.51 12.71 2.84
N VAL A 22 7.88 12.44 1.60
CA VAL A 22 9.28 12.27 1.26
C VAL A 22 10.03 13.57 1.55
N PHE A 23 9.36 14.69 1.26
CA PHE A 23 9.95 16.02 1.45
C PHE A 23 10.98 16.03 2.57
N SER A 24 10.53 15.77 3.79
CA SER A 24 11.44 15.73 4.93
C SER A 24 12.33 14.48 4.88
N PRO A 25 13.63 14.60 4.74
CA PRO A 25 14.54 13.42 4.68
C PRO A 25 14.89 12.89 6.08
N ALA A 26 15.85 11.97 6.12
CA ALA A 26 16.29 11.38 7.38
C ALA A 26 17.71 10.84 7.22
N VAL A 27 17.84 9.51 7.27
CA VAL A 27 19.14 8.88 7.11
C VAL A 27 19.62 9.03 5.66
N LEU A 28 20.93 8.92 5.45
CA LEU A 28 21.49 9.08 4.11
C LEU A 28 20.62 8.37 3.05
N PRO A 29 20.56 7.05 3.02
CA PRO A 29 19.75 6.30 2.01
C PRO A 29 18.23 6.54 2.07
N VAL A 30 17.67 6.84 3.27
CA VAL A 30 16.21 7.06 3.40
C VAL A 30 15.42 6.10 2.49
N VAL A 31 15.39 4.82 2.88
CA VAL A 31 14.66 3.79 2.13
C VAL A 31 14.85 2.36 2.69
N PRO A 32 15.84 2.08 3.53
CA PRO A 32 16.05 0.70 4.04
C PRO A 32 15.32 0.38 5.34
N LEU A 33 14.71 1.37 6.00
CA LEU A 33 14.03 1.08 7.28
C LEU A 33 12.79 1.96 7.52
N ILE A 34 12.79 3.24 7.12
CA ILE A 34 11.63 4.11 7.38
C ILE A 34 10.73 4.20 6.15
N PHE A 35 11.10 3.52 5.06
CA PHE A 35 10.29 3.56 3.84
C PHE A 35 9.80 4.99 3.59
N ALA A 36 10.71 5.95 3.78
CA ALA A 36 10.39 7.36 3.62
C ALA A 36 11.44 8.10 2.78
N GLY A 37 11.41 9.43 2.84
CA GLY A 37 12.35 10.26 2.09
C GLY A 37 12.50 9.75 0.66
N SER A 38 13.43 10.35 -0.08
CA SER A 38 13.63 9.95 -1.47
C SER A 38 15.01 10.38 -1.99
N ARG A 39 15.12 10.44 -3.30
CA ARG A 39 16.37 10.83 -3.96
C ARG A 39 16.13 10.83 -5.48
N GLY A 40 17.15 10.51 -6.27
CA GLY A 40 16.99 10.48 -7.73
C GLY A 40 16.12 9.29 -8.15
N ARG A 41 16.68 8.09 -7.99
CA ARG A 41 15.97 6.86 -8.36
C ARG A 41 14.69 6.67 -7.52
N ALA A 42 14.76 7.04 -6.25
CA ALA A 42 13.65 6.83 -5.32
C ALA A 42 12.32 7.50 -5.74
N LEU A 43 12.35 8.69 -6.32
CA LEU A 43 11.09 9.34 -6.68
C LEU A 43 10.29 8.45 -7.63
N ASP A 44 10.97 7.76 -8.54
CA ASP A 44 10.27 6.89 -9.46
C ASP A 44 9.50 5.84 -8.65
N ALA A 45 10.11 5.38 -7.56
CA ALA A 45 9.48 4.39 -6.69
C ALA A 45 8.19 4.95 -6.09
N PHE A 46 8.23 6.24 -5.74
CA PHE A 46 7.06 6.89 -5.13
C PHE A 46 5.84 6.80 -6.08
N LEU A 47 6.09 6.92 -7.36
CA LEU A 47 5.00 6.83 -8.34
C LEU A 47 4.30 5.48 -8.22
N ILE A 48 5.09 4.43 -7.98
CA ILE A 48 4.54 3.08 -7.90
C ILE A 48 3.45 2.97 -6.82
N VAL A 49 3.65 3.56 -5.65
CA VAL A 49 2.62 3.45 -4.62
C VAL A 49 1.30 4.08 -5.08
N ALA A 50 1.39 5.22 -5.75
CA ALA A 50 0.23 5.92 -6.28
C ALA A 50 -0.53 5.08 -7.31
N GLY A 51 0.23 4.35 -8.13
CA GLY A 51 -0.33 3.57 -9.22
C GLY A 51 -1.39 2.55 -8.82
N LEU A 52 -1.21 1.86 -7.69
CA LEU A 52 -2.21 0.85 -7.32
C LEU A 52 -3.61 1.47 -7.21
N THR A 53 -3.70 2.68 -6.66
CA THR A 53 -5.00 3.31 -6.47
C THR A 53 -5.77 3.53 -7.78
N ILE A 54 -5.10 3.97 -8.84
CA ILE A 54 -5.81 4.20 -10.10
C ILE A 54 -6.41 2.88 -10.62
N SER A 55 -5.61 1.83 -10.52
CA SER A 55 -6.03 0.50 -10.94
C SER A 55 -7.22 0.03 -10.09
N MET A 56 -7.08 0.33 -8.82
CA MET A 56 -8.03 -0.05 -7.75
C MET A 56 -9.44 0.52 -7.88
N LEU A 57 -9.58 1.76 -8.33
CA LEU A 57 -10.91 2.37 -8.38
C LEU A 57 -11.89 1.57 -9.24
N ILE A 58 -11.45 1.08 -10.38
CA ILE A 58 -12.30 0.30 -11.26
C ILE A 58 -12.80 -1.00 -10.61
N LEU A 59 -11.95 -1.67 -9.82
CA LEU A 59 -12.37 -2.94 -9.22
C LEU A 59 -13.62 -2.73 -8.36
N GLY A 60 -13.68 -1.61 -7.65
CA GLY A 60 -14.84 -1.33 -6.81
C GLY A 60 -16.13 -1.56 -7.60
N TYR A 61 -16.00 -1.53 -8.93
CA TYR A 61 -17.15 -1.74 -9.83
C TYR A 61 -16.83 -2.84 -10.84
N THR A 62 -17.79 -3.13 -11.72
CA THR A 62 -17.60 -4.17 -12.73
C THR A 62 -16.39 -3.84 -13.62
N ALA A 63 -16.62 -3.74 -14.93
CA ALA A 63 -15.54 -3.43 -15.86
C ALA A 63 -16.09 -3.25 -17.27
N SER A 64 -16.24 -4.37 -17.98
CA SER A 64 -16.75 -4.35 -19.35
C SER A 64 -15.86 -3.48 -20.25
N LEU A 65 -16.28 -2.25 -20.50
CA LEU A 65 -15.51 -1.34 -21.36
C LEU A 65 -14.77 -0.28 -20.52
N PHE A 66 -14.33 -0.65 -19.33
CA PHE A 66 -13.61 0.25 -18.45
C PHE A 66 -12.15 -0.20 -18.34
N PHE A 67 -11.69 -0.94 -19.34
CA PHE A 67 -10.34 -1.42 -19.37
C PHE A 67 -9.99 -2.18 -18.10
N GLY A 68 -10.77 -3.23 -17.82
CA GLY A 68 -10.55 -4.07 -16.65
C GLY A 68 -9.12 -4.61 -16.65
N PHE A 69 -8.63 -4.88 -17.85
CA PHE A 69 -7.29 -5.44 -18.04
C PHE A 69 -6.18 -4.57 -17.44
N PHE A 70 -6.33 -3.25 -17.47
CA PHE A 70 -5.24 -2.40 -16.98
C PHE A 70 -4.80 -2.73 -15.57
N ARG A 71 -5.73 -2.92 -14.66
CA ARG A 71 -5.31 -3.20 -13.30
C ARG A 71 -4.58 -4.54 -13.18
N VAL A 72 -5.10 -5.61 -13.80
CA VAL A 72 -4.42 -6.90 -13.66
C VAL A 72 -3.03 -6.96 -14.31
N VAL A 73 -2.88 -6.47 -15.54
CA VAL A 73 -1.57 -6.51 -16.18
C VAL A 73 -0.55 -5.62 -15.46
N ALA A 74 -0.99 -4.40 -15.14
CA ALA A 74 -0.15 -3.42 -14.47
C ALA A 74 0.41 -4.02 -13.19
N MET A 75 -0.40 -4.84 -12.58
CA MET A 75 -0.06 -5.50 -11.34
C MET A 75 1.26 -6.27 -11.44
N LEU A 76 1.48 -6.91 -12.59
CA LEU A 76 2.70 -7.69 -12.79
C LEU A 76 3.96 -6.80 -12.78
N PHE A 77 3.85 -5.63 -13.41
CA PHE A 77 4.98 -4.70 -13.47
C PHE A 77 5.48 -4.39 -12.07
N LEU A 78 4.56 -4.33 -11.12
CA LEU A 78 4.90 -4.05 -9.73
C LEU A 78 5.83 -5.12 -9.12
N LEU A 79 5.63 -6.36 -9.55
CA LEU A 79 6.40 -7.49 -9.02
C LEU A 79 7.92 -7.31 -9.12
N ILE A 80 8.42 -6.86 -10.26
CA ILE A 80 9.87 -6.70 -10.42
C ILE A 80 10.45 -5.82 -9.31
N PHE A 81 9.75 -4.77 -8.96
CA PHE A 81 10.22 -3.85 -7.93
C PHE A 81 10.32 -4.55 -6.56
N ALA A 82 9.40 -5.46 -6.30
CA ALA A 82 9.37 -6.17 -5.03
C ALA A 82 10.62 -7.02 -4.81
N LEU A 83 11.09 -7.65 -5.87
CA LEU A 83 12.27 -8.50 -5.78
C LEU A 83 13.46 -7.74 -5.19
N ILE A 84 13.55 -6.46 -5.52
CA ILE A 84 14.65 -5.64 -5.01
C ILE A 84 14.65 -5.57 -3.48
N LEU A 85 13.48 -5.35 -2.90
CA LEU A 85 13.38 -5.27 -1.43
C LEU A 85 13.73 -6.60 -0.78
N LEU A 86 13.18 -7.68 -1.32
CA LEU A 86 13.44 -9.00 -0.76
C LEU A 86 14.93 -9.36 -0.92
N SER A 87 15.47 -9.10 -2.10
CA SER A 87 16.88 -9.40 -2.37
C SER A 87 17.80 -8.54 -1.50
N ASP A 88 17.47 -7.25 -1.41
CA ASP A 88 18.28 -6.32 -0.61
C ASP A 88 17.70 -6.15 0.79
N GLU A 89 18.38 -5.36 1.62
CA GLU A 89 17.93 -5.12 2.98
C GLU A 89 17.88 -6.41 3.78
N LEU A 90 18.44 -6.38 4.99
CA LEU A 90 18.47 -7.54 5.88
C LEU A 90 17.88 -7.18 7.24
N ASP A 91 16.56 -7.25 7.36
CA ASP A 91 15.87 -6.92 8.62
C ASP A 91 14.89 -8.03 8.98
N GLU A 92 14.13 -7.83 10.06
CA GLU A 92 13.16 -8.82 10.51
C GLU A 92 11.78 -8.54 9.92
N LYS A 93 11.52 -7.26 9.64
CA LYS A 93 10.23 -6.86 9.07
C LYS A 93 10.10 -7.46 7.66
N VAL A 94 11.22 -7.78 7.05
CA VAL A 94 11.20 -8.35 5.72
C VAL A 94 10.54 -9.74 5.75
N SER A 95 10.81 -10.51 6.79
CA SER A 95 10.25 -11.87 6.88
C SER A 95 8.72 -11.87 7.00
N ILE A 96 8.18 -11.01 7.86
CA ILE A 96 6.73 -10.94 8.02
C ILE A 96 6.08 -10.43 6.75
N PHE A 97 6.80 -9.54 6.07
CA PHE A 97 6.30 -8.96 4.84
C PHE A 97 5.96 -10.09 3.87
N ALA A 98 6.82 -11.10 3.84
CA ALA A 98 6.57 -12.27 2.99
C ALA A 98 5.34 -13.03 3.51
N SER A 99 5.16 -13.04 4.82
CA SER A 99 4.03 -13.73 5.45
C SER A 99 2.69 -13.29 4.88
N ARG A 100 2.57 -12.01 4.53
CA ARG A 100 1.31 -11.51 4.00
C ARG A 100 0.90 -12.36 2.80
N MET A 101 1.87 -12.82 2.01
CA MET A 101 1.54 -13.64 0.84
C MET A 101 0.69 -14.82 1.27
N THR A 102 1.10 -15.47 2.36
CA THR A 102 0.38 -16.62 2.87
C THR A 102 -1.03 -16.26 3.36
N SER A 103 -1.14 -15.17 4.12
CA SER A 103 -2.44 -14.77 4.66
C SER A 103 -3.41 -14.38 3.54
N GLY A 104 -2.93 -13.58 2.59
CA GLY A 104 -3.78 -13.16 1.49
C GLY A 104 -4.16 -14.36 0.63
N LEU A 105 -3.15 -15.18 0.34
CA LEU A 105 -3.31 -16.40 -0.45
C LEU A 105 -4.41 -16.26 -1.52
N SER A 106 -4.89 -17.40 -2.00
CA SER A 106 -5.94 -17.44 -3.03
C SER A 106 -6.30 -18.88 -3.36
N TRP A 107 -7.09 -19.06 -4.42
CA TRP A 107 -7.49 -20.40 -4.83
C TRP A 107 -6.26 -21.19 -5.27
N LYS A 108 -6.17 -22.45 -4.84
CA LYS A 108 -5.03 -23.30 -5.20
C LYS A 108 -5.45 -24.75 -5.37
N ILE A 109 -6.55 -24.96 -6.10
CA ILE A 109 -7.06 -26.31 -6.35
C ILE A 109 -7.50 -26.44 -7.80
N GLN A 110 -8.27 -25.45 -8.25
CA GLN A 110 -8.77 -25.43 -9.62
C GLN A 110 -9.17 -24.01 -10.01
N THR A 111 -8.32 -23.06 -9.63
CA THR A 111 -8.57 -21.65 -9.92
C THR A 111 -8.70 -21.41 -11.42
N LEU A 112 -8.54 -20.15 -11.82
CA LEU A 112 -8.63 -19.76 -13.23
C LEU A 112 -7.24 -19.36 -13.75
N PRO A 113 -6.52 -20.24 -14.39
CA PRO A 113 -5.16 -19.96 -14.92
C PRO A 113 -5.08 -18.61 -15.66
N SER A 114 -3.87 -18.04 -15.65
CA SER A 114 -3.61 -16.76 -16.31
C SER A 114 -2.12 -16.46 -16.19
N PHE A 115 -1.72 -15.21 -16.39
CA PHE A 115 -0.33 -14.85 -16.28
C PHE A 115 0.17 -15.16 -14.87
N PHE A 116 -0.76 -15.61 -14.01
CA PHE A 116 -0.52 -15.95 -12.61
C PHE A 116 -1.69 -15.34 -11.83
N PHE A 117 -2.50 -16.18 -11.21
CA PHE A 117 -3.68 -15.70 -10.48
C PHE A 117 -3.40 -15.39 -9.00
N GLY A 118 -3.00 -16.39 -8.23
CA GLY A 118 -2.76 -16.20 -6.79
C GLY A 118 -1.68 -15.16 -6.48
N MET A 119 -0.61 -15.16 -7.27
CA MET A 119 0.48 -14.23 -7.08
C MET A 119 0.01 -12.79 -7.20
N LEU A 120 -0.89 -12.54 -8.15
CA LEU A 120 -1.37 -11.20 -8.43
C LEU A 120 -2.06 -10.59 -7.18
N LEU A 121 -2.83 -11.38 -6.44
CA LEU A 121 -3.50 -10.88 -5.24
C LEU A 121 -2.49 -10.35 -4.21
N ALA A 122 -1.39 -11.09 -4.07
CA ALA A 122 -0.29 -10.77 -3.16
C ALA A 122 0.35 -9.41 -3.47
N PHE A 123 0.46 -9.15 -4.76
CA PHE A 123 1.10 -7.98 -5.33
C PHE A 123 0.49 -6.63 -4.90
N LEU A 124 -0.82 -6.51 -4.78
CA LEU A 124 -1.43 -5.22 -4.50
C LEU A 124 -0.95 -4.56 -3.20
N TRP A 125 -0.77 -5.29 -2.13
CA TRP A 125 -0.34 -4.66 -0.88
C TRP A 125 1.03 -3.91 -0.92
N LEU A 126 2.05 -4.45 -1.61
CA LEU A 126 3.39 -3.83 -1.55
C LEU A 126 3.48 -2.37 -2.05
N PRO A 127 2.83 -1.97 -3.11
CA PRO A 127 2.86 -0.53 -3.55
C PRO A 127 2.31 0.44 -2.49
N ALA A 128 1.25 0.03 -1.85
CA ALA A 128 0.51 0.78 -0.85
C ALA A 128 1.30 1.72 0.08
N ILE A 129 0.67 1.81 1.25
CA ILE A 129 1.06 2.63 2.42
C ILE A 129 0.68 4.11 2.28
N LEU A 130 1.49 4.96 1.65
CA LEU A 130 1.10 6.36 1.60
C LEU A 130 -0.25 6.56 0.91
N PRO A 131 -0.55 5.88 -0.18
CA PRO A 131 -1.91 5.92 -0.81
C PRO A 131 -2.93 5.41 0.19
N PHE A 132 -2.53 4.36 0.91
CA PHE A 132 -3.38 3.73 1.92
C PHE A 132 -3.69 4.80 2.93
N ALA A 133 -2.68 5.58 3.22
CA ALA A 133 -2.86 6.71 4.10
C ALA A 133 -3.89 7.59 3.43
N GLY A 134 -3.79 7.68 2.11
CA GLY A 134 -4.72 8.49 1.33
C GLY A 134 -6.18 8.01 1.49
N ILE A 135 -6.40 6.70 1.54
CA ILE A 135 -7.77 6.20 1.67
C ILE A 135 -8.43 6.70 2.96
N ALA A 136 -7.68 6.75 4.06
CA ALA A 136 -8.28 7.16 5.33
C ALA A 136 -8.86 8.57 5.32
N ILE A 137 -8.19 9.52 4.68
CA ILE A 137 -8.75 10.87 4.65
C ILE A 137 -10.11 10.88 3.96
N SER A 138 -10.24 10.09 2.89
CA SER A 138 -11.50 10.02 2.16
C SER A 138 -12.61 9.50 3.05
N GLN A 139 -12.28 8.52 3.88
CA GLN A 139 -13.26 7.95 4.81
C GLN A 139 -13.80 9.01 5.75
N THR A 140 -12.92 9.88 6.21
CA THR A 140 -13.31 10.95 7.13
C THR A 140 -14.36 11.84 6.49
N LEU A 141 -14.18 12.13 5.20
CA LEU A 141 -15.13 12.98 4.48
C LEU A 141 -16.46 12.25 4.30
N LEU A 142 -16.38 11.05 3.73
CA LEU A 142 -17.57 10.25 3.50
C LEU A 142 -18.25 9.93 4.84
N SER A 143 -19.28 9.10 4.79
CA SER A 143 -20.01 8.73 6.01
C SER A 143 -19.15 7.85 6.89
N GLU A 144 -19.69 7.45 8.04
CA GLU A 144 -18.96 6.60 8.97
C GLU A 144 -18.86 5.18 8.44
N ASN A 145 -17.89 4.42 8.97
CA ASN A 145 -17.68 3.04 8.55
C ASN A 145 -17.39 2.16 9.78
N PRO A 146 -17.61 0.87 9.73
CA PRO A 146 -17.40 -0.03 10.92
C PRO A 146 -15.98 -0.64 11.06
N LEU A 147 -15.87 -1.94 10.77
CA LEU A 147 -14.61 -2.69 10.93
C LEU A 147 -13.44 -2.08 10.18
N VAL A 148 -13.65 -1.69 8.93
CA VAL A 148 -12.57 -1.09 8.15
C VAL A 148 -12.02 0.10 8.91
N MET A 149 -12.92 0.93 9.43
CA MET A 149 -12.51 2.10 10.19
C MET A 149 -11.80 1.70 11.48
N LEU A 150 -12.36 0.73 12.18
CA LEU A 150 -11.77 0.26 13.43
C LEU A 150 -10.41 -0.38 13.16
N SER A 151 -10.35 -1.23 12.13
CA SER A 151 -9.11 -1.91 11.80
C SER A 151 -8.05 -0.91 11.32
N TYR A 152 -8.45 0.01 10.46
CA TYR A 152 -7.54 1.02 9.93
C TYR A 152 -7.05 1.95 11.04
N GLY A 153 -7.97 2.36 11.91
CA GLY A 153 -7.65 3.30 12.97
C GLY A 153 -6.48 2.87 13.86
N LEU A 154 -6.46 1.60 14.29
CA LEU A 154 -5.39 1.15 15.18
C LEU A 154 -4.01 1.20 14.54
N GLY A 155 -3.89 0.73 13.30
CA GLY A 155 -2.60 0.75 12.63
C GLY A 155 -2.12 2.18 12.37
N MET A 156 -3.05 3.00 11.88
CA MET A 156 -2.79 4.40 11.51
C MET A 156 -2.41 5.33 12.65
N ALA A 157 -3.13 5.25 13.77
CA ALA A 157 -2.90 6.19 14.86
C ALA A 157 -1.45 6.25 15.35
N VAL A 158 -0.84 5.11 15.53
CA VAL A 158 0.55 5.10 16.02
C VAL A 158 1.54 5.71 15.03
N THR A 159 1.38 5.36 13.75
CA THR A 159 2.32 5.81 12.72
C THR A 159 2.36 7.30 12.47
N ILE A 160 1.19 7.89 12.37
CA ILE A 160 1.15 9.30 12.04
C ILE A 160 1.90 10.16 13.04
N ALA A 161 1.88 9.78 14.31
CA ALA A 161 2.60 10.57 15.29
C ALA A 161 4.07 10.68 14.88
N ALA A 162 4.65 9.56 14.46
CA ALA A 162 6.04 9.55 14.02
C ALA A 162 6.22 10.38 12.75
N VAL A 163 5.29 10.23 11.80
CA VAL A 163 5.37 10.94 10.54
C VAL A 163 5.26 12.45 10.72
N PHE A 164 4.39 12.89 11.63
CA PHE A 164 4.24 14.33 11.85
C PHE A 164 5.62 14.92 12.16
N LYS A 165 6.42 14.13 12.85
CA LYS A 165 7.78 14.53 13.21
C LYS A 165 8.58 14.92 11.96
N MET A 166 8.32 14.24 10.85
CA MET A 166 9.06 14.49 9.61
C MET A 166 9.03 15.96 9.19
N GLY A 167 7.85 16.59 9.23
CA GLY A 167 7.75 17.99 8.83
C GLY A 167 8.92 18.80 9.39
N GLU A 168 9.54 18.25 10.43
CA GLU A 168 10.70 18.87 11.06
C GLU A 168 11.75 17.79 11.30
N LYS A 169 12.23 17.20 10.20
CA LYS A 169 13.22 16.13 10.27
C LYS A 169 12.70 14.96 11.11
N PHE A 170 12.58 13.79 10.48
CA PHE A 170 12.10 12.60 11.18
C PHE A 170 12.78 12.48 12.54
N VAL A 171 13.81 11.65 12.61
CA VAL A 171 14.54 11.46 13.86
C VAL A 171 15.78 10.60 13.62
N LYS A 172 15.57 9.41 13.07
CA LYS A 172 16.68 8.50 12.77
C LYS A 172 16.14 7.27 12.05
N ALA A 173 15.60 6.35 12.83
CA ALA A 173 15.04 5.12 12.28
C ALA A 173 14.45 4.33 13.43
N ASN A 174 13.82 5.07 14.34
CA ASN A 174 13.22 4.52 15.50
C ASN A 174 12.44 3.28 15.17
N PHE A 175 12.56 2.40 16.10
CA PHE A 175 11.94 1.10 16.07
C PHE A 175 10.42 1.18 15.91
N GLN A 176 9.80 2.16 16.55
CA GLN A 176 8.35 2.26 16.48
C GLN A 176 7.88 2.38 15.03
N LEU A 177 8.64 3.11 14.23
CA LEU A 177 8.31 3.33 12.83
C LEU A 177 8.25 2.03 12.01
N ILE A 178 9.12 1.07 12.26
CA ILE A 178 9.05 -0.16 11.48
C ILE A 178 7.71 -0.84 11.71
N ARG A 179 7.25 -0.79 12.95
CA ARG A 179 5.99 -1.43 13.33
C ARG A 179 4.81 -0.93 12.49
N LYS A 180 4.77 0.36 12.18
CA LYS A 180 3.66 0.87 11.38
C LYS A 180 3.56 0.16 10.03
N VAL A 181 4.70 -0.15 9.43
CA VAL A 181 4.68 -0.76 8.11
C VAL A 181 3.92 -2.08 8.11
N THR A 182 4.10 -2.90 9.13
CA THR A 182 3.39 -4.18 9.17
C THR A 182 1.87 -4.00 9.22
N GLY A 183 1.40 -3.05 10.03
CA GLY A 183 -0.03 -2.84 10.14
C GLY A 183 -0.65 -2.42 8.82
N ALA A 184 -0.01 -1.52 8.09
CA ALA A 184 -0.61 -1.10 6.84
C ALA A 184 -0.73 -2.28 5.89
N ILE A 185 0.30 -3.11 5.83
CA ILE A 185 0.26 -4.23 4.90
C ILE A 185 -0.85 -5.25 5.20
N VAL A 186 -1.05 -5.61 6.48
CA VAL A 186 -2.11 -6.59 6.80
C VAL A 186 -3.52 -6.10 6.45
N LEU A 187 -3.74 -4.83 6.78
CA LEU A 187 -5.04 -4.17 6.62
C LEU A 187 -5.54 -4.04 5.18
N LEU A 188 -4.66 -3.70 4.26
CA LEU A 188 -5.11 -3.45 2.90
C LEU A 188 -5.77 -4.64 2.24
N TYR A 189 -5.25 -5.84 2.41
CA TYR A 189 -5.90 -6.96 1.76
C TYR A 189 -7.32 -7.14 2.29
N LEU A 190 -7.49 -7.01 3.61
CA LEU A 190 -8.83 -7.16 4.18
C LEU A 190 -9.76 -6.07 3.65
N ALA A 191 -9.23 -4.84 3.58
CA ALA A 191 -10.01 -3.71 3.09
C ALA A 191 -10.43 -3.90 1.63
N TYR A 192 -9.50 -4.42 0.82
CA TYR A 192 -9.77 -4.64 -0.60
C TYR A 192 -10.95 -5.61 -0.74
N PHE A 193 -10.95 -6.66 0.09
CA PHE A 193 -12.03 -7.64 0.05
C PHE A 193 -13.35 -6.96 0.40
N ALA A 194 -13.30 -6.08 1.40
CA ALA A 194 -14.49 -5.35 1.84
C ALA A 194 -15.74 -6.22 1.78
N LEU A 195 -16.03 -6.93 2.86
CA LEU A 195 -17.20 -7.79 2.91
C LEU A 195 -18.47 -6.94 2.97
N THR A 196 -18.33 -5.71 3.47
CA THR A 196 -19.46 -4.79 3.58
C THR A 196 -19.73 -4.12 2.23
N GLU A 197 -19.09 -2.98 2.01
CA GLU A 197 -19.27 -2.23 0.76
C GLU A 197 -17.93 -1.66 0.29
N VAL A 198 -17.78 -1.51 -1.03
CA VAL A 198 -16.55 -0.97 -1.61
C VAL A 198 -16.80 0.46 -2.11
N LEU A 199 -17.65 1.18 -1.37
CA LEU A 199 -17.98 2.56 -1.72
C LEU A 199 -19.09 2.59 -2.77
N LEU A 200 -18.74 2.33 -4.02
CA LEU A 200 -19.72 2.33 -5.10
C LEU A 200 -20.53 3.63 -5.09
N LEU A 201 -21.37 3.79 -6.11
CA LEU A 201 -22.20 4.99 -6.22
C LEU A 201 -23.39 4.87 -5.26
N GLU A 202 -24.15 3.78 -5.40
CA GLU A 202 -25.31 3.57 -4.55
C GLU A 202 -24.87 3.25 -3.12
N GLN A 11 -7.62 8.26 -9.25
CA GLN A 11 -7.97 9.40 -8.36
C GLN A 11 -6.70 9.96 -7.72
N LEU A 12 -6.45 11.25 -7.93
CA LEU A 12 -5.27 11.89 -7.36
C LEU A 12 -5.42 12.04 -5.84
N MET A 13 -5.20 13.25 -5.35
CA MET A 13 -5.31 13.51 -3.91
C MET A 13 -4.26 12.72 -3.13
N ALA A 14 -4.43 11.40 -3.11
CA ALA A 14 -3.49 10.53 -2.40
C ALA A 14 -2.07 10.73 -2.94
N PHE A 15 -1.96 10.85 -4.26
CA PHE A 15 -0.66 11.04 -4.88
C PHE A 15 -0.04 12.34 -4.39
N ALA A 16 -0.86 13.37 -4.29
CA ALA A 16 -0.39 14.68 -3.83
C ALA A 16 0.13 14.58 -2.40
N LEU A 17 -0.55 13.79 -1.58
CA LEU A 17 -0.15 13.64 -0.18
C LEU A 17 1.25 13.04 -0.08
N GLY A 18 1.53 12.04 -0.90
CA GLY A 18 2.84 11.41 -0.87
C GLY A 18 3.97 12.43 -1.13
N ILE A 19 3.73 13.38 -2.04
CA ILE A 19 4.76 14.36 -2.36
C ILE A 19 5.20 15.13 -1.12
N LEU A 20 4.26 15.46 -0.27
CA LEU A 20 4.57 16.19 0.96
C LEU A 20 5.50 15.35 1.85
N SER A 21 5.24 14.05 1.86
CA SER A 21 6.02 13.10 2.65
C SER A 21 7.46 13.09 2.20
N VAL A 22 7.65 13.20 0.91
CA VAL A 22 8.98 13.22 0.33
C VAL A 22 9.79 14.35 0.94
N PHE A 23 9.12 15.48 1.18
CA PHE A 23 9.79 16.64 1.76
C PHE A 23 10.81 16.23 2.82
N SER A 24 10.31 15.69 3.93
CA SER A 24 11.20 15.27 5.02
C SER A 24 12.42 14.49 4.46
N PRO A 25 13.62 14.73 4.95
CA PRO A 25 14.84 14.00 4.46
C PRO A 25 15.04 12.63 5.13
N ALA A 26 15.06 12.60 6.46
CA ALA A 26 15.26 11.35 7.21
C ALA A 26 16.63 10.75 6.89
N VAL A 27 16.73 9.43 7.02
CA VAL A 27 17.98 8.69 6.76
C VAL A 27 18.76 9.33 5.62
N LEU A 28 18.62 8.79 4.41
CA LEU A 28 19.31 9.34 3.24
C LEU A 28 18.79 8.66 1.97
N PRO A 29 18.72 7.34 1.94
CA PRO A 29 18.19 6.60 0.79
C PRO A 29 16.70 6.33 0.99
N VAL A 30 16.26 6.46 2.25
CA VAL A 30 14.85 6.26 2.61
C VAL A 30 14.20 5.22 1.71
N VAL A 31 14.88 4.08 1.54
CA VAL A 31 14.36 3.01 0.69
C VAL A 31 13.65 1.95 1.56
N PRO A 32 14.22 1.55 2.66
CA PRO A 32 13.63 0.55 3.56
C PRO A 32 13.00 1.20 4.79
N LEU A 33 12.85 0.42 5.87
CA LEU A 33 12.27 0.93 7.10
C LEU A 33 11.02 1.78 6.82
N ILE A 34 11.23 3.09 6.70
CA ILE A 34 10.13 4.02 6.45
C ILE A 34 9.88 4.18 4.95
N PHE A 35 8.65 3.93 4.52
CA PHE A 35 8.29 4.06 3.11
C PHE A 35 8.78 5.42 2.60
N ALA A 36 9.13 6.29 3.55
CA ALA A 36 9.62 7.63 3.23
C ALA A 36 10.50 7.61 1.97
N GLY A 37 10.72 8.78 1.37
CA GLY A 37 11.55 8.85 0.16
C GLY A 37 12.12 10.26 -0.04
N SER A 38 13.27 10.32 -0.72
CA SER A 38 13.92 11.59 -0.99
C SER A 38 15.13 11.41 -1.92
N ARG A 39 14.86 10.96 -3.14
CA ARG A 39 15.94 10.75 -4.11
C ARG A 39 15.36 10.62 -5.53
N GLY A 40 16.22 10.74 -6.53
CA GLY A 40 15.78 10.63 -7.92
C GLY A 40 15.24 9.23 -8.21
N ARG A 41 16.08 8.22 -8.04
CA ARG A 41 15.65 6.85 -8.30
C ARG A 41 14.46 6.50 -7.42
N ALA A 42 14.48 6.99 -6.20
CA ALA A 42 13.39 6.75 -5.25
C ALA A 42 12.09 7.32 -5.78
N LEU A 43 12.17 8.48 -6.43
CA LEU A 43 10.97 9.12 -6.96
C LEU A 43 10.25 8.19 -7.93
N ASP A 44 11.00 7.49 -8.78
CA ASP A 44 10.38 6.56 -9.72
C ASP A 44 9.60 5.51 -8.95
N ALA A 45 10.20 5.02 -7.86
CA ALA A 45 9.55 4.04 -7.00
C ALA A 45 8.27 4.63 -6.42
N PHE A 46 8.33 5.90 -6.08
CA PHE A 46 7.21 6.60 -5.49
C PHE A 46 5.99 6.55 -6.41
N LEU A 47 6.21 6.65 -7.70
CA LEU A 47 5.10 6.59 -8.65
C LEU A 47 4.38 5.26 -8.55
N ILE A 48 5.14 4.20 -8.34
CA ILE A 48 4.57 2.86 -8.25
C ILE A 48 3.54 2.75 -7.12
N VAL A 49 3.79 3.33 -5.95
CA VAL A 49 2.80 3.23 -4.87
C VAL A 49 1.48 3.86 -5.30
N ALA A 50 1.56 5.01 -5.96
CA ALA A 50 0.39 5.70 -6.46
C ALA A 50 -0.34 4.86 -7.51
N GLY A 51 0.45 4.16 -8.31
CA GLY A 51 -0.05 3.39 -9.44
C GLY A 51 -1.09 2.32 -9.12
N LEU A 52 -0.97 1.61 -8.01
CA LEU A 52 -1.94 0.54 -7.76
C LEU A 52 -3.37 1.06 -7.64
N THR A 53 -3.56 2.18 -6.94
CA THR A 53 -4.92 2.65 -6.71
C THR A 53 -5.70 3.03 -7.97
N ILE A 54 -5.09 3.73 -8.95
CA ILE A 54 -5.90 4.11 -10.09
C ILE A 54 -6.43 2.92 -10.90
N SER A 55 -5.60 1.90 -11.14
CA SER A 55 -6.07 0.73 -11.87
C SER A 55 -7.17 0.00 -11.11
N MET A 56 -6.89 -0.09 -9.83
CA MET A 56 -7.75 -0.76 -8.83
C MET A 56 -9.12 -0.14 -8.64
N LEU A 57 -9.21 1.19 -8.69
CA LEU A 57 -10.48 1.86 -8.43
C LEU A 57 -11.53 1.38 -9.41
N ILE A 58 -11.11 1.15 -10.64
CA ILE A 58 -12.02 0.65 -11.65
C ILE A 58 -12.62 -0.68 -11.19
N LEU A 59 -11.79 -1.49 -10.52
CA LEU A 59 -12.22 -2.81 -10.06
C LEU A 59 -13.43 -2.69 -9.12
N GLY A 60 -13.45 -1.65 -8.29
CA GLY A 60 -14.53 -1.40 -7.32
C GLY A 60 -15.82 -2.13 -7.69
N TYR A 61 -16.25 -1.98 -8.95
CA TYR A 61 -17.47 -2.64 -9.41
C TYR A 61 -17.64 -2.45 -10.91
N THR A 62 -18.16 -1.29 -11.30
CA THR A 62 -18.39 -0.99 -12.71
C THR A 62 -17.21 -1.46 -13.56
N ALA A 63 -17.47 -1.76 -14.82
CA ALA A 63 -16.43 -2.22 -15.73
C ALA A 63 -16.95 -2.26 -17.16
N SER A 64 -17.77 -3.27 -17.46
CA SER A 64 -18.33 -3.41 -18.81
C SER A 64 -17.22 -3.58 -19.84
N LEU A 65 -16.50 -2.49 -20.10
CA LEU A 65 -15.41 -2.50 -21.06
C LEU A 65 -14.38 -1.44 -20.66
N PHE A 66 -13.76 -1.64 -19.50
CA PHE A 66 -12.76 -0.71 -18.98
C PHE A 66 -11.42 -1.42 -18.87
N PHE A 67 -11.41 -2.65 -19.34
CA PHE A 67 -10.21 -3.46 -19.32
C PHE A 67 -9.83 -3.80 -17.87
N GLY A 68 -10.69 -4.58 -17.22
CA GLY A 68 -10.44 -5.00 -15.84
C GLY A 68 -9.08 -5.69 -15.76
N PHE A 69 -8.76 -6.40 -16.83
CA PHE A 69 -7.50 -7.13 -16.94
C PHE A 69 -6.29 -6.21 -16.71
N PHE A 70 -6.39 -4.96 -17.14
CA PHE A 70 -5.26 -4.04 -17.05
C PHE A 70 -4.67 -3.94 -15.65
N ARG A 71 -5.48 -3.90 -14.62
CA ARG A 71 -4.90 -3.77 -13.29
C ARG A 71 -4.05 -4.99 -12.93
N VAL A 72 -4.56 -6.20 -13.17
CA VAL A 72 -3.81 -7.39 -12.80
C VAL A 72 -2.48 -7.59 -13.56
N VAL A 73 -2.48 -7.43 -14.89
CA VAL A 73 -1.22 -7.65 -15.62
C VAL A 73 -0.16 -6.62 -15.26
N ALA A 74 -0.57 -5.35 -15.20
CA ALA A 74 0.34 -4.26 -14.90
C ALA A 74 1.06 -4.50 -13.59
N MET A 75 0.37 -5.12 -12.64
CA MET A 75 0.96 -5.38 -11.33
C MET A 75 2.29 -6.15 -11.45
N LEU A 76 2.36 -7.04 -12.44
CA LEU A 76 3.57 -7.85 -12.63
C LEU A 76 4.82 -6.98 -12.78
N PHE A 77 4.74 -5.92 -13.57
CA PHE A 77 5.90 -5.04 -13.76
C PHE A 77 6.38 -4.54 -12.40
N LEU A 78 5.42 -4.31 -11.51
CA LEU A 78 5.70 -3.83 -10.16
C LEU A 78 6.68 -4.74 -9.42
N LEU A 79 6.60 -6.04 -9.70
CA LEU A 79 7.46 -7.03 -9.03
C LEU A 79 8.94 -6.69 -9.19
N ILE A 80 9.33 -6.14 -10.33
CA ILE A 80 10.73 -5.83 -10.57
C ILE A 80 11.30 -4.97 -9.45
N PHE A 81 10.57 -3.94 -9.04
CA PHE A 81 11.02 -3.07 -7.97
C PHE A 81 11.10 -3.83 -6.64
N ALA A 82 10.11 -4.67 -6.40
CA ALA A 82 10.03 -5.45 -5.16
C ALA A 82 11.17 -6.47 -5.02
N LEU A 83 11.61 -7.03 -6.14
CA LEU A 83 12.65 -8.05 -6.11
C LEU A 83 13.91 -7.55 -5.39
N ILE A 84 14.21 -6.26 -5.53
CA ILE A 84 15.41 -5.71 -4.89
C ILE A 84 15.36 -5.90 -3.37
N LEU A 85 14.21 -5.61 -2.76
CA LEU A 85 14.08 -5.75 -1.32
C LEU A 85 14.22 -7.22 -0.88
N LEU A 86 13.54 -8.09 -1.60
CA LEU A 86 13.59 -9.52 -1.29
C LEU A 86 15.00 -10.09 -1.51
N SER A 87 15.60 -9.72 -2.63
CA SER A 87 16.93 -10.22 -2.99
C SER A 87 17.98 -9.95 -1.91
N ASP A 88 17.98 -8.73 -1.37
CA ASP A 88 18.97 -8.36 -0.34
C ASP A 88 18.30 -7.64 0.83
N GLU A 89 19.12 -6.97 1.63
CA GLU A 89 18.63 -6.23 2.79
C GLU A 89 17.98 -7.18 3.80
N LEU A 90 18.79 -7.73 4.69
CA LEU A 90 18.28 -8.65 5.70
C LEU A 90 17.27 -7.92 6.58
N ASP A 91 17.45 -8.01 7.89
CA ASP A 91 16.56 -7.34 8.84
C ASP A 91 15.22 -8.06 8.97
N GLU A 92 14.36 -7.55 9.85
CA GLU A 92 13.04 -8.11 10.08
C GLU A 92 12.05 -7.42 9.18
N LYS A 93 10.77 -7.74 9.32
CA LYS A 93 9.72 -7.17 8.49
C LYS A 93 9.92 -7.66 7.06
N VAL A 94 11.17 -7.72 6.60
CA VAL A 94 11.46 -8.22 5.27
C VAL A 94 11.08 -9.70 5.20
N SER A 95 11.47 -10.45 6.23
CA SER A 95 11.15 -11.88 6.28
C SER A 95 9.65 -12.07 6.40
N ILE A 96 9.06 -11.28 7.29
CA ILE A 96 7.63 -11.28 7.54
C ILE A 96 6.87 -10.82 6.32
N PHE A 97 7.46 -9.89 5.58
CA PHE A 97 6.78 -9.35 4.44
C PHE A 97 6.37 -10.50 3.52
N ALA A 98 7.18 -11.53 3.46
CA ALA A 98 6.83 -12.69 2.67
C ALA A 98 5.59 -13.36 3.26
N SER A 99 5.49 -13.31 4.60
CA SER A 99 4.38 -13.95 5.30
C SER A 99 2.99 -13.43 4.87
N ARG A 100 2.86 -12.14 4.53
CA ARG A 100 1.54 -11.63 4.15
C ARG A 100 1.03 -12.34 2.90
N MET A 101 1.95 -12.68 2.00
CA MET A 101 1.57 -13.33 0.76
C MET A 101 0.75 -14.60 1.02
N THR A 102 1.20 -15.42 1.96
CA THR A 102 0.49 -16.66 2.25
C THR A 102 -0.91 -16.39 2.83
N SER A 103 -1.00 -15.46 3.78
CA SER A 103 -2.28 -15.14 4.41
C SER A 103 -3.28 -14.53 3.42
N GLY A 104 -2.80 -13.59 2.62
CA GLY A 104 -3.66 -12.92 1.64
C GLY A 104 -4.16 -13.88 0.57
N LEU A 105 -3.31 -14.85 0.21
CA LEU A 105 -3.65 -15.84 -0.82
C LEU A 105 -5.14 -16.20 -0.79
N SER A 106 -5.64 -16.69 -1.92
CA SER A 106 -7.05 -17.07 -2.03
C SER A 106 -7.21 -18.30 -2.93
N TRP A 107 -7.90 -18.13 -4.05
CA TRP A 107 -8.12 -19.23 -4.99
C TRP A 107 -6.86 -20.07 -5.15
N LYS A 108 -7.05 -21.37 -5.39
CA LYS A 108 -5.92 -22.28 -5.57
C LYS A 108 -6.35 -23.49 -6.38
N ILE A 109 -7.16 -24.35 -5.78
CA ILE A 109 -7.64 -25.55 -6.46
C ILE A 109 -8.73 -25.19 -7.46
N GLN A 110 -8.69 -25.83 -8.63
CA GLN A 110 -9.68 -25.56 -9.67
C GLN A 110 -9.88 -24.05 -9.84
N THR A 111 -8.78 -23.33 -9.99
CA THR A 111 -8.84 -21.88 -10.16
C THR A 111 -9.24 -21.52 -11.58
N LEU A 112 -9.69 -20.28 -11.76
CA LEU A 112 -10.10 -19.82 -13.09
C LEU A 112 -8.95 -19.97 -14.08
N PRO A 113 -9.22 -20.21 -15.35
CA PRO A 113 -8.16 -20.39 -16.39
C PRO A 113 -7.50 -19.05 -16.76
N SER A 114 -6.25 -18.89 -16.36
CA SER A 114 -5.50 -17.67 -16.66
C SER A 114 -4.05 -17.80 -16.24
N PHE A 115 -3.30 -16.71 -16.30
CA PHE A 115 -1.91 -16.72 -15.92
C PHE A 115 -1.74 -17.37 -14.54
N PHE A 116 -2.04 -16.62 -13.49
CA PHE A 116 -1.94 -17.12 -12.12
C PHE A 116 -2.68 -16.18 -11.18
N PHE A 117 -4.00 -16.15 -11.28
CA PHE A 117 -4.82 -15.27 -10.46
C PHE A 117 -4.26 -15.11 -9.04
N GLY A 118 -3.89 -16.22 -8.40
CA GLY A 118 -3.38 -16.12 -7.04
C GLY A 118 -2.12 -15.26 -6.95
N MET A 119 -1.22 -15.39 -7.92
CA MET A 119 -0.01 -14.59 -7.92
C MET A 119 -0.35 -13.09 -7.99
N LEU A 120 -1.35 -12.77 -8.80
CA LEU A 120 -1.78 -11.39 -8.98
C LEU A 120 -2.25 -10.78 -7.66
N LEU A 121 -2.97 -11.56 -6.86
CA LEU A 121 -3.51 -11.09 -5.58
C LEU A 121 -2.43 -10.61 -4.60
N ALA A 122 -1.34 -11.34 -4.55
CA ALA A 122 -0.24 -11.05 -3.63
C ALA A 122 0.38 -9.66 -3.83
N PHE A 123 0.53 -9.26 -5.08
CA PHE A 123 1.19 -8.01 -5.47
C PHE A 123 0.59 -6.68 -4.96
N LEU A 124 -0.73 -6.52 -4.90
CA LEU A 124 -1.30 -5.22 -4.58
C LEU A 124 -0.92 -4.60 -3.23
N TRP A 125 -0.83 -5.35 -2.17
CA TRP A 125 -0.55 -4.75 -0.86
C TRP A 125 0.79 -3.97 -0.68
N LEU A 126 1.91 -4.46 -1.22
CA LEU A 126 3.21 -3.79 -0.95
C LEU A 126 3.33 -2.32 -1.41
N PRO A 127 2.81 -1.97 -2.55
CA PRO A 127 2.88 -0.58 -3.08
C PRO A 127 2.21 0.50 -2.21
N ALA A 128 1.07 0.22 -1.63
CA ALA A 128 0.36 1.25 -0.90
C ALA A 128 0.99 1.71 0.41
N ILE A 129 0.11 1.83 1.38
CA ILE A 129 0.38 2.28 2.74
C ILE A 129 0.34 3.83 2.84
N LEU A 130 1.31 4.57 2.29
CA LEU A 130 1.26 6.01 2.45
C LEU A 130 -0.02 6.62 1.85
N PRO A 131 -0.48 6.17 0.70
CA PRO A 131 -1.82 6.57 0.16
C PRO A 131 -2.89 6.13 1.14
N PHE A 132 -2.67 4.93 1.68
CA PHE A 132 -3.57 4.33 2.65
C PHE A 132 -3.64 5.27 3.81
N ALA A 133 -2.49 5.82 4.14
CA ALA A 133 -2.45 6.81 5.18
C ALA A 133 -3.35 7.95 4.72
N GLY A 134 -3.28 8.25 3.42
CA GLY A 134 -4.09 9.31 2.83
C GLY A 134 -5.59 9.05 3.00
N ILE A 135 -6.01 7.80 2.85
CA ILE A 135 -7.43 7.44 2.95
C ILE A 135 -8.02 7.79 4.33
N ALA A 136 -7.25 7.58 5.40
CA ALA A 136 -7.78 7.78 6.75
C ALA A 136 -8.26 9.22 6.98
N ILE A 137 -7.55 10.23 6.50
CA ILE A 137 -8.05 11.59 6.71
C ILE A 137 -9.42 11.70 6.06
N SER A 138 -9.55 11.10 4.88
CA SER A 138 -10.81 11.09 4.14
C SER A 138 -11.92 10.44 4.95
N GLN A 139 -11.57 9.34 5.64
CA GLN A 139 -12.53 8.59 6.45
C GLN A 139 -13.15 9.47 7.53
N THR A 140 -12.34 10.32 8.15
CA THR A 140 -12.86 11.18 9.20
C THR A 140 -13.97 12.07 8.68
N LEU A 141 -13.79 12.57 7.46
CA LEU A 141 -14.80 13.43 6.84
C LEU A 141 -16.11 12.65 6.69
N LEU A 142 -16.64 12.62 5.47
CA LEU A 142 -17.90 11.90 5.20
C LEU A 142 -17.62 10.45 4.76
N SER A 143 -18.69 9.70 4.56
CA SER A 143 -18.57 8.29 4.14
C SER A 143 -17.69 7.50 5.11
N GLU A 144 -18.29 6.53 5.79
CA GLU A 144 -17.55 5.70 6.73
C GLU A 144 -18.42 4.56 7.26
N ASN A 145 -17.76 3.47 7.65
CA ASN A 145 -18.45 2.29 8.21
C ASN A 145 -17.85 1.99 9.59
N PRO A 146 -18.31 0.98 10.29
CA PRO A 146 -17.78 0.65 11.64
C PRO A 146 -16.51 -0.21 11.60
N LEU A 147 -16.59 -1.39 10.98
CA LEU A 147 -15.44 -2.30 10.91
C LEU A 147 -14.24 -1.65 10.25
N VAL A 148 -14.46 -0.97 9.13
CA VAL A 148 -13.36 -0.33 8.41
C VAL A 148 -12.71 0.73 9.27
N MET A 149 -13.53 1.55 9.92
CA MET A 149 -13.01 2.61 10.79
C MET A 149 -12.29 1.99 11.97
N LEU A 150 -12.91 0.98 12.57
CA LEU A 150 -12.28 0.32 13.71
C LEU A 150 -10.93 -0.24 13.27
N SER A 151 -10.94 -0.87 12.09
CA SER A 151 -9.72 -1.45 11.54
C SER A 151 -8.69 -0.35 11.21
N TYR A 152 -9.16 0.72 10.55
CA TYR A 152 -8.30 1.82 10.15
C TYR A 152 -7.70 2.55 11.34
N GLY A 153 -8.49 2.72 12.40
CA GLY A 153 -8.02 3.48 13.55
C GLY A 153 -6.80 2.86 14.23
N LEU A 154 -6.79 1.56 14.45
CA LEU A 154 -5.62 0.98 15.11
C LEU A 154 -4.35 1.11 14.26
N GLY A 155 -4.48 0.77 12.97
CA GLY A 155 -3.35 0.85 12.05
C GLY A 155 -2.85 2.27 11.82
N MET A 156 -3.80 3.19 11.59
CA MET A 156 -3.48 4.58 11.28
C MET A 156 -2.81 5.34 12.42
N ALA A 157 -3.31 5.20 13.64
CA ALA A 157 -2.74 5.98 14.73
C ALA A 157 -1.24 5.77 14.85
N VAL A 158 -0.80 4.52 14.78
CA VAL A 158 0.64 4.27 14.86
C VAL A 158 1.38 4.86 13.66
N THR A 159 0.83 4.63 12.47
CA THR A 159 1.43 5.12 11.22
C THR A 159 1.46 6.64 11.10
N ILE A 160 0.37 7.27 11.42
CA ILE A 160 0.31 8.71 11.29
C ILE A 160 1.28 9.42 12.23
N ALA A 161 1.44 8.88 13.43
CA ALA A 161 2.29 9.52 14.42
C ALA A 161 3.71 9.74 13.89
N ALA A 162 4.30 8.75 13.23
CA ALA A 162 5.66 8.94 12.73
C ALA A 162 5.70 10.02 11.64
N VAL A 163 4.72 9.97 10.75
CA VAL A 163 4.67 10.91 9.63
C VAL A 163 4.56 12.37 10.11
N PHE A 164 3.88 12.61 11.22
CA PHE A 164 3.76 13.98 11.70
C PHE A 164 5.16 14.56 11.85
N LYS A 165 6.08 13.71 12.25
CA LYS A 165 7.48 14.09 12.41
C LYS A 165 8.07 14.55 11.07
N MET A 166 7.63 13.93 9.98
CA MET A 166 8.16 14.23 8.64
C MET A 166 8.08 15.72 8.29
N GLY A 167 7.04 16.40 8.74
CA GLY A 167 6.91 17.82 8.41
C GLY A 167 8.22 18.54 8.67
N GLU A 168 8.68 18.51 9.91
CA GLU A 168 9.93 19.15 10.27
C GLU A 168 11.09 18.28 9.77
N LYS A 169 11.25 17.11 10.38
CA LYS A 169 12.30 16.18 9.99
C LYS A 169 12.00 14.78 10.51
N PHE A 170 11.77 13.83 9.59
CA PHE A 170 11.49 12.46 10.01
C PHE A 170 12.62 12.00 10.93
N VAL A 171 12.39 10.93 11.69
CA VAL A 171 13.42 10.41 12.58
C VAL A 171 14.31 9.45 11.80
N LYS A 172 15.46 9.10 12.35
CA LYS A 172 16.37 8.19 11.68
C LYS A 172 15.58 7.00 11.12
N ALA A 173 15.03 6.20 12.02
CA ALA A 173 14.24 5.05 11.62
C ALA A 173 13.83 4.30 12.87
N ASN A 174 13.38 5.09 13.85
CA ASN A 174 12.97 4.61 15.13
C ASN A 174 12.40 3.21 15.06
N PHE A 175 12.75 2.51 16.06
CA PHE A 175 12.33 1.10 16.20
C PHE A 175 10.81 1.00 16.22
N GLN A 176 10.15 1.96 16.87
CA GLN A 176 8.70 1.97 16.95
C GLN A 176 8.04 2.00 15.56
N LEU A 177 8.66 2.72 14.65
CA LEU A 177 8.16 2.90 13.29
C LEU A 177 7.96 1.56 12.58
N ILE A 178 8.85 0.61 12.78
CA ILE A 178 8.73 -0.66 12.07
C ILE A 178 7.38 -1.30 12.38
N ARG A 179 6.93 -1.18 13.62
CA ARG A 179 5.66 -1.76 14.01
C ARG A 179 4.48 -1.16 13.22
N LYS A 180 4.51 0.14 13.02
CA LYS A 180 3.44 0.81 12.31
C LYS A 180 3.28 0.32 10.87
N VAL A 181 4.38 0.03 10.18
CA VAL A 181 4.27 -0.39 8.79
C VAL A 181 3.48 -1.69 8.66
N THR A 182 3.73 -2.64 9.55
CA THR A 182 3.05 -3.91 9.41
C THR A 182 1.53 -3.80 9.54
N GLY A 183 1.03 -3.02 10.49
CA GLY A 183 -0.42 -2.94 10.61
C GLY A 183 -1.12 -2.36 9.39
N ALA A 184 -0.59 -1.29 8.80
CA ALA A 184 -1.27 -0.70 7.66
C ALA A 184 -1.37 -1.65 6.49
N ILE A 185 -0.28 -2.35 6.22
CA ILE A 185 -0.25 -3.25 5.09
C ILE A 185 -1.26 -4.42 5.18
N VAL A 186 -1.39 -5.04 6.38
CA VAL A 186 -2.33 -6.18 6.50
C VAL A 186 -3.78 -5.79 6.24
N LEU A 187 -4.18 -4.64 6.78
CA LEU A 187 -5.55 -4.14 6.69
C LEU A 187 -6.01 -3.84 5.26
N LEU A 188 -5.11 -3.32 4.43
CA LEU A 188 -5.52 -2.90 3.10
C LEU A 188 -6.15 -4.00 2.26
N TYR A 189 -5.63 -5.21 2.28
CA TYR A 189 -6.25 -6.22 1.45
C TYR A 189 -7.69 -6.47 1.87
N LEU A 190 -7.92 -6.56 3.18
CA LEU A 190 -9.26 -6.82 3.67
C LEU A 190 -10.24 -5.72 3.26
N ALA A 191 -9.82 -4.46 3.39
CA ALA A 191 -10.71 -3.35 3.03
C ALA A 191 -11.10 -3.36 1.55
N TYR A 192 -10.13 -3.65 0.67
CA TYR A 192 -10.44 -3.69 -0.77
C TYR A 192 -11.46 -4.80 -1.05
N PHE A 193 -11.27 -5.94 -0.40
CA PHE A 193 -12.17 -7.07 -0.59
C PHE A 193 -13.59 -6.72 -0.15
N ALA A 194 -13.69 -6.01 0.97
CA ALA A 194 -15.00 -5.61 1.49
C ALA A 194 -15.63 -4.52 0.62
N LEU A 195 -16.93 -4.65 0.37
CA LEU A 195 -17.65 -3.67 -0.44
C LEU A 195 -18.15 -2.52 0.44
N THR A 196 -17.84 -1.29 0.04
CA THR A 196 -18.25 -0.11 0.79
C THR A 196 -18.62 1.03 -0.16
N GLU A 197 -19.58 0.77 -1.05
CA GLU A 197 -20.02 1.78 -1.99
C GLU A 197 -18.83 2.49 -2.62
N VAL A 198 -18.39 2.01 -3.78
CA VAL A 198 -17.25 2.61 -4.47
C VAL A 198 -17.48 4.10 -4.66
N LEU A 199 -18.62 4.46 -5.22
CA LEU A 199 -18.95 5.87 -5.46
C LEU A 199 -20.32 5.98 -6.13
N LEU A 200 -21.14 4.94 -5.95
CA LEU A 200 -22.48 4.94 -6.55
C LEU A 200 -22.39 5.00 -8.06
N LEU A 201 -22.08 6.18 -8.59
CA LEU A 201 -21.95 6.36 -10.05
C LEU A 201 -23.04 5.58 -10.78
N GLU A 202 -24.30 5.95 -10.55
CA GLU A 202 -25.45 5.30 -11.18
C GLU A 202 -25.16 3.85 -11.53
N GLN A 11 -9.57 8.72 -2.20
CA GLN A 11 -8.12 8.86 -2.56
C GLN A 11 -7.88 10.24 -3.14
N LEU A 12 -8.67 11.21 -2.69
CA LEU A 12 -8.52 12.58 -3.18
C LEU A 12 -7.07 13.01 -3.10
N MET A 13 -6.49 13.33 -4.26
CA MET A 13 -5.09 13.77 -4.31
C MET A 13 -4.23 12.94 -3.37
N ALA A 14 -4.42 11.63 -3.39
CA ALA A 14 -3.66 10.74 -2.52
C ALA A 14 -2.17 10.81 -2.85
N PHE A 15 -1.86 10.86 -4.14
CA PHE A 15 -0.49 10.93 -4.57
C PHE A 15 0.18 12.17 -4.00
N ALA A 16 -0.57 13.27 -3.95
CA ALA A 16 -0.05 14.53 -3.42
C ALA A 16 0.34 14.39 -1.95
N LEU A 17 -0.44 13.63 -1.20
CA LEU A 17 -0.17 13.46 0.24
C LEU A 17 1.23 12.88 0.45
N GLY A 18 1.60 11.91 -0.36
CA GLY A 18 2.89 11.27 -0.20
C GLY A 18 4.05 12.24 -0.31
N ILE A 19 3.96 13.23 -1.20
CA ILE A 19 5.05 14.18 -1.38
C ILE A 19 5.42 14.91 -0.09
N LEU A 20 4.42 15.25 0.73
CA LEU A 20 4.69 15.97 1.97
C LEU A 20 5.65 15.17 2.85
N SER A 21 5.45 13.86 2.95
CA SER A 21 6.33 13.03 3.75
C SER A 21 7.75 13.09 3.22
N VAL A 22 7.82 13.04 1.90
CA VAL A 22 9.09 13.11 1.20
C VAL A 22 9.77 14.45 1.46
N PHE A 23 8.97 15.51 1.53
CA PHE A 23 9.52 16.85 1.74
C PHE A 23 10.65 16.81 2.76
N SER A 24 10.34 16.38 3.98
CA SER A 24 11.34 16.30 5.03
C SER A 24 12.14 14.98 4.89
N PRO A 25 13.45 15.03 4.69
CA PRO A 25 14.27 13.79 4.53
C PRO A 25 14.57 13.11 5.87
N ALA A 26 15.11 11.90 5.80
CA ALA A 26 15.46 11.12 7.00
C ALA A 26 16.89 10.61 6.89
N VAL A 27 17.83 11.28 7.56
CA VAL A 27 19.23 10.84 7.53
C VAL A 27 19.71 10.80 6.09
N LEU A 28 21.02 10.96 5.87
CA LEU A 28 21.56 10.89 4.51
C LEU A 28 20.93 9.67 3.86
N PRO A 29 20.73 9.65 2.56
CA PRO A 29 20.06 8.53 1.85
C PRO A 29 20.08 7.22 2.65
N VAL A 30 19.22 7.16 3.68
CA VAL A 30 19.14 6.01 4.55
C VAL A 30 18.76 4.76 3.78
N VAL A 31 19.10 3.61 4.35
CA VAL A 31 18.78 2.34 3.72
C VAL A 31 17.26 2.18 3.63
N PRO A 32 16.72 1.65 2.54
CA PRO A 32 15.26 1.46 2.40
C PRO A 32 14.62 0.99 3.71
N LEU A 33 13.96 1.91 4.41
CA LEU A 33 13.33 1.57 5.69
C LEU A 33 12.10 2.44 5.95
N ILE A 34 12.13 3.69 5.47
CA ILE A 34 11.02 4.61 5.67
C ILE A 34 10.39 4.95 4.30
N PHE A 35 9.08 4.70 4.17
CA PHE A 35 8.39 4.98 2.90
C PHE A 35 8.79 6.36 2.38
N ALA A 36 9.43 7.16 3.24
CA ALA A 36 9.88 8.50 2.88
C ALA A 36 10.64 8.49 1.55
N GLY A 37 11.95 8.75 1.61
CA GLY A 37 12.78 8.78 0.40
C GLY A 37 13.29 10.19 0.13
N SER A 38 14.26 10.30 -0.78
CA SER A 38 14.82 11.61 -1.12
C SER A 38 15.87 11.49 -2.24
N ARG A 39 15.62 10.59 -3.19
CA ARG A 39 16.55 10.39 -4.32
C ARG A 39 15.79 10.09 -5.60
N GLY A 40 16.47 10.24 -6.73
CA GLY A 40 15.86 9.98 -8.03
C GLY A 40 15.18 8.61 -8.03
N ARG A 41 15.86 7.62 -7.45
CA ARG A 41 15.30 6.27 -7.39
C ARG A 41 14.01 6.27 -6.59
N ALA A 42 13.99 7.08 -5.53
CA ALA A 42 12.83 7.18 -4.66
C ALA A 42 11.60 7.64 -5.44
N LEU A 43 11.80 8.56 -6.39
CA LEU A 43 10.68 9.06 -7.17
C LEU A 43 9.99 7.90 -7.89
N ASP A 44 10.77 6.98 -8.44
CA ASP A 44 10.21 5.84 -9.15
C ASP A 44 9.33 5.04 -8.20
N ALA A 45 9.81 4.85 -6.98
CA ALA A 45 9.07 4.12 -5.95
C ALA A 45 7.76 4.85 -5.64
N PHE A 46 7.82 6.17 -5.65
CA PHE A 46 6.65 7.00 -5.36
C PHE A 46 5.52 6.70 -6.32
N LEU A 47 5.85 6.48 -7.58
CA LEU A 47 4.85 6.16 -8.58
C LEU A 47 4.14 4.86 -8.23
N ILE A 48 4.89 3.91 -7.70
CA ILE A 48 4.34 2.59 -7.39
C ILE A 48 3.16 2.65 -6.42
N VAL A 49 3.20 3.46 -5.37
CA VAL A 49 2.02 3.49 -4.48
C VAL A 49 0.78 3.99 -5.23
N ALA A 50 0.97 5.03 -6.04
CA ALA A 50 -0.11 5.61 -6.81
C ALA A 50 -0.71 4.63 -7.82
N GLY A 51 0.14 3.81 -8.40
CA GLY A 51 -0.30 2.87 -9.44
C GLY A 51 -1.40 1.92 -8.97
N LEU A 52 -1.36 1.43 -7.74
CA LEU A 52 -2.40 0.51 -7.30
C LEU A 52 -3.77 1.18 -7.33
N THR A 53 -3.80 2.46 -6.95
CA THR A 53 -5.05 3.20 -6.90
C THR A 53 -5.73 3.32 -8.28
N ILE A 54 -4.97 3.59 -9.34
CA ILE A 54 -5.63 3.70 -10.64
C ILE A 54 -6.28 2.37 -11.02
N SER A 55 -5.57 1.29 -10.76
CA SER A 55 -6.07 -0.07 -11.00
C SER A 55 -7.30 -0.33 -10.14
N MET A 56 -7.19 0.19 -8.93
CA MET A 56 -8.19 0.03 -7.87
C MET A 56 -9.59 0.51 -8.23
N LEU A 57 -9.68 1.60 -8.96
CA LEU A 57 -10.98 2.16 -9.32
C LEU A 57 -11.83 1.13 -10.05
N ILE A 58 -11.18 0.35 -10.90
CA ILE A 58 -11.88 -0.65 -11.71
C ILE A 58 -12.64 -1.66 -10.86
N LEU A 59 -12.10 -2.09 -9.72
CA LEU A 59 -12.75 -3.08 -8.89
C LEU A 59 -14.15 -2.63 -8.48
N GLY A 60 -14.29 -1.35 -8.19
CA GLY A 60 -15.58 -0.79 -7.79
C GLY A 60 -16.56 -0.81 -8.95
N TYR A 61 -16.83 -2.02 -9.44
CA TYR A 61 -17.75 -2.25 -10.57
C TYR A 61 -17.02 -2.11 -11.90
N THR A 62 -17.49 -2.86 -12.90
CA THR A 62 -16.89 -2.85 -14.23
C THR A 62 -17.66 -1.92 -15.17
N ALA A 63 -17.22 -1.87 -16.42
CA ALA A 63 -17.86 -1.01 -17.43
C ALA A 63 -17.71 -1.66 -18.80
N SER A 64 -18.31 -1.04 -19.82
CA SER A 64 -18.18 -1.57 -21.16
C SER A 64 -16.70 -1.59 -21.51
N LEU A 65 -16.02 -2.66 -21.11
CA LEU A 65 -14.58 -2.77 -21.32
C LEU A 65 -13.89 -1.70 -20.49
N PHE A 66 -13.94 -1.86 -19.16
CA PHE A 66 -13.32 -0.91 -18.25
C PHE A 66 -11.82 -1.14 -18.22
N PHE A 67 -11.29 -1.51 -19.37
CA PHE A 67 -9.86 -1.77 -19.50
C PHE A 67 -9.38 -2.54 -18.27
N GLY A 68 -10.14 -3.59 -17.94
CA GLY A 68 -9.88 -4.44 -16.78
C GLY A 68 -8.46 -5.02 -16.75
N PHE A 69 -7.94 -5.34 -17.92
CA PHE A 69 -6.61 -5.95 -18.01
C PHE A 69 -5.55 -5.12 -17.29
N PHE A 70 -5.68 -3.80 -17.32
CA PHE A 70 -4.67 -2.95 -16.70
C PHE A 70 -4.41 -3.30 -15.25
N ARG A 71 -5.45 -3.52 -14.46
CA ARG A 71 -5.19 -3.78 -13.06
C ARG A 71 -4.43 -5.09 -12.83
N VAL A 72 -4.83 -6.18 -13.49
CA VAL A 72 -4.13 -7.44 -13.28
C VAL A 72 -2.68 -7.42 -13.78
N VAL A 73 -2.49 -6.91 -14.99
CA VAL A 73 -1.15 -6.86 -15.57
C VAL A 73 -0.19 -5.93 -14.84
N ALA A 74 -0.70 -4.79 -14.41
CA ALA A 74 0.14 -3.78 -13.76
C ALA A 74 0.89 -4.37 -12.59
N MET A 75 0.29 -5.30 -11.89
CA MET A 75 0.96 -5.90 -10.75
C MET A 75 2.19 -6.72 -11.18
N LEU A 76 2.10 -7.41 -12.31
CA LEU A 76 3.23 -8.22 -12.77
C LEU A 76 4.46 -7.37 -13.16
N PHE A 77 4.24 -6.20 -13.76
CA PHE A 77 5.38 -5.35 -14.13
C PHE A 77 6.22 -5.09 -12.88
N LEU A 78 5.49 -5.00 -11.78
CA LEU A 78 6.03 -4.77 -10.44
C LEU A 78 7.11 -5.79 -10.03
N LEU A 79 6.99 -7.06 -10.47
CA LEU A 79 7.93 -8.10 -10.00
C LEU A 79 9.38 -7.69 -10.23
N ILE A 80 9.68 -6.99 -11.31
CA ILE A 80 11.07 -6.59 -11.53
C ILE A 80 11.57 -5.82 -10.31
N PHE A 81 10.72 -4.95 -9.78
CA PHE A 81 11.06 -4.13 -8.61
C PHE A 81 11.25 -4.98 -7.34
N ALA A 82 10.38 -5.96 -7.14
CA ALA A 82 10.44 -6.81 -5.95
C ALA A 82 11.71 -7.67 -5.88
N LEU A 83 12.17 -8.15 -7.01
CA LEU A 83 13.35 -9.02 -7.04
C LEU A 83 14.55 -8.38 -6.35
N ILE A 84 14.80 -7.11 -6.64
CA ILE A 84 15.96 -6.44 -6.04
C ILE A 84 15.82 -6.29 -4.50
N LEU A 85 14.64 -5.88 -4.04
CA LEU A 85 14.44 -5.68 -2.60
C LEU A 85 14.54 -7.00 -1.83
N LEU A 86 13.90 -8.04 -2.34
CA LEU A 86 13.94 -9.34 -1.68
C LEU A 86 15.35 -9.90 -1.69
N SER A 87 16.01 -9.81 -2.84
CA SER A 87 17.37 -10.32 -2.98
C SER A 87 18.36 -9.54 -2.10
N ASP A 88 18.24 -8.21 -2.11
CA ASP A 88 19.14 -7.35 -1.33
C ASP A 88 18.51 -6.98 0.01
N GLU A 89 19.32 -6.40 0.89
CA GLU A 89 18.86 -5.98 2.21
C GLU A 89 18.26 -7.16 2.99
N LEU A 90 18.73 -7.36 4.21
CA LEU A 90 18.25 -8.46 5.06
C LEU A 90 17.78 -7.91 6.41
N ASP A 91 16.47 -7.65 6.52
CA ASP A 91 15.89 -7.11 7.76
C ASP A 91 14.81 -8.06 8.29
N GLU A 92 13.97 -7.56 9.19
CA GLU A 92 12.89 -8.38 9.77
C GLU A 92 11.58 -8.24 9.00
N LYS A 93 11.20 -7.01 8.69
CA LYS A 93 9.94 -6.76 7.97
C LYS A 93 9.97 -7.38 6.58
N VAL A 94 11.16 -7.48 5.99
CA VAL A 94 11.29 -8.09 4.67
C VAL A 94 10.70 -9.49 4.72
N SER A 95 11.02 -10.23 5.78
CA SER A 95 10.50 -11.57 5.96
C SER A 95 8.98 -11.52 6.13
N ILE A 96 8.53 -10.58 6.95
CA ILE A 96 7.10 -10.41 7.20
C ILE A 96 6.38 -10.05 5.91
N PHE A 97 7.04 -9.26 5.07
CA PHE A 97 6.45 -8.88 3.80
C PHE A 97 6.06 -10.16 3.07
N ALA A 98 6.98 -11.11 3.08
CA ALA A 98 6.74 -12.40 2.47
C ALA A 98 5.63 -13.13 3.22
N SER A 99 5.59 -12.93 4.55
CA SER A 99 4.58 -13.59 5.37
C SER A 99 3.16 -13.13 5.03
N ARG A 100 3.01 -11.85 4.66
CA ARG A 100 1.70 -11.32 4.31
C ARG A 100 1.12 -12.12 3.15
N MET A 101 2.00 -12.56 2.24
CA MET A 101 1.55 -13.34 1.09
C MET A 101 0.75 -14.55 1.54
N THR A 102 1.17 -15.17 2.64
CA THR A 102 0.49 -16.35 3.13
C THR A 102 -0.94 -16.02 3.57
N SER A 103 -1.11 -14.92 4.31
CA SER A 103 -2.44 -14.53 4.77
C SER A 103 -3.33 -14.17 3.59
N GLY A 104 -2.77 -13.39 2.67
CA GLY A 104 -3.49 -12.97 1.47
C GLY A 104 -3.84 -14.15 0.57
N LEU A 105 -2.94 -15.13 0.53
CA LEU A 105 -3.12 -16.33 -0.32
C LEU A 105 -4.59 -16.69 -0.50
N SER A 106 -4.87 -17.36 -1.62
CA SER A 106 -6.24 -17.78 -1.95
C SER A 106 -6.21 -19.10 -2.71
N TRP A 107 -6.42 -19.04 -4.02
CA TRP A 107 -6.41 -20.24 -4.85
C TRP A 107 -5.00 -20.48 -5.39
N LYS A 108 -4.81 -21.63 -6.05
CA LYS A 108 -3.51 -21.97 -6.61
C LYS A 108 -3.66 -22.77 -7.91
N ILE A 109 -4.42 -23.87 -7.83
CA ILE A 109 -4.64 -24.72 -9.00
C ILE A 109 -6.12 -25.08 -9.11
N GLN A 110 -6.85 -24.92 -8.01
CA GLN A 110 -8.28 -25.24 -8.00
C GLN A 110 -9.10 -24.05 -8.50
N THR A 111 -8.61 -23.41 -9.57
CA THR A 111 -9.32 -22.26 -10.14
C THR A 111 -8.93 -22.07 -11.60
N LEU A 112 -8.04 -21.12 -11.88
CA LEU A 112 -7.62 -20.86 -13.25
C LEU A 112 -6.28 -20.11 -13.27
N PRO A 113 -5.20 -20.80 -13.05
CA PRO A 113 -3.84 -20.19 -13.04
C PRO A 113 -3.54 -19.36 -14.30
N SER A 114 -2.47 -18.58 -14.23
CA SER A 114 -2.05 -17.74 -15.35
C SER A 114 -0.71 -17.09 -15.02
N PHE A 115 -0.55 -15.81 -15.33
CA PHE A 115 0.68 -15.11 -15.04
C PHE A 115 0.86 -15.00 -13.52
N PHE A 116 1.08 -16.14 -12.85
CA PHE A 116 1.24 -16.12 -11.40
C PHE A 116 0.02 -15.43 -10.80
N PHE A 117 -1.15 -16.03 -11.03
CA PHE A 117 -2.42 -15.49 -10.57
C PHE A 117 -2.45 -15.14 -9.08
N GLY A 118 -2.28 -16.13 -8.24
CA GLY A 118 -2.35 -15.90 -6.79
C GLY A 118 -1.30 -14.90 -6.28
N MET A 119 -0.09 -14.98 -6.79
CA MET A 119 0.97 -14.10 -6.33
C MET A 119 0.70 -12.60 -6.55
N LEU A 120 0.11 -12.24 -7.68
CA LEU A 120 -0.14 -10.83 -7.99
C LEU A 120 -1.03 -10.08 -6.98
N LEU A 121 -2.10 -10.72 -6.49
CA LEU A 121 -2.99 -10.06 -5.55
C LEU A 121 -2.21 -9.63 -4.31
N ALA A 122 -1.30 -10.49 -3.87
CA ALA A 122 -0.44 -10.21 -2.73
C ALA A 122 0.38 -8.95 -3.01
N PHE A 123 0.80 -8.84 -4.24
CA PHE A 123 1.60 -7.71 -4.71
C PHE A 123 0.86 -6.39 -4.51
N LEU A 124 -0.44 -6.40 -4.74
CA LEU A 124 -1.22 -5.16 -4.68
C LEU A 124 -1.12 -4.51 -3.29
N TRP A 125 -1.12 -5.25 -2.19
CA TRP A 125 -1.00 -4.58 -0.89
C TRP A 125 0.30 -3.75 -0.69
N LEU A 126 1.48 -4.23 -1.16
CA LEU A 126 2.76 -3.49 -0.90
C LEU A 126 2.84 -2.04 -1.44
N PRO A 127 2.35 -1.72 -2.60
CA PRO A 127 2.39 -0.31 -3.09
C PRO A 127 1.65 0.69 -2.18
N ALA A 128 0.50 0.31 -1.65
CA ALA A 128 -0.30 1.19 -0.83
C ALA A 128 0.43 1.88 0.33
N ILE A 129 -0.36 1.98 1.40
CA ILE A 129 -0.02 2.58 2.69
C ILE A 129 -0.03 4.13 2.65
N LEU A 130 0.98 4.78 2.07
CA LEU A 130 0.96 6.25 2.12
C LEU A 130 -0.31 6.83 1.42
N PRO A 131 -0.74 6.30 0.30
CA PRO A 131 -2.06 6.65 -0.35
C PRO A 131 -3.18 6.31 0.61
N PHE A 132 -2.98 5.15 1.27
CA PHE A 132 -3.94 4.61 2.21
C PHE A 132 -4.11 5.64 3.29
N ALA A 133 -3.01 6.25 3.63
CA ALA A 133 -3.02 7.34 4.58
C ALA A 133 -3.93 8.40 3.96
N GLY A 134 -3.82 8.55 2.63
CA GLY A 134 -4.64 9.50 1.88
C GLY A 134 -6.13 9.17 2.06
N ILE A 135 -6.47 7.90 2.07
CA ILE A 135 -7.87 7.47 2.22
C ILE A 135 -8.46 7.97 3.55
N ALA A 136 -7.66 7.94 4.62
CA ALA A 136 -8.16 8.30 5.95
C ALA A 136 -8.72 9.73 6.02
N ILE A 137 -8.10 10.70 5.37
CA ILE A 137 -8.67 12.04 5.44
C ILE A 137 -10.08 12.00 4.86
N SER A 138 -10.24 11.24 3.77
CA SER A 138 -11.54 11.06 3.13
C SER A 138 -12.55 10.45 4.10
N GLN A 139 -12.08 9.48 4.90
CA GLN A 139 -12.93 8.78 5.85
C GLN A 139 -13.53 9.76 6.89
N THR A 140 -12.75 10.73 7.33
CA THR A 140 -13.24 11.67 8.34
C THR A 140 -14.46 12.43 7.81
N LEU A 141 -14.43 12.81 6.53
CA LEU A 141 -15.58 13.49 5.93
C LEU A 141 -16.48 12.46 5.27
N LEU A 142 -17.79 12.61 5.44
CA LEU A 142 -18.75 11.65 4.89
C LEU A 142 -18.49 10.26 5.47
N SER A 143 -19.43 9.79 6.29
CA SER A 143 -19.29 8.49 6.93
C SER A 143 -19.20 7.37 5.90
N GLU A 144 -18.56 6.26 6.30
CA GLU A 144 -18.39 5.10 5.43
C GLU A 144 -18.25 3.84 6.27
N ASN A 145 -19.33 3.47 6.95
CA ASN A 145 -19.35 2.28 7.82
C ASN A 145 -18.24 2.38 8.89
N PRO A 146 -18.52 2.03 10.14
CA PRO A 146 -17.49 2.12 11.22
C PRO A 146 -16.51 0.95 11.25
N LEU A 147 -16.87 -0.17 10.62
CA LEU A 147 -15.99 -1.34 10.62
C LEU A 147 -14.66 -1.02 9.93
N VAL A 148 -14.72 -0.35 8.79
CA VAL A 148 -13.51 0.02 8.07
C VAL A 148 -12.72 1.02 8.90
N MET A 149 -13.43 1.99 9.44
CA MET A 149 -12.79 3.02 10.26
C MET A 149 -12.17 2.39 11.49
N LEU A 150 -12.89 1.45 12.10
CA LEU A 150 -12.38 0.78 13.28
C LEU A 150 -11.13 -0.03 12.93
N SER A 151 -11.21 -0.77 11.82
CA SER A 151 -10.05 -1.55 11.38
C SER A 151 -8.90 -0.62 11.01
N TYR A 152 -9.25 0.42 10.26
CA TYR A 152 -8.29 1.42 9.80
C TYR A 152 -7.70 2.21 10.96
N GLY A 153 -8.53 2.44 11.98
CA GLY A 153 -8.12 3.23 13.14
C GLY A 153 -6.89 2.67 13.89
N LEU A 154 -6.85 1.36 14.13
CA LEU A 154 -5.72 0.80 14.88
C LEU A 154 -4.39 0.95 14.14
N GLY A 155 -4.38 0.63 12.85
CA GLY A 155 -3.17 0.75 12.05
C GLY A 155 -2.74 2.21 11.92
N MET A 156 -3.75 3.06 11.74
CA MET A 156 -3.55 4.49 11.53
C MET A 156 -2.95 5.23 12.73
N ALA A 157 -3.44 4.98 13.93
CA ALA A 157 -2.94 5.73 15.07
C ALA A 157 -1.43 5.61 15.20
N VAL A 158 -0.93 4.40 15.06
CA VAL A 158 0.51 4.18 15.13
C VAL A 158 1.25 4.85 13.99
N THR A 159 0.71 4.69 12.78
CA THR A 159 1.33 5.22 11.57
C THR A 159 1.40 6.75 11.51
N ILE A 160 0.32 7.39 11.84
CA ILE A 160 0.31 8.85 11.75
C ILE A 160 1.30 9.50 12.73
N ALA A 161 1.45 8.92 13.90
CA ALA A 161 2.34 9.49 14.89
C ALA A 161 3.81 9.48 14.47
N ALA A 162 4.27 8.37 13.92
CA ALA A 162 5.69 8.28 13.53
C ALA A 162 6.03 9.25 12.39
N VAL A 163 5.19 9.30 11.37
CA VAL A 163 5.42 10.16 10.21
C VAL A 163 5.38 11.65 10.56
N PHE A 164 4.53 12.05 11.51
CA PHE A 164 4.40 13.46 11.84
C PHE A 164 5.74 14.11 12.18
N LYS A 165 6.62 13.36 12.82
CA LYS A 165 7.92 13.89 13.18
C LYS A 165 8.64 14.46 11.95
N MET A 166 8.45 13.83 10.79
CA MET A 166 9.10 14.28 9.56
C MET A 166 8.85 15.76 9.25
N GLY A 167 7.61 16.21 9.43
CA GLY A 167 7.26 17.59 9.15
C GLY A 167 8.39 18.56 9.52
N GLU A 168 9.18 18.17 10.53
CA GLU A 168 10.30 19.00 10.97
C GLU A 168 11.62 18.27 10.71
N LYS A 169 11.67 17.00 11.10
CA LYS A 169 12.86 16.19 10.91
C LYS A 169 12.56 14.73 11.23
N PHE A 170 12.55 13.89 10.19
CA PHE A 170 12.27 12.47 10.38
C PHE A 170 13.13 11.89 11.49
N VAL A 171 13.01 10.59 11.68
CA VAL A 171 13.77 9.88 12.72
C VAL A 171 15.10 9.40 12.16
N LYS A 172 16.05 9.12 13.05
CA LYS A 172 17.33 8.60 12.62
C LYS A 172 17.08 7.31 11.86
N ALA A 173 16.21 6.50 12.44
CA ALA A 173 15.81 5.22 11.87
C ALA A 173 15.08 4.42 12.95
N ASN A 174 14.20 5.12 13.66
CA ASN A 174 13.43 4.57 14.72
C ASN A 174 12.84 3.24 14.33
N PHE A 175 13.29 2.27 15.05
CA PHE A 175 12.88 0.89 14.87
C PHE A 175 11.36 0.78 15.04
N GLN A 176 10.82 1.56 15.96
CA GLN A 176 9.38 1.58 16.20
C GLN A 176 8.62 1.95 14.93
N LEU A 177 9.18 2.88 14.17
CA LEU A 177 8.55 3.37 12.94
C LEU A 177 8.27 2.24 11.94
N ILE A 178 9.21 1.32 11.79
CA ILE A 178 9.02 0.21 10.86
C ILE A 178 7.78 -0.62 11.21
N ARG A 179 7.53 -0.80 12.50
CA ARG A 179 6.39 -1.61 12.93
C ARG A 179 5.07 -1.07 12.38
N LYS A 180 4.94 0.25 12.33
CA LYS A 180 3.72 0.86 11.82
C LYS A 180 3.41 0.40 10.40
N VAL A 181 4.46 0.25 9.58
CA VAL A 181 4.25 -0.12 8.18
C VAL A 181 3.49 -1.44 8.04
N THR A 182 3.82 -2.43 8.84
CA THR A 182 3.14 -3.71 8.74
C THR A 182 1.65 -3.60 9.04
N GLY A 183 1.28 -2.83 10.07
CA GLY A 183 -0.13 -2.71 10.41
C GLY A 183 -0.95 -2.07 9.31
N ALA A 184 -0.43 -1.03 8.68
CA ALA A 184 -1.19 -0.42 7.62
C ALA A 184 -1.41 -1.41 6.50
N ILE A 185 -0.38 -2.16 6.16
CA ILE A 185 -0.51 -3.12 5.08
C ILE A 185 -1.53 -4.26 5.33
N VAL A 186 -1.57 -4.86 6.53
CA VAL A 186 -2.49 -5.98 6.74
C VAL A 186 -3.99 -5.65 6.61
N LEU A 187 -4.43 -4.53 7.18
CA LEU A 187 -5.84 -4.16 7.13
C LEU A 187 -6.37 -3.91 5.71
N LEU A 188 -5.55 -3.30 4.86
CA LEU A 188 -5.99 -2.97 3.50
C LEU A 188 -6.38 -4.21 2.69
N TYR A 189 -5.62 -5.30 2.76
CA TYR A 189 -6.03 -6.47 1.99
C TYR A 189 -7.39 -6.97 2.47
N LEU A 190 -7.54 -7.00 3.79
CA LEU A 190 -8.79 -7.45 4.40
C LEU A 190 -9.95 -6.55 4.01
N ALA A 191 -9.71 -5.24 4.01
CA ALA A 191 -10.74 -4.28 3.71
C ALA A 191 -11.26 -4.45 2.28
N TYR A 192 -10.37 -4.67 1.32
CA TYR A 192 -10.81 -4.83 -0.06
C TYR A 192 -11.71 -6.05 -0.19
N PHE A 193 -11.39 -7.11 0.53
CA PHE A 193 -12.21 -8.32 0.47
C PHE A 193 -13.64 -7.99 0.86
N ALA A 194 -13.78 -7.11 1.84
CA ALA A 194 -15.10 -6.68 2.30
C ALA A 194 -15.86 -6.02 1.14
N LEU A 195 -16.62 -6.82 0.41
CA LEU A 195 -17.38 -6.32 -0.73
C LEU A 195 -18.53 -5.42 -0.25
N THR A 196 -18.86 -5.51 1.04
CA THR A 196 -19.96 -4.72 1.60
C THR A 196 -19.46 -3.39 2.18
N GLU A 197 -18.61 -2.68 1.42
CA GLU A 197 -18.11 -1.39 1.90
C GLU A 197 -17.21 -0.72 0.87
N VAL A 198 -17.49 -0.95 -0.42
CA VAL A 198 -16.69 -0.33 -1.48
C VAL A 198 -17.13 1.14 -1.63
N LEU A 199 -17.53 1.55 -2.84
CA LEU A 199 -18.00 2.93 -3.04
C LEU A 199 -19.18 2.96 -4.00
N LEU A 200 -19.80 4.12 -4.14
CA LEU A 200 -20.95 4.28 -5.03
C LEU A 200 -21.34 5.74 -5.17
N LEU A 201 -22.31 6.00 -6.05
CA LEU A 201 -22.79 7.36 -6.29
C LEU A 201 -24.29 7.37 -6.55
N GLU A 202 -24.92 8.52 -6.37
CA GLU A 202 -26.36 8.64 -6.59
C GLU A 202 -27.10 7.50 -5.88
N GLN A 11 -11.32 12.11 -5.95
CA GLN A 11 -10.24 12.14 -4.92
C GLN A 11 -8.89 12.23 -5.60
N LEU A 12 -8.86 12.80 -6.80
CA LEU A 12 -7.62 12.95 -7.54
C LEU A 12 -6.65 13.87 -6.80
N MET A 13 -5.94 13.30 -5.82
CA MET A 13 -5.00 14.08 -5.03
C MET A 13 -4.20 13.17 -4.09
N ALA A 14 -4.58 11.90 -4.05
CA ALA A 14 -3.90 10.94 -3.19
C ALA A 14 -2.42 10.85 -3.55
N PHE A 15 -2.12 10.91 -4.84
CA PHE A 15 -0.75 10.83 -5.31
C PHE A 15 0.07 11.98 -4.74
N ALA A 16 -0.57 13.14 -4.65
CA ALA A 16 0.08 14.35 -4.14
C ALA A 16 0.59 14.14 -2.72
N LEU A 17 -0.15 13.41 -1.91
CA LEU A 17 0.24 13.19 -0.53
C LEU A 17 1.59 12.44 -0.47
N GLY A 18 1.76 11.44 -1.33
CA GLY A 18 2.99 10.65 -1.32
C GLY A 18 4.26 11.46 -1.63
N ILE A 19 4.20 12.35 -2.61
CA ILE A 19 5.38 13.14 -2.97
C ILE A 19 5.86 14.01 -1.81
N LEU A 20 4.90 14.55 -1.06
CA LEU A 20 5.24 15.44 0.05
C LEU A 20 6.15 14.75 1.08
N SER A 21 5.91 13.47 1.31
CA SER A 21 6.71 12.71 2.26
C SER A 21 8.15 12.67 1.77
N VAL A 22 8.29 12.52 0.47
CA VAL A 22 9.60 12.48 -0.15
C VAL A 22 10.33 13.77 0.17
N PHE A 23 9.59 14.87 0.19
CA PHE A 23 10.18 16.17 0.48
C PHE A 23 11.17 16.07 1.64
N SER A 24 10.65 15.75 2.83
CA SER A 24 11.50 15.63 4.00
C SER A 24 12.55 14.52 3.80
N PRO A 25 13.84 14.83 3.85
CA PRO A 25 14.91 13.81 3.67
C PRO A 25 15.18 13.01 4.95
N ALA A 26 16.10 12.04 4.86
CA ALA A 26 16.44 11.21 6.01
C ALA A 26 17.83 10.60 5.83
N VAL A 27 17.97 9.34 6.24
CA VAL A 27 19.24 8.64 6.11
C VAL A 27 19.70 8.69 4.66
N LEU A 28 20.68 7.86 4.29
CA LEU A 28 21.15 7.83 2.91
C LEU A 28 20.26 6.84 2.13
N PRO A 29 20.26 5.57 2.47
CA PRO A 29 19.36 4.57 1.80
C PRO A 29 17.94 5.12 1.55
N VAL A 30 17.30 5.64 2.61
CA VAL A 30 15.94 6.18 2.53
C VAL A 30 14.96 5.26 1.80
N VAL A 31 15.03 3.95 2.06
CA VAL A 31 14.09 3.03 1.42
C VAL A 31 14.03 1.65 2.09
N PRO A 32 15.09 1.16 2.71
CA PRO A 32 15.08 -0.16 3.37
C PRO A 32 14.93 -0.04 4.89
N LEU A 33 14.50 1.14 5.35
CA LEU A 33 14.36 1.37 6.79
C LEU A 33 13.14 2.25 7.10
N ILE A 34 13.17 3.52 6.67
CA ILE A 34 12.05 4.43 6.95
C ILE A 34 10.99 4.35 5.85
N PHE A 35 11.00 3.25 5.09
CA PHE A 35 10.03 3.04 4.01
C PHE A 35 9.71 4.36 3.31
N ALA A 36 10.70 5.25 3.28
CA ALA A 36 10.55 6.57 2.68
C ALA A 36 11.38 6.68 1.39
N GLY A 37 11.63 7.91 0.95
CA GLY A 37 12.41 8.15 -0.26
C GLY A 37 12.92 9.59 -0.31
N SER A 38 14.17 9.75 -0.75
CA SER A 38 14.76 11.08 -0.83
C SER A 38 16.08 11.04 -1.61
N ARG A 39 15.99 10.86 -2.92
CA ARG A 39 17.18 10.80 -3.75
C ARG A 39 16.81 10.98 -5.23
N GLY A 40 16.86 9.90 -6.00
CA GLY A 40 16.52 9.95 -7.41
C GLY A 40 15.65 8.76 -7.79
N ARG A 41 16.23 7.56 -7.69
CA ARG A 41 15.50 6.33 -8.01
C ARG A 41 14.32 6.13 -7.07
N ALA A 42 14.50 6.50 -5.81
CA ALA A 42 13.47 6.34 -4.79
C ALA A 42 12.17 7.06 -5.15
N LEU A 43 12.25 8.25 -5.74
CA LEU A 43 11.03 8.99 -6.08
C LEU A 43 10.13 8.16 -7.00
N ASP A 44 10.74 7.43 -7.93
CA ASP A 44 9.97 6.60 -8.85
C ASP A 44 9.12 5.60 -8.07
N ALA A 45 9.70 5.07 -7.00
CA ALA A 45 9.00 4.10 -6.17
C ALA A 45 7.71 4.69 -5.62
N PHE A 46 7.76 5.97 -5.25
CA PHE A 46 6.59 6.65 -4.71
C PHE A 46 5.43 6.66 -5.73
N LEU A 47 5.75 6.82 -6.99
CA LEU A 47 4.70 6.83 -8.00
C LEU A 47 3.93 5.50 -7.94
N ILE A 48 4.65 4.40 -7.71
CA ILE A 48 4.02 3.10 -7.66
C ILE A 48 2.99 2.99 -6.53
N VAL A 49 3.27 3.53 -5.33
CA VAL A 49 2.25 3.43 -4.28
C VAL A 49 0.98 4.14 -4.75
N ALA A 50 1.14 5.29 -5.37
CA ALA A 50 0.04 6.07 -5.90
C ALA A 50 -0.70 5.30 -6.99
N GLY A 51 0.07 4.56 -7.79
CA GLY A 51 -0.47 3.83 -8.93
C GLY A 51 -1.56 2.83 -8.58
N LEU A 52 -1.46 2.13 -7.46
CA LEU A 52 -2.48 1.14 -7.14
C LEU A 52 -3.86 1.78 -7.07
N THR A 53 -3.95 2.96 -6.46
CA THR A 53 -5.25 3.61 -6.31
C THR A 53 -5.96 3.91 -7.64
N ILE A 54 -5.23 4.38 -8.66
CA ILE A 54 -5.91 4.66 -9.93
C ILE A 54 -6.49 3.38 -10.54
N SER A 55 -5.73 2.30 -10.47
CA SER A 55 -6.18 1.00 -10.98
C SER A 55 -7.41 0.52 -10.21
N MET A 56 -7.31 0.72 -8.91
CA MET A 56 -8.32 0.32 -7.93
C MET A 56 -9.70 0.93 -8.18
N LEU A 57 -9.73 2.16 -8.64
CA LEU A 57 -11.01 2.83 -8.86
C LEU A 57 -11.81 1.99 -9.84
N ILE A 58 -11.14 1.41 -10.81
CA ILE A 58 -11.81 0.55 -11.76
C ILE A 58 -12.53 -0.59 -11.04
N LEU A 59 -11.92 -1.14 -9.98
CA LEU A 59 -12.54 -2.24 -9.25
C LEU A 59 -13.91 -1.81 -8.73
N GLY A 60 -13.98 -0.58 -8.22
CA GLY A 60 -15.24 -0.05 -7.70
C GLY A 60 -16.13 0.45 -8.83
N TYR A 61 -16.14 -0.29 -9.93
CA TYR A 61 -16.96 0.10 -11.09
C TYR A 61 -17.13 -1.12 -12.02
N THR A 62 -17.33 -2.29 -11.43
CA THR A 62 -17.51 -3.50 -12.22
C THR A 62 -16.36 -3.66 -13.21
N ALA A 63 -16.57 -3.21 -14.45
CA ALA A 63 -15.54 -3.31 -15.49
C ALA A 63 -16.18 -3.18 -16.86
N SER A 64 -17.35 -2.52 -16.92
CA SER A 64 -18.06 -2.33 -18.18
C SER A 64 -17.15 -1.64 -19.20
N LEU A 65 -16.24 -2.40 -19.79
CA LEU A 65 -15.32 -1.85 -20.76
C LEU A 65 -14.48 -0.76 -20.11
N PHE A 66 -14.22 -0.93 -18.81
CA PHE A 66 -13.43 0.03 -18.05
C PHE A 66 -12.03 -0.54 -17.81
N PHE A 67 -11.60 -1.43 -18.70
CA PHE A 67 -10.30 -2.03 -18.63
C PHE A 67 -10.03 -2.70 -17.29
N GLY A 68 -10.94 -3.58 -16.87
CA GLY A 68 -10.76 -4.33 -15.62
C GLY A 68 -9.41 -5.04 -15.65
N PHE A 69 -9.06 -5.48 -16.86
CA PHE A 69 -7.81 -6.18 -17.12
C PHE A 69 -6.61 -5.37 -16.63
N PHE A 70 -6.70 -4.05 -16.74
CA PHE A 70 -5.58 -3.19 -16.37
C PHE A 70 -5.13 -3.48 -14.95
N ARG A 71 -6.04 -3.80 -14.06
CA ARG A 71 -5.64 -4.03 -12.68
C ARG A 71 -4.71 -5.24 -12.54
N VAL A 72 -5.05 -6.37 -13.16
CA VAL A 72 -4.21 -7.55 -13.00
C VAL A 72 -2.79 -7.42 -13.60
N VAL A 73 -2.67 -6.91 -14.81
CA VAL A 73 -1.34 -6.78 -15.41
C VAL A 73 -0.44 -5.77 -14.69
N ALA A 74 -1.05 -4.69 -14.22
CA ALA A 74 -0.29 -3.61 -13.59
C ALA A 74 0.57 -4.11 -12.43
N MET A 75 0.09 -5.10 -11.68
CA MET A 75 0.87 -5.58 -10.54
C MET A 75 2.22 -6.20 -10.98
N LEU A 76 2.22 -6.86 -12.13
CA LEU A 76 3.44 -7.53 -12.63
C LEU A 76 4.65 -6.59 -12.73
N PHE A 77 4.47 -5.38 -13.27
CA PHE A 77 5.58 -4.44 -13.44
C PHE A 77 6.18 -3.98 -12.10
N LEU A 78 5.32 -3.80 -11.12
CA LEU A 78 5.73 -3.34 -9.79
C LEU A 78 6.67 -4.32 -9.07
N LEU A 79 6.48 -5.61 -9.31
CA LEU A 79 7.25 -6.65 -8.61
C LEU A 79 8.78 -6.46 -8.76
N ILE A 80 9.26 -5.97 -9.89
CA ILE A 80 10.70 -5.84 -10.04
C ILE A 80 11.28 -5.01 -8.88
N PHE A 81 10.62 -3.92 -8.54
CA PHE A 81 11.07 -3.07 -7.42
C PHE A 81 10.99 -3.81 -6.09
N ALA A 82 9.95 -4.62 -5.94
CA ALA A 82 9.73 -5.38 -4.70
C ALA A 82 10.92 -6.28 -4.37
N LEU A 83 11.55 -6.83 -5.39
CA LEU A 83 12.67 -7.74 -5.19
C LEU A 83 13.77 -7.09 -4.33
N ILE A 84 13.96 -5.79 -4.48
CA ILE A 84 14.98 -5.09 -3.73
C ILE A 84 14.73 -5.20 -2.22
N LEU A 85 13.48 -5.00 -1.79
CA LEU A 85 13.15 -5.07 -0.38
C LEU A 85 13.35 -6.48 0.17
N LEU A 86 12.88 -7.48 -0.57
CA LEU A 86 13.01 -8.86 -0.12
C LEU A 86 14.48 -9.24 0.05
N SER A 87 15.34 -8.71 -0.80
CA SER A 87 16.76 -9.01 -0.72
C SER A 87 17.32 -8.59 0.64
N ASP A 88 16.94 -7.38 1.07
CA ASP A 88 17.39 -6.83 2.37
C ASP A 88 18.75 -7.39 2.79
N GLU A 89 18.85 -7.79 4.05
CA GLU A 89 20.09 -8.34 4.58
C GLU A 89 19.79 -9.20 5.80
N LEU A 90 18.64 -9.86 5.77
CA LEU A 90 18.22 -10.71 6.88
C LEU A 90 17.89 -9.86 8.09
N ASP A 91 16.69 -9.27 8.10
CA ASP A 91 16.24 -8.42 9.20
C ASP A 91 15.05 -9.06 9.93
N GLU A 92 14.42 -8.27 10.81
CA GLU A 92 13.27 -8.72 11.57
C GLU A 92 12.01 -8.04 11.04
N LYS A 93 10.86 -8.65 11.28
CA LYS A 93 9.60 -8.09 10.78
C LYS A 93 9.54 -8.26 9.26
N VAL A 94 10.70 -8.31 8.63
CA VAL A 94 10.80 -8.52 7.19
C VAL A 94 10.27 -9.90 6.84
N SER A 95 10.49 -10.86 7.74
CA SER A 95 10.04 -12.22 7.46
C SER A 95 8.51 -12.30 7.40
N ILE A 96 7.82 -11.68 8.35
CA ILE A 96 6.35 -11.68 8.33
C ILE A 96 5.84 -10.90 7.13
N PHE A 97 6.56 -9.85 6.77
CA PHE A 97 6.17 -9.03 5.63
C PHE A 97 6.02 -9.94 4.43
N ALA A 98 6.95 -10.88 4.28
CA ALA A 98 6.88 -11.85 3.20
C ALA A 98 5.66 -12.76 3.38
N SER A 99 5.33 -13.07 4.63
CA SER A 99 4.18 -13.92 4.95
C SER A 99 2.90 -13.38 4.32
N ARG A 100 2.78 -12.05 4.26
CA ARG A 100 1.59 -11.43 3.71
C ARG A 100 1.33 -12.00 2.31
N MET A 101 2.40 -12.28 1.57
CA MET A 101 2.23 -12.84 0.23
C MET A 101 1.36 -14.09 0.31
N THR A 102 1.65 -14.95 1.29
CA THR A 102 0.87 -16.17 1.47
C THR A 102 -0.57 -15.86 1.88
N SER A 103 -0.73 -14.93 2.82
CA SER A 103 -2.06 -14.56 3.31
C SER A 103 -2.91 -13.90 2.22
N GLY A 104 -2.31 -12.97 1.48
CA GLY A 104 -3.03 -12.24 0.44
C GLY A 104 -3.68 -13.18 -0.58
N LEU A 105 -2.95 -14.20 -1.02
CA LEU A 105 -3.49 -15.14 -2.01
C LEU A 105 -4.96 -15.46 -1.73
N SER A 106 -5.68 -15.84 -2.78
CA SER A 106 -7.11 -16.18 -2.65
C SER A 106 -7.37 -17.58 -3.19
N TRP A 107 -7.68 -17.68 -4.47
CA TRP A 107 -7.95 -18.97 -5.10
C TRP A 107 -6.66 -19.62 -5.60
N LYS A 108 -6.26 -20.72 -4.93
CA LYS A 108 -5.05 -21.43 -5.31
C LYS A 108 -5.31 -22.93 -5.38
N ILE A 109 -6.34 -23.39 -4.67
CA ILE A 109 -6.69 -24.80 -4.68
C ILE A 109 -6.88 -25.25 -6.13
N GLN A 110 -8.13 -25.17 -6.61
CA GLN A 110 -8.43 -25.56 -7.98
C GLN A 110 -8.21 -24.36 -8.90
N THR A 111 -8.85 -23.25 -8.56
CA THR A 111 -8.75 -22.00 -9.34
C THR A 111 -8.84 -22.25 -10.84
N LEU A 112 -8.84 -21.15 -11.60
CA LEU A 112 -8.92 -21.21 -13.06
C LEU A 112 -7.59 -20.74 -13.67
N PRO A 113 -6.76 -21.62 -14.20
CA PRO A 113 -5.45 -21.21 -14.79
C PRO A 113 -5.57 -19.95 -15.65
N SER A 114 -4.71 -18.97 -15.37
CA SER A 114 -4.73 -17.73 -16.12
C SER A 114 -3.42 -16.96 -15.90
N PHE A 115 -3.53 -15.64 -15.75
CA PHE A 115 -2.36 -14.80 -15.53
C PHE A 115 -1.95 -14.87 -14.06
N PHE A 116 -1.77 -16.12 -13.58
CA PHE A 116 -1.37 -16.41 -12.20
C PHE A 116 -2.51 -16.07 -11.23
N PHE A 117 -3.04 -14.87 -11.41
CA PHE A 117 -4.13 -14.38 -10.61
C PHE A 117 -3.74 -14.27 -9.14
N GLY A 118 -3.46 -15.41 -8.55
CA GLY A 118 -3.08 -15.47 -7.14
C GLY A 118 -1.81 -14.67 -6.84
N MET A 119 -0.85 -14.76 -7.75
CA MET A 119 0.42 -14.05 -7.58
C MET A 119 0.19 -12.53 -7.51
N LEU A 120 -0.72 -12.07 -8.34
CA LEU A 120 -1.07 -10.66 -8.43
C LEU A 120 -1.59 -10.09 -7.10
N LEU A 121 -2.40 -10.86 -6.37
CA LEU A 121 -2.96 -10.35 -5.14
C LEU A 121 -1.87 -9.97 -4.13
N ALA A 122 -0.83 -10.79 -4.03
CA ALA A 122 0.28 -10.49 -3.11
C ALA A 122 0.95 -9.18 -3.45
N PHE A 123 1.09 -8.96 -4.73
CA PHE A 123 1.72 -7.78 -5.28
C PHE A 123 1.00 -6.50 -4.85
N LEU A 124 -0.32 -6.55 -4.82
CA LEU A 124 -1.15 -5.38 -4.51
C LEU A 124 -0.87 -4.78 -3.12
N TRP A 125 -0.66 -5.59 -2.09
CA TRP A 125 -0.39 -5.02 -0.76
C TRP A 125 0.88 -4.13 -0.68
N LEU A 126 1.99 -4.49 -1.36
CA LEU A 126 3.26 -3.73 -1.22
C LEU A 126 3.20 -2.23 -1.62
N PRO A 127 2.53 -1.81 -2.67
CA PRO A 127 2.44 -0.37 -3.03
C PRO A 127 1.80 0.48 -1.91
N ALA A 128 0.78 -0.07 -1.29
CA ALA A 128 0.03 0.54 -0.21
C ALA A 128 0.71 1.60 0.65
N ILE A 129 -0.07 1.87 1.67
CA ILE A 129 0.20 2.79 2.80
C ILE A 129 -0.13 4.27 2.55
N LEU A 130 0.80 5.10 2.09
CA LEU A 130 0.46 6.51 2.00
C LEU A 130 -0.73 6.78 1.07
N PRO A 131 -0.85 6.13 -0.07
CA PRO A 131 -2.08 6.27 -0.91
C PRO A 131 -3.29 5.80 -0.12
N PHE A 132 -3.05 4.69 0.61
CA PHE A 132 -4.07 4.09 1.44
C PHE A 132 -4.50 5.09 2.46
N ALA A 133 -3.53 5.79 2.95
CA ALA A 133 -3.79 6.82 3.91
C ALA A 133 -4.71 7.85 3.28
N GLY A 134 -4.47 8.16 1.99
CA GLY A 134 -5.29 9.18 1.33
C GLY A 134 -6.79 8.85 1.30
N ILE A 135 -7.14 7.60 1.02
CA ILE A 135 -8.57 7.21 1.00
C ILE A 135 -9.22 7.45 2.36
N ALA A 136 -8.49 7.14 3.42
CA ALA A 136 -9.03 7.25 4.77
C ALA A 136 -9.47 8.66 5.11
N ILE A 137 -8.72 9.67 4.70
CA ILE A 137 -9.12 11.03 5.01
C ILE A 137 -10.50 11.31 4.39
N SER A 138 -10.71 10.81 3.19
CA SER A 138 -11.99 10.99 2.49
C SER A 138 -13.14 10.37 3.27
N GLN A 139 -12.91 9.20 3.86
CA GLN A 139 -13.95 8.50 4.60
C GLN A 139 -14.47 9.34 5.77
N THR A 140 -13.56 10.02 6.46
CA THR A 140 -13.94 10.85 7.59
C THR A 140 -14.93 11.93 7.16
N LEU A 141 -14.69 12.51 5.99
CA LEU A 141 -15.56 13.56 5.48
C LEU A 141 -16.91 12.97 5.03
N LEU A 142 -16.87 11.79 4.42
CA LEU A 142 -18.08 11.14 3.93
C LEU A 142 -18.74 10.32 5.04
N SER A 143 -19.60 9.39 4.64
CA SER A 143 -20.31 8.54 5.59
C SER A 143 -19.36 7.96 6.64
N GLU A 144 -19.93 7.22 7.59
CA GLU A 144 -19.15 6.61 8.66
C GLU A 144 -18.73 5.19 8.29
N ASN A 145 -17.71 4.68 8.96
CA ASN A 145 -17.21 3.33 8.70
C ASN A 145 -16.50 2.79 9.95
N PRO A 146 -17.28 2.42 10.95
CA PRO A 146 -16.75 1.90 12.25
C PRO A 146 -15.67 0.82 12.11
N LEU A 147 -16.06 -0.37 11.63
CA LEU A 147 -15.11 -1.48 11.51
C LEU A 147 -13.89 -1.10 10.67
N VAL A 148 -14.10 -0.45 9.54
CA VAL A 148 -12.99 -0.05 8.68
C VAL A 148 -12.13 0.98 9.41
N MET A 149 -12.78 1.94 10.05
CA MET A 149 -12.08 2.99 10.78
C MET A 149 -11.35 2.38 11.98
N LEU A 150 -12.04 1.51 12.70
CA LEU A 150 -11.46 0.87 13.87
C LEU A 150 -10.29 -0.02 13.45
N SER A 151 -10.49 -0.81 12.40
CA SER A 151 -9.43 -1.69 11.94
C SER A 151 -8.25 -0.86 11.42
N TYR A 152 -8.57 0.16 10.64
CA TYR A 152 -7.58 1.05 10.08
C TYR A 152 -6.87 1.84 11.17
N GLY A 153 -7.65 2.29 12.15
CA GLY A 153 -7.14 3.12 13.21
C GLY A 153 -5.96 2.54 13.97
N LEU A 154 -6.00 1.26 14.34
CA LEU A 154 -4.88 0.75 15.11
C LEU A 154 -3.59 0.73 14.27
N GLY A 155 -3.68 0.24 13.03
CA GLY A 155 -2.51 0.26 12.16
C GLY A 155 -2.10 1.68 11.82
N MET A 156 -3.12 2.46 11.48
CA MET A 156 -2.97 3.86 11.07
C MET A 156 -2.46 4.78 12.17
N ALA A 157 -2.99 4.66 13.38
CA ALA A 157 -2.60 5.59 14.44
C ALA A 157 -1.10 5.51 14.74
N VAL A 158 -0.57 4.30 14.84
CA VAL A 158 0.86 4.19 15.08
C VAL A 158 1.65 4.73 13.87
N THR A 159 1.20 4.31 12.69
CA THR A 159 1.85 4.68 11.43
C THR A 159 1.79 6.17 11.09
N ILE A 160 0.62 6.73 11.26
CA ILE A 160 0.40 8.13 10.90
C ILE A 160 1.19 9.09 11.75
N ALA A 161 1.28 8.81 13.04
CA ALA A 161 1.99 9.69 13.95
C ALA A 161 3.47 9.73 13.65
N ALA A 162 4.07 8.57 13.39
CA ALA A 162 5.50 8.54 13.12
C ALA A 162 5.86 9.27 11.83
N VAL A 163 5.10 9.04 10.77
CA VAL A 163 5.40 9.68 9.49
C VAL A 163 5.20 11.20 9.57
N PHE A 164 4.22 11.64 10.35
CA PHE A 164 3.96 13.08 10.49
C PHE A 164 5.24 13.80 10.92
N LYS A 165 6.02 13.12 11.74
CA LYS A 165 7.28 13.67 12.24
C LYS A 165 8.18 14.11 11.10
N MET A 166 8.12 13.38 9.99
CA MET A 166 8.99 13.65 8.85
C MET A 166 8.90 15.10 8.36
N GLY A 167 7.72 15.70 8.43
CA GLY A 167 7.55 17.09 7.96
C GLY A 167 8.80 17.93 8.19
N GLU A 168 9.55 17.60 9.25
CA GLU A 168 10.79 18.29 9.57
C GLU A 168 11.99 17.48 9.06
N LYS A 169 12.04 16.21 9.46
CA LYS A 169 13.13 15.32 9.03
C LYS A 169 12.57 13.92 8.73
N PHE A 170 12.88 12.95 9.58
CA PHE A 170 12.39 11.58 9.40
C PHE A 170 13.04 10.66 10.43
N VAL A 171 13.72 11.27 11.40
CA VAL A 171 14.43 10.57 12.47
C VAL A 171 15.35 9.49 11.89
N LYS A 172 16.36 9.06 12.67
CA LYS A 172 17.30 8.04 12.17
C LYS A 172 16.52 6.98 11.39
N ALA A 173 15.59 6.36 12.09
CA ALA A 173 14.73 5.35 11.49
C ALA A 173 13.92 4.72 12.59
N ASN A 174 14.57 4.54 13.71
CA ASN A 174 13.93 3.98 14.85
C ASN A 174 13.41 2.60 14.51
N PHE A 175 13.94 1.66 15.22
CA PHE A 175 13.60 0.24 15.03
C PHE A 175 12.10 0.03 15.20
N GLN A 176 11.50 0.74 16.15
CA GLN A 176 10.07 0.63 16.40
C GLN A 176 9.28 0.96 15.12
N LEU A 177 9.78 1.94 14.39
CA LEU A 177 9.13 2.43 13.17
C LEU A 177 8.91 1.33 12.14
N ILE A 178 9.85 0.42 12.02
CA ILE A 178 9.69 -0.63 11.02
C ILE A 178 8.40 -1.42 11.27
N ARG A 179 8.06 -1.63 12.54
CA ARG A 179 6.84 -2.38 12.89
C ARG A 179 5.57 -1.74 12.30
N LYS A 180 5.51 -0.43 12.28
CA LYS A 180 4.33 0.25 11.75
C LYS A 180 4.05 -0.15 10.32
N VAL A 181 5.09 -0.35 9.52
CA VAL A 181 4.87 -0.68 8.10
C VAL A 181 4.05 -1.95 7.91
N THR A 182 4.34 -2.98 8.68
CA THR A 182 3.59 -4.23 8.53
C THR A 182 2.11 -4.09 8.82
N GLY A 183 1.75 -3.35 9.88
CA GLY A 183 0.36 -3.21 10.22
C GLY A 183 -0.47 -2.52 9.16
N ALA A 184 0.04 -1.46 8.56
CA ALA A 184 -0.75 -0.79 7.55
C ALA A 184 -1.04 -1.72 6.39
N ILE A 185 -0.03 -2.47 5.97
CA ILE A 185 -0.20 -3.37 4.86
C ILE A 185 -1.22 -4.49 5.10
N VAL A 186 -1.22 -5.12 6.29
CA VAL A 186 -2.17 -6.25 6.47
C VAL A 186 -3.65 -5.84 6.38
N LEU A 187 -3.99 -4.72 6.98
CA LEU A 187 -5.38 -4.23 6.96
C LEU A 187 -5.92 -3.89 5.58
N LEU A 188 -5.10 -3.27 4.73
CA LEU A 188 -5.59 -2.82 3.43
C LEU A 188 -6.07 -3.97 2.55
N TYR A 189 -5.37 -5.10 2.49
CA TYR A 189 -5.84 -6.18 1.65
C TYR A 189 -7.20 -6.69 2.10
N LEU A 190 -7.37 -6.84 3.42
CA LEU A 190 -8.63 -7.34 3.95
C LEU A 190 -9.79 -6.39 3.63
N ALA A 191 -9.56 -5.09 3.75
CA ALA A 191 -10.63 -4.13 3.51
C ALA A 191 -11.13 -4.18 2.05
N TYR A 192 -10.22 -4.28 1.09
CA TYR A 192 -10.66 -4.35 -0.31
C TYR A 192 -11.50 -5.59 -0.53
N PHE A 193 -11.10 -6.70 0.10
CA PHE A 193 -11.83 -7.95 -0.03
C PHE A 193 -13.26 -7.79 0.50
N ALA A 194 -13.40 -7.03 1.58
CA ALA A 194 -14.71 -6.79 2.18
C ALA A 194 -15.80 -6.66 1.11
N LEU A 195 -15.50 -5.88 0.08
CA LEU A 195 -16.45 -5.68 -1.01
C LEU A 195 -17.61 -4.80 -0.54
N THR A 196 -18.28 -5.22 0.52
CA THR A 196 -19.42 -4.47 1.06
C THR A 196 -19.14 -2.96 1.04
N GLU A 197 -19.82 -2.26 0.13
CA GLU A 197 -19.67 -0.81 0.00
C GLU A 197 -18.43 -0.44 -0.81
N VAL A 198 -18.65 0.03 -2.04
CA VAL A 198 -17.55 0.44 -2.92
C VAL A 198 -18.00 1.62 -3.78
N LEU A 199 -18.38 2.70 -3.14
CA LEU A 199 -18.85 3.90 -3.84
C LEU A 199 -20.03 3.53 -4.75
N LEU A 200 -20.49 2.27 -4.63
CA LEU A 200 -21.62 1.76 -5.42
C LEU A 200 -21.80 2.51 -6.74
N LEU A 201 -22.91 3.23 -6.85
CA LEU A 201 -23.20 3.99 -8.07
C LEU A 201 -23.08 3.08 -9.29
N GLU A 202 -23.81 1.96 -9.26
CA GLU A 202 -23.78 1.02 -10.38
C GLU A 202 -22.37 0.85 -10.93
N GLN A 11 -10.41 11.33 -7.96
CA GLN A 11 -8.94 11.18 -7.87
C GLN A 11 -8.26 12.43 -8.42
N LEU A 12 -7.68 13.23 -7.53
CA LEU A 12 -7.02 14.45 -7.96
C LEU A 12 -6.23 15.07 -6.81
N MET A 13 -5.57 14.22 -6.01
CA MET A 13 -4.79 14.71 -4.88
C MET A 13 -4.04 13.57 -4.20
N ALA A 14 -4.39 12.33 -4.51
CA ALA A 14 -3.72 11.19 -3.88
C ALA A 14 -2.24 11.17 -4.22
N PHE A 15 -1.90 11.45 -5.48
CA PHE A 15 -0.52 11.46 -5.89
C PHE A 15 0.23 12.55 -5.11
N ALA A 16 -0.44 13.69 -4.97
CA ALA A 16 0.12 14.82 -4.24
C ALA A 16 0.39 14.45 -2.79
N LEU A 17 -0.49 13.67 -2.20
CA LEU A 17 -0.35 13.30 -0.80
C LEU A 17 0.98 12.59 -0.53
N GLY A 18 1.37 11.69 -1.41
CA GLY A 18 2.62 10.96 -1.22
C GLY A 18 3.85 11.89 -1.20
N ILE A 19 3.85 12.90 -2.06
CA ILE A 19 4.99 13.83 -2.16
C ILE A 19 5.27 14.51 -0.82
N LEU A 20 4.23 14.84 -0.09
CA LEU A 20 4.39 15.54 1.19
C LEU A 20 5.26 14.73 2.15
N SER A 21 5.12 13.42 2.13
CA SER A 21 5.92 12.57 3.00
C SER A 21 7.39 12.72 2.64
N VAL A 22 7.62 12.79 1.35
CA VAL A 22 8.96 12.96 0.82
C VAL A 22 9.56 14.28 1.28
N PHE A 23 8.70 15.32 1.35
CA PHE A 23 9.11 16.68 1.76
C PHE A 23 10.43 16.66 2.53
N SER A 24 10.49 15.84 3.57
CA SER A 24 11.68 15.72 4.39
C SER A 24 12.52 14.51 3.96
N PRO A 25 13.67 14.71 3.32
CA PRO A 25 14.53 13.58 2.85
C PRO A 25 14.71 12.47 3.89
N ALA A 26 15.49 12.78 4.95
CA ALA A 26 15.80 11.83 6.05
C ALA A 26 17.27 11.42 5.98
N VAL A 27 17.55 10.24 6.50
CA VAL A 27 18.89 9.66 6.49
C VAL A 27 19.45 9.75 5.06
N LEU A 28 20.65 9.24 4.81
CA LEU A 28 21.20 9.28 3.45
C LEU A 28 20.48 8.23 2.60
N PRO A 29 20.70 6.95 2.83
CA PRO A 29 19.98 5.87 2.07
C PRO A 29 18.46 6.06 2.13
N VAL A 30 17.87 5.94 3.34
CA VAL A 30 16.42 6.11 3.50
C VAL A 30 15.61 5.12 2.69
N VAL A 31 16.20 4.55 1.64
CA VAL A 31 15.45 3.60 0.81
C VAL A 31 15.22 2.25 1.52
N PRO A 32 16.14 1.78 2.33
CA PRO A 32 15.98 0.50 3.06
C PRO A 32 15.61 0.74 4.53
N LEU A 33 15.52 2.01 4.91
CA LEU A 33 15.19 2.39 6.29
C LEU A 33 13.75 2.94 6.40
N ILE A 34 13.58 4.25 6.21
CA ILE A 34 12.25 4.86 6.32
C ILE A 34 11.55 4.84 4.95
N PHE A 35 10.22 4.73 4.98
CA PHE A 35 9.44 4.70 3.73
C PHE A 35 9.62 6.01 2.97
N ALA A 36 10.53 6.85 3.47
CA ALA A 36 10.82 8.14 2.87
C ALA A 36 11.83 7.99 1.73
N GLY A 37 12.57 9.05 1.45
CA GLY A 37 13.56 9.02 0.38
C GLY A 37 12.91 8.78 -0.97
N SER A 38 13.47 9.36 -2.02
CA SER A 38 12.93 9.19 -3.36
C SER A 38 14.01 9.40 -4.42
N ARG A 39 15.15 9.95 -4.00
CA ARG A 39 16.26 10.19 -4.94
C ARG A 39 15.74 10.69 -6.28
N GLY A 40 15.82 9.83 -7.30
CA GLY A 40 15.37 10.19 -8.65
C GLY A 40 14.63 9.02 -9.29
N ARG A 41 15.39 7.98 -9.68
CA ARG A 41 14.77 6.80 -10.29
C ARG A 41 13.83 6.16 -9.28
N ALA A 42 14.24 6.17 -8.02
CA ALA A 42 13.43 5.63 -6.94
C ALA A 42 12.09 6.34 -6.86
N LEU A 43 12.11 7.65 -7.10
CA LEU A 43 10.90 8.45 -7.03
C LEU A 43 9.86 7.93 -8.01
N ASP A 44 10.29 7.47 -9.18
CA ASP A 44 9.34 6.94 -10.15
C ASP A 44 8.56 5.79 -9.54
N ALA A 45 9.26 4.95 -8.77
CA ALA A 45 8.62 3.82 -8.11
C ALA A 45 7.55 4.32 -7.14
N PHE A 46 7.89 5.38 -6.41
CA PHE A 46 6.98 5.98 -5.43
C PHE A 46 5.68 6.39 -6.12
N LEU A 47 5.79 6.90 -7.34
CA LEU A 47 4.64 7.34 -8.11
C LEU A 47 3.65 6.19 -8.29
N ILE A 48 4.18 5.00 -8.49
CA ILE A 48 3.36 3.81 -8.72
C ILE A 48 2.38 3.57 -7.56
N VAL A 49 2.77 3.83 -6.31
CA VAL A 49 1.82 3.57 -5.22
C VAL A 49 0.55 4.37 -5.45
N ALA A 50 0.70 5.58 -5.91
CA ALA A 50 -0.45 6.37 -6.27
C ALA A 50 -1.16 5.62 -7.38
N GLY A 51 -0.33 5.02 -8.23
CA GLY A 51 -0.80 4.26 -9.38
C GLY A 51 -1.71 3.10 -8.99
N LEU A 52 -1.41 2.42 -7.89
CA LEU A 52 -2.23 1.27 -7.54
C LEU A 52 -3.71 1.66 -7.37
N THR A 53 -4.00 2.78 -6.74
CA THR A 53 -5.40 3.15 -6.51
C THR A 53 -6.20 3.36 -7.80
N ILE A 54 -5.65 4.03 -8.81
CA ILE A 54 -6.45 4.25 -10.03
C ILE A 54 -6.82 2.95 -10.74
N SER A 55 -5.87 2.02 -10.82
CA SER A 55 -6.12 0.73 -11.46
C SER A 55 -7.19 -0.06 -10.71
N MET A 56 -7.02 0.01 -9.41
CA MET A 56 -7.89 -0.67 -8.44
C MET A 56 -9.34 -0.18 -8.50
N LEU A 57 -9.54 1.11 -8.71
CA LEU A 57 -10.89 1.65 -8.73
C LEU A 57 -11.73 0.93 -9.78
N ILE A 58 -11.11 0.61 -10.90
CA ILE A 58 -11.81 -0.10 -11.96
C ILE A 58 -12.35 -1.43 -11.42
N LEU A 59 -11.58 -2.08 -10.54
CA LEU A 59 -11.99 -3.35 -9.97
C LEU A 59 -13.30 -3.19 -9.21
N GLY A 60 -13.42 -2.08 -8.47
CA GLY A 60 -14.62 -1.79 -7.69
C GLY A 60 -15.88 -2.40 -8.30
N TYR A 61 -16.21 -1.96 -9.53
CA TYR A 61 -17.39 -2.47 -10.22
C TYR A 61 -17.12 -2.61 -11.72
N THR A 62 -17.45 -3.77 -12.26
CA THR A 62 -17.23 -4.01 -13.69
C THR A 62 -17.92 -2.92 -14.51
N ALA A 63 -17.23 -2.47 -15.56
CA ALA A 63 -17.77 -1.42 -16.43
C ALA A 63 -17.70 -1.85 -17.89
N SER A 64 -17.24 -3.09 -18.10
CA SER A 64 -17.10 -3.66 -19.44
C SER A 64 -15.72 -3.32 -20.00
N LEU A 65 -15.61 -3.31 -21.33
CA LEU A 65 -14.33 -3.01 -21.97
C LEU A 65 -13.76 -1.67 -21.50
N PHE A 66 -13.17 -1.67 -20.30
CA PHE A 66 -12.59 -0.46 -19.73
C PHE A 66 -11.08 -0.65 -19.56
N PHE A 67 -10.67 -1.00 -18.35
CA PHE A 67 -9.27 -1.20 -18.05
C PHE A 67 -9.07 -2.26 -16.96
N GLY A 68 -9.94 -3.26 -16.93
CA GLY A 68 -9.83 -4.32 -15.93
C GLY A 68 -8.52 -5.08 -16.11
N PHE A 69 -8.13 -5.26 -17.36
CA PHE A 69 -6.89 -5.96 -17.68
C PHE A 69 -5.66 -5.19 -17.19
N PHE A 70 -5.74 -3.88 -17.23
CA PHE A 70 -4.61 -3.04 -16.82
C PHE A 70 -4.17 -3.30 -15.38
N ARG A 71 -5.13 -3.40 -14.48
CA ARG A 71 -4.77 -3.58 -13.08
C ARG A 71 -4.07 -4.90 -12.78
N VAL A 72 -4.56 -6.01 -13.30
CA VAL A 72 -3.92 -7.27 -12.97
C VAL A 72 -2.48 -7.38 -13.50
N VAL A 73 -2.25 -7.01 -14.76
CA VAL A 73 -0.89 -7.06 -15.31
C VAL A 73 0.04 -6.06 -14.61
N ALA A 74 -0.52 -4.92 -14.25
CA ALA A 74 0.24 -3.84 -13.62
C ALA A 74 0.98 -4.30 -12.37
N MET A 75 0.38 -5.23 -11.64
CA MET A 75 1.01 -5.72 -10.42
C MET A 75 2.42 -6.25 -10.68
N LEU A 76 2.64 -6.86 -11.85
CA LEU A 76 3.94 -7.43 -12.18
C LEU A 76 5.11 -6.44 -12.07
N PHE A 77 4.90 -5.17 -12.40
CA PHE A 77 6.02 -4.21 -12.31
C PHE A 77 6.63 -4.25 -10.91
N LEU A 78 5.75 -4.45 -9.94
CA LEU A 78 6.14 -4.52 -8.54
C LEU A 78 7.23 -5.57 -8.30
N LEU A 79 7.19 -6.66 -9.05
CA LEU A 79 8.17 -7.74 -8.86
C LEU A 79 9.61 -7.24 -8.94
N ILE A 80 9.93 -6.34 -9.86
CA ILE A 80 11.31 -5.88 -9.97
C ILE A 80 11.73 -5.14 -8.70
N PHE A 81 10.87 -4.24 -8.22
CA PHE A 81 11.18 -3.50 -6.99
C PHE A 81 11.23 -4.45 -5.79
N ALA A 82 10.26 -5.35 -5.73
CA ALA A 82 10.15 -6.30 -4.62
C ALA A 82 11.39 -7.20 -4.50
N LEU A 83 11.98 -7.56 -5.63
CA LEU A 83 13.14 -8.45 -5.62
C LEU A 83 14.25 -7.89 -4.72
N ILE A 84 14.39 -6.58 -4.69
CA ILE A 84 15.44 -5.96 -3.87
C ILE A 84 15.19 -6.20 -2.37
N LEU A 85 13.92 -6.10 -1.96
CA LEU A 85 13.59 -6.29 -0.55
C LEU A 85 13.87 -7.72 -0.08
N LEU A 86 13.46 -8.70 -0.89
CA LEU A 86 13.69 -10.10 -0.54
C LEU A 86 15.17 -10.42 -0.49
N SER A 87 15.94 -9.80 -1.39
CA SER A 87 17.38 -10.03 -1.45
C SER A 87 18.03 -9.71 -0.10
N ASP A 88 17.49 -8.69 0.57
CA ASP A 88 18.02 -8.26 1.86
C ASP A 88 18.49 -9.46 2.70
N GLU A 89 19.51 -9.24 3.51
CA GLU A 89 20.06 -10.29 4.36
C GLU A 89 19.31 -10.37 5.69
N LEU A 90 18.24 -11.15 5.72
CA LEU A 90 17.44 -11.30 6.93
C LEU A 90 16.96 -9.94 7.43
N ASP A 91 15.90 -9.95 8.23
CA ASP A 91 15.33 -8.71 8.76
C ASP A 91 14.12 -9.02 9.65
N GLU A 92 13.49 -7.97 10.17
CA GLU A 92 12.31 -8.12 11.03
C GLU A 92 11.07 -7.59 10.30
N LYS A 93 11.24 -7.30 9.01
CA LYS A 93 10.16 -6.79 8.16
C LYS A 93 9.97 -7.70 6.95
N VAL A 94 11.09 -8.07 6.32
CA VAL A 94 11.06 -8.93 5.14
C VAL A 94 10.30 -10.23 5.41
N SER A 95 10.56 -10.85 6.56
CA SER A 95 9.88 -12.10 6.88
C SER A 95 8.39 -11.88 7.06
N ILE A 96 8.02 -10.83 7.79
CA ILE A 96 6.62 -10.51 7.99
C ILE A 96 5.98 -10.12 6.67
N PHE A 97 6.73 -9.35 5.89
CA PHE A 97 6.27 -8.90 4.59
C PHE A 97 5.85 -10.08 3.74
N ALA A 98 6.68 -11.11 3.74
CA ALA A 98 6.39 -12.33 2.99
C ALA A 98 5.15 -13.03 3.56
N SER A 99 5.00 -12.96 4.88
CA SER A 99 3.90 -13.60 5.58
C SER A 99 2.54 -13.17 5.03
N ARG A 100 2.42 -11.91 4.61
CA ARG A 100 1.14 -11.42 4.09
C ARG A 100 0.77 -12.19 2.82
N MET A 101 1.78 -12.57 2.04
CA MET A 101 1.52 -13.30 0.81
C MET A 101 0.71 -14.55 1.12
N THR A 102 1.11 -15.24 2.18
CA THR A 102 0.42 -16.46 2.59
C THR A 102 -1.01 -16.14 3.06
N SER A 103 -1.14 -15.10 3.87
CA SER A 103 -2.45 -14.70 4.39
C SER A 103 -3.37 -14.23 3.26
N GLY A 104 -2.83 -13.41 2.38
CA GLY A 104 -3.59 -12.86 1.26
C GLY A 104 -4.05 -13.94 0.30
N LEU A 105 -3.23 -14.98 0.10
CA LEU A 105 -3.57 -16.07 -0.83
C LEU A 105 -5.06 -16.38 -0.77
N SER A 106 -5.59 -17.01 -1.83
CA SER A 106 -7.01 -17.36 -1.88
C SER A 106 -7.22 -18.68 -2.62
N TRP A 107 -8.37 -19.29 -2.40
CA TRP A 107 -8.71 -20.55 -3.05
C TRP A 107 -7.57 -21.57 -2.85
N LYS A 108 -6.75 -21.76 -3.87
CA LYS A 108 -5.64 -22.71 -3.77
C LYS A 108 -6.13 -24.09 -3.34
N ILE A 109 -7.15 -24.60 -4.03
CA ILE A 109 -7.71 -25.90 -3.74
C ILE A 109 -8.31 -26.49 -5.01
N GLN A 110 -8.81 -25.59 -5.85
CA GLN A 110 -9.41 -25.97 -7.13
C GLN A 110 -9.74 -24.69 -7.88
N THR A 111 -8.93 -23.67 -7.61
CA THR A 111 -9.11 -22.36 -8.22
C THR A 111 -9.07 -22.46 -9.75
N LEU A 112 -8.41 -21.48 -10.35
CA LEU A 112 -8.29 -21.43 -11.81
C LEU A 112 -7.06 -20.59 -12.19
N PRO A 113 -5.89 -21.12 -11.99
CA PRO A 113 -4.61 -20.40 -12.30
C PRO A 113 -4.58 -19.88 -13.74
N SER A 114 -3.52 -19.13 -14.05
CA SER A 114 -3.35 -18.56 -15.38
C SER A 114 -2.04 -17.79 -15.46
N PHE A 115 -2.13 -16.46 -15.39
CA PHE A 115 -0.95 -15.61 -15.43
C PHE A 115 -0.46 -15.35 -14.01
N PHE A 116 -0.31 -16.44 -13.25
CA PHE A 116 0.13 -16.33 -11.85
C PHE A 116 -0.86 -15.49 -11.08
N PHE A 117 -2.10 -15.51 -11.54
CA PHE A 117 -3.18 -14.74 -10.94
C PHE A 117 -3.04 -14.62 -9.42
N GLY A 118 -2.87 -15.75 -8.75
CA GLY A 118 -2.76 -15.72 -7.28
C GLY A 118 -1.58 -14.89 -6.79
N MET A 119 -0.45 -14.98 -7.47
CA MET A 119 0.73 -14.23 -7.11
C MET A 119 0.50 -12.72 -7.16
N LEU A 120 -0.23 -12.30 -8.18
CA LEU A 120 -0.48 -10.88 -8.41
C LEU A 120 -1.19 -10.18 -7.24
N LEU A 121 -2.17 -10.84 -6.63
CA LEU A 121 -2.88 -10.22 -5.54
C LEU A 121 -1.97 -9.83 -4.37
N ALA A 122 -1.01 -10.67 -4.03
CA ALA A 122 -0.09 -10.37 -2.93
C ALA A 122 0.70 -9.08 -3.19
N PHE A 123 1.10 -8.92 -4.44
CA PHE A 123 1.85 -7.78 -4.92
C PHE A 123 1.14 -6.43 -4.73
N LEU A 124 -0.17 -6.41 -4.94
CA LEU A 124 -0.95 -5.16 -4.90
C LEU A 124 -0.83 -4.43 -3.55
N TRP A 125 -0.82 -5.12 -2.43
CA TRP A 125 -0.70 -4.44 -1.13
C TRP A 125 0.58 -3.60 -0.91
N LEU A 126 1.75 -4.07 -1.37
CA LEU A 126 3.04 -3.41 -1.03
C LEU A 126 3.21 -1.92 -1.46
N PRO A 127 2.77 -1.49 -2.61
CA PRO A 127 2.95 -0.05 -3.03
C PRO A 127 2.27 0.96 -2.08
N ALA A 128 1.08 0.64 -1.60
CA ALA A 128 0.27 1.50 -0.74
C ALA A 128 1.01 2.37 0.30
N ILE A 129 0.29 2.47 1.42
CA ILE A 129 0.63 3.25 2.62
C ILE A 129 0.25 4.75 2.52
N LEU A 130 1.03 5.61 1.83
CA LEU A 130 0.64 7.03 1.83
C LEU A 130 -0.76 7.18 1.22
N PRO A 131 -1.06 6.47 0.17
CA PRO A 131 -2.43 6.44 -0.42
C PRO A 131 -3.43 5.94 0.60
N PHE A 132 -2.99 4.94 1.35
CA PHE A 132 -3.84 4.37 2.37
C PHE A 132 -4.16 5.51 3.31
N ALA A 133 -3.16 6.31 3.56
CA ALA A 133 -3.35 7.47 4.39
C ALA A 133 -4.38 8.39 3.74
N GLY A 134 -4.33 8.57 2.41
CA GLY A 134 -5.28 9.48 1.77
C GLY A 134 -6.75 9.10 1.96
N ILE A 135 -7.06 7.80 1.88
CA ILE A 135 -8.44 7.33 2.06
C ILE A 135 -8.99 7.69 3.43
N ALA A 136 -8.14 7.55 4.45
CA ALA A 136 -8.59 7.76 5.82
C ALA A 136 -9.14 9.15 6.06
N ILE A 137 -8.54 10.18 5.51
CA ILE A 137 -9.07 11.52 5.75
C ILE A 137 -10.52 11.60 5.24
N SER A 138 -10.77 10.99 4.08
CA SER A 138 -12.13 10.99 3.51
C SER A 138 -13.12 10.29 4.45
N GLN A 139 -12.66 9.21 5.05
CA GLN A 139 -13.49 8.39 5.94
C GLN A 139 -14.00 9.14 7.17
N THR A 140 -13.17 9.98 7.76
CA THR A 140 -13.58 10.70 8.96
C THR A 140 -14.82 11.57 8.72
N LEU A 141 -14.89 12.23 7.56
CA LEU A 141 -16.03 13.10 7.25
C LEU A 141 -16.90 12.50 6.13
N LEU A 142 -16.43 12.59 4.89
CA LEU A 142 -17.18 12.07 3.75
C LEU A 142 -17.71 10.66 4.01
N SER A 143 -17.05 9.66 3.43
CA SER A 143 -17.48 8.28 3.58
C SER A 143 -17.65 7.90 5.07
N GLU A 144 -18.35 6.79 5.30
CA GLU A 144 -18.61 6.30 6.65
C GLU A 144 -18.58 4.77 6.68
N ASN A 145 -17.70 4.20 7.48
CA ASN A 145 -17.57 2.75 7.60
C ASN A 145 -16.93 2.38 8.94
N PRO A 146 -17.72 2.08 9.94
CA PRO A 146 -17.18 1.72 11.30
C PRO A 146 -16.13 0.60 11.32
N LEU A 147 -16.36 -0.47 10.55
CA LEU A 147 -15.42 -1.61 10.59
C LEU A 147 -14.01 -1.26 10.08
N VAL A 148 -13.92 -0.56 8.96
CA VAL A 148 -12.60 -0.18 8.43
C VAL A 148 -11.93 0.78 9.41
N MET A 149 -12.72 1.74 9.87
CA MET A 149 -12.24 2.74 10.81
C MET A 149 -11.76 2.09 12.09
N LEU A 150 -12.54 1.14 12.61
CA LEU A 150 -12.15 0.45 13.84
C LEU A 150 -10.88 -0.37 13.59
N SER A 151 -10.85 -1.08 12.46
CA SER A 151 -9.68 -1.89 12.12
C SER A 151 -8.47 -0.99 11.87
N TYR A 152 -8.70 0.11 11.18
CA TYR A 152 -7.68 1.07 10.84
C TYR A 152 -7.09 1.75 12.06
N GLY A 153 -7.92 1.98 13.06
CA GLY A 153 -7.49 2.73 14.24
C GLY A 153 -6.25 2.16 14.92
N LEU A 154 -6.17 0.85 15.13
CA LEU A 154 -4.98 0.35 15.82
C LEU A 154 -3.72 0.55 14.98
N GLY A 155 -3.80 0.23 13.70
CA GLY A 155 -2.67 0.44 12.78
C GLY A 155 -2.38 1.92 12.59
N MET A 156 -3.46 2.68 12.39
CA MET A 156 -3.41 4.11 12.10
C MET A 156 -2.87 5.02 13.20
N ALA A 157 -3.29 4.82 14.45
CA ALA A 157 -2.83 5.75 15.47
C ALA A 157 -1.33 5.64 15.70
N VAL A 158 -0.83 4.41 15.78
CA VAL A 158 0.59 4.20 15.96
C VAL A 158 1.39 4.66 14.74
N THR A 159 0.88 4.30 13.57
CA THR A 159 1.54 4.58 12.30
C THR A 159 1.66 6.05 11.94
N ILE A 160 0.61 6.80 12.10
CA ILE A 160 0.67 8.21 11.73
C ILE A 160 1.67 9.00 12.59
N ALA A 161 1.77 8.63 13.86
CA ALA A 161 2.66 9.36 14.76
C ALA A 161 4.12 9.32 14.29
N ALA A 162 4.55 8.20 13.74
CA ALA A 162 5.94 8.09 13.31
C ALA A 162 6.28 9.05 12.15
N VAL A 163 5.40 9.13 11.16
CA VAL A 163 5.64 10.00 10.00
C VAL A 163 5.65 11.49 10.34
N PHE A 164 4.83 11.92 11.30
CA PHE A 164 4.73 13.34 11.63
C PHE A 164 6.12 13.91 11.95
N LYS A 165 6.95 13.09 12.56
CA LYS A 165 8.31 13.49 12.90
C LYS A 165 9.04 13.98 11.65
N MET A 166 8.73 13.36 10.52
CA MET A 166 9.41 13.67 9.25
C MET A 166 9.36 15.16 8.88
N GLY A 167 8.27 15.85 9.19
CA GLY A 167 8.15 17.28 8.84
C GLY A 167 9.49 18.00 8.93
N GLU A 168 10.37 17.49 9.79
CA GLU A 168 11.71 18.06 9.97
C GLU A 168 12.75 16.95 9.75
N LYS A 169 13.40 16.53 10.83
CA LYS A 169 14.39 15.45 10.75
C LYS A 169 13.68 14.11 10.92
N PHE A 170 13.63 13.31 9.86
CA PHE A 170 12.94 12.03 9.93
C PHE A 170 13.75 11.02 10.75
N VAL A 171 14.11 11.44 11.96
CA VAL A 171 14.87 10.60 12.89
C VAL A 171 15.96 9.79 12.18
N LYS A 172 16.57 8.88 12.93
CA LYS A 172 17.59 8.02 12.35
C LYS A 172 16.85 7.04 11.46
N ALA A 173 15.87 6.38 12.06
CA ALA A 173 15.01 5.44 11.34
C ALA A 173 14.03 4.70 12.27
N ASN A 174 13.74 5.30 13.44
CA ASN A 174 12.82 4.77 14.43
C ASN A 174 12.46 3.31 14.19
N PHE A 175 12.96 2.50 15.07
CA PHE A 175 12.70 1.07 15.01
C PHE A 175 11.18 0.84 15.08
N GLN A 176 10.50 1.65 15.88
CA GLN A 176 9.05 1.57 16.01
C GLN A 176 8.38 1.83 14.66
N LEU A 177 8.95 2.77 13.91
CA LEU A 177 8.43 3.15 12.60
C LEU A 177 8.35 1.96 11.67
N ILE A 178 9.33 1.09 11.75
CA ILE A 178 9.35 -0.09 10.90
C ILE A 178 8.05 -0.87 11.13
N ARG A 179 7.61 -0.92 12.37
CA ARG A 179 6.38 -1.61 12.73
C ARG A 179 5.17 -1.06 11.95
N LYS A 180 5.14 0.26 11.75
CA LYS A 180 3.99 0.87 11.06
C LYS A 180 3.76 0.29 9.67
N VAL A 181 4.82 -0.03 8.93
CA VAL A 181 4.59 -0.52 7.58
C VAL A 181 3.78 -1.81 7.59
N THR A 182 4.08 -2.73 8.48
CA THR A 182 3.34 -3.99 8.48
C THR A 182 1.84 -3.82 8.73
N GLY A 183 1.44 -2.97 9.68
CA GLY A 183 0.02 -2.82 9.93
C GLY A 183 -0.75 -2.28 8.75
N ALA A 184 -0.22 -1.28 8.06
CA ALA A 184 -0.94 -0.75 6.92
C ALA A 184 -1.10 -1.83 5.84
N ILE A 185 -0.04 -2.58 5.62
CA ILE A 185 -0.05 -3.62 4.59
C ILE A 185 -1.06 -4.75 4.84
N VAL A 186 -1.18 -5.26 6.08
CA VAL A 186 -2.14 -6.35 6.29
C VAL A 186 -3.57 -5.93 6.00
N LEU A 187 -3.88 -4.73 6.46
CA LEU A 187 -5.22 -4.15 6.35
C LEU A 187 -5.72 -3.90 4.92
N LEU A 188 -4.84 -3.47 4.02
CA LEU A 188 -5.32 -3.07 2.69
C LEU A 188 -6.07 -4.15 1.94
N TYR A 189 -5.62 -5.39 1.95
CA TYR A 189 -6.37 -6.40 1.22
C TYR A 189 -7.77 -6.58 1.77
N LEU A 190 -7.88 -6.61 3.10
CA LEU A 190 -9.18 -6.80 3.73
C LEU A 190 -10.14 -5.66 3.42
N ALA A 191 -9.63 -4.43 3.47
CA ALA A 191 -10.45 -3.27 3.20
C ALA A 191 -11.03 -3.27 1.78
N TYR A 192 -10.21 -3.63 0.80
CA TYR A 192 -10.70 -3.63 -0.58
C TYR A 192 -11.85 -4.63 -0.73
N PHE A 193 -11.76 -5.77 -0.07
CA PHE A 193 -12.80 -6.78 -0.17
C PHE A 193 -14.15 -6.19 0.26
N ALA A 194 -14.13 -5.40 1.34
CA ALA A 194 -15.33 -4.75 1.87
C ALA A 194 -16.60 -5.52 1.53
N LEU A 195 -17.61 -4.81 1.03
CA LEU A 195 -18.89 -5.42 0.66
C LEU A 195 -19.30 -4.94 -0.74
N THR A 196 -20.55 -5.21 -1.11
CA THR A 196 -21.06 -4.80 -2.42
C THR A 196 -21.59 -3.38 -2.37
N GLU A 197 -20.79 -2.42 -2.85
CA GLU A 197 -21.20 -1.02 -2.85
C GLU A 197 -20.23 -0.18 -3.67
N VAL A 198 -18.93 -0.34 -3.42
CA VAL A 198 -17.93 0.41 -4.15
C VAL A 198 -18.15 1.91 -4.01
N LEU A 199 -17.10 2.69 -4.16
CA LEU A 199 -17.20 4.14 -4.04
C LEU A 199 -18.10 4.70 -5.14
N LEU A 200 -19.40 4.79 -4.85
CA LEU A 200 -20.35 5.30 -5.83
C LEU A 200 -20.17 6.79 -6.04
N LEU A 201 -20.75 7.30 -7.13
CA LEU A 201 -20.65 8.71 -7.45
C LEU A 201 -21.77 9.12 -8.42
N GLU A 202 -22.82 8.31 -8.48
CA GLU A 202 -23.94 8.58 -9.36
C GLU A 202 -24.35 10.05 -9.26
N GLN A 11 -8.67 10.10 -7.42
CA GLN A 11 -7.36 10.60 -7.91
C GLN A 11 -7.43 12.12 -8.06
N LEU A 12 -6.32 12.72 -8.50
CA LEU A 12 -6.25 14.17 -8.68
C LEU A 12 -6.08 14.84 -7.33
N MET A 13 -5.56 14.10 -6.36
CA MET A 13 -5.33 14.62 -5.02
C MET A 13 -4.58 13.61 -4.17
N ALA A 14 -4.89 12.33 -4.32
CA ALA A 14 -4.23 11.30 -3.53
C ALA A 14 -2.72 11.27 -3.80
N PHE A 15 -2.36 11.40 -5.06
CA PHE A 15 -0.95 11.40 -5.44
C PHE A 15 -0.24 12.58 -4.79
N ALA A 16 -0.94 13.72 -4.76
CA ALA A 16 -0.39 14.94 -4.20
C ALA A 16 -0.05 14.81 -2.72
N LEU A 17 -0.87 14.10 -1.95
CA LEU A 17 -0.59 13.99 -0.52
C LEU A 17 0.76 13.29 -0.28
N GLY A 18 1.03 12.23 -1.03
CA GLY A 18 2.29 11.52 -0.85
C GLY A 18 3.51 12.38 -1.15
N ILE A 19 3.46 13.18 -2.22
CA ILE A 19 4.61 14.00 -2.59
C ILE A 19 4.99 14.98 -1.48
N LEU A 20 4.00 15.57 -0.84
CA LEU A 20 4.27 16.51 0.24
C LEU A 20 4.98 15.81 1.40
N SER A 21 4.59 14.57 1.66
CA SER A 21 5.14 13.78 2.77
C SER A 21 6.63 13.53 2.64
N VAL A 22 7.08 13.20 1.46
CA VAL A 22 8.50 12.95 1.26
C VAL A 22 9.28 14.20 1.57
N PHE A 23 8.70 15.35 1.20
CA PHE A 23 9.32 16.67 1.42
C PHE A 23 10.38 16.64 2.52
N SER A 24 10.05 16.00 3.64
CA SER A 24 10.99 15.89 4.77
C SER A 24 11.81 14.59 4.69
N PRO A 25 13.09 14.65 4.39
CA PRO A 25 13.94 13.42 4.28
C PRO A 25 14.54 12.96 5.62
N ALA A 26 15.56 12.10 5.52
CA ALA A 26 16.25 11.57 6.69
C ALA A 26 17.41 10.71 6.23
N VAL A 27 17.64 9.60 6.94
CA VAL A 27 18.70 8.68 6.56
C VAL A 27 18.58 8.35 5.08
N LEU A 28 19.32 9.07 4.22
CA LEU A 28 19.25 8.86 2.76
C LEU A 28 18.89 7.39 2.44
N PRO A 29 19.72 6.45 2.80
CA PRO A 29 19.43 5.00 2.57
C PRO A 29 17.94 4.64 2.75
N VAL A 30 17.20 5.46 3.52
CA VAL A 30 15.78 5.20 3.81
C VAL A 30 15.10 4.39 2.72
N VAL A 31 15.28 3.08 2.79
CA VAL A 31 14.65 2.16 1.84
C VAL A 31 13.84 1.10 2.61
N PRO A 32 14.34 0.59 3.71
CA PRO A 32 13.63 -0.39 4.55
C PRO A 32 13.06 0.27 5.80
N LEU A 33 13.34 1.56 5.94
CA LEU A 33 12.90 2.32 7.11
C LEU A 33 11.49 2.89 6.93
N ILE A 34 11.40 4.13 6.45
CA ILE A 34 10.10 4.80 6.27
C ILE A 34 10.01 5.43 4.87
N PHE A 35 8.89 5.19 4.16
CA PHE A 35 8.71 5.76 2.83
C PHE A 35 9.09 7.24 2.88
N ALA A 36 10.35 7.56 2.60
CA ALA A 36 10.79 8.95 2.67
C ALA A 36 12.08 9.16 1.88
N GLY A 37 12.54 10.41 1.87
CA GLY A 37 13.78 10.77 1.18
C GLY A 37 13.55 10.97 -0.32
N SER A 38 14.65 11.29 -1.02
CA SER A 38 14.60 11.52 -2.45
C SER A 38 15.97 11.22 -3.07
N ARG A 39 15.97 10.80 -4.34
CA ARG A 39 17.23 10.48 -5.01
C ARG A 39 16.99 10.23 -6.49
N GLY A 40 16.09 11.00 -7.09
CA GLY A 40 15.78 10.84 -8.51
C GLY A 40 15.10 9.50 -8.75
N ARG A 41 15.89 8.43 -8.72
CA ARG A 41 15.35 7.09 -8.93
C ARG A 41 14.34 6.76 -7.84
N ALA A 42 14.62 7.20 -6.62
CA ALA A 42 13.75 6.95 -5.49
C ALA A 42 12.35 7.51 -5.74
N LEU A 43 12.29 8.67 -6.39
CA LEU A 43 11.01 9.30 -6.68
C LEU A 43 10.15 8.35 -7.51
N ASP A 44 10.79 7.63 -8.43
CA ASP A 44 10.08 6.68 -9.27
C ASP A 44 9.39 5.63 -8.39
N ALA A 45 10.10 5.17 -7.37
CA ALA A 45 9.56 4.18 -6.46
C ALA A 45 8.33 4.73 -5.74
N PHE A 46 8.42 5.99 -5.32
CA PHE A 46 7.33 6.64 -4.62
C PHE A 46 6.06 6.66 -5.46
N LEU A 47 6.23 6.86 -6.75
CA LEU A 47 5.11 6.93 -7.68
C LEU A 47 4.28 5.64 -7.62
N ILE A 48 4.94 4.50 -7.47
CA ILE A 48 4.24 3.21 -7.47
C ILE A 48 3.15 3.14 -6.39
N VAL A 49 3.37 3.69 -5.19
CA VAL A 49 2.29 3.60 -4.19
C VAL A 49 1.03 4.28 -4.75
N ALA A 50 1.20 5.43 -5.39
CA ALA A 50 0.10 6.15 -6.01
C ALA A 50 -0.54 5.32 -7.12
N GLY A 51 0.32 4.60 -7.86
CA GLY A 51 -0.10 3.81 -9.01
C GLY A 51 -1.16 2.76 -8.70
N LEU A 52 -1.07 2.11 -7.55
CA LEU A 52 -2.03 1.06 -7.25
C LEU A 52 -3.46 1.58 -7.26
N THR A 53 -3.67 2.81 -6.79
CA THR A 53 -5.03 3.30 -6.70
C THR A 53 -5.76 3.44 -8.05
N ILE A 54 -5.11 3.95 -9.12
CA ILE A 54 -5.86 4.06 -10.38
C ILE A 54 -6.32 2.72 -10.95
N SER A 55 -5.42 1.73 -10.92
CA SER A 55 -5.75 0.38 -11.41
C SER A 55 -6.86 -0.23 -10.58
N MET A 56 -6.68 -0.01 -9.31
CA MET A 56 -7.52 -0.52 -8.23
C MET A 56 -8.97 -0.02 -8.26
N LEU A 57 -9.17 1.23 -8.64
CA LEU A 57 -10.52 1.78 -8.65
C LEU A 57 -11.40 0.93 -9.56
N ILE A 58 -10.82 0.48 -10.65
CA ILE A 58 -11.52 -0.35 -11.61
C ILE A 58 -12.07 -1.63 -10.97
N LEU A 59 -11.33 -2.23 -10.04
CA LEU A 59 -11.78 -3.46 -9.40
C LEU A 59 -13.13 -3.27 -8.73
N GLY A 60 -13.33 -2.10 -8.13
CA GLY A 60 -14.59 -1.80 -7.46
C GLY A 60 -15.77 -2.24 -8.32
N TYR A 61 -15.65 -2.03 -9.63
CA TYR A 61 -16.70 -2.40 -10.57
C TYR A 61 -16.34 -3.70 -11.29
N THR A 62 -17.19 -4.14 -12.22
CA THR A 62 -16.94 -5.36 -12.96
C THR A 62 -15.97 -5.09 -14.12
N ALA A 63 -15.86 -3.82 -14.51
CA ALA A 63 -14.98 -3.44 -15.60
C ALA A 63 -15.42 -4.07 -16.92
N SER A 64 -16.33 -3.39 -17.61
CA SER A 64 -16.84 -3.88 -18.90
C SER A 64 -16.17 -3.14 -20.05
N LEU A 65 -15.66 -1.95 -19.76
CA LEU A 65 -14.98 -1.13 -20.76
C LEU A 65 -14.01 -0.18 -20.08
N PHE A 66 -13.78 -0.41 -18.79
CA PHE A 66 -12.88 0.40 -17.99
C PHE A 66 -11.51 -0.25 -17.94
N PHE A 67 -11.08 -0.80 -19.07
CA PHE A 67 -9.80 -1.44 -19.17
C PHE A 67 -9.53 -2.33 -17.96
N GLY A 68 -10.48 -3.22 -17.66
CA GLY A 68 -10.33 -4.13 -16.54
C GLY A 68 -9.04 -4.93 -16.65
N PHE A 69 -8.68 -5.24 -17.88
CA PHE A 69 -7.47 -6.00 -18.16
C PHE A 69 -6.21 -5.28 -17.66
N PHE A 70 -6.19 -3.95 -17.74
CA PHE A 70 -5.01 -3.19 -17.32
C PHE A 70 -4.54 -3.50 -15.91
N ARG A 71 -5.47 -3.56 -14.97
CA ARG A 71 -5.07 -3.77 -13.60
C ARG A 71 -4.44 -5.13 -13.36
N VAL A 72 -5.01 -6.21 -13.89
CA VAL A 72 -4.45 -7.51 -13.58
C VAL A 72 -3.02 -7.71 -14.14
N VAL A 73 -2.77 -7.36 -15.40
CA VAL A 73 -1.41 -7.54 -15.95
C VAL A 73 -0.38 -6.63 -15.29
N ALA A 74 -0.77 -5.38 -15.11
CA ALA A 74 0.10 -4.35 -14.52
C ALA A 74 0.65 -4.77 -13.18
N MET A 75 -0.16 -5.50 -12.43
CA MET A 75 0.23 -5.92 -11.08
C MET A 75 1.59 -6.66 -11.08
N LEU A 76 1.88 -7.44 -12.12
CA LEU A 76 3.15 -8.19 -12.16
C LEU A 76 4.38 -7.27 -12.03
N PHE A 77 4.30 -6.06 -12.58
CA PHE A 77 5.44 -5.15 -12.54
C PHE A 77 5.95 -4.93 -11.11
N LEU A 78 5.04 -4.92 -10.15
CA LEU A 78 5.40 -4.71 -8.75
C LEU A 78 6.47 -5.70 -8.26
N LEU A 79 6.42 -6.93 -8.77
CA LEU A 79 7.37 -7.96 -8.33
C LEU A 79 8.83 -7.53 -8.49
N ILE A 80 9.14 -6.77 -9.52
CA ILE A 80 10.52 -6.36 -9.73
C ILE A 80 11.06 -5.66 -8.48
N PHE A 81 10.26 -4.76 -7.90
CA PHE A 81 10.69 -4.04 -6.71
C PHE A 81 10.87 -4.98 -5.51
N ALA A 82 9.90 -5.88 -5.32
CA ALA A 82 9.95 -6.81 -4.20
C ALA A 82 11.13 -7.77 -4.29
N LEU A 83 11.48 -8.16 -5.51
CA LEU A 83 12.59 -9.09 -5.71
C LEU A 83 13.87 -8.58 -5.06
N ILE A 84 14.06 -7.26 -5.07
CA ILE A 84 15.26 -6.66 -4.50
C ILE A 84 15.37 -6.92 -3.00
N LEU A 85 14.25 -6.80 -2.28
CA LEU A 85 14.26 -7.00 -0.83
C LEU A 85 14.68 -8.43 -0.48
N LEU A 86 14.13 -9.40 -1.19
CA LEU A 86 14.45 -10.80 -0.94
C LEU A 86 15.92 -11.09 -1.26
N SER A 87 16.45 -10.43 -2.28
CA SER A 87 17.83 -10.64 -2.69
C SER A 87 18.79 -10.42 -1.53
N ASP A 88 18.47 -9.47 -0.65
CA ASP A 88 19.34 -9.19 0.50
C ASP A 88 18.57 -8.45 1.59
N GLU A 89 19.27 -7.56 2.30
CA GLU A 89 18.63 -6.80 3.38
C GLU A 89 17.81 -7.72 4.28
N LEU A 90 18.43 -8.21 5.35
CA LEU A 90 17.76 -9.09 6.30
C LEU A 90 17.23 -8.30 7.50
N ASP A 91 15.98 -8.56 7.88
CA ASP A 91 15.38 -7.87 9.02
C ASP A 91 14.08 -8.57 9.45
N GLU A 92 13.49 -8.07 10.53
CA GLU A 92 12.24 -8.63 11.05
C GLU A 92 11.10 -8.55 10.04
N LYS A 93 10.42 -7.40 10.02
CA LYS A 93 9.29 -7.18 9.12
C LYS A 93 9.61 -7.73 7.73
N VAL A 94 10.90 -7.90 7.45
CA VAL A 94 11.34 -8.44 6.17
C VAL A 94 10.78 -9.86 6.01
N SER A 95 10.87 -10.65 7.07
CA SER A 95 10.34 -12.01 7.01
C SER A 95 8.82 -11.96 6.84
N ILE A 96 8.18 -11.10 7.63
CA ILE A 96 6.73 -10.93 7.56
C ILE A 96 6.32 -10.34 6.22
N PHE A 97 7.14 -9.47 5.69
CA PHE A 97 6.86 -8.83 4.41
C PHE A 97 6.61 -9.93 3.39
N ALA A 98 7.48 -10.93 3.40
CA ALA A 98 7.30 -12.07 2.51
C ALA A 98 6.03 -12.84 2.90
N SER A 99 5.78 -12.93 4.20
CA SER A 99 4.62 -13.64 4.71
C SER A 99 3.31 -13.05 4.20
N ARG A 100 3.27 -11.73 4.04
CA ARG A 100 2.06 -11.08 3.57
C ARG A 100 1.66 -11.70 2.23
N MET A 101 2.67 -12.07 1.44
CA MET A 101 2.43 -12.67 0.14
C MET A 101 1.53 -13.91 0.26
N THR A 102 1.83 -14.76 1.24
CA THR A 102 1.07 -15.99 1.45
C THR A 102 -0.38 -15.70 1.86
N SER A 103 -0.59 -14.65 2.63
CA SER A 103 -1.93 -14.31 3.12
C SER A 103 -2.89 -13.91 1.98
N GLY A 104 -2.38 -13.22 0.97
CA GLY A 104 -3.22 -12.72 -0.13
C GLY A 104 -3.87 -13.81 -0.99
N LEU A 105 -3.12 -14.83 -1.39
CA LEU A 105 -3.70 -15.87 -2.25
C LEU A 105 -5.09 -16.28 -1.76
N SER A 106 -6.04 -16.33 -2.68
CA SER A 106 -7.41 -16.70 -2.33
C SER A 106 -7.53 -18.20 -2.08
N TRP A 107 -8.14 -18.91 -3.02
CA TRP A 107 -8.32 -20.36 -2.90
C TRP A 107 -6.99 -21.08 -3.14
N LYS A 108 -6.99 -22.39 -2.88
CA LYS A 108 -5.79 -23.21 -3.08
C LYS A 108 -6.17 -24.59 -3.61
N ILE A 109 -5.17 -25.46 -3.80
CA ILE A 109 -5.43 -26.79 -4.33
C ILE A 109 -6.11 -26.70 -5.69
N GLN A 110 -7.44 -26.67 -5.68
CA GLN A 110 -8.18 -26.58 -6.93
C GLN A 110 -8.04 -25.17 -7.52
N THR A 111 -8.77 -24.22 -6.95
CA THR A 111 -8.71 -22.84 -7.41
C THR A 111 -8.92 -22.75 -8.92
N LEU A 112 -9.10 -21.52 -9.41
CA LEU A 112 -9.30 -21.29 -10.84
C LEU A 112 -8.02 -20.72 -11.47
N PRO A 113 -7.28 -21.49 -12.25
CA PRO A 113 -6.02 -21.00 -12.89
C PRO A 113 -6.07 -19.54 -13.36
N SER A 114 -6.17 -19.33 -14.67
CA SER A 114 -6.23 -17.97 -15.21
C SER A 114 -4.87 -17.29 -15.06
N PHE A 115 -4.41 -16.68 -16.17
CA PHE A 115 -3.11 -15.97 -16.23
C PHE A 115 -2.36 -15.99 -14.89
N PHE A 116 -2.92 -15.33 -13.88
CA PHE A 116 -2.31 -15.27 -12.55
C PHE A 116 -3.28 -14.55 -11.60
N PHE A 117 -4.19 -15.31 -11.00
CA PHE A 117 -5.20 -14.73 -10.11
C PHE A 117 -4.70 -14.60 -8.65
N GLY A 118 -4.47 -15.73 -7.99
CA GLY A 118 -4.04 -15.72 -6.59
C GLY A 118 -2.73 -14.96 -6.38
N MET A 119 -1.80 -15.14 -7.31
CA MET A 119 -0.51 -14.47 -7.24
C MET A 119 -0.70 -12.95 -7.25
N LEU A 120 -1.66 -12.52 -8.08
CA LEU A 120 -1.98 -11.11 -8.26
C LEU A 120 -2.41 -10.43 -6.96
N LEU A 121 -3.20 -11.11 -6.13
CA LEU A 121 -3.70 -10.53 -4.90
C LEU A 121 -2.54 -10.11 -3.99
N ALA A 122 -1.52 -10.93 -3.92
CA ALA A 122 -0.33 -10.65 -3.09
C ALA A 122 0.35 -9.33 -3.51
N PHE A 123 0.41 -9.13 -4.80
CA PHE A 123 1.06 -7.97 -5.40
C PHE A 123 0.47 -6.61 -4.97
N LEU A 124 -0.84 -6.54 -4.84
CA LEU A 124 -1.53 -5.28 -4.53
C LEU A 124 -1.12 -4.61 -3.20
N TRP A 125 -0.89 -5.37 -2.13
CA TRP A 125 -0.55 -4.78 -0.83
C TRP A 125 0.74 -3.93 -0.76
N LEU A 126 1.82 -4.34 -1.42
CA LEU A 126 3.13 -3.66 -1.26
C LEU A 126 3.22 -2.15 -1.62
N PRO A 127 2.61 -1.65 -2.66
CA PRO A 127 2.70 -0.18 -2.97
C PRO A 127 2.11 0.72 -1.84
N ALA A 128 1.01 0.26 -1.28
CA ALA A 128 0.25 0.90 -0.21
C ALA A 128 0.88 2.02 0.65
N ILE A 129 -0.01 2.37 1.55
CA ILE A 129 0.14 3.34 2.67
C ILE A 129 -0.04 4.85 2.34
N LEU A 130 0.75 5.49 1.48
CA LEU A 130 0.52 6.94 1.34
C LEU A 130 -0.91 7.27 0.84
N PRO A 131 -1.47 6.52 -0.09
CA PRO A 131 -2.91 6.65 -0.53
C PRO A 131 -3.86 6.37 0.63
N PHE A 132 -3.51 5.37 1.43
CA PHE A 132 -4.35 4.95 2.54
C PHE A 132 -4.50 6.12 3.47
N ALA A 133 -3.43 6.83 3.64
CA ALA A 133 -3.46 8.03 4.42
C ALA A 133 -4.47 8.93 3.73
N GLY A 134 -4.41 8.90 2.40
CA GLY A 134 -5.32 9.69 1.58
C GLY A 134 -6.79 9.30 1.84
N ILE A 135 -7.05 8.00 2.00
CA ILE A 135 -8.42 7.52 2.22
C ILE A 135 -9.03 8.12 3.48
N ALA A 136 -8.25 8.25 4.54
CA ALA A 136 -8.79 8.78 5.79
C ALA A 136 -9.33 10.19 5.61
N ILE A 137 -8.63 11.02 4.85
CA ILE A 137 -9.12 12.38 4.63
C ILE A 137 -10.49 12.36 3.96
N SER A 138 -10.66 11.44 3.00
CA SER A 138 -11.93 11.29 2.31
C SER A 138 -13.04 10.93 3.28
N GLN A 139 -12.71 10.08 4.24
CA GLN A 139 -13.67 9.61 5.22
C GLN A 139 -14.23 10.78 6.04
N THR A 140 -13.38 11.73 6.40
CA THR A 140 -13.81 12.89 7.17
C THR A 140 -14.88 13.67 6.40
N LEU A 141 -14.69 13.79 5.10
CA LEU A 141 -15.62 14.54 4.25
C LEU A 141 -17.02 13.94 4.27
N LEU A 142 -17.15 12.65 4.58
CA LEU A 142 -18.47 12.01 4.60
C LEU A 142 -18.59 10.97 5.72
N SER A 143 -19.62 10.14 5.63
CA SER A 143 -19.87 9.11 6.63
C SER A 143 -18.64 8.20 6.81
N GLU A 144 -18.88 7.02 7.36
CA GLU A 144 -17.80 6.06 7.59
C GLU A 144 -18.36 4.66 7.85
N ASN A 145 -17.50 3.76 8.31
CA ASN A 145 -17.90 2.39 8.61
C ASN A 145 -17.17 1.90 9.88
N PRO A 146 -17.87 1.55 10.94
CA PRO A 146 -17.21 1.10 12.20
C PRO A 146 -16.01 0.17 11.99
N LEU A 147 -16.20 -0.91 11.23
CA LEU A 147 -15.11 -1.88 11.04
C LEU A 147 -13.89 -1.32 10.30
N VAL A 148 -14.10 -0.59 9.21
CA VAL A 148 -12.96 -0.03 8.48
C VAL A 148 -12.24 0.99 9.34
N MET A 149 -13.03 1.85 9.97
CA MET A 149 -12.47 2.89 10.82
C MET A 149 -11.77 2.26 12.02
N LEU A 150 -12.41 1.27 12.63
CA LEU A 150 -11.82 0.60 13.77
C LEU A 150 -10.57 -0.14 13.34
N SER A 151 -10.65 -0.86 12.22
CA SER A 151 -9.49 -1.59 11.71
C SER A 151 -8.39 -0.62 11.30
N TYR A 152 -8.77 0.45 10.59
CA TYR A 152 -7.85 1.43 10.10
C TYR A 152 -7.20 2.17 11.28
N GLY A 153 -8.02 2.49 12.26
CA GLY A 153 -7.56 3.25 13.41
C GLY A 153 -6.40 2.61 14.15
N LEU A 154 -6.44 1.31 14.41
CA LEU A 154 -5.34 0.70 15.15
C LEU A 154 -4.03 0.76 14.37
N GLY A 155 -4.07 0.42 13.08
CA GLY A 155 -2.87 0.50 12.26
C GLY A 155 -2.43 1.95 12.10
N MET A 156 -3.43 2.78 11.83
CA MET A 156 -3.25 4.21 11.60
C MET A 156 -2.76 4.97 12.83
N ALA A 157 -3.35 4.70 13.98
CA ALA A 157 -2.99 5.47 15.16
C ALA A 157 -1.54 5.26 15.60
N VAL A 158 -1.09 4.03 15.63
CA VAL A 158 0.31 3.82 16.05
C VAL A 158 1.30 4.42 15.03
N THR A 159 1.06 4.16 13.75
CA THR A 159 1.92 4.65 12.66
C THR A 159 1.95 6.17 12.47
N ILE A 160 0.77 6.76 12.49
CA ILE A 160 0.62 8.18 12.24
C ILE A 160 1.46 9.05 13.18
N ALA A 161 1.62 8.62 14.43
CA ALA A 161 2.36 9.44 15.36
C ALA A 161 3.83 9.60 14.98
N ALA A 162 4.51 8.51 14.62
CA ALA A 162 5.93 8.64 14.26
C ALA A 162 6.14 9.48 13.00
N VAL A 163 5.34 9.21 11.98
CA VAL A 163 5.45 9.90 10.70
C VAL A 163 5.12 11.39 10.83
N PHE A 164 4.17 11.74 11.69
CA PHE A 164 3.81 13.14 11.79
C PHE A 164 5.05 13.99 12.08
N LYS A 165 5.97 13.43 12.83
CA LYS A 165 7.21 14.14 13.16
C LYS A 165 7.99 14.56 11.90
N MET A 166 7.95 13.74 10.83
CA MET A 166 8.70 14.08 9.61
C MET A 166 8.36 15.46 9.07
N GLY A 167 7.11 15.88 9.18
CA GLY A 167 6.74 17.20 8.67
C GLY A 167 7.72 18.26 9.13
N GLU A 168 8.56 17.90 10.11
CA GLU A 168 9.57 18.81 10.65
C GLU A 168 10.90 18.09 10.78
N LYS A 169 10.85 16.83 11.18
CA LYS A 169 12.06 16.02 11.34
C LYS A 169 11.70 14.55 11.56
N PHE A 170 12.13 13.70 10.64
CA PHE A 170 11.84 12.27 10.74
C PHE A 170 12.61 11.66 11.92
N VAL A 171 12.56 10.34 12.01
CA VAL A 171 13.24 9.62 13.07
C VAL A 171 14.70 9.41 12.68
N LYS A 172 15.60 9.58 13.64
CA LYS A 172 17.02 9.39 13.37
C LYS A 172 17.23 8.07 12.63
N ALA A 173 16.44 7.07 13.03
CA ALA A 173 16.48 5.74 12.44
C ALA A 173 15.91 4.77 13.45
N ASN A 174 14.69 5.08 13.88
CA ASN A 174 13.98 4.31 14.85
C ASN A 174 13.48 3.04 14.21
N PHE A 175 14.19 2.01 14.48
CA PHE A 175 13.88 0.69 13.93
C PHE A 175 12.45 0.28 14.31
N GLN A 176 12.04 0.61 15.53
CA GLN A 176 10.69 0.26 16.00
C GLN A 176 9.62 0.88 15.08
N LEU A 177 9.90 2.08 14.60
CA LEU A 177 8.98 2.84 13.73
C LEU A 177 8.66 2.04 12.45
N ILE A 178 9.63 1.33 11.92
CA ILE A 178 9.40 0.52 10.73
C ILE A 178 8.28 -0.49 10.96
N ARG A 179 8.21 -1.05 12.16
CA ARG A 179 7.21 -2.09 12.48
C ARG A 179 5.77 -1.61 12.26
N LYS A 180 5.49 -0.36 12.57
CA LYS A 180 4.14 0.17 12.39
C LYS A 180 3.66 0.03 10.95
N VAL A 181 4.57 0.23 9.99
CA VAL A 181 4.17 0.19 8.59
C VAL A 181 3.53 -1.14 8.22
N THR A 182 4.03 -2.24 8.77
CA THR A 182 3.48 -3.55 8.44
C THR A 182 1.98 -3.63 8.75
N GLY A 183 1.54 -3.00 9.84
CA GLY A 183 0.14 -3.07 10.17
C GLY A 183 -0.74 -2.51 9.06
N ALA A 184 -0.33 -1.38 8.48
CA ALA A 184 -1.11 -0.82 7.40
C ALA A 184 -1.18 -1.78 6.23
N ILE A 185 -0.04 -2.40 5.91
CA ILE A 185 0.04 -3.32 4.78
C ILE A 185 -0.88 -4.54 4.92
N VAL A 186 -0.93 -5.16 6.10
CA VAL A 186 -1.81 -6.33 6.27
C VAL A 186 -3.29 -5.96 6.06
N LEU A 187 -3.64 -4.82 6.62
CA LEU A 187 -5.02 -4.32 6.59
C LEU A 187 -5.57 -4.03 5.19
N LEU A 188 -4.78 -3.42 4.32
CA LEU A 188 -5.31 -3.05 3.00
C LEU A 188 -5.86 -4.25 2.24
N TYR A 189 -5.18 -5.37 2.25
CA TYR A 189 -5.70 -6.52 1.51
C TYR A 189 -7.04 -6.98 2.06
N LEU A 190 -7.15 -7.02 3.38
CA LEU A 190 -8.38 -7.47 4.01
C LEU A 190 -9.57 -6.58 3.68
N ALA A 191 -9.35 -5.26 3.70
CA ALA A 191 -10.45 -4.34 3.42
C ALA A 191 -11.00 -4.51 2.01
N TYR A 192 -10.12 -4.68 1.02
CA TYR A 192 -10.59 -4.84 -0.36
C TYR A 192 -11.44 -6.11 -0.48
N PHE A 193 -11.03 -7.16 0.23
CA PHE A 193 -11.73 -8.43 0.19
C PHE A 193 -13.19 -8.26 0.62
N ALA A 194 -13.41 -7.38 1.62
CA ALA A 194 -14.76 -7.12 2.14
C ALA A 194 -15.85 -7.36 1.09
N LEU A 195 -16.94 -7.98 1.53
CA LEU A 195 -18.06 -8.28 0.63
C LEU A 195 -18.38 -7.08 -0.25
N THR A 196 -18.61 -5.92 0.38
CA THR A 196 -18.93 -4.71 -0.36
C THR A 196 -18.60 -3.47 0.46
N GLU A 197 -17.48 -2.83 0.11
CA GLU A 197 -17.03 -1.62 0.82
C GLU A 197 -17.00 -0.42 -0.12
N VAL A 198 -16.47 -0.62 -1.32
CA VAL A 198 -16.39 0.45 -2.30
C VAL A 198 -17.73 1.13 -2.46
N LEU A 199 -17.83 2.38 -1.99
CA LEU A 199 -19.08 3.14 -2.10
C LEU A 199 -19.57 3.14 -3.54
N LEU A 200 -20.77 3.71 -3.74
CA LEU A 200 -21.35 3.77 -5.07
C LEU A 200 -22.36 4.91 -5.15
N LEU A 201 -22.92 5.11 -6.35
CA LEU A 201 -23.90 6.17 -6.55
C LEU A 201 -24.73 5.91 -7.80
N GLU A 202 -24.72 4.67 -8.26
CA GLU A 202 -25.47 4.29 -9.45
C GLU A 202 -26.96 4.57 -9.25
N GLN A 11 -9.17 9.86 -6.97
CA GLN A 11 -9.77 11.19 -6.64
C GLN A 11 -8.65 12.23 -6.55
N LEU A 12 -7.48 11.88 -7.08
CA LEU A 12 -6.33 12.79 -7.05
C LEU A 12 -6.21 13.46 -5.68
N MET A 13 -5.96 12.66 -4.65
CA MET A 13 -5.83 13.19 -3.29
C MET A 13 -4.75 12.41 -2.52
N ALA A 14 -4.95 11.09 -2.42
CA ALA A 14 -3.99 10.26 -1.71
C ALA A 14 -2.59 10.39 -2.31
N PHE A 15 -2.54 10.50 -3.63
CA PHE A 15 -1.26 10.65 -4.31
C PHE A 15 -0.54 11.89 -3.79
N ALA A 16 -1.30 12.96 -3.57
CA ALA A 16 -0.73 14.20 -3.07
C ALA A 16 -0.10 14.02 -1.69
N LEU A 17 -0.72 13.22 -0.83
CA LEU A 17 -0.19 13.02 0.50
C LEU A 17 1.20 12.38 0.46
N GLY A 18 1.38 11.39 -0.42
CA GLY A 18 2.66 10.69 -0.51
C GLY A 18 3.83 11.58 -0.93
N ILE A 19 3.62 12.48 -1.89
CA ILE A 19 4.72 13.34 -2.34
C ILE A 19 5.20 14.25 -1.21
N LEU A 20 4.26 14.74 -0.41
CA LEU A 20 4.60 15.61 0.71
C LEU A 20 5.48 14.89 1.71
N SER A 21 5.21 13.61 1.92
CA SER A 21 5.99 12.81 2.85
C SER A 21 7.43 12.74 2.39
N VAL A 22 7.58 12.56 1.09
CA VAL A 22 8.89 12.50 0.50
C VAL A 22 9.65 13.79 0.77
N PHE A 23 8.91 14.91 0.73
CA PHE A 23 9.51 16.21 0.98
C PHE A 23 10.49 16.15 2.14
N SER A 24 9.95 15.92 3.34
CA SER A 24 10.79 15.82 4.52
C SER A 24 11.90 14.78 4.32
N PRO A 25 13.16 15.17 4.22
CA PRO A 25 14.27 14.22 4.00
C PRO A 25 14.79 13.58 5.30
N ALA A 26 15.64 12.57 5.14
CA ALA A 26 16.24 11.87 6.27
C ALA A 26 17.62 11.37 5.87
N VAL A 27 18.26 10.60 6.75
CA VAL A 27 19.57 10.05 6.45
C VAL A 27 19.52 9.39 5.07
N LEU A 28 20.69 9.13 4.47
CA LEU A 28 20.72 8.51 3.15
C LEU A 28 20.57 6.99 3.29
N PRO A 29 21.55 6.28 3.80
CA PRO A 29 21.47 4.80 3.98
C PRO A 29 20.05 4.29 4.32
N VAL A 30 19.24 5.11 5.00
CA VAL A 30 17.90 4.67 5.38
C VAL A 30 16.89 4.96 4.27
N VAL A 31 17.38 5.34 3.10
CA VAL A 31 16.49 5.65 1.99
C VAL A 31 15.45 4.52 1.83
N PRO A 32 15.86 3.27 1.80
CA PRO A 32 14.93 2.12 1.68
C PRO A 32 14.53 1.58 3.06
N LEU A 33 13.93 2.43 3.88
CA LEU A 33 13.55 2.02 5.23
C LEU A 33 12.36 2.81 5.76
N ILE A 34 12.50 4.14 5.80
CA ILE A 34 11.43 5.00 6.29
C ILE A 34 10.42 5.28 5.17
N PHE A 35 10.31 4.36 4.23
CA PHE A 35 9.38 4.53 3.11
C PHE A 35 9.49 5.96 2.56
N ALA A 36 10.64 6.59 2.84
CA ALA A 36 10.90 7.96 2.42
C ALA A 36 12.17 8.02 1.57
N GLY A 37 12.88 9.15 1.64
CA GLY A 37 14.11 9.33 0.87
C GLY A 37 13.97 10.44 -0.16
N SER A 38 14.78 10.37 -1.22
CA SER A 38 14.73 11.37 -2.28
C SER A 38 15.23 10.77 -3.60
N ARG A 39 16.48 11.08 -3.94
CA ARG A 39 17.06 10.56 -5.18
C ARG A 39 16.14 10.83 -6.36
N GLY A 40 16.49 10.28 -7.52
CA GLY A 40 15.69 10.45 -8.74
C GLY A 40 14.94 9.17 -9.10
N ARG A 41 15.64 8.05 -8.99
CA ARG A 41 15.06 6.75 -9.31
C ARG A 41 13.85 6.45 -8.42
N ALA A 42 13.93 6.85 -7.16
CA ALA A 42 12.88 6.60 -6.19
C ALA A 42 11.53 7.20 -6.62
N LEU A 43 11.53 8.37 -7.23
CA LEU A 43 10.27 9.00 -7.60
C LEU A 43 9.42 8.12 -8.53
N ASP A 44 10.03 7.47 -9.50
CA ASP A 44 9.25 6.61 -10.41
C ASP A 44 8.60 5.48 -9.61
N ALA A 45 9.36 4.90 -8.69
CA ALA A 45 8.86 3.84 -7.85
C ALA A 45 7.70 4.35 -6.99
N PHE A 46 7.88 5.55 -6.47
CA PHE A 46 6.88 6.19 -5.62
C PHE A 46 5.57 6.39 -6.38
N LEU A 47 5.68 6.83 -7.63
CA LEU A 47 4.50 7.06 -8.45
C LEU A 47 3.71 5.77 -8.64
N ILE A 48 4.43 4.67 -8.78
CA ILE A 48 3.78 3.37 -8.98
C ILE A 48 2.90 3.05 -7.76
N VAL A 49 3.38 3.36 -6.55
CA VAL A 49 2.60 3.04 -5.36
C VAL A 49 1.23 3.72 -5.40
N ALA A 50 1.21 4.95 -5.83
CA ALA A 50 -0.01 5.70 -5.98
C ALA A 50 -0.88 5.02 -7.01
N GLY A 51 -0.18 4.50 -8.01
CA GLY A 51 -0.80 3.88 -9.16
C GLY A 51 -1.70 2.70 -8.85
N LEU A 52 -1.37 1.85 -7.88
CA LEU A 52 -2.23 0.69 -7.70
C LEU A 52 -3.68 1.03 -7.34
N THR A 53 -3.91 2.00 -6.46
CA THR A 53 -5.29 2.30 -6.08
C THR A 53 -6.18 2.82 -7.22
N ILE A 54 -5.68 3.73 -8.07
CA ILE A 54 -6.54 4.27 -9.12
C ILE A 54 -7.02 3.25 -10.15
N SER A 55 -6.13 2.38 -10.59
CA SER A 55 -6.49 1.35 -11.56
C SER A 55 -7.52 0.38 -11.00
N MET A 56 -7.25 0.02 -9.77
CA MET A 56 -8.04 -0.90 -8.96
C MET A 56 -9.48 -0.42 -8.70
N LEU A 57 -9.62 0.87 -8.48
CA LEU A 57 -10.91 1.47 -8.15
C LEU A 57 -11.92 1.13 -9.24
N ILE A 58 -11.46 1.12 -10.46
CA ILE A 58 -12.32 0.79 -11.59
C ILE A 58 -12.94 -0.60 -11.38
N LEU A 59 -12.18 -1.54 -10.82
CA LEU A 59 -12.67 -2.89 -10.61
C LEU A 59 -13.94 -2.87 -9.75
N GLY A 60 -13.96 -1.99 -8.76
CA GLY A 60 -15.11 -1.85 -7.88
C GLY A 60 -16.37 -1.55 -8.67
N TYR A 61 -16.85 -2.58 -9.35
CA TYR A 61 -18.05 -2.49 -10.19
C TYR A 61 -17.80 -1.55 -11.36
N THR A 62 -18.87 -1.27 -12.14
CA THR A 62 -18.77 -0.41 -13.32
C THR A 62 -17.43 -0.58 -14.01
N ALA A 63 -17.29 -1.65 -14.78
CA ALA A 63 -16.06 -1.94 -15.48
C ALA A 63 -16.26 -3.18 -16.36
N SER A 64 -16.59 -2.96 -17.63
CA SER A 64 -16.82 -4.07 -18.57
C SER A 64 -15.98 -3.88 -19.83
N LEU A 65 -15.62 -2.63 -20.10
CA LEU A 65 -14.81 -2.30 -21.27
C LEU A 65 -14.02 -1.03 -20.97
N PHE A 66 -13.39 -1.00 -19.81
CA PHE A 66 -12.63 0.15 -19.36
C PHE A 66 -11.14 -0.07 -19.64
N PHE A 67 -10.58 -1.07 -18.99
CA PHE A 67 -9.18 -1.40 -19.12
C PHE A 67 -8.85 -2.53 -18.13
N GLY A 68 -9.64 -3.60 -18.18
CA GLY A 68 -9.43 -4.74 -17.29
C GLY A 68 -8.02 -5.28 -17.39
N PHE A 69 -7.48 -5.30 -18.61
CA PHE A 69 -6.14 -5.79 -18.83
C PHE A 69 -5.09 -4.93 -18.14
N PHE A 70 -5.31 -3.63 -18.07
CA PHE A 70 -4.32 -2.77 -17.45
C PHE A 70 -4.11 -3.11 -16.00
N ARG A 71 -5.20 -3.30 -15.27
CA ARG A 71 -5.06 -3.56 -13.86
C ARG A 71 -4.35 -4.86 -13.55
N VAL A 72 -4.72 -5.95 -14.23
CA VAL A 72 -4.04 -7.22 -13.96
C VAL A 72 -2.56 -7.26 -14.34
N VAL A 73 -2.22 -6.79 -15.53
CA VAL A 73 -0.82 -6.82 -15.97
C VAL A 73 0.10 -5.91 -15.17
N ALA A 74 -0.42 -4.77 -14.75
CA ALA A 74 0.38 -3.78 -14.04
C ALA A 74 1.09 -4.38 -12.83
N MET A 75 0.45 -5.31 -12.16
CA MET A 75 1.08 -5.92 -10.98
C MET A 75 2.47 -6.49 -11.29
N LEU A 76 2.66 -7.03 -12.48
CA LEU A 76 3.95 -7.62 -12.84
C LEU A 76 5.13 -6.65 -12.69
N PHE A 77 4.94 -5.36 -12.99
CA PHE A 77 6.05 -4.42 -12.85
C PHE A 77 6.65 -4.48 -11.46
N LEU A 78 5.76 -4.48 -10.47
CA LEU A 78 6.17 -4.51 -9.07
C LEU A 78 7.05 -5.72 -8.73
N LEU A 79 6.79 -6.85 -9.39
CA LEU A 79 7.54 -8.06 -9.11
C LEU A 79 9.05 -7.83 -9.25
N ILE A 80 9.49 -7.04 -10.24
CA ILE A 80 10.92 -6.83 -10.39
C ILE A 80 11.49 -6.08 -9.19
N PHE A 81 10.80 -5.02 -8.75
CA PHE A 81 11.25 -4.26 -7.60
C PHE A 81 11.17 -5.13 -6.33
N ALA A 82 10.11 -5.93 -6.25
CA ALA A 82 9.89 -6.80 -5.10
C ALA A 82 11.09 -7.72 -4.83
N LEU A 83 11.64 -8.30 -5.89
CA LEU A 83 12.78 -9.20 -5.73
C LEU A 83 13.92 -8.52 -4.97
N ILE A 84 14.18 -7.27 -5.30
CA ILE A 84 15.26 -6.53 -4.66
C ILE A 84 14.97 -6.30 -3.18
N LEU A 85 13.71 -5.99 -2.87
CA LEU A 85 13.33 -5.74 -1.49
C LEU A 85 13.47 -6.98 -0.61
N LEU A 86 13.01 -8.11 -1.12
CA LEU A 86 13.08 -9.36 -0.36
C LEU A 86 14.54 -9.76 -0.14
N SER A 87 15.40 -9.49 -1.13
CA SER A 87 16.81 -9.84 -1.00
C SER A 87 17.37 -9.20 0.27
N ASP A 88 17.04 -7.93 0.49
CA ASP A 88 17.47 -7.19 1.68
C ASP A 88 18.78 -7.72 2.24
N GLU A 89 18.91 -7.64 3.57
CA GLU A 89 20.11 -8.12 4.26
C GLU A 89 19.71 -8.74 5.60
N LEU A 90 18.91 -9.80 5.52
CA LEU A 90 18.45 -10.49 6.73
C LEU A 90 17.72 -9.52 7.65
N ASP A 91 16.46 -9.20 7.29
CA ASP A 91 15.64 -8.28 8.10
C ASP A 91 14.44 -9.04 8.69
N GLU A 92 13.76 -8.40 9.63
CA GLU A 92 12.59 -9.01 10.28
C GLU A 92 11.29 -8.50 9.65
N LYS A 93 11.40 -7.43 8.87
CA LYS A 93 10.22 -6.84 8.21
C LYS A 93 10.06 -7.42 6.81
N VAL A 94 11.16 -7.81 6.20
CA VAL A 94 11.14 -8.40 4.88
C VAL A 94 10.39 -9.73 4.88
N SER A 95 10.53 -10.47 5.99
CA SER A 95 9.89 -11.78 6.12
C SER A 95 8.36 -11.72 6.13
N ILE A 96 7.79 -10.78 6.89
CA ILE A 96 6.34 -10.67 6.96
C ILE A 96 5.72 -10.44 5.59
N PHE A 97 6.40 -9.70 4.73
CA PHE A 97 5.87 -9.45 3.41
C PHE A 97 5.55 -10.78 2.74
N ALA A 98 6.47 -11.73 2.85
CA ALA A 98 6.24 -13.04 2.30
C ALA A 98 5.08 -13.69 3.03
N SER A 99 4.97 -13.42 4.33
CA SER A 99 3.88 -13.96 5.13
C SER A 99 2.54 -13.40 4.69
N ARG A 100 2.54 -12.14 4.26
CA ARG A 100 1.30 -11.48 3.83
C ARG A 100 0.77 -12.17 2.58
N MET A 101 1.67 -12.63 1.72
CA MET A 101 1.27 -13.30 0.49
C MET A 101 0.41 -14.53 0.80
N THR A 102 0.84 -15.33 1.77
CA THR A 102 0.09 -16.53 2.11
C THR A 102 -1.29 -16.18 2.66
N SER A 103 -1.34 -15.22 3.58
CA SER A 103 -2.62 -14.81 4.16
C SER A 103 -3.52 -14.18 3.10
N GLY A 104 -2.94 -13.29 2.31
CA GLY A 104 -3.66 -12.59 1.25
C GLY A 104 -4.14 -13.54 0.16
N LEU A 105 -3.31 -14.54 -0.15
CA LEU A 105 -3.60 -15.52 -1.20
C LEU A 105 -5.10 -15.71 -1.43
N SER A 106 -5.49 -15.80 -2.70
CA SER A 106 -6.90 -15.99 -3.06
C SER A 106 -7.13 -17.44 -3.52
N TRP A 107 -7.72 -17.60 -4.70
CA TRP A 107 -7.96 -18.94 -5.23
C TRP A 107 -6.66 -19.71 -5.31
N LYS A 108 -6.77 -21.04 -5.28
CA LYS A 108 -5.57 -21.89 -5.35
C LYS A 108 -5.94 -23.28 -5.85
N ILE A 109 -7.01 -23.85 -5.30
CA ILE A 109 -7.45 -25.18 -5.70
C ILE A 109 -7.63 -25.24 -7.22
N GLN A 110 -8.87 -25.24 -7.69
CA GLN A 110 -9.14 -25.29 -9.12
C GLN A 110 -8.85 -23.95 -9.77
N THR A 111 -7.90 -23.21 -9.20
CA THR A 111 -7.53 -21.90 -9.74
C THR A 111 -7.31 -21.98 -11.25
N LEU A 112 -7.49 -20.86 -11.92
CA LEU A 112 -7.31 -20.81 -13.38
C LEU A 112 -5.82 -20.58 -13.72
N PRO A 113 -5.21 -21.40 -14.55
CA PRO A 113 -3.78 -21.23 -14.92
C PRO A 113 -3.59 -20.14 -15.97
N SER A 114 -3.96 -18.91 -15.62
CA SER A 114 -3.85 -17.77 -16.53
C SER A 114 -2.60 -16.96 -16.21
N PHE A 115 -2.77 -15.64 -16.09
CA PHE A 115 -1.64 -14.75 -15.80
C PHE A 115 -1.25 -14.85 -14.31
N PHE A 116 -1.57 -16.00 -13.70
CA PHE A 116 -1.25 -16.23 -12.29
C PHE A 116 -1.93 -15.18 -11.42
N PHE A 117 -3.20 -15.42 -11.11
CA PHE A 117 -3.99 -14.49 -10.31
C PHE A 117 -3.56 -14.44 -8.83
N GLY A 118 -3.47 -15.60 -8.18
CA GLY A 118 -3.14 -15.61 -6.75
C GLY A 118 -1.77 -14.98 -6.48
N MET A 119 -0.81 -15.26 -7.34
CA MET A 119 0.52 -14.68 -7.19
C MET A 119 0.42 -13.15 -7.25
N LEU A 120 -0.44 -12.72 -8.16
CA LEU A 120 -0.69 -11.31 -8.42
C LEU A 120 -1.22 -10.57 -7.18
N LEU A 121 -2.10 -11.22 -6.43
CA LEU A 121 -2.68 -10.60 -5.25
C LEU A 121 -1.62 -10.19 -4.23
N ALA A 122 -0.62 -11.03 -4.05
CA ALA A 122 0.45 -10.74 -3.09
C ALA A 122 1.18 -9.44 -3.43
N PHE A 123 1.42 -9.23 -4.71
CA PHE A 123 2.12 -8.07 -5.21
C PHE A 123 1.44 -6.73 -4.87
N LEU A 124 0.12 -6.70 -4.93
CA LEU A 124 -0.62 -5.44 -4.76
C LEU A 124 -0.39 -4.73 -3.41
N TRP A 125 -0.33 -5.44 -2.30
CA TRP A 125 -0.09 -4.80 -0.99
C TRP A 125 1.23 -4.01 -0.80
N LEU A 126 2.34 -4.52 -1.33
CA LEU A 126 3.68 -3.93 -1.05
C LEU A 126 3.89 -2.47 -1.47
N PRO A 127 3.38 -2.02 -2.57
CA PRO A 127 3.61 -0.63 -3.02
C PRO A 127 3.09 0.42 -2.03
N ALA A 128 1.93 0.21 -1.41
CA ALA A 128 1.34 1.18 -0.53
C ALA A 128 1.78 1.19 0.93
N ILE A 129 1.24 2.24 1.52
CA ILE A 129 1.41 2.64 2.93
C ILE A 129 1.04 4.14 3.10
N LEU A 130 1.78 5.06 2.47
CA LEU A 130 1.47 6.49 2.66
C LEU A 130 0.04 6.80 2.21
N PRO A 131 -0.39 6.22 1.13
CA PRO A 131 -1.79 6.33 0.63
C PRO A 131 -2.73 5.79 1.66
N PHE A 132 -2.31 4.69 2.30
CA PHE A 132 -3.15 4.11 3.31
C PHE A 132 -3.33 5.18 4.35
N ALA A 133 -2.28 5.88 4.64
CA ALA A 133 -2.44 7.00 5.51
C ALA A 133 -3.43 7.96 4.87
N GLY A 134 -3.32 8.16 3.53
CA GLY A 134 -4.23 9.07 2.83
C GLY A 134 -5.71 8.66 2.93
N ILE A 135 -5.98 7.36 2.81
CA ILE A 135 -7.37 6.86 2.91
C ILE A 135 -8.00 7.17 4.26
N ALA A 136 -7.22 7.05 5.33
CA ALA A 136 -7.76 7.24 6.67
C ALA A 136 -8.34 8.63 6.87
N ILE A 137 -7.71 9.68 6.35
CA ILE A 137 -8.28 11.01 6.53
C ILE A 137 -9.68 11.05 5.90
N SER A 138 -9.81 10.41 4.74
CA SER A 138 -11.08 10.33 4.03
C SER A 138 -12.13 9.63 4.89
N GLN A 139 -11.69 8.59 5.57
CA GLN A 139 -12.56 7.77 6.42
C GLN A 139 -13.21 8.63 7.51
N THR A 140 -12.44 9.54 8.09
CA THR A 140 -12.95 10.38 9.15
C THR A 140 -14.16 11.19 8.67
N LEU A 141 -14.08 11.70 7.43
CA LEU A 141 -15.19 12.49 6.87
C LEU A 141 -15.41 12.14 5.40
N LEU A 142 -16.37 11.26 5.13
CA LEU A 142 -16.67 10.86 3.75
C LEU A 142 -17.98 10.09 3.68
N SER A 143 -18.02 8.88 4.26
CA SER A 143 -19.24 8.07 4.22
C SER A 143 -19.29 7.08 5.38
N GLU A 144 -19.40 7.60 6.60
CA GLU A 144 -19.49 6.75 7.79
C GLU A 144 -18.60 5.52 7.67
N ASN A 145 -19.21 4.33 7.67
CA ASN A 145 -18.45 3.08 7.57
C ASN A 145 -17.62 2.89 8.86
N PRO A 146 -18.17 2.24 9.86
CA PRO A 146 -17.47 2.04 11.16
C PRO A 146 -16.47 0.87 11.16
N LEU A 147 -16.75 -0.22 10.45
CA LEU A 147 -15.83 -1.35 10.45
C LEU A 147 -14.49 -0.97 9.82
N VAL A 148 -14.54 -0.29 8.69
CA VAL A 148 -13.33 0.15 8.00
C VAL A 148 -12.60 1.17 8.87
N MET A 149 -13.39 2.10 9.40
CA MET A 149 -12.86 3.16 10.26
C MET A 149 -12.29 2.59 11.54
N LEU A 150 -13.03 1.67 12.15
CA LEU A 150 -12.61 1.05 13.39
C LEU A 150 -11.33 0.26 13.17
N SER A 151 -11.31 -0.51 12.09
CA SER A 151 -10.12 -1.30 11.78
C SER A 151 -8.94 -0.38 11.47
N TYR A 152 -9.22 0.65 10.68
CA TYR A 152 -8.24 1.62 10.26
C TYR A 152 -7.69 2.43 11.43
N GLY A 153 -8.54 2.70 12.41
CA GLY A 153 -8.15 3.56 13.51
C GLY A 153 -6.89 3.07 14.24
N LEU A 154 -6.78 1.79 14.55
CA LEU A 154 -5.58 1.36 15.28
C LEU A 154 -4.31 1.51 14.45
N GLY A 155 -4.34 1.08 13.19
CA GLY A 155 -3.17 1.20 12.31
C GLY A 155 -2.80 2.65 12.00
N MET A 156 -3.81 3.44 11.65
CA MET A 156 -3.62 4.82 11.24
C MET A 156 -3.08 5.75 12.33
N ALA A 157 -3.63 5.67 13.52
CA ALA A 157 -3.22 6.59 14.58
C ALA A 157 -1.76 6.42 15.01
N VAL A 158 -1.34 5.19 15.20
CA VAL A 158 0.03 4.94 15.65
C VAL A 158 1.08 5.36 14.62
N THR A 159 0.86 5.01 13.35
CA THR A 159 1.83 5.32 12.30
C THR A 159 2.01 6.79 12.02
N ILE A 160 0.91 7.51 11.93
CA ILE A 160 0.99 8.92 11.60
C ILE A 160 1.75 9.73 12.61
N ALA A 161 1.61 9.43 13.88
CA ALA A 161 2.32 10.22 14.87
C ALA A 161 3.80 10.26 14.56
N ALA A 162 4.40 9.12 14.24
CA ALA A 162 5.82 9.12 13.91
C ALA A 162 6.09 9.90 12.62
N VAL A 163 5.27 9.64 11.61
CA VAL A 163 5.42 10.28 10.30
C VAL A 163 5.19 11.80 10.32
N PHE A 164 4.20 12.25 11.08
CA PHE A 164 3.85 13.67 11.12
C PHE A 164 5.07 14.52 11.48
N LYS A 165 5.93 13.99 12.33
CA LYS A 165 7.14 14.72 12.74
C LYS A 165 7.94 15.14 11.51
N MET A 166 7.94 14.30 10.48
CA MET A 166 8.71 14.58 9.26
C MET A 166 8.36 15.96 8.66
N GLY A 167 7.08 16.30 8.69
CA GLY A 167 6.61 17.58 8.12
C GLY A 167 7.68 18.66 8.17
N GLU A 168 8.48 18.64 9.23
CA GLU A 168 9.57 19.61 9.40
C GLU A 168 10.90 18.89 9.22
N LYS A 169 11.20 18.00 10.15
CA LYS A 169 12.45 17.22 10.11
C LYS A 169 12.21 15.81 10.66
N PHE A 170 12.61 14.79 9.90
CA PHE A 170 12.43 13.42 10.35
C PHE A 170 13.14 13.25 11.70
N VAL A 171 13.43 12.01 12.11
CA VAL A 171 14.09 11.76 13.39
C VAL A 171 15.40 10.99 13.21
N LYS A 172 15.51 10.27 12.09
CA LYS A 172 16.69 9.46 11.75
C LYS A 172 16.23 8.18 11.06
N ALA A 173 15.53 7.34 11.81
CA ALA A 173 15.02 6.09 11.30
C ALA A 173 14.05 5.54 12.34
N ASN A 174 14.50 5.59 13.58
CA ASN A 174 13.72 5.13 14.69
C ASN A 174 13.22 3.72 14.47
N PHE A 175 13.69 2.89 15.34
CA PHE A 175 13.34 1.47 15.33
C PHE A 175 11.83 1.31 15.43
N GLN A 176 11.18 2.16 16.22
CA GLN A 176 9.72 2.11 16.42
C GLN A 176 8.97 2.25 15.08
N LEU A 177 9.49 3.09 14.20
CA LEU A 177 8.87 3.37 12.89
C LEU A 177 8.69 2.09 12.07
N ILE A 178 9.64 1.17 12.14
CA ILE A 178 9.53 -0.05 11.33
C ILE A 178 8.23 -0.78 11.66
N ARG A 179 7.84 -0.77 12.92
CA ARG A 179 6.60 -1.41 13.35
C ARG A 179 5.41 -0.83 12.58
N LYS A 180 5.45 0.47 12.35
CA LYS A 180 4.35 1.18 11.68
C LYS A 180 4.05 0.59 10.30
N VAL A 181 5.07 0.19 9.56
CA VAL A 181 4.83 -0.32 8.23
C VAL A 181 3.93 -1.55 8.22
N THR A 182 4.09 -2.42 9.20
CA THR A 182 3.31 -3.64 9.23
C THR A 182 1.81 -3.40 9.36
N GLY A 183 1.36 -2.48 10.19
CA GLY A 183 -0.07 -2.30 10.33
C GLY A 183 -0.79 -1.85 9.07
N ALA A 184 -0.26 -0.90 8.30
CA ALA A 184 -1.02 -0.46 7.14
C ALA A 184 -1.23 -1.58 6.13
N ILE A 185 -0.19 -2.35 5.88
CA ILE A 185 -0.27 -3.41 4.89
C ILE A 185 -1.27 -4.52 5.19
N VAL A 186 -1.34 -5.01 6.43
CA VAL A 186 -2.28 -6.12 6.70
C VAL A 186 -3.75 -5.73 6.45
N LEU A 187 -4.11 -4.54 6.91
CA LEU A 187 -5.48 -4.03 6.75
C LEU A 187 -5.90 -3.84 5.30
N LEU A 188 -4.98 -3.40 4.47
CA LEU A 188 -5.30 -3.06 3.10
C LEU A 188 -5.91 -4.19 2.29
N TYR A 189 -5.39 -5.41 2.40
CA TYR A 189 -6.01 -6.48 1.63
C TYR A 189 -7.47 -6.70 2.04
N LEU A 190 -7.72 -6.67 3.35
CA LEU A 190 -9.07 -6.88 3.85
C LEU A 190 -10.05 -5.81 3.38
N ALA A 191 -9.62 -4.55 3.41
CA ALA A 191 -10.50 -3.45 3.02
C ALA A 191 -10.96 -3.56 1.57
N TYR A 192 -10.06 -3.90 0.64
CA TYR A 192 -10.49 -4.00 -0.75
C TYR A 192 -11.55 -5.09 -0.90
N PHE A 193 -11.38 -6.19 -0.17
CA PHE A 193 -12.35 -7.28 -0.24
C PHE A 193 -13.72 -6.79 0.23
N ALA A 194 -13.72 -6.00 1.30
CA ALA A 194 -14.96 -5.44 1.86
C ALA A 194 -16.11 -6.44 1.76
N LEU A 195 -17.32 -5.92 1.61
CA LEU A 195 -18.52 -6.76 1.52
C LEU A 195 -19.52 -6.13 0.54
N THR A 196 -19.15 -6.09 -0.74
CA THR A 196 -20.01 -5.51 -1.75
C THR A 196 -20.43 -4.09 -1.36
N GLU A 197 -19.44 -3.21 -1.23
CA GLU A 197 -19.72 -1.83 -0.86
C GLU A 197 -18.49 -0.95 -1.12
N VAL A 198 -18.25 -0.63 -2.39
CA VAL A 198 -17.11 0.20 -2.77
C VAL A 198 -17.47 1.68 -2.64
N LEU A 199 -17.76 2.12 -1.42
CA LEU A 199 -18.11 3.51 -1.19
C LEU A 199 -19.43 3.85 -1.88
N LEU A 200 -20.22 2.83 -2.17
CA LEU A 200 -21.50 3.03 -2.84
C LEU A 200 -21.34 3.98 -4.03
N LEU A 201 -20.29 3.76 -4.81
CA LEU A 201 -20.03 4.59 -5.98
C LEU A 201 -21.19 4.51 -6.96
N GLU A 202 -21.66 3.29 -7.22
CA GLU A 202 -22.77 3.08 -8.14
C GLU A 202 -24.10 3.36 -7.45
#